data_1WUZ
#
_entry.id   1WUZ
#
_entity_poly.entity_id   1
_entity_poly.type   'polypeptide(L)'
_entity_poly.pdbx_seq_one_letter_code
;GNSQIHYSIPEEAKHGTFVGRIAQDLGLELTELVPRLFRVASKDRGDLLEVNLQNGILFVNSRIDREELCGRSAECSIHL
EVIVDRPLQVFHVEVEVRDINDN
;
_entity_poly.pdbx_strand_id   A
#
# COMPACT_ATOMS: atom_id res chain seq x y z
N GLY A 1 3.39 18.54 -7.85
CA GLY A 1 4.11 17.48 -7.17
C GLY A 1 3.24 16.27 -6.89
N ASN A 2 3.84 15.09 -6.92
CA ASN A 2 3.12 13.85 -6.67
C ASN A 2 3.88 12.96 -5.70
N SER A 3 3.89 13.34 -4.43
CA SER A 3 4.60 12.58 -3.40
C SER A 3 3.61 12.05 -2.37
N GLN A 4 2.53 12.78 -2.15
CA GLN A 4 1.51 12.38 -1.18
C GLN A 4 0.45 11.52 -1.83
N ILE A 5 0.46 10.22 -1.52
CA ILE A 5 -0.51 9.30 -2.08
C ILE A 5 -1.07 8.39 -1.00
N HIS A 6 -2.37 8.11 -1.09
CA HIS A 6 -3.04 7.24 -0.12
C HIS A 6 -4.03 6.31 -0.81
N TYR A 7 -4.26 5.15 -0.20
CA TYR A 7 -5.19 4.17 -0.76
C TYR A 7 -6.27 3.81 0.24
N SER A 8 -7.29 3.09 -0.23
CA SER A 8 -8.40 2.68 0.63
C SER A 8 -8.60 1.18 0.57
N ILE A 9 -8.64 0.54 1.74
CA ILE A 9 -8.84 -0.90 1.82
C ILE A 9 -9.62 -1.27 3.06
N PRO A 10 -10.75 -1.96 2.87
CA PRO A 10 -11.62 -2.39 3.98
C PRO A 10 -10.98 -3.51 4.80
N GLU A 11 -11.12 -3.42 6.11
CA GLU A 11 -10.55 -4.41 7.02
C GLU A 11 -10.90 -5.83 6.55
N GLU A 12 -10.18 -6.82 7.07
CA GLU A 12 -10.41 -8.21 6.71
C GLU A 12 -10.10 -8.45 5.24
N ALA A 13 -9.14 -7.68 4.72
CA ALA A 13 -8.73 -7.82 3.32
C ALA A 13 -7.71 -8.94 3.14
N LYS A 14 -8.20 -10.12 2.85
CA LYS A 14 -7.32 -11.28 2.65
C LYS A 14 -6.21 -10.96 1.66
N HIS A 15 -5.10 -11.68 1.76
CA HIS A 15 -3.97 -11.47 0.87
C HIS A 15 -4.41 -11.51 -0.59
N GLY A 16 -4.14 -10.43 -1.31
CA GLY A 16 -4.51 -10.36 -2.71
C GLY A 16 -5.71 -9.46 -2.95
N THR A 17 -6.12 -8.73 -1.91
CA THR A 17 -7.26 -7.83 -2.00
C THR A 17 -6.83 -6.47 -2.53
N PHE A 18 -7.70 -5.86 -3.34
CA PHE A 18 -7.41 -4.55 -3.92
C PHE A 18 -7.23 -3.50 -2.83
N VAL A 19 -6.32 -2.56 -3.06
CA VAL A 19 -6.06 -1.50 -2.10
C VAL A 19 -6.06 -0.13 -2.78
N GLY A 20 -5.35 -0.03 -3.89
CA GLY A 20 -5.28 1.23 -4.62
C GLY A 20 -4.14 1.27 -5.61
N ARG A 21 -4.46 1.48 -6.88
CA ARG A 21 -3.45 1.54 -7.94
C ARG A 21 -2.29 2.44 -7.52
N ILE A 22 -1.20 1.82 -7.06
CA ILE A 22 -0.02 2.57 -6.64
C ILE A 22 0.65 3.26 -7.83
N ALA A 23 0.77 2.53 -8.92
CA ALA A 23 1.39 3.06 -10.14
C ALA A 23 0.51 4.12 -10.79
N GLN A 24 -0.78 3.83 -10.89
CA GLN A 24 -1.72 4.75 -11.49
C GLN A 24 -1.71 6.09 -10.76
N ASP A 25 -1.64 6.05 -9.44
CA ASP A 25 -1.61 7.26 -8.64
C ASP A 25 -0.24 7.94 -8.70
N LEU A 26 0.79 7.14 -8.99
CA LEU A 26 2.15 7.67 -9.09
C LEU A 26 2.37 8.36 -10.43
N GLY A 27 1.82 7.77 -11.50
CA GLY A 27 1.98 8.35 -12.81
C GLY A 27 3.17 7.79 -13.56
N LEU A 28 3.38 6.48 -13.43
CA LEU A 28 4.50 5.82 -14.10
C LEU A 28 4.04 4.53 -14.78
N GLU A 29 4.61 4.25 -15.95
CA GLU A 29 4.26 3.05 -16.69
C GLU A 29 4.79 1.80 -16.00
N LEU A 30 3.97 0.75 -15.99
CA LEU A 30 4.36 -0.51 -15.36
C LEU A 30 5.63 -1.06 -15.96
N THR A 31 5.90 -0.70 -17.21
CA THR A 31 7.08 -1.16 -17.92
C THR A 31 8.29 -0.28 -17.59
N GLU A 32 8.09 0.68 -16.70
CA GLU A 32 9.16 1.59 -16.29
C GLU A 32 9.58 1.32 -14.84
N LEU A 33 8.71 0.68 -14.09
CA LEU A 33 8.98 0.37 -12.69
C LEU A 33 10.13 -0.64 -12.58
N VAL A 34 10.09 -1.66 -13.43
CA VAL A 34 11.13 -2.69 -13.43
C VAL A 34 12.53 -2.07 -13.52
N PRO A 35 12.76 -1.30 -14.60
CA PRO A 35 14.05 -0.63 -14.83
C PRO A 35 14.30 0.50 -13.83
N ARG A 36 13.24 0.93 -13.15
CA ARG A 36 13.35 2.00 -12.17
C ARG A 36 13.67 1.45 -10.79
N LEU A 37 14.03 0.17 -10.74
CA LEU A 37 14.37 -0.48 -9.47
C LEU A 37 13.30 -0.19 -8.42
N PHE A 38 12.06 -0.51 -8.73
CA PHE A 38 10.95 -0.28 -7.80
C PHE A 38 11.08 -1.18 -6.58
N ARG A 39 10.73 -0.65 -5.41
CA ARG A 39 10.79 -1.40 -4.17
C ARG A 39 9.81 -0.85 -3.14
N VAL A 40 9.35 -1.71 -2.25
CA VAL A 40 8.42 -1.32 -1.21
C VAL A 40 8.90 -1.74 0.17
N ALA A 41 8.76 -0.85 1.14
CA ALA A 41 9.18 -1.13 2.51
C ALA A 41 8.41 -0.28 3.51
N SER A 42 8.52 -0.63 4.79
CA SER A 42 7.82 0.10 5.84
C SER A 42 8.66 0.14 7.12
N LYS A 43 8.39 1.12 7.97
CA LYS A 43 9.12 1.26 9.23
C LYS A 43 8.53 0.36 10.31
N ASP A 44 7.27 -0.04 10.11
CA ASP A 44 6.59 -0.91 11.07
C ASP A 44 7.12 -2.33 10.98
N ARG A 45 6.68 -3.07 9.98
CA ARG A 45 7.10 -4.45 9.80
C ARG A 45 7.75 -4.64 8.42
N GLY A 46 7.48 -3.70 7.52
CA GLY A 46 8.03 -3.78 6.18
C GLY A 46 7.35 -4.83 5.32
N ASP A 47 6.32 -5.47 5.89
CA ASP A 47 5.58 -6.49 5.17
C ASP A 47 4.07 -6.31 5.36
N LEU A 48 3.54 -5.23 4.79
CA LEU A 48 2.11 -4.94 4.91
C LEU A 48 1.41 -5.19 3.57
N LEU A 49 2.01 -4.72 2.50
CA LEU A 49 1.44 -4.90 1.17
C LEU A 49 2.54 -4.95 0.10
N GLU A 50 2.14 -5.19 -1.14
CA GLU A 50 3.09 -5.27 -2.25
C GLU A 50 2.44 -4.81 -3.55
N VAL A 51 3.27 -4.33 -4.47
CA VAL A 51 2.78 -3.85 -5.76
C VAL A 51 3.10 -4.85 -6.87
N ASN A 52 2.16 -5.03 -7.79
CA ASN A 52 2.33 -5.95 -8.90
C ASN A 52 2.52 -5.20 -10.22
N LEU A 53 3.71 -5.34 -10.80
CA LEU A 53 4.01 -4.67 -12.06
C LEU A 53 3.07 -5.14 -13.17
N GLN A 54 2.40 -6.26 -12.94
CA GLN A 54 1.47 -6.81 -13.91
C GLN A 54 0.48 -5.76 -14.37
N ASN A 55 -0.28 -5.20 -13.43
CA ASN A 55 -1.27 -4.17 -13.74
C ASN A 55 -1.08 -2.95 -12.85
N GLY A 56 0.09 -2.86 -12.23
CA GLY A 56 0.37 -1.72 -11.36
C GLY A 56 -0.63 -1.59 -10.24
N ILE A 57 -1.30 -2.69 -9.90
CA ILE A 57 -2.29 -2.68 -8.84
C ILE A 57 -1.67 -3.08 -7.50
N LEU A 58 -2.24 -2.56 -6.42
CA LEU A 58 -1.74 -2.85 -5.08
C LEU A 58 -2.61 -3.92 -4.40
N PHE A 59 -1.98 -5.03 -4.04
CA PHE A 59 -2.69 -6.12 -3.37
C PHE A 59 -2.17 -6.32 -1.96
N VAL A 60 -3.02 -6.89 -1.11
CA VAL A 60 -2.64 -7.15 0.28
C VAL A 60 -1.51 -8.16 0.38
N ASN A 61 -0.61 -7.95 1.34
CA ASN A 61 0.53 -8.84 1.52
C ASN A 61 0.77 -9.09 3.01
N SER A 62 -0.26 -8.90 3.82
CA SER A 62 -0.14 -9.10 5.26
C SER A 62 -1.52 -9.28 5.89
N ARG A 63 -1.57 -9.26 7.22
CA ARG A 63 -2.82 -9.42 7.95
C ARG A 63 -3.59 -8.10 8.01
N ILE A 64 -4.80 -8.09 7.46
CA ILE A 64 -5.63 -6.89 7.45
C ILE A 64 -6.81 -7.05 8.40
N ASP A 65 -7.11 -8.28 8.78
CA ASP A 65 -8.22 -8.56 9.68
C ASP A 65 -8.16 -7.65 10.91
N ARG A 66 -9.33 -7.16 11.33
CA ARG A 66 -9.40 -6.28 12.49
C ARG A 66 -8.65 -6.87 13.68
N GLU A 67 -8.65 -8.20 13.76
CA GLU A 67 -7.97 -8.89 14.85
C GLU A 67 -6.46 -8.67 14.79
N GLU A 68 -5.91 -8.74 13.58
CA GLU A 68 -4.48 -8.55 13.38
C GLU A 68 -4.13 -7.06 13.30
N LEU A 69 -4.77 -6.37 12.37
CA LEU A 69 -4.53 -4.94 12.19
C LEU A 69 -4.60 -4.20 13.52
N CYS A 70 -5.82 -4.06 14.05
CA CYS A 70 -6.02 -3.38 15.32
C CYS A 70 -7.39 -3.71 15.90
N GLY A 71 -8.43 -3.52 15.10
CA GLY A 71 -9.78 -3.81 15.56
C GLY A 71 -10.31 -2.76 16.51
N ARG A 72 -9.66 -2.60 17.65
CA ARG A 72 -10.07 -1.61 18.64
C ARG A 72 -10.26 -0.24 18.01
N SER A 73 -9.16 0.43 17.69
CA SER A 73 -9.22 1.75 17.08
C SER A 73 -10.07 1.73 15.82
N ALA A 74 -11.22 2.40 15.88
CA ALA A 74 -12.13 2.46 14.74
C ALA A 74 -11.40 2.89 13.48
N GLU A 75 -10.62 3.97 13.58
CA GLU A 75 -9.88 4.49 12.44
C GLU A 75 -8.39 4.16 12.57
N CYS A 76 -7.91 3.26 11.71
CA CYS A 76 -6.52 2.85 11.73
C CYS A 76 -5.79 3.36 10.48
N SER A 77 -4.69 4.07 10.70
CA SER A 77 -3.90 4.61 9.60
C SER A 77 -2.58 3.87 9.46
N ILE A 78 -2.17 3.62 8.22
CA ILE A 78 -0.93 2.91 7.94
C ILE A 78 -0.01 3.75 7.05
N HIS A 79 1.28 3.73 7.36
CA HIS A 79 2.27 4.48 6.58
C HIS A 79 3.23 3.53 5.88
N LEU A 80 3.61 3.89 4.66
CA LEU A 80 4.53 3.07 3.87
C LEU A 80 5.45 3.94 3.02
N GLU A 81 6.61 3.41 2.68
CA GLU A 81 7.57 4.14 1.87
C GLU A 81 8.06 3.29 0.70
N VAL A 82 7.80 3.77 -0.52
CA VAL A 82 8.21 3.05 -1.73
C VAL A 82 9.58 3.50 -2.18
N ILE A 83 10.57 2.63 -2.02
CA ILE A 83 11.95 2.94 -2.42
C ILE A 83 12.13 2.72 -3.92
N VAL A 84 12.42 3.80 -4.64
CA VAL A 84 12.63 3.72 -6.08
C VAL A 84 14.02 4.23 -6.45
N ASP A 85 14.73 3.45 -7.26
CA ASP A 85 16.08 3.82 -7.70
C ASP A 85 16.05 4.35 -9.13
N ARG A 86 16.45 5.60 -9.31
CA ARG A 86 16.48 6.23 -10.62
C ARG A 86 15.06 6.44 -11.14
N PRO A 87 14.44 7.57 -10.76
CA PRO A 87 15.08 8.55 -9.89
C PRO A 87 15.25 8.04 -8.46
N LEU A 88 16.17 8.65 -7.72
CA LEU A 88 16.43 8.26 -6.33
C LEU A 88 15.54 9.05 -5.37
N GLN A 89 14.50 8.39 -4.87
CA GLN A 89 13.58 9.03 -3.94
C GLN A 89 12.57 8.01 -3.40
N VAL A 90 11.62 8.50 -2.61
CA VAL A 90 10.60 7.64 -2.02
C VAL A 90 9.21 8.21 -2.27
N PHE A 91 8.20 7.33 -2.25
CA PHE A 91 6.82 7.74 -2.47
C PHE A 91 5.99 7.55 -1.20
N HIS A 92 5.38 8.63 -0.73
CA HIS A 92 4.56 8.58 0.47
C HIS A 92 3.27 7.80 0.21
N VAL A 93 3.12 6.68 0.91
CA VAL A 93 1.94 5.84 0.75
C VAL A 93 1.21 5.66 2.08
N GLU A 94 -0.06 6.01 2.11
CA GLU A 94 -0.87 5.89 3.32
C GLU A 94 -2.17 5.15 3.04
N VAL A 95 -2.32 3.97 3.64
CA VAL A 95 -3.52 3.17 3.44
C VAL A 95 -4.35 3.11 4.73
N GLU A 96 -5.62 3.48 4.63
CA GLU A 96 -6.50 3.46 5.79
C GLU A 96 -7.47 2.28 5.72
N VAL A 97 -7.94 1.85 6.88
CA VAL A 97 -8.87 0.72 6.95
C VAL A 97 -10.31 1.19 6.83
N ARG A 98 -11.14 0.38 6.18
CA ARG A 98 -12.55 0.72 6.00
C ARG A 98 -13.45 -0.33 6.66
N ASP A 99 -14.08 0.06 7.75
CA ASP A 99 -14.97 -0.84 8.49
C ASP A 99 -15.56 -0.15 9.70
N ILE A 100 -16.23 -0.92 10.56
CA ILE A 100 -16.84 -0.39 11.76
C ILE A 100 -16.48 -1.22 12.99
N ASN A 101 -16.53 -0.58 14.16
CA ASN A 101 -16.20 -1.27 15.41
C ASN A 101 -17.31 -2.25 15.79
N ASP A 102 -18.56 -1.84 15.60
CA ASP A 102 -19.70 -2.68 15.91
C ASP A 102 -19.60 -4.03 15.21
N ASN A 103 -18.91 -4.05 14.09
CA ASN A 103 -18.73 -5.28 13.32
C ASN A 103 -17.65 -5.11 12.25
N GLY A 1 5.76 15.55 -9.10
CA GLY A 1 5.74 15.61 -7.65
C GLY A 1 4.59 14.83 -7.05
N ASN A 2 4.73 13.50 -7.03
CA ASN A 2 3.69 12.64 -6.48
C ASN A 2 4.20 11.88 -5.26
N SER A 3 4.04 12.48 -4.09
CA SER A 3 4.48 11.87 -2.85
C SER A 3 3.30 11.60 -1.92
N GLN A 4 2.32 12.49 -1.95
CA GLN A 4 1.14 12.35 -1.11
C GLN A 4 0.07 11.50 -1.80
N ILE A 5 0.10 10.19 -1.51
CA ILE A 5 -0.85 9.28 -2.10
C ILE A 5 -1.48 8.37 -1.04
N HIS A 6 -2.77 8.10 -1.18
CA HIS A 6 -3.48 7.25 -0.24
C HIS A 6 -4.44 6.32 -0.96
N TYR A 7 -4.69 5.14 -0.37
CA TYR A 7 -5.59 4.17 -0.96
C TYR A 7 -6.71 3.80 0.00
N SER A 8 -7.67 3.02 -0.48
CA SER A 8 -8.80 2.60 0.34
C SER A 8 -9.00 1.10 0.26
N ILE A 9 -8.99 0.44 1.42
CA ILE A 9 -9.16 -1.00 1.49
C ILE A 9 -9.96 -1.40 2.73
N PRO A 10 -11.03 -2.18 2.51
CA PRO A 10 -11.90 -2.65 3.59
C PRO A 10 -11.21 -3.68 4.49
N GLU A 11 -11.37 -3.52 5.80
CA GLU A 11 -10.75 -4.43 6.76
C GLU A 11 -11.03 -5.88 6.38
N GLU A 12 -10.23 -6.79 6.92
CA GLU A 12 -10.38 -8.21 6.63
C GLU A 12 -10.10 -8.50 5.16
N ALA A 13 -9.20 -7.73 4.57
CA ALA A 13 -8.84 -7.90 3.18
C ALA A 13 -7.77 -8.98 3.01
N LYS A 14 -8.21 -10.17 2.63
CA LYS A 14 -7.29 -11.30 2.44
C LYS A 14 -6.21 -10.93 1.43
N HIS A 15 -5.09 -11.65 1.49
CA HIS A 15 -3.98 -11.41 0.58
C HIS A 15 -4.44 -11.47 -0.88
N GLY A 16 -4.21 -10.38 -1.62
CA GLY A 16 -4.62 -10.34 -3.00
C GLY A 16 -5.85 -9.47 -3.22
N THR A 17 -6.27 -8.78 -2.17
CA THR A 17 -7.45 -7.91 -2.25
C THR A 17 -7.08 -6.54 -2.79
N PHE A 18 -7.98 -5.97 -3.59
CA PHE A 18 -7.76 -4.65 -4.17
C PHE A 18 -7.56 -3.59 -3.09
N VAL A 19 -6.67 -2.64 -3.35
CA VAL A 19 -6.40 -1.57 -2.40
C VAL A 19 -6.40 -0.21 -3.08
N GLY A 20 -5.75 -0.13 -4.23
CA GLY A 20 -5.69 1.11 -4.98
C GLY A 20 -4.50 1.19 -5.90
N ARG A 21 -4.76 1.45 -7.18
CA ARG A 21 -3.69 1.55 -8.16
C ARG A 21 -2.57 2.45 -7.67
N ILE A 22 -1.48 1.83 -7.21
CA ILE A 22 -0.33 2.58 -6.70
C ILE A 22 0.39 3.29 -7.84
N ALA A 23 0.50 2.63 -8.98
CA ALA A 23 1.17 3.20 -10.14
C ALA A 23 0.36 4.33 -10.75
N GLN A 24 -0.94 4.08 -10.94
CA GLN A 24 -1.82 5.08 -11.51
C GLN A 24 -1.80 6.37 -10.70
N ASP A 25 -1.76 6.22 -9.38
CA ASP A 25 -1.73 7.38 -8.48
C ASP A 25 -0.36 8.02 -8.47
N LEU A 26 0.67 7.22 -8.74
CA LEU A 26 2.04 7.72 -8.77
C LEU A 26 2.31 8.50 -10.04
N GLY A 27 1.78 8.02 -11.16
CA GLY A 27 1.98 8.70 -12.43
C GLY A 27 3.20 8.20 -13.16
N LEU A 28 3.37 6.89 -13.22
CA LEU A 28 4.52 6.30 -13.89
C LEU A 28 4.08 5.19 -14.85
N GLU A 29 5.04 4.49 -15.43
CA GLU A 29 4.75 3.42 -16.37
C GLU A 29 4.90 2.05 -15.70
N LEU A 30 4.06 1.11 -16.10
CA LEU A 30 4.09 -0.24 -15.54
C LEU A 30 5.36 -0.97 -15.96
N THR A 31 5.90 -0.58 -17.11
CA THR A 31 7.12 -1.20 -17.62
C THR A 31 8.36 -0.40 -17.23
N GLU A 32 8.15 0.65 -16.45
CA GLU A 32 9.25 1.50 -16.01
C GLU A 32 9.64 1.17 -14.57
N LEU A 33 8.77 0.44 -13.88
CA LEU A 33 9.02 0.05 -12.50
C LEU A 33 10.21 -0.89 -12.39
N VAL A 34 10.26 -1.86 -13.31
CA VAL A 34 11.36 -2.83 -13.32
C VAL A 34 12.71 -2.14 -13.33
N PRO A 35 12.94 -1.29 -14.35
CA PRO A 35 14.20 -0.54 -14.48
C PRO A 35 14.35 0.54 -13.41
N ARG A 36 13.25 0.88 -12.76
CA ARG A 36 13.27 1.89 -11.72
C ARG A 36 13.55 1.28 -10.35
N LEU A 37 13.86 -0.01 -10.35
CA LEU A 37 14.16 -0.73 -9.11
C LEU A 37 13.12 -0.43 -8.05
N PHE A 38 11.86 -0.69 -8.38
CA PHE A 38 10.76 -0.44 -7.44
C PHE A 38 10.95 -1.25 -6.17
N ARG A 39 10.69 -0.62 -5.03
CA ARG A 39 10.84 -1.28 -3.74
C ARG A 39 9.81 -0.74 -2.73
N VAL A 40 9.29 -1.63 -1.89
CA VAL A 40 8.30 -1.25 -0.89
C VAL A 40 8.81 -1.53 0.51
N ALA A 41 8.59 -0.58 1.42
CA ALA A 41 9.02 -0.72 2.80
C ALA A 41 8.13 0.07 3.74
N SER A 42 8.19 -0.26 5.03
CA SER A 42 7.38 0.42 6.04
C SER A 42 8.17 0.61 7.33
N LYS A 43 7.75 1.58 8.14
CA LYS A 43 8.41 1.86 9.41
C LYS A 43 7.87 0.94 10.51
N ASP A 44 6.99 0.03 10.13
CA ASP A 44 6.41 -0.91 11.09
C ASP A 44 6.99 -2.31 10.91
N ARG A 45 6.50 -3.01 9.89
CA ARG A 45 6.96 -4.36 9.60
C ARG A 45 7.53 -4.46 8.19
N GLY A 46 7.18 -3.49 7.35
CA GLY A 46 7.66 -3.47 5.98
C GLY A 46 7.03 -4.57 5.14
N ASP A 47 6.03 -5.25 5.70
CA ASP A 47 5.34 -6.32 5.00
C ASP A 47 3.84 -6.23 5.20
N LEU A 48 3.24 -5.18 4.64
CA LEU A 48 1.80 -4.97 4.75
C LEU A 48 1.11 -5.20 3.41
N LEU A 49 1.70 -4.67 2.34
CA LEU A 49 1.14 -4.81 1.01
C LEU A 49 2.24 -4.87 -0.04
N GLU A 50 1.86 -5.10 -1.29
CA GLU A 50 2.82 -5.18 -2.39
C GLU A 50 2.16 -4.79 -3.71
N VAL A 51 2.95 -4.25 -4.63
CA VAL A 51 2.45 -3.85 -5.94
C VAL A 51 2.77 -4.89 -6.99
N ASN A 52 1.85 -5.07 -7.94
CA ASN A 52 2.03 -6.04 -9.02
C ASN A 52 2.52 -5.36 -10.29
N LEU A 53 3.67 -5.79 -10.79
CA LEU A 53 4.24 -5.22 -12.01
C LEU A 53 3.44 -5.65 -13.24
N GLN A 54 2.50 -6.56 -13.03
CA GLN A 54 1.68 -7.06 -14.12
C GLN A 54 0.80 -5.94 -14.69
N ASN A 55 -0.05 -5.38 -13.83
CA ASN A 55 -0.95 -4.30 -14.24
C ASN A 55 -0.66 -3.02 -13.46
N GLY A 56 -0.07 -3.18 -12.27
CA GLY A 56 0.24 -2.04 -11.45
C GLY A 56 -0.66 -1.92 -10.24
N ILE A 57 -1.79 -2.62 -10.27
CA ILE A 57 -2.75 -2.59 -9.18
C ILE A 57 -2.10 -3.01 -7.87
N LEU A 58 -2.57 -2.45 -6.76
CA LEU A 58 -2.04 -2.77 -5.44
C LEU A 58 -2.89 -3.82 -4.75
N PHE A 59 -2.26 -4.92 -4.34
CA PHE A 59 -2.98 -6.00 -3.67
C PHE A 59 -2.42 -6.20 -2.26
N VAL A 60 -3.23 -6.82 -1.39
CA VAL A 60 -2.82 -7.09 -0.02
C VAL A 60 -1.64 -8.05 0.03
N ASN A 61 -0.74 -7.84 0.98
CA ASN A 61 0.42 -8.70 1.13
C ASN A 61 0.71 -8.98 2.60
N SER A 62 -0.35 -9.02 3.40
CA SER A 62 -0.21 -9.28 4.84
C SER A 62 -1.58 -9.42 5.50
N ARG A 63 -1.59 -9.43 6.82
CA ARG A 63 -2.83 -9.56 7.58
C ARG A 63 -3.53 -8.21 7.72
N ILE A 64 -4.80 -8.16 7.36
CA ILE A 64 -5.57 -6.93 7.45
C ILE A 64 -6.60 -7.00 8.58
N ASP A 65 -6.89 -8.22 9.03
CA ASP A 65 -7.85 -8.43 10.10
C ASP A 65 -7.55 -7.50 11.28
N ARG A 66 -8.61 -6.97 11.89
CA ARG A 66 -8.47 -6.07 13.02
C ARG A 66 -7.53 -6.65 14.06
N GLU A 67 -7.54 -7.97 14.20
CA GLU A 67 -6.68 -8.65 15.17
C GLU A 67 -5.21 -8.39 14.86
N GLU A 68 -4.85 -8.53 13.59
CA GLU A 68 -3.47 -8.32 13.16
C GLU A 68 -3.19 -6.83 12.95
N LEU A 69 -3.99 -6.20 12.09
CA LEU A 69 -3.82 -4.78 11.80
C LEU A 69 -3.67 -3.97 13.07
N CYS A 70 -4.78 -3.84 13.81
CA CYS A 70 -4.77 -3.08 15.06
C CYS A 70 -5.99 -3.42 15.91
N GLY A 71 -7.17 -3.30 15.31
CA GLY A 71 -8.40 -3.60 16.02
C GLY A 71 -8.64 -2.66 17.18
N ARG A 72 -7.89 -1.56 17.21
CA ARG A 72 -8.03 -0.57 18.28
C ARG A 72 -9.27 0.29 18.06
N SER A 73 -9.20 1.21 17.11
CA SER A 73 -10.31 2.09 16.80
C SER A 73 -10.98 1.71 15.48
N ALA A 74 -12.26 2.03 15.35
CA ALA A 74 -13.01 1.72 14.15
C ALA A 74 -12.28 2.21 12.91
N GLU A 75 -11.54 3.30 13.04
CA GLU A 75 -10.79 3.86 11.92
C GLU A 75 -9.29 3.78 12.18
N CYS A 76 -8.63 2.91 11.41
CA CYS A 76 -7.19 2.71 11.55
C CYS A 76 -6.45 3.22 10.32
N SER A 77 -5.39 4.00 10.55
CA SER A 77 -4.61 4.56 9.46
C SER A 77 -3.26 3.84 9.33
N ILE A 78 -2.85 3.57 8.10
CA ILE A 78 -1.59 2.89 7.84
C ILE A 78 -0.68 3.74 6.97
N HIS A 79 0.60 3.79 7.33
CA HIS A 79 1.58 4.57 6.60
C HIS A 79 2.62 3.66 5.95
N LEU A 80 3.01 3.99 4.73
CA LEU A 80 4.01 3.19 4.00
C LEU A 80 4.88 4.09 3.14
N GLU A 81 6.09 3.61 2.83
CA GLU A 81 7.02 4.37 2.00
C GLU A 81 7.62 3.48 0.91
N VAL A 82 7.28 3.78 -0.34
CA VAL A 82 7.78 3.02 -1.47
C VAL A 82 9.08 3.62 -2.02
N ILE A 83 10.19 2.95 -1.75
CA ILE A 83 11.49 3.41 -2.21
C ILE A 83 11.75 2.98 -3.65
N VAL A 84 12.21 3.92 -4.47
CA VAL A 84 12.51 3.64 -5.87
C VAL A 84 13.93 4.03 -6.22
N ASP A 85 14.64 3.14 -6.89
CA ASP A 85 16.02 3.39 -7.30
C ASP A 85 16.09 3.80 -8.76
N ARG A 86 16.49 5.04 -9.01
CA ARG A 86 16.60 5.57 -10.37
C ARG A 86 15.21 5.71 -11.00
N PRO A 87 14.57 6.85 -10.75
CA PRO A 87 15.13 7.92 -9.92
C PRO A 87 15.20 7.52 -8.45
N LEU A 88 16.06 8.20 -7.70
CA LEU A 88 16.22 7.92 -6.27
C LEU A 88 15.25 8.75 -5.44
N GLN A 89 14.28 8.08 -4.83
CA GLN A 89 13.29 8.77 -4.00
C GLN A 89 12.29 7.78 -3.42
N VAL A 90 11.41 8.27 -2.54
CA VAL A 90 10.40 7.42 -1.91
C VAL A 90 9.02 8.04 -2.05
N PHE A 91 8.01 7.18 -2.09
CA PHE A 91 6.62 7.63 -2.22
C PHE A 91 5.84 7.38 -0.93
N HIS A 92 5.14 8.40 -0.46
CA HIS A 92 4.35 8.29 0.77
C HIS A 92 2.98 7.68 0.48
N VAL A 93 2.76 6.48 1.01
CA VAL A 93 1.49 5.79 0.80
C VAL A 93 0.70 5.70 2.11
N GLU A 94 -0.60 5.96 2.02
CA GLU A 94 -1.47 5.91 3.20
C GLU A 94 -2.75 5.15 2.89
N VAL A 95 -2.87 3.95 3.45
CA VAL A 95 -4.05 3.13 3.23
C VAL A 95 -4.91 3.05 4.50
N GLU A 96 -6.19 3.39 4.35
CA GLU A 96 -7.11 3.37 5.48
C GLU A 96 -7.96 2.09 5.47
N VAL A 97 -8.43 1.69 6.64
CA VAL A 97 -9.25 0.49 6.77
C VAL A 97 -10.72 0.85 6.97
N ARG A 98 -11.56 0.40 6.04
CA ARG A 98 -12.99 0.67 6.13
C ARG A 98 -13.71 -0.40 6.95
N ASP A 99 -14.19 0.00 8.12
CA ASP A 99 -14.90 -0.92 9.00
C ASP A 99 -15.37 -0.21 10.27
N ILE A 100 -15.89 -0.98 11.22
CA ILE A 100 -16.38 -0.42 12.48
C ILE A 100 -15.73 -1.11 13.68
N ASN A 101 -15.69 -0.42 14.80
CA ASN A 101 -15.10 -0.96 16.02
C ASN A 101 -15.98 -2.07 16.60
N ASP A 102 -17.26 -1.77 16.78
CA ASP A 102 -18.20 -2.74 17.33
C ASP A 102 -19.08 -3.33 16.23
N ASN A 103 -18.55 -3.34 15.01
CA ASN A 103 -19.30 -3.87 13.86
C ASN A 103 -20.63 -3.16 13.71
N GLY A 1 6.01 15.47 -9.32
CA GLY A 1 4.73 14.91 -9.76
C GLY A 1 3.74 14.77 -8.61
N ASN A 2 3.89 13.71 -7.84
CA ASN A 2 3.01 13.44 -6.71
C ASN A 2 3.69 12.57 -5.66
N SER A 3 3.68 13.03 -4.41
CA SER A 3 4.31 12.28 -3.33
C SER A 3 3.27 11.83 -2.31
N GLN A 4 2.21 12.62 -2.16
CA GLN A 4 1.14 12.30 -1.23
C GLN A 4 0.10 11.39 -1.87
N ILE A 5 0.16 10.11 -1.56
CA ILE A 5 -0.79 9.14 -2.12
C ILE A 5 -1.36 8.24 -1.02
N HIS A 6 -2.63 7.91 -1.15
CA HIS A 6 -3.30 7.06 -0.17
C HIS A 6 -4.23 6.07 -0.86
N TYR A 7 -4.43 4.92 -0.24
CA TYR A 7 -5.30 3.88 -0.79
C TYR A 7 -6.41 3.52 0.18
N SER A 8 -7.45 2.86 -0.33
CA SER A 8 -8.58 2.45 0.49
C SER A 8 -8.72 0.93 0.52
N ILE A 9 -8.26 0.32 1.61
CA ILE A 9 -8.34 -1.13 1.77
C ILE A 9 -9.27 -1.52 2.91
N PRO A 10 -10.35 -2.25 2.57
CA PRO A 10 -11.33 -2.69 3.56
C PRO A 10 -10.78 -3.76 4.49
N GLU A 11 -11.09 -3.63 5.77
CA GLU A 11 -10.62 -4.59 6.77
C GLU A 11 -10.88 -6.03 6.31
N GLU A 12 -10.12 -6.96 6.87
CA GLU A 12 -10.27 -8.37 6.52
C GLU A 12 -9.90 -8.60 5.05
N ALA A 13 -9.09 -7.71 4.50
CA ALA A 13 -8.66 -7.81 3.12
C ALA A 13 -7.79 -9.05 2.90
N LYS A 14 -8.33 -10.06 2.24
CA LYS A 14 -7.60 -11.29 1.98
C LYS A 14 -6.45 -11.04 1.00
N HIS A 15 -5.54 -12.00 0.91
CA HIS A 15 -4.40 -11.89 0.01
C HIS A 15 -4.85 -11.70 -1.43
N GLY A 16 -4.52 -10.55 -2.01
CA GLY A 16 -4.91 -10.26 -3.38
C GLY A 16 -6.02 -9.26 -3.47
N THR A 17 -6.38 -8.66 -2.33
CA THR A 17 -7.45 -7.67 -2.29
C THR A 17 -6.99 -6.34 -2.88
N PHE A 18 -7.91 -5.66 -3.57
CA PHE A 18 -7.60 -4.38 -4.18
C PHE A 18 -7.45 -3.29 -3.12
N VAL A 19 -6.33 -2.58 -3.16
CA VAL A 19 -6.06 -1.50 -2.21
C VAL A 19 -6.08 -0.15 -2.89
N GLY A 20 -5.23 0.02 -3.90
CA GLY A 20 -5.16 1.28 -4.62
C GLY A 20 -4.00 1.32 -5.59
N ARG A 21 -4.30 1.56 -6.86
CA ARG A 21 -3.27 1.63 -7.89
C ARG A 21 -2.12 2.54 -7.45
N ILE A 22 -1.03 1.95 -7.02
CA ILE A 22 0.14 2.70 -6.58
C ILE A 22 0.80 3.44 -7.74
N ALA A 23 0.94 2.74 -8.87
CA ALA A 23 1.55 3.34 -10.05
C ALA A 23 0.63 4.39 -10.68
N GLN A 24 -0.65 4.05 -10.80
CA GLN A 24 -1.62 4.95 -11.38
C GLN A 24 -1.68 6.26 -10.60
N ASP A 25 -1.65 6.16 -9.28
CA ASP A 25 -1.69 7.33 -8.42
C ASP A 25 -0.34 8.06 -8.42
N LEU A 26 0.71 7.34 -8.75
CA LEU A 26 2.05 7.91 -8.80
C LEU A 26 2.28 8.67 -10.09
N GLY A 27 1.76 8.13 -11.20
CA GLY A 27 1.92 8.77 -12.49
C GLY A 27 3.17 8.33 -13.21
N LEU A 28 3.42 7.02 -13.23
CA LEU A 28 4.59 6.47 -13.89
C LEU A 28 4.19 5.39 -14.89
N GLU A 29 5.19 4.73 -15.46
CA GLU A 29 4.95 3.68 -16.45
C GLU A 29 5.00 2.30 -15.79
N LEU A 30 4.11 1.42 -16.22
CA LEU A 30 4.05 0.06 -15.67
C LEU A 30 5.28 -0.75 -16.10
N THR A 31 5.83 -0.40 -17.26
CA THR A 31 7.00 -1.09 -17.79
C THR A 31 8.28 -0.36 -17.42
N GLU A 32 8.14 0.72 -16.65
CA GLU A 32 9.30 1.50 -16.23
C GLU A 32 9.66 1.21 -14.78
N LEU A 33 8.77 0.50 -14.09
CA LEU A 33 9.00 0.14 -12.69
C LEU A 33 10.18 -0.82 -12.55
N VAL A 34 10.24 -1.80 -13.44
CA VAL A 34 11.32 -2.78 -13.42
C VAL A 34 12.68 -2.10 -13.42
N PRO A 35 12.94 -1.29 -14.45
CA PRO A 35 14.20 -0.55 -14.60
C PRO A 35 14.35 0.55 -13.55
N ARG A 36 13.24 0.91 -12.91
CA ARG A 36 13.25 1.96 -11.90
C ARG A 36 13.54 1.37 -10.52
N LEU A 37 13.91 0.09 -10.49
CA LEU A 37 14.22 -0.59 -9.23
C LEU A 37 13.14 -0.30 -8.18
N PHE A 38 11.89 -0.59 -8.54
CA PHE A 38 10.77 -0.37 -7.62
C PHE A 38 10.82 -1.36 -6.46
N ARG A 39 10.65 -0.85 -5.25
CA ARG A 39 10.67 -1.69 -4.05
C ARG A 39 9.79 -1.09 -2.96
N VAL A 40 9.14 -1.95 -2.18
CA VAL A 40 8.28 -1.51 -1.09
C VAL A 40 8.96 -1.68 0.26
N ALA A 41 8.73 -0.75 1.17
CA ALA A 41 9.31 -0.80 2.50
C ALA A 41 8.35 -0.24 3.54
N SER A 42 8.23 -0.94 4.66
CA SER A 42 7.34 -0.51 5.74
C SER A 42 8.08 -0.49 7.07
N LYS A 43 7.56 0.29 8.02
CA LYS A 43 8.17 0.39 9.34
C LYS A 43 7.53 -0.60 10.31
N ASP A 44 6.29 -0.98 10.03
CA ASP A 44 5.58 -1.93 10.88
C ASP A 44 6.23 -3.31 10.82
N ARG A 45 5.98 -4.02 9.73
CA ARG A 45 6.53 -5.36 9.56
C ARG A 45 7.43 -5.41 8.33
N GLY A 46 7.27 -4.44 7.43
CA GLY A 46 8.06 -4.40 6.22
C GLY A 46 7.44 -5.20 5.09
N ASP A 47 6.46 -6.02 5.42
CA ASP A 47 5.77 -6.85 4.43
C ASP A 47 4.26 -6.81 4.64
N LEU A 48 3.67 -5.64 4.41
CA LEU A 48 2.23 -5.48 4.57
C LEU A 48 1.51 -5.60 3.22
N LEU A 49 2.07 -4.94 2.21
CA LEU A 49 1.49 -4.98 0.87
C LEU A 49 2.57 -4.97 -0.20
N GLU A 50 2.21 -5.40 -1.41
CA GLU A 50 3.16 -5.44 -2.51
C GLU A 50 2.48 -5.04 -3.82
N VAL A 51 3.24 -4.37 -4.68
CA VAL A 51 2.71 -3.93 -5.98
C VAL A 51 3.09 -4.90 -7.08
N ASN A 52 2.17 -5.09 -8.03
CA ASN A 52 2.42 -5.99 -9.15
C ASN A 52 2.83 -5.22 -10.41
N LEU A 53 4.00 -5.54 -10.93
CA LEU A 53 4.51 -4.88 -12.12
C LEU A 53 3.73 -5.31 -13.37
N GLN A 54 2.85 -6.29 -13.19
CA GLN A 54 2.05 -6.80 -14.30
C GLN A 54 1.07 -5.74 -14.79
N ASN A 55 0.24 -5.22 -13.89
CA ASN A 55 -0.73 -4.19 -14.22
C ASN A 55 -0.47 -2.92 -13.45
N GLY A 56 0.12 -3.06 -12.26
CA GLY A 56 0.42 -1.91 -11.44
C GLY A 56 -0.49 -1.80 -10.23
N ILE A 57 -1.54 -2.63 -10.21
CA ILE A 57 -2.48 -2.64 -9.10
C ILE A 57 -1.81 -3.09 -7.81
N LEU A 58 -2.32 -2.60 -6.68
CA LEU A 58 -1.78 -2.96 -5.38
C LEU A 58 -2.57 -4.11 -4.75
N PHE A 59 -1.89 -5.20 -4.44
CA PHE A 59 -2.52 -6.35 -3.83
C PHE A 59 -2.06 -6.54 -2.39
N VAL A 60 -3.01 -6.88 -1.51
CA VAL A 60 -2.71 -7.08 -0.10
C VAL A 60 -1.82 -8.31 0.09
N ASN A 61 -0.94 -8.24 1.09
CA ASN A 61 -0.04 -9.35 1.38
C ASN A 61 0.28 -9.42 2.87
N SER A 62 -0.76 -9.35 3.70
CA SER A 62 -0.60 -9.40 5.14
C SER A 62 -1.95 -9.46 5.84
N ARG A 63 -1.92 -9.31 7.16
CA ARG A 63 -3.15 -9.34 7.96
C ARG A 63 -3.76 -7.95 8.08
N ILE A 64 -5.01 -7.83 7.64
CA ILE A 64 -5.71 -6.55 7.71
C ILE A 64 -6.80 -6.57 8.78
N ASP A 65 -7.18 -7.76 9.20
CA ASP A 65 -8.21 -7.92 10.23
C ASP A 65 -7.93 -7.00 11.42
N ARG A 66 -8.98 -6.42 11.96
CA ARG A 66 -8.85 -5.52 13.11
C ARG A 66 -8.01 -6.16 14.21
N GLU A 67 -8.10 -7.48 14.33
CA GLU A 67 -7.35 -8.21 15.34
C GLU A 67 -5.84 -8.06 15.11
N GLU A 68 -5.43 -8.22 13.86
CA GLU A 68 -4.01 -8.10 13.50
C GLU A 68 -3.62 -6.64 13.31
N LEU A 69 -4.33 -5.96 12.41
CA LEU A 69 -4.05 -4.55 12.13
C LEU A 69 -3.92 -3.75 13.42
N CYS A 70 -5.05 -3.54 14.09
CA CYS A 70 -5.06 -2.79 15.34
C CYS A 70 -6.36 -3.04 16.10
N GLY A 71 -7.49 -2.83 15.44
CA GLY A 71 -8.78 -3.03 16.07
C GLY A 71 -9.02 -2.08 17.23
N ARG A 72 -8.19 -1.04 17.31
CA ARG A 72 -8.32 -0.05 18.38
C ARG A 72 -9.49 0.89 18.12
N SER A 73 -9.32 1.80 17.17
CA SER A 73 -10.37 2.75 16.83
C SER A 73 -11.06 2.36 15.53
N ALA A 74 -12.31 2.79 15.38
CA ALA A 74 -13.09 2.48 14.18
C ALA A 74 -12.32 2.85 12.92
N GLU A 75 -11.47 3.87 13.02
CA GLU A 75 -10.67 4.32 11.89
C GLU A 75 -9.18 4.17 12.18
N CYS A 76 -8.53 3.25 11.47
CA CYS A 76 -7.11 3.00 11.65
C CYS A 76 -6.33 3.43 10.41
N SER A 77 -5.33 4.27 10.62
CA SER A 77 -4.51 4.76 9.52
C SER A 77 -3.16 4.04 9.49
N ILE A 78 -2.65 3.81 8.27
CA ILE A 78 -1.38 3.12 8.10
C ILE A 78 -0.44 3.92 7.21
N HIS A 79 0.84 3.93 7.56
CA HIS A 79 1.85 4.66 6.78
C HIS A 79 2.84 3.69 6.15
N LEU A 80 3.25 4.00 4.92
CA LEU A 80 4.20 3.16 4.19
C LEU A 80 5.15 4.01 3.36
N GLU A 81 6.32 3.47 3.07
CA GLU A 81 7.33 4.17 2.27
C GLU A 81 7.80 3.32 1.11
N VAL A 82 7.51 3.77 -0.11
CA VAL A 82 7.90 3.06 -1.31
C VAL A 82 9.26 3.52 -1.81
N ILE A 83 10.27 2.67 -1.65
CA ILE A 83 11.62 3.00 -2.08
C ILE A 83 11.81 2.70 -3.57
N VAL A 84 12.44 3.62 -4.29
CA VAL A 84 12.67 3.45 -5.71
C VAL A 84 14.08 3.92 -6.09
N ASP A 85 14.73 3.18 -6.99
CA ASP A 85 16.07 3.52 -7.43
C ASP A 85 16.07 3.93 -8.90
N ARG A 86 16.43 5.18 -9.16
CA ARG A 86 16.47 5.70 -10.52
C ARG A 86 15.06 5.76 -11.12
N PRO A 87 14.33 6.84 -10.80
CA PRO A 87 14.83 7.90 -9.92
C PRO A 87 14.96 7.44 -8.47
N LEU A 88 15.84 8.11 -7.73
CA LEU A 88 16.07 7.78 -6.33
C LEU A 88 15.22 8.66 -5.41
N GLN A 89 14.25 8.05 -4.75
CA GLN A 89 13.38 8.78 -3.83
C GLN A 89 12.35 7.85 -3.19
N VAL A 90 11.42 8.43 -2.43
CA VAL A 90 10.39 7.65 -1.77
C VAL A 90 9.01 8.21 -2.06
N PHE A 91 7.99 7.36 -1.95
CA PHE A 91 6.61 7.77 -2.20
C PHE A 91 5.75 7.59 -0.95
N HIS A 92 5.12 8.68 -0.52
CA HIS A 92 4.27 8.64 0.66
C HIS A 92 3.01 7.84 0.40
N VAL A 93 2.86 6.71 1.08
CA VAL A 93 1.69 5.85 0.92
C VAL A 93 0.93 5.71 2.23
N GLU A 94 -0.37 5.98 2.18
CA GLU A 94 -1.23 5.89 3.36
C GLU A 94 -2.48 5.09 3.07
N VAL A 95 -2.61 3.93 3.70
CA VAL A 95 -3.76 3.07 3.52
C VAL A 95 -4.62 3.00 4.77
N GLU A 96 -5.92 3.26 4.62
CA GLU A 96 -6.84 3.23 5.74
C GLU A 96 -7.74 2.00 5.68
N VAL A 97 -8.23 1.58 6.85
CA VAL A 97 -9.09 0.40 6.93
C VAL A 97 -10.57 0.80 6.84
N ARG A 98 -11.29 0.14 5.94
CA ARG A 98 -12.71 0.42 5.75
C ARG A 98 -13.57 -0.61 6.47
N ASP A 99 -14.17 -0.20 7.58
CA ASP A 99 -15.02 -1.08 8.36
C ASP A 99 -15.60 -0.35 9.57
N ILE A 100 -16.24 -1.11 10.46
CA ILE A 100 -16.82 -0.53 11.67
C ILE A 100 -16.13 -1.05 12.92
N ASN A 101 -16.22 -0.28 14.00
CA ASN A 101 -15.59 -0.66 15.27
C ASN A 101 -16.40 -1.74 15.96
N ASP A 102 -17.67 -1.44 16.25
CA ASP A 102 -18.55 -2.39 16.91
C ASP A 102 -19.68 -2.83 15.99
N ASN A 103 -19.41 -2.79 14.69
CA ASN A 103 -20.41 -3.18 13.69
C ASN A 103 -21.71 -2.42 13.90
N GLY A 1 1.59 19.21 -3.32
CA GLY A 1 2.07 17.86 -3.04
C GLY A 1 3.12 17.39 -4.02
N ASN A 2 3.71 16.24 -3.75
CA ASN A 2 4.75 15.69 -4.61
C ASN A 2 4.65 14.16 -4.67
N SER A 3 4.50 13.54 -3.51
CA SER A 3 4.39 12.08 -3.44
C SER A 3 3.30 11.67 -2.45
N GLN A 4 2.32 12.54 -2.26
CA GLN A 4 1.22 12.28 -1.36
C GLN A 4 0.18 11.35 -2.00
N ILE A 5 0.23 10.07 -1.64
CA ILE A 5 -0.69 9.09 -2.18
C ILE A 5 -1.28 8.23 -1.07
N HIS A 6 -2.58 7.94 -1.18
CA HIS A 6 -3.26 7.11 -0.19
C HIS A 6 -4.23 6.13 -0.87
N TYR A 7 -4.46 5.00 -0.23
CA TYR A 7 -5.36 3.98 -0.77
C TYR A 7 -6.46 3.65 0.23
N SER A 8 -7.50 2.98 -0.25
CA SER A 8 -8.62 2.59 0.61
C SER A 8 -8.76 1.07 0.66
N ILE A 9 -8.39 0.49 1.80
CA ILE A 9 -8.48 -0.96 1.98
C ILE A 9 -9.38 -1.31 3.17
N PRO A 10 -10.47 -2.02 2.88
CA PRO A 10 -11.44 -2.44 3.91
C PRO A 10 -10.85 -3.51 4.84
N GLU A 11 -11.12 -3.38 6.13
CA GLU A 11 -10.64 -4.33 7.12
C GLU A 11 -10.93 -5.76 6.69
N GLU A 12 -10.18 -6.71 7.24
CA GLU A 12 -10.37 -8.12 6.90
C GLU A 12 -10.04 -8.38 5.43
N ALA A 13 -9.13 -7.59 4.89
CA ALA A 13 -8.73 -7.73 3.50
C ALA A 13 -7.70 -8.84 3.33
N LYS A 14 -8.17 -10.03 2.95
CA LYS A 14 -7.30 -11.17 2.76
C LYS A 14 -6.20 -10.86 1.74
N HIS A 15 -5.10 -11.58 1.83
CA HIS A 15 -3.97 -11.38 0.92
C HIS A 15 -4.44 -11.42 -0.53
N GLY A 16 -4.19 -10.35 -1.26
CA GLY A 16 -4.59 -10.28 -2.66
C GLY A 16 -5.81 -9.40 -2.88
N THR A 17 -6.22 -8.70 -1.82
CA THR A 17 -7.37 -7.81 -1.89
C THR A 17 -7.00 -6.45 -2.46
N PHE A 18 -7.89 -5.86 -3.25
CA PHE A 18 -7.65 -4.56 -3.86
C PHE A 18 -7.46 -3.50 -2.78
N VAL A 19 -6.53 -2.57 -3.04
CA VAL A 19 -6.25 -1.50 -2.10
C VAL A 19 -6.28 -0.14 -2.79
N GLY A 20 -5.54 -0.02 -3.89
CA GLY A 20 -5.50 1.22 -4.62
C GLY A 20 -4.34 1.28 -5.60
N ARG A 21 -4.66 1.54 -6.87
CA ARG A 21 -3.64 1.62 -7.91
C ARG A 21 -2.47 2.51 -7.47
N ILE A 22 -1.37 1.88 -7.07
CA ILE A 22 -0.20 2.60 -6.63
C ILE A 22 0.53 3.25 -7.80
N ALA A 23 0.58 2.53 -8.92
CA ALA A 23 1.25 3.01 -10.12
C ALA A 23 0.47 4.17 -10.74
N GLN A 24 -0.81 3.93 -11.02
CA GLN A 24 -1.67 4.95 -11.62
C GLN A 24 -1.64 6.24 -10.80
N ASP A 25 -1.69 6.07 -9.48
CA ASP A 25 -1.68 7.22 -8.57
C ASP A 25 -0.30 7.87 -8.54
N LEU A 26 0.73 7.10 -8.89
CA LEU A 26 2.09 7.60 -8.90
C LEU A 26 2.38 8.41 -10.17
N GLY A 27 1.85 7.93 -11.29
CA GLY A 27 2.05 8.62 -12.56
C GLY A 27 3.27 8.11 -13.30
N LEU A 28 3.41 6.78 -13.37
CA LEU A 28 4.53 6.17 -14.06
C LEU A 28 4.06 5.10 -15.03
N GLU A 29 5.00 4.38 -15.62
CA GLU A 29 4.68 3.32 -16.57
C GLU A 29 4.82 1.95 -15.93
N LEU A 30 3.84 1.09 -16.15
CA LEU A 30 3.86 -0.26 -15.59
C LEU A 30 5.08 -1.03 -16.07
N THR A 31 5.59 -0.66 -17.24
CA THR A 31 6.75 -1.32 -17.81
C THR A 31 8.04 -0.57 -17.46
N GLU A 32 7.90 0.49 -16.68
CA GLU A 32 9.05 1.29 -16.28
C GLU A 32 9.46 0.97 -14.84
N LEU A 33 8.61 0.24 -14.14
CA LEU A 33 8.89 -0.15 -12.75
C LEU A 33 10.07 -1.10 -12.68
N VAL A 34 10.12 -2.05 -13.60
CA VAL A 34 11.21 -3.02 -13.64
C VAL A 34 12.57 -2.33 -13.66
N PRO A 35 12.79 -1.48 -14.67
CA PRO A 35 14.04 -0.74 -14.83
C PRO A 35 14.21 0.34 -13.76
N ARG A 36 13.12 0.68 -13.09
CA ARG A 36 13.15 1.69 -12.03
C ARG A 36 13.49 1.06 -10.69
N LEU A 37 13.81 -0.23 -10.70
CA LEU A 37 14.15 -0.94 -9.48
C LEU A 37 13.13 -0.65 -8.38
N PHE A 38 11.87 -0.90 -8.67
CA PHE A 38 10.80 -0.67 -7.70
C PHE A 38 11.01 -1.52 -6.44
N ARG A 39 10.84 -0.90 -5.28
CA ARG A 39 11.01 -1.59 -4.01
C ARG A 39 10.09 -1.01 -2.95
N VAL A 40 9.47 -1.88 -2.15
CA VAL A 40 8.56 -1.45 -1.10
C VAL A 40 9.23 -1.55 0.27
N ALA A 41 9.03 -0.53 1.09
CA ALA A 41 9.61 -0.51 2.43
C ALA A 41 8.66 0.14 3.43
N SER A 42 8.05 -0.68 4.29
CA SER A 42 7.11 -0.19 5.29
C SER A 42 7.81 0.00 6.63
N LYS A 43 7.23 0.85 7.48
CA LYS A 43 7.79 1.11 8.80
C LYS A 43 7.23 0.14 9.84
N ASP A 44 5.92 -0.07 9.78
CA ASP A 44 5.25 -0.98 10.72
C ASP A 44 5.95 -2.33 10.73
N ARG A 45 5.73 -3.14 9.70
CA ARG A 45 6.33 -4.46 9.61
C ARG A 45 7.26 -4.55 8.40
N GLY A 46 7.10 -3.61 7.47
CA GLY A 46 7.93 -3.60 6.27
C GLY A 46 7.34 -4.42 5.14
N ASP A 47 6.34 -5.24 5.47
CA ASP A 47 5.68 -6.08 4.48
C ASP A 47 4.17 -6.04 4.65
N LEU A 48 3.61 -4.84 4.65
CA LEU A 48 2.17 -4.66 4.80
C LEU A 48 1.44 -4.99 3.51
N LEU A 49 1.97 -4.50 2.39
CA LEU A 49 1.38 -4.74 1.09
C LEU A 49 2.44 -4.91 0.02
N GLU A 50 2.01 -5.11 -1.23
CA GLU A 50 2.94 -5.28 -2.34
C GLU A 50 2.27 -4.90 -3.66
N VAL A 51 3.05 -4.28 -4.54
CA VAL A 51 2.54 -3.86 -5.84
C VAL A 51 2.85 -4.90 -6.92
N ASN A 52 1.93 -5.06 -7.86
CA ASN A 52 2.11 -6.02 -8.94
C ASN A 52 2.55 -5.32 -10.22
N LEU A 53 3.69 -5.75 -10.76
CA LEU A 53 4.23 -5.16 -11.99
C LEU A 53 3.39 -5.58 -13.20
N GLN A 54 2.46 -6.50 -12.98
CA GLN A 54 1.59 -6.98 -14.04
C GLN A 54 0.72 -5.85 -14.58
N ASN A 55 -0.14 -5.32 -13.71
CA ASN A 55 -1.04 -4.24 -14.08
C ASN A 55 -0.74 -2.98 -13.29
N GLY A 56 -0.09 -3.15 -12.14
CA GLY A 56 0.24 -2.02 -11.30
C GLY A 56 -0.64 -1.92 -10.07
N ILE A 57 -1.78 -2.62 -10.11
CA ILE A 57 -2.71 -2.61 -9.00
C ILE A 57 -2.02 -3.00 -7.69
N LEU A 58 -2.49 -2.43 -6.59
CA LEU A 58 -1.92 -2.73 -5.28
C LEU A 58 -2.76 -3.77 -4.54
N PHE A 59 -2.13 -4.88 -4.17
CA PHE A 59 -2.81 -5.95 -3.45
C PHE A 59 -2.30 -6.06 -2.02
N VAL A 60 -3.11 -6.67 -1.16
CA VAL A 60 -2.74 -6.85 0.24
C VAL A 60 -1.63 -7.88 0.39
N ASN A 61 -0.73 -7.64 1.36
CA ASN A 61 0.37 -8.54 1.60
C ASN A 61 0.69 -8.63 3.09
N SER A 62 -0.36 -8.71 3.91
CA SER A 62 -0.19 -8.79 5.35
C SER A 62 -1.54 -9.02 6.05
N ARG A 63 -1.54 -8.89 7.37
CA ARG A 63 -2.75 -9.10 8.14
C ARG A 63 -3.58 -7.82 8.21
N ILE A 64 -4.79 -7.85 7.67
CA ILE A 64 -5.67 -6.70 7.67
C ILE A 64 -6.83 -6.89 8.63
N ASP A 65 -7.07 -8.14 9.01
CA ASP A 65 -8.17 -8.46 9.93
C ASP A 65 -8.15 -7.53 11.14
N ARG A 66 -9.32 -7.11 11.57
CA ARG A 66 -9.45 -6.21 12.72
C ARG A 66 -8.67 -6.75 13.91
N GLU A 67 -8.58 -8.08 13.99
CA GLU A 67 -7.86 -8.73 15.09
C GLU A 67 -6.36 -8.44 15.01
N GLU A 68 -5.82 -8.52 13.80
CA GLU A 68 -4.40 -8.26 13.59
C GLU A 68 -4.11 -6.77 13.48
N LEU A 69 -4.79 -6.12 12.54
CA LEU A 69 -4.62 -4.68 12.32
C LEU A 69 -4.72 -3.92 13.64
N CYS A 70 -5.93 -3.82 14.16
CA CYS A 70 -6.17 -3.12 15.42
C CYS A 70 -7.53 -3.50 16.00
N GLY A 71 -8.58 -3.35 15.20
CA GLY A 71 -9.92 -3.68 15.65
C GLY A 71 -10.49 -2.62 16.56
N ARG A 72 -9.88 -2.44 17.73
CA ARG A 72 -10.34 -1.46 18.70
C ARG A 72 -10.51 -0.09 18.05
N SER A 73 -9.38 0.57 17.78
CA SER A 73 -9.40 1.89 17.16
C SER A 73 -10.25 1.88 15.89
N ALA A 74 -11.40 2.54 15.95
CA ALA A 74 -12.30 2.61 14.80
C ALA A 74 -11.56 3.08 13.55
N GLU A 75 -10.82 4.19 13.69
CA GLU A 75 -10.07 4.74 12.58
C GLU A 75 -8.59 4.38 12.68
N CYS A 76 -8.15 3.49 11.79
CA CYS A 76 -6.76 3.05 11.78
C CYS A 76 -6.03 3.56 10.54
N SER A 77 -4.93 4.25 10.74
CA SER A 77 -4.14 4.79 9.64
C SER A 77 -2.80 4.07 9.50
N ILE A 78 -2.41 3.79 8.27
CA ILE A 78 -1.14 3.11 8.01
C ILE A 78 -0.25 3.93 7.08
N HIS A 79 1.04 3.98 7.41
CA HIS A 79 2.00 4.73 6.61
C HIS A 79 3.02 3.80 5.96
N LEU A 80 3.38 4.08 4.73
CA LEU A 80 4.34 3.27 4.00
C LEU A 80 5.22 4.13 3.09
N GLU A 81 6.41 3.64 2.77
CA GLU A 81 7.33 4.37 1.91
C GLU A 81 7.88 3.46 0.81
N VAL A 82 7.51 3.77 -0.43
CA VAL A 82 7.97 2.98 -1.58
C VAL A 82 9.26 3.54 -2.15
N ILE A 83 10.36 2.83 -1.92
CA ILE A 83 11.66 3.26 -2.41
C ILE A 83 11.88 2.78 -3.85
N VAL A 84 12.38 3.68 -4.70
CA VAL A 84 12.64 3.36 -6.09
C VAL A 84 14.06 3.76 -6.48
N ASP A 85 14.73 2.89 -7.24
CA ASP A 85 16.09 3.15 -7.69
C ASP A 85 16.09 3.59 -9.15
N ARG A 86 16.53 4.83 -9.38
CA ARG A 86 16.58 5.37 -10.73
C ARG A 86 15.18 5.58 -11.30
N PRO A 87 14.58 6.74 -10.99
CA PRO A 87 15.21 7.77 -10.16
C PRO A 87 15.35 7.34 -8.71
N LEU A 88 16.25 7.99 -7.98
CA LEU A 88 16.47 7.68 -6.58
C LEU A 88 15.57 8.52 -5.68
N GLN A 89 14.57 7.88 -5.08
CA GLN A 89 13.64 8.57 -4.21
C GLN A 89 12.61 7.59 -3.64
N VAL A 90 11.72 8.11 -2.80
CA VAL A 90 10.68 7.29 -2.18
C VAL A 90 9.30 7.93 -2.36
N PHE A 91 8.27 7.10 -2.29
CA PHE A 91 6.90 7.58 -2.44
C PHE A 91 6.13 7.45 -1.12
N HIS A 92 5.25 8.42 -0.87
CA HIS A 92 4.45 8.43 0.35
C HIS A 92 3.13 7.69 0.14
N VAL A 93 2.95 6.58 0.86
CA VAL A 93 1.74 5.79 0.75
C VAL A 93 0.99 5.73 2.09
N GLU A 94 -0.30 5.96 2.05
CA GLU A 94 -1.13 5.93 3.26
C GLU A 94 -2.43 5.15 3.02
N VAL A 95 -2.54 3.99 3.64
CA VAL A 95 -3.72 3.15 3.49
C VAL A 95 -4.54 3.12 4.78
N GLU A 96 -5.81 3.46 4.68
CA GLU A 96 -6.71 3.47 5.84
C GLU A 96 -7.66 2.28 5.80
N VAL A 97 -8.12 1.87 6.98
CA VAL A 97 -9.04 0.75 7.08
C VAL A 97 -10.48 1.19 6.84
N ARG A 98 -11.23 0.37 6.11
CA ARG A 98 -12.61 0.68 5.80
C ARG A 98 -13.55 -0.39 6.37
N ASP A 99 -14.26 -0.04 7.43
CA ASP A 99 -15.19 -0.95 8.08
C ASP A 99 -15.86 -0.31 9.28
N ILE A 100 -16.57 -1.11 10.07
CA ILE A 100 -17.26 -0.60 11.24
C ILE A 100 -16.84 -1.37 12.50
N ASN A 101 -17.00 -0.73 13.65
CA ASN A 101 -16.63 -1.35 14.92
C ASN A 101 -17.65 -2.42 15.32
N ASP A 102 -18.87 -2.29 14.82
CA ASP A 102 -19.93 -3.24 15.11
C ASP A 102 -20.04 -4.29 14.02
N ASN A 103 -18.92 -4.58 13.36
CA ASN A 103 -18.88 -5.56 12.28
C ASN A 103 -19.97 -5.27 11.25
N GLY A 1 9.43 17.08 -4.28
CA GLY A 1 8.22 17.86 -4.07
C GLY A 1 7.20 17.12 -3.23
N ASN A 2 6.00 16.95 -3.78
CA ASN A 2 4.92 16.25 -3.08
C ASN A 2 4.68 14.87 -3.68
N SER A 3 4.46 13.89 -2.81
CA SER A 3 4.22 12.52 -3.27
C SER A 3 3.19 11.83 -2.37
N GLN A 4 2.31 12.62 -1.76
CA GLN A 4 1.28 12.09 -0.89
C GLN A 4 0.22 11.33 -1.68
N ILE A 5 0.03 10.06 -1.33
CA ILE A 5 -0.96 9.22 -2.01
C ILE A 5 -1.90 8.56 -1.01
N HIS A 6 -3.16 8.41 -1.40
CA HIS A 6 -4.16 7.80 -0.54
C HIS A 6 -4.64 6.47 -1.14
N TYR A 7 -5.12 5.58 -0.27
CA TYR A 7 -5.59 4.27 -0.71
C TYR A 7 -6.75 3.80 0.16
N SER A 8 -7.60 2.94 -0.39
CA SER A 8 -8.75 2.42 0.33
C SER A 8 -8.71 0.89 0.36
N ILE A 9 -8.74 0.33 1.57
CA ILE A 9 -8.71 -1.11 1.75
C ILE A 9 -9.59 -1.55 2.92
N PRO A 10 -10.62 -2.35 2.63
CA PRO A 10 -11.55 -2.85 3.64
C PRO A 10 -10.90 -3.87 4.57
N GLU A 11 -11.16 -3.73 5.87
CA GLU A 11 -10.61 -4.63 6.87
C GLU A 11 -10.78 -6.09 6.44
N GLU A 12 -9.97 -6.97 7.01
CA GLU A 12 -10.04 -8.40 6.69
C GLU A 12 -9.69 -8.64 5.22
N ALA A 13 -8.98 -7.68 4.62
CA ALA A 13 -8.59 -7.80 3.22
C ALA A 13 -7.67 -8.99 3.01
N LYS A 14 -8.23 -10.06 2.46
CA LYS A 14 -7.47 -11.28 2.19
C LYS A 14 -6.29 -10.99 1.27
N HIS A 15 -5.33 -11.91 1.23
CA HIS A 15 -4.16 -11.76 0.38
C HIS A 15 -4.54 -11.62 -1.08
N GLY A 16 -4.24 -10.48 -1.67
CA GLY A 16 -4.57 -10.23 -3.06
C GLY A 16 -5.74 -9.27 -3.22
N THR A 17 -6.16 -8.67 -2.12
CA THR A 17 -7.27 -7.73 -2.15
C THR A 17 -6.85 -6.40 -2.77
N PHE A 18 -7.78 -5.79 -3.52
CA PHE A 18 -7.51 -4.52 -4.18
C PHE A 18 -7.41 -3.39 -3.15
N VAL A 19 -6.37 -2.58 -3.28
CA VAL A 19 -6.16 -1.47 -2.37
C VAL A 19 -6.14 -0.14 -3.12
N GLY A 20 -5.66 -0.17 -4.36
CA GLY A 20 -5.62 1.03 -5.17
C GLY A 20 -4.41 1.06 -6.08
N ARG A 21 -4.65 1.21 -7.38
CA ARG A 21 -3.58 1.25 -8.37
C ARG A 21 -2.48 2.22 -7.92
N ILE A 22 -1.43 1.67 -7.33
CA ILE A 22 -0.31 2.49 -6.86
C ILE A 22 0.39 3.18 -8.03
N ALA A 23 0.51 2.46 -9.14
CA ALA A 23 1.17 3.00 -10.34
C ALA A 23 0.31 4.09 -10.98
N GLN A 24 -1.00 3.89 -10.95
CA GLN A 24 -1.93 4.85 -11.54
C GLN A 24 -1.75 6.23 -10.90
N ASP A 25 -1.75 6.27 -9.58
CA ASP A 25 -1.59 7.53 -8.85
C ASP A 25 -0.14 8.01 -8.93
N LEU A 26 0.74 7.15 -9.44
CA LEU A 26 2.16 7.50 -9.56
C LEU A 26 2.43 8.21 -10.88
N GLY A 27 1.77 7.75 -11.94
CA GLY A 27 1.95 8.35 -13.24
C GLY A 27 3.19 7.83 -13.96
N LEU A 28 3.74 6.73 -13.46
CA LEU A 28 4.92 6.14 -14.05
C LEU A 28 4.56 4.99 -14.98
N GLU A 29 5.32 4.83 -16.05
CA GLU A 29 5.07 3.76 -17.01
C GLU A 29 5.07 2.40 -16.33
N LEU A 30 4.07 1.58 -16.65
CA LEU A 30 3.96 0.25 -16.07
C LEU A 30 5.19 -0.60 -16.37
N THR A 31 5.83 -0.30 -17.50
CA THR A 31 7.03 -1.03 -17.91
C THR A 31 8.30 -0.29 -17.48
N GLU A 32 8.12 0.82 -16.78
CA GLU A 32 9.24 1.62 -16.31
C GLU A 32 9.58 1.27 -14.86
N LEU A 33 8.69 0.54 -14.20
CA LEU A 33 8.90 0.14 -12.81
C LEU A 33 10.08 -0.82 -12.70
N VAL A 34 10.15 -1.77 -13.62
CA VAL A 34 11.23 -2.75 -13.61
C VAL A 34 12.60 -2.07 -13.57
N PRO A 35 12.86 -1.22 -14.57
CA PRO A 35 14.12 -0.48 -14.66
C PRO A 35 14.26 0.59 -13.58
N ARG A 36 13.14 0.93 -12.96
CA ARG A 36 13.14 1.94 -11.91
C ARG A 36 13.41 1.31 -10.55
N LEU A 37 13.74 0.03 -10.55
CA LEU A 37 14.03 -0.69 -9.31
C LEU A 37 12.95 -0.43 -8.27
N PHE A 38 11.70 -0.70 -8.63
CA PHE A 38 10.58 -0.50 -7.73
C PHE A 38 10.69 -1.41 -6.51
N ARG A 39 10.31 -0.88 -5.35
CA ARG A 39 10.37 -1.65 -4.11
C ARG A 39 9.38 -1.09 -3.08
N VAL A 40 8.91 -1.97 -2.20
CA VAL A 40 7.96 -1.57 -1.16
C VAL A 40 8.40 -2.05 0.21
N ALA A 41 8.20 -1.22 1.22
CA ALA A 41 8.57 -1.57 2.59
C ALA A 41 7.83 -0.71 3.60
N SER A 42 8.00 -1.03 4.88
CA SER A 42 7.33 -0.28 5.95
C SER A 42 8.11 -0.41 7.25
N LYS A 43 7.89 0.55 8.15
CA LYS A 43 8.57 0.55 9.44
C LYS A 43 7.86 -0.36 10.44
N ASP A 44 6.56 -0.60 10.19
CA ASP A 44 5.76 -1.44 11.07
C ASP A 44 6.33 -2.87 11.10
N ARG A 45 6.03 -3.63 10.04
CA ARG A 45 6.51 -5.00 9.95
C ARG A 45 7.35 -5.20 8.69
N GLY A 46 7.22 -4.29 7.74
CA GLY A 46 7.97 -4.39 6.51
C GLY A 46 7.31 -5.28 5.49
N ASP A 47 6.28 -6.01 5.92
CA ASP A 47 5.56 -6.92 5.03
C ASP A 47 4.05 -6.78 5.23
N LEU A 48 3.51 -5.63 4.84
CA LEU A 48 2.08 -5.37 4.97
C LEU A 48 1.38 -5.48 3.62
N LEU A 49 2.00 -4.89 2.59
CA LEU A 49 1.43 -4.92 1.25
C LEU A 49 2.52 -4.74 0.19
N GLU A 50 2.27 -5.26 -1.00
CA GLU A 50 3.23 -5.15 -2.09
C GLU A 50 2.52 -4.91 -3.41
N VAL A 51 3.21 -4.21 -4.33
CA VAL A 51 2.65 -3.92 -5.64
C VAL A 51 3.05 -4.97 -6.67
N ASN A 52 2.12 -5.31 -7.55
CA ASN A 52 2.38 -6.30 -8.58
C ASN A 52 2.71 -5.64 -9.92
N LEU A 53 3.97 -5.74 -10.32
CA LEU A 53 4.42 -5.13 -11.57
C LEU A 53 3.56 -5.61 -12.74
N GLN A 54 2.87 -6.73 -12.54
CA GLN A 54 2.02 -7.29 -13.58
C GLN A 54 1.08 -6.22 -14.14
N ASN A 55 0.50 -5.42 -13.26
CA ASN A 55 -0.42 -4.37 -13.66
C ASN A 55 -0.25 -3.14 -12.78
N GLY A 56 0.88 -3.05 -12.09
CA GLY A 56 1.14 -1.92 -11.23
C GLY A 56 0.04 -1.70 -10.20
N ILE A 57 -0.66 -2.78 -9.85
CA ILE A 57 -1.75 -2.71 -8.88
C ILE A 57 -1.24 -3.03 -7.47
N LEU A 58 -1.92 -2.47 -6.47
CA LEU A 58 -1.54 -2.69 -5.08
C LEU A 58 -2.38 -3.81 -4.47
N PHE A 59 -1.72 -4.92 -4.13
CA PHE A 59 -2.41 -6.06 -3.55
C PHE A 59 -1.98 -6.26 -2.09
N VAL A 60 -2.92 -6.70 -1.25
CA VAL A 60 -2.64 -6.92 0.15
C VAL A 60 -1.79 -8.17 0.35
N ASN A 61 -0.92 -8.15 1.36
CA ASN A 61 -0.05 -9.27 1.65
C ASN A 61 0.24 -9.37 3.15
N SER A 62 -0.81 -9.30 3.95
CA SER A 62 -0.67 -9.37 5.40
C SER A 62 -2.04 -9.38 6.09
N ARG A 63 -2.04 -9.24 7.41
CA ARG A 63 -3.27 -9.24 8.17
C ARG A 63 -3.85 -7.83 8.28
N ILE A 64 -5.09 -7.68 7.83
CA ILE A 64 -5.76 -6.39 7.87
C ILE A 64 -6.84 -6.36 8.95
N ASP A 65 -7.27 -7.54 9.38
CA ASP A 65 -8.30 -7.65 10.41
C ASP A 65 -8.01 -6.71 11.58
N ARG A 66 -9.06 -6.10 12.11
CA ARG A 66 -8.92 -5.19 13.23
C ARG A 66 -8.08 -5.81 14.35
N GLU A 67 -8.18 -7.12 14.49
CA GLU A 67 -7.43 -7.84 15.51
C GLU A 67 -5.92 -7.69 15.28
N GLU A 68 -5.50 -7.90 14.03
CA GLU A 68 -4.10 -7.79 13.68
C GLU A 68 -3.70 -6.34 13.45
N LEU A 69 -4.39 -5.69 12.53
CA LEU A 69 -4.12 -4.28 12.21
C LEU A 69 -3.98 -3.44 13.47
N CYS A 70 -5.10 -3.21 14.14
CA CYS A 70 -5.11 -2.42 15.37
C CYS A 70 -6.41 -2.64 16.14
N GLY A 71 -7.53 -2.44 15.47
CA GLY A 71 -8.83 -2.62 16.12
C GLY A 71 -9.06 -1.63 17.23
N ARG A 72 -8.23 -0.59 17.29
CA ARG A 72 -8.35 0.42 18.32
C ARG A 72 -9.53 1.35 18.04
N SER A 73 -9.37 2.24 17.06
CA SER A 73 -10.41 3.17 16.70
C SER A 73 -11.14 2.72 15.44
N ALA A 74 -12.39 3.15 15.28
CA ALA A 74 -13.20 2.78 14.14
C ALA A 74 -12.45 3.07 12.83
N GLU A 75 -11.58 4.07 12.86
CA GLU A 75 -10.80 4.45 11.68
C GLU A 75 -9.31 4.34 11.96
N CYS A 76 -8.65 3.40 11.30
CA CYS A 76 -7.22 3.20 11.48
C CYS A 76 -6.45 3.59 10.21
N SER A 77 -5.45 4.45 10.37
CA SER A 77 -4.64 4.90 9.24
C SER A 77 -3.28 4.20 9.24
N ILE A 78 -2.85 3.77 8.07
CA ILE A 78 -1.56 3.10 7.93
C ILE A 78 -0.64 3.87 7.00
N HIS A 79 0.66 3.87 7.33
CA HIS A 79 1.64 4.58 6.52
C HIS A 79 2.63 3.60 5.89
N LEU A 80 3.03 3.87 4.65
CA LEU A 80 3.96 3.01 3.93
C LEU A 80 4.93 3.84 3.09
N GLU A 81 6.09 3.27 2.80
CA GLU A 81 7.09 3.95 2.00
C GLU A 81 7.55 3.07 0.84
N VAL A 82 7.40 3.59 -0.38
CA VAL A 82 7.80 2.85 -1.57
C VAL A 82 9.21 3.22 -2.00
N ILE A 83 10.15 2.30 -1.82
CA ILE A 83 11.54 2.54 -2.18
C ILE A 83 11.75 2.37 -3.69
N VAL A 84 12.08 3.46 -4.37
CA VAL A 84 12.30 3.44 -5.80
C VAL A 84 13.72 3.91 -6.14
N ASP A 85 14.43 3.12 -6.95
CA ASP A 85 15.78 3.47 -7.36
C ASP A 85 15.80 4.01 -8.79
N ARG A 86 16.21 5.27 -8.93
CA ARG A 86 16.28 5.91 -10.24
C ARG A 86 14.87 6.15 -10.80
N PRO A 87 14.27 7.29 -10.40
CA PRO A 87 14.92 8.25 -9.50
C PRO A 87 15.04 7.72 -8.08
N LEU A 88 15.97 8.30 -7.32
CA LEU A 88 16.19 7.88 -5.94
C LEU A 88 15.30 8.68 -4.98
N GLN A 89 14.25 8.03 -4.48
CA GLN A 89 13.33 8.68 -3.55
C GLN A 89 12.28 7.69 -3.04
N VAL A 90 11.34 8.19 -2.26
CA VAL A 90 10.29 7.35 -1.70
C VAL A 90 8.91 7.95 -1.96
N PHE A 91 7.90 7.10 -2.03
CA PHE A 91 6.53 7.54 -2.28
C PHE A 91 5.68 7.42 -1.03
N HIS A 92 4.84 8.42 -0.79
CA HIS A 92 3.97 8.42 0.39
C HIS A 92 2.71 7.62 0.12
N VAL A 93 2.59 6.47 0.77
CA VAL A 93 1.43 5.60 0.61
C VAL A 93 0.66 5.45 1.92
N GLU A 94 -0.62 5.78 1.89
CA GLU A 94 -1.46 5.68 3.08
C GLU A 94 -2.71 4.85 2.79
N VAL A 95 -2.86 3.75 3.53
CA VAL A 95 -4.01 2.86 3.36
C VAL A 95 -4.88 2.85 4.61
N GLU A 96 -6.14 3.21 4.45
CA GLU A 96 -7.08 3.25 5.57
C GLU A 96 -7.93 1.98 5.59
N VAL A 97 -8.42 1.62 6.78
CA VAL A 97 -9.26 0.44 6.94
C VAL A 97 -10.74 0.81 6.95
N ARG A 98 -11.50 0.19 6.05
CA ARG A 98 -12.93 0.45 5.97
C ARG A 98 -13.74 -0.68 6.58
N ASP A 99 -14.41 -0.40 7.69
CA ASP A 99 -15.23 -1.40 8.38
C ASP A 99 -15.90 -0.79 9.61
N ILE A 100 -16.50 -1.66 10.43
CA ILE A 100 -17.18 -1.21 11.64
C ILE A 100 -16.41 -1.63 12.89
N ASN A 101 -16.63 -0.92 13.99
CA ASN A 101 -15.96 -1.22 15.25
C ASN A 101 -16.68 -2.35 15.98
N ASP A 102 -18.01 -2.28 16.03
CA ASP A 102 -18.81 -3.30 16.70
C ASP A 102 -18.55 -4.67 16.09
N ASN A 103 -18.19 -4.70 14.81
CA ASN A 103 -17.92 -5.95 14.12
C ASN A 103 -19.10 -6.91 14.23
N GLY A 1 4.54 17.33 -8.39
CA GLY A 1 4.97 15.97 -8.12
C GLY A 1 4.03 15.25 -7.18
N ASN A 2 3.76 13.97 -7.47
CA ASN A 2 2.87 13.17 -6.65
C ASN A 2 3.64 12.50 -5.50
N SER A 3 3.64 13.14 -4.35
CA SER A 3 4.33 12.61 -3.18
C SER A 3 3.34 12.12 -2.13
N GLN A 4 2.19 12.78 -2.05
CA GLN A 4 1.16 12.42 -1.09
C GLN A 4 0.10 11.55 -1.74
N ILE A 5 0.15 10.24 -1.46
CA ILE A 5 -0.81 9.30 -2.03
C ILE A 5 -1.38 8.40 -0.94
N HIS A 6 -2.66 8.07 -1.07
CA HIS A 6 -3.33 7.20 -0.10
C HIS A 6 -4.26 6.21 -0.80
N TYR A 7 -4.44 5.04 -0.20
CA TYR A 7 -5.30 4.01 -0.77
C TYR A 7 -6.44 3.66 0.18
N SER A 8 -7.42 2.94 -0.33
CA SER A 8 -8.58 2.54 0.47
C SER A 8 -8.80 1.04 0.38
N ILE A 9 -8.89 0.39 1.54
CA ILE A 9 -9.11 -1.05 1.60
C ILE A 9 -9.97 -1.43 2.79
N PRO A 10 -11.03 -2.21 2.54
CA PRO A 10 -11.95 -2.66 3.59
C PRO A 10 -11.31 -3.68 4.52
N GLU A 11 -11.53 -3.51 5.82
CA GLU A 11 -10.98 -4.42 6.81
C GLU A 11 -11.24 -5.87 6.44
N GLU A 12 -10.44 -6.77 6.98
CA GLU A 12 -10.60 -8.20 6.70
C GLU A 12 -10.34 -8.48 5.22
N ALA A 13 -9.36 -7.80 4.65
CA ALA A 13 -9.02 -7.99 3.24
C ALA A 13 -7.98 -9.09 3.08
N LYS A 14 -8.45 -10.27 2.68
CA LYS A 14 -7.56 -11.41 2.48
C LYS A 14 -6.40 -11.05 1.55
N HIS A 15 -5.29 -11.76 1.72
CA HIS A 15 -4.10 -11.50 0.89
C HIS A 15 -4.46 -11.52 -0.58
N GLY A 16 -4.14 -10.44 -1.29
CA GLY A 16 -4.43 -10.36 -2.70
C GLY A 16 -5.61 -9.47 -3.01
N THR A 17 -6.10 -8.77 -1.98
CA THR A 17 -7.24 -7.87 -2.13
C THR A 17 -6.79 -6.50 -2.60
N PHE A 18 -7.53 -5.92 -3.54
CA PHE A 18 -7.22 -4.60 -4.07
C PHE A 18 -7.06 -3.58 -2.94
N VAL A 19 -6.09 -2.69 -3.09
CA VAL A 19 -5.83 -1.66 -2.08
C VAL A 19 -5.96 -0.27 -2.68
N GLY A 20 -5.25 -0.03 -3.78
CA GLY A 20 -5.30 1.26 -4.43
C GLY A 20 -4.47 1.30 -5.70
N ARG A 21 -4.12 2.51 -6.14
CA ARG A 21 -3.32 2.69 -7.35
C ARG A 21 -2.01 3.40 -7.03
N ILE A 22 -0.98 2.62 -6.74
CA ILE A 22 0.34 3.18 -6.42
C ILE A 22 1.04 3.68 -7.68
N ALA A 23 0.97 2.89 -8.74
CA ALA A 23 1.59 3.25 -10.00
C ALA A 23 0.84 4.40 -10.68
N GLN A 24 -0.47 4.26 -10.79
CA GLN A 24 -1.30 5.28 -11.41
C GLN A 24 -1.07 6.64 -10.76
N ASP A 25 -1.12 6.68 -9.44
CA ASP A 25 -0.92 7.91 -8.69
C ASP A 25 0.54 8.35 -8.75
N LEU A 26 1.39 7.46 -9.26
CA LEU A 26 2.82 7.76 -9.37
C LEU A 26 3.13 8.45 -10.69
N GLY A 27 2.46 8.01 -11.76
CA GLY A 27 2.68 8.60 -13.07
C GLY A 27 3.88 8.01 -13.78
N LEU A 28 4.41 6.92 -13.24
CA LEU A 28 5.57 6.26 -13.82
C LEU A 28 5.15 5.27 -14.90
N GLU A 29 6.11 4.52 -15.41
CA GLU A 29 5.83 3.52 -16.45
C GLU A 29 5.70 2.12 -15.85
N LEU A 30 4.55 1.51 -16.04
CA LEU A 30 4.30 0.16 -15.52
C LEU A 30 5.31 -0.84 -16.07
N THR A 31 5.82 -0.55 -17.25
CA THR A 31 6.80 -1.43 -17.90
C THR A 31 8.22 -0.96 -17.62
N GLU A 32 8.35 0.10 -16.82
CA GLU A 32 9.65 0.64 -16.46
C GLU A 32 9.94 0.47 -14.97
N LEU A 33 9.04 -0.21 -14.28
CA LEU A 33 9.18 -0.44 -12.86
C LEU A 33 10.36 -1.36 -12.58
N VAL A 34 10.49 -2.42 -13.38
CA VAL A 34 11.59 -3.36 -13.22
C VAL A 34 12.94 -2.66 -13.21
N PRO A 35 13.23 -1.92 -14.29
CA PRO A 35 14.49 -1.18 -14.43
C PRO A 35 14.57 0.01 -13.47
N ARG A 36 13.42 0.40 -12.92
CA ARG A 36 13.36 1.52 -11.99
C ARG A 36 13.61 1.05 -10.56
N LEU A 37 13.98 -0.22 -10.42
CA LEU A 37 14.24 -0.79 -9.10
C LEU A 37 13.12 -0.43 -8.11
N PHE A 38 11.89 -0.77 -8.49
CA PHE A 38 10.74 -0.49 -7.63
C PHE A 38 10.68 -1.45 -6.46
N ARG A 39 10.52 -0.90 -5.25
CA ARG A 39 10.46 -1.71 -4.04
C ARG A 39 9.58 -1.05 -2.99
N VAL A 40 8.96 -1.86 -2.14
CA VAL A 40 8.10 -1.34 -1.08
C VAL A 40 8.73 -1.54 0.29
N ALA A 41 8.48 -0.60 1.19
CA ALA A 41 9.02 -0.66 2.54
C ALA A 41 8.07 -0.03 3.55
N SER A 42 8.04 -0.58 4.77
CA SER A 42 7.18 -0.07 5.81
C SER A 42 7.86 -0.16 7.18
N LYS A 43 7.40 0.66 8.12
CA LYS A 43 7.96 0.68 9.45
C LYS A 43 7.30 -0.38 10.34
N ASP A 44 5.99 -0.55 10.17
CA ASP A 44 5.25 -1.53 10.96
C ASP A 44 5.91 -2.90 10.89
N ARG A 45 5.71 -3.58 9.78
CA ARG A 45 6.29 -4.92 9.58
C ARG A 45 7.20 -4.94 8.37
N GLY A 46 7.04 -3.96 7.49
CA GLY A 46 7.87 -3.88 6.29
C GLY A 46 7.29 -4.68 5.14
N ASP A 47 6.32 -5.54 5.46
CA ASP A 47 5.69 -6.38 4.44
C ASP A 47 4.17 -6.40 4.62
N LEU A 48 3.58 -5.22 4.77
CA LEU A 48 2.14 -5.10 4.96
C LEU A 48 1.41 -5.25 3.63
N LEU A 49 1.92 -4.59 2.60
CA LEU A 49 1.32 -4.65 1.28
C LEU A 49 2.39 -4.68 0.19
N GLU A 50 2.00 -5.13 -1.00
CA GLU A 50 2.92 -5.20 -2.13
C GLU A 50 2.26 -4.76 -3.43
N VAL A 51 3.04 -4.16 -4.32
CA VAL A 51 2.52 -3.69 -5.59
C VAL A 51 2.82 -4.68 -6.71
N ASN A 52 1.89 -4.81 -7.65
CA ASN A 52 2.06 -5.72 -8.78
C ASN A 52 2.46 -4.97 -10.04
N LEU A 53 3.57 -5.36 -10.63
CA LEU A 53 4.06 -4.72 -11.85
C LEU A 53 3.18 -5.08 -13.05
N GLN A 54 2.24 -6.00 -12.83
CA GLN A 54 1.34 -6.43 -13.89
C GLN A 54 0.53 -5.24 -14.43
N ASN A 55 -0.18 -4.56 -13.54
CA ASN A 55 -0.99 -3.41 -13.92
C ASN A 55 -0.68 -2.21 -13.03
N GLY A 56 0.26 -2.39 -12.11
CA GLY A 56 0.62 -1.31 -11.21
C GLY A 56 -0.19 -1.32 -9.93
N ILE A 57 -1.31 -2.03 -9.94
CA ILE A 57 -2.18 -2.12 -8.78
C ILE A 57 -1.54 -2.96 -7.68
N LEU A 58 -1.75 -2.55 -6.44
CA LEU A 58 -1.20 -3.27 -5.28
C LEU A 58 -2.29 -4.04 -4.55
N PHE A 59 -1.90 -5.14 -3.91
CA PHE A 59 -2.84 -5.97 -3.17
C PHE A 59 -2.34 -6.23 -1.75
N VAL A 60 -3.19 -6.87 -0.94
CA VAL A 60 -2.82 -7.18 0.44
C VAL A 60 -1.64 -8.13 0.50
N ASN A 61 -0.78 -7.93 1.49
CA ASN A 61 0.40 -8.78 1.66
C ASN A 61 0.43 -9.40 3.05
N SER A 62 -0.03 -8.63 4.04
CA SER A 62 -0.05 -9.10 5.42
C SER A 62 -1.48 -9.24 5.92
N ARG A 63 -1.63 -9.45 7.23
CA ARG A 63 -2.94 -9.59 7.83
C ARG A 63 -3.66 -8.26 7.91
N ILE A 64 -4.93 -8.25 7.50
CA ILE A 64 -5.73 -7.02 7.52
C ILE A 64 -6.79 -7.08 8.62
N ASP A 65 -7.06 -8.29 9.10
CA ASP A 65 -8.05 -8.47 10.17
C ASP A 65 -7.81 -7.51 11.31
N ARG A 66 -8.88 -6.96 11.87
CA ARG A 66 -8.78 -6.02 12.98
C ARG A 66 -7.87 -6.57 14.08
N GLU A 67 -7.91 -7.89 14.27
CA GLU A 67 -7.09 -8.54 15.28
C GLU A 67 -5.61 -8.30 15.02
N GLU A 68 -5.20 -8.47 13.76
CA GLU A 68 -3.80 -8.27 13.38
C GLU A 68 -3.51 -6.79 13.15
N LEU A 69 -4.28 -6.18 12.24
CA LEU A 69 -4.09 -4.76 11.92
C LEU A 69 -3.99 -3.93 13.20
N CYS A 70 -5.12 -3.77 13.89
CA CYS A 70 -5.16 -2.99 15.11
C CYS A 70 -6.41 -3.31 15.92
N GLY A 71 -7.57 -3.20 15.28
CA GLY A 71 -8.82 -3.48 15.95
C GLY A 71 -9.12 -2.51 17.07
N ARG A 72 -8.37 -1.41 17.11
CA ARG A 72 -8.54 -0.40 18.15
C ARG A 72 -9.77 0.47 17.86
N SER A 73 -9.65 1.31 16.84
CA SER A 73 -10.75 2.20 16.47
C SER A 73 -11.30 1.84 15.10
N ALA A 74 -12.57 2.16 14.87
CA ALA A 74 -13.21 1.87 13.59
C ALA A 74 -12.38 2.38 12.43
N GLU A 75 -11.69 3.50 12.64
CA GLU A 75 -10.86 4.09 11.60
C GLU A 75 -9.38 3.97 11.95
N CYS A 76 -8.68 3.07 11.26
CA CYS A 76 -7.26 2.87 11.50
C CYS A 76 -6.43 3.34 10.31
N SER A 77 -5.47 4.22 10.58
CA SER A 77 -4.61 4.75 9.53
C SER A 77 -3.27 4.02 9.49
N ILE A 78 -2.73 3.85 8.29
CA ILE A 78 -1.45 3.16 8.12
C ILE A 78 -0.51 3.98 7.23
N HIS A 79 0.77 3.95 7.56
CA HIS A 79 1.78 4.68 6.79
C HIS A 79 2.75 3.71 6.13
N LEU A 80 3.16 4.03 4.90
CA LEU A 80 4.09 3.19 4.16
C LEU A 80 5.05 4.04 3.33
N GLU A 81 6.22 3.47 3.02
CA GLU A 81 7.22 4.19 2.23
C GLU A 81 7.66 3.34 1.04
N VAL A 82 7.38 3.83 -0.16
CA VAL A 82 7.75 3.13 -1.38
C VAL A 82 9.11 3.58 -1.88
N ILE A 83 10.10 2.71 -1.75
CA ILE A 83 11.46 3.01 -2.19
C ILE A 83 11.64 2.71 -3.67
N VAL A 84 12.28 3.62 -4.38
CA VAL A 84 12.53 3.45 -5.81
C VAL A 84 13.92 3.95 -6.20
N ASP A 85 14.58 3.22 -7.08
CA ASP A 85 15.91 3.59 -7.54
C ASP A 85 15.88 4.02 -9.00
N ARG A 86 16.22 5.29 -9.25
CA ARG A 86 16.23 5.82 -10.60
C ARG A 86 14.81 5.91 -11.17
N PRO A 87 14.09 6.98 -10.81
CA PRO A 87 14.61 8.03 -9.93
C PRO A 87 14.79 7.54 -8.49
N LEU A 88 15.69 8.18 -7.76
CA LEU A 88 15.96 7.82 -6.37
C LEU A 88 15.14 8.69 -5.41
N GLN A 89 14.16 8.09 -4.75
CA GLN A 89 13.32 8.81 -3.82
C GLN A 89 12.27 7.88 -3.20
N VAL A 90 11.39 8.45 -2.39
CA VAL A 90 10.34 7.68 -1.73
C VAL A 90 8.96 8.28 -1.99
N PHE A 91 7.94 7.45 -1.89
CA PHE A 91 6.57 7.90 -2.10
C PHE A 91 5.72 7.72 -0.86
N HIS A 92 5.13 8.80 -0.37
CA HIS A 92 4.29 8.75 0.82
C HIS A 92 2.99 8.00 0.54
N VAL A 93 2.86 6.83 1.16
CA VAL A 93 1.67 6.01 0.99
C VAL A 93 0.89 5.88 2.30
N GLU A 94 -0.42 6.10 2.23
CA GLU A 94 -1.27 6.01 3.42
C GLU A 94 -2.53 5.21 3.11
N VAL A 95 -2.64 4.04 3.71
CA VAL A 95 -3.80 3.17 3.52
C VAL A 95 -4.67 3.11 4.76
N GLU A 96 -5.97 3.35 4.59
CA GLU A 96 -6.90 3.31 5.71
C GLU A 96 -7.83 2.11 5.60
N VAL A 97 -8.35 1.68 6.75
CA VAL A 97 -9.25 0.53 6.79
C VAL A 97 -10.70 0.98 6.96
N ARG A 98 -11.58 0.48 6.10
CA ARG A 98 -12.99 0.82 6.15
C ARG A 98 -13.78 -0.24 6.89
N ASP A 99 -14.32 0.13 8.06
CA ASP A 99 -15.10 -0.78 8.87
C ASP A 99 -15.61 -0.10 10.13
N ILE A 100 -16.19 -0.87 11.03
CA ILE A 100 -16.73 -0.34 12.29
C ILE A 100 -16.12 -1.07 13.48
N ASN A 101 -16.14 -0.39 14.63
CA ASN A 101 -15.59 -0.97 15.86
C ASN A 101 -16.50 -2.06 16.40
N ASP A 102 -17.79 -1.96 16.07
CA ASP A 102 -18.77 -2.95 16.52
C ASP A 102 -19.00 -4.01 15.46
N ASN A 103 -17.97 -4.28 14.66
CA ASN A 103 -18.06 -5.28 13.61
C ASN A 103 -19.28 -5.02 12.71
N GLY A 1 8.26 17.86 -7.15
CA GLY A 1 7.04 17.10 -7.36
C GLY A 1 6.52 16.48 -6.08
N ASN A 2 5.20 16.41 -5.95
CA ASN A 2 4.57 15.84 -4.77
C ASN A 2 4.60 14.32 -4.81
N SER A 3 4.37 13.68 -3.67
CA SER A 3 4.37 12.23 -3.59
C SER A 3 3.34 11.74 -2.56
N GLN A 4 2.28 12.53 -2.38
CA GLN A 4 1.24 12.18 -1.43
C GLN A 4 0.20 11.26 -2.07
N ILE A 5 0.26 9.98 -1.72
CA ILE A 5 -0.66 8.99 -2.26
C ILE A 5 -1.22 8.11 -1.16
N HIS A 6 -2.51 7.78 -1.26
CA HIS A 6 -3.17 6.94 -0.28
C HIS A 6 -4.11 5.95 -0.95
N TYR A 7 -4.31 4.79 -0.31
CA TYR A 7 -5.19 3.76 -0.85
C TYR A 7 -6.30 3.41 0.14
N SER A 8 -7.35 2.79 -0.37
CA SER A 8 -8.48 2.40 0.47
C SER A 8 -8.62 0.88 0.53
N ILE A 9 -8.23 0.30 1.65
CA ILE A 9 -8.31 -1.15 1.84
C ILE A 9 -9.25 -1.50 2.98
N PRO A 10 -10.32 -2.24 2.66
CA PRO A 10 -11.32 -2.66 3.63
C PRO A 10 -10.78 -3.71 4.60
N GLU A 11 -11.07 -3.54 5.88
CA GLU A 11 -10.61 -4.47 6.91
C GLU A 11 -10.87 -5.91 6.49
N GLU A 12 -10.10 -6.83 7.05
CA GLU A 12 -10.24 -8.25 6.74
C GLU A 12 -9.91 -8.51 5.27
N ALA A 13 -9.15 -7.61 4.67
CA ALA A 13 -8.76 -7.74 3.26
C ALA A 13 -8.02 -9.05 3.02
N LYS A 14 -8.71 -10.00 2.40
CA LYS A 14 -8.12 -11.31 2.11
C LYS A 14 -6.88 -11.16 1.25
N HIS A 15 -6.22 -12.28 0.97
CA HIS A 15 -5.00 -12.28 0.16
C HIS A 15 -5.32 -11.92 -1.29
N GLY A 16 -4.78 -10.79 -1.74
CA GLY A 16 -5.02 -10.35 -3.11
C GLY A 16 -6.07 -9.27 -3.19
N THR A 17 -6.49 -8.76 -2.03
CA THR A 17 -7.51 -7.72 -1.98
C THR A 17 -7.02 -6.44 -2.65
N PHE A 18 -7.93 -5.75 -3.32
CA PHE A 18 -7.60 -4.50 -4.01
C PHE A 18 -7.46 -3.35 -3.01
N VAL A 19 -6.32 -2.66 -3.07
CA VAL A 19 -6.06 -1.54 -2.18
C VAL A 19 -6.08 -0.22 -2.94
N GLY A 20 -5.24 -0.12 -3.97
CA GLY A 20 -5.18 1.09 -4.76
C GLY A 20 -3.99 1.11 -5.69
N ARG A 21 -4.26 1.31 -6.99
CA ARG A 21 -3.21 1.33 -7.99
C ARG A 21 -2.07 2.27 -7.56
N ILE A 22 -0.99 1.68 -7.07
CA ILE A 22 0.17 2.46 -6.62
C ILE A 22 0.82 3.19 -7.80
N ALA A 23 0.96 2.51 -8.91
CA ALA A 23 1.57 3.10 -10.10
C ALA A 23 0.65 4.14 -10.72
N GLN A 24 -0.61 3.79 -10.89
CA GLN A 24 -1.59 4.70 -11.47
C GLN A 24 -1.63 6.01 -10.71
N ASP A 25 -1.54 5.93 -9.39
CA ASP A 25 -1.57 7.12 -8.55
C ASP A 25 -0.23 7.86 -8.62
N LEU A 26 0.85 7.12 -8.83
CA LEU A 26 2.18 7.70 -8.92
C LEU A 26 2.35 8.47 -10.23
N GLY A 27 1.81 7.91 -11.31
CA GLY A 27 1.91 8.56 -12.60
C GLY A 27 3.09 8.05 -13.41
N LEU A 28 3.30 6.74 -13.38
CA LEU A 28 4.40 6.13 -14.12
C LEU A 28 3.93 4.89 -14.89
N GLU A 29 4.61 4.59 -15.99
CA GLU A 29 4.26 3.44 -16.81
C GLU A 29 4.52 2.13 -16.06
N LEU A 30 3.78 1.09 -16.41
CA LEU A 30 3.93 -0.21 -15.76
C LEU A 30 5.25 -0.85 -16.16
N THR A 31 5.79 -0.44 -17.31
CA THR A 31 7.05 -0.98 -17.80
C THR A 31 8.22 -0.09 -17.40
N GLU A 32 7.93 0.95 -16.64
CA GLU A 32 8.96 1.87 -16.18
C GLU A 32 9.42 1.53 -14.76
N LEU A 33 8.57 0.80 -14.04
CA LEU A 33 8.88 0.41 -12.67
C LEU A 33 10.06 -0.56 -12.64
N VAL A 34 10.07 -1.52 -13.56
CA VAL A 34 11.14 -2.50 -13.63
C VAL A 34 12.50 -1.82 -13.69
N PRO A 35 12.70 -0.97 -14.70
CA PRO A 35 13.96 -0.24 -14.89
C PRO A 35 14.17 0.83 -13.82
N ARG A 36 13.10 1.17 -13.11
CA ARG A 36 13.17 2.18 -12.06
C ARG A 36 13.51 1.55 -10.72
N LEU A 37 13.85 0.26 -10.75
CA LEU A 37 14.19 -0.47 -9.53
C LEU A 37 13.17 -0.21 -8.43
N PHE A 38 11.90 -0.48 -8.74
CA PHE A 38 10.82 -0.27 -7.78
C PHE A 38 10.98 -1.21 -6.58
N ARG A 39 10.83 -0.65 -5.39
CA ARG A 39 10.97 -1.43 -4.16
C ARG A 39 10.08 -0.87 -3.06
N VAL A 40 9.44 -1.75 -2.29
CA VAL A 40 8.57 -1.34 -1.20
C VAL A 40 9.25 -1.52 0.15
N ALA A 41 9.03 -0.56 1.04
CA ALA A 41 9.63 -0.61 2.37
C ALA A 41 8.67 -0.06 3.43
N SER A 42 8.10 -0.95 4.23
CA SER A 42 7.16 -0.55 5.27
C SER A 42 7.88 -0.31 6.59
N LYS A 43 7.26 0.48 7.46
CA LYS A 43 7.84 0.79 8.76
C LYS A 43 7.27 -0.11 9.85
N ASP A 44 6.00 -0.46 9.71
CA ASP A 44 5.32 -1.32 10.67
C ASP A 44 6.03 -2.66 10.78
N ARG A 45 5.81 -3.51 9.78
CA ARG A 45 6.43 -4.84 9.77
C ARG A 45 7.35 -5.00 8.56
N GLY A 46 7.18 -4.12 7.58
CA GLY A 46 8.00 -4.17 6.38
C GLY A 46 7.42 -5.08 5.31
N ASP A 47 6.44 -5.89 5.70
CA ASP A 47 5.79 -6.81 4.77
C ASP A 47 4.28 -6.78 4.93
N LEU A 48 3.67 -5.64 4.60
CA LEU A 48 2.22 -5.48 4.72
C LEU A 48 1.54 -5.76 3.39
N LEU A 49 2.09 -5.21 2.31
CA LEU A 49 1.54 -5.40 0.97
C LEU A 49 2.64 -5.38 -0.07
N GLU A 50 2.26 -5.63 -1.33
CA GLU A 50 3.21 -5.64 -2.43
C GLU A 50 2.53 -5.24 -3.74
N VAL A 51 3.29 -4.58 -4.61
CA VAL A 51 2.76 -4.14 -5.90
C VAL A 51 3.11 -5.13 -7.01
N ASN A 52 2.19 -5.33 -7.94
CA ASN A 52 2.41 -6.25 -9.05
C ASN A 52 2.77 -5.50 -10.31
N LEU A 53 3.95 -5.77 -10.85
CA LEU A 53 4.42 -5.11 -12.07
C LEU A 53 3.66 -5.63 -13.29
N GLN A 54 2.83 -6.64 -13.07
CA GLN A 54 2.03 -7.22 -14.15
C GLN A 54 1.02 -6.21 -14.69
N ASN A 55 0.23 -5.64 -13.79
CA ASN A 55 -0.77 -4.65 -14.17
C ASN A 55 -0.54 -3.33 -13.46
N GLY A 56 0.03 -3.41 -12.26
CA GLY A 56 0.31 -2.20 -11.49
C GLY A 56 -0.68 -2.01 -10.35
N ILE A 57 -1.37 -3.08 -9.98
CA ILE A 57 -2.34 -3.03 -8.90
C ILE A 57 -1.70 -3.43 -7.57
N LEU A 58 -2.24 -2.88 -6.48
CA LEU A 58 -1.72 -3.18 -5.14
C LEU A 58 -2.52 -4.30 -4.49
N PHE A 59 -1.85 -5.41 -4.21
CA PHE A 59 -2.50 -6.56 -3.58
C PHE A 59 -2.06 -6.70 -2.13
N VAL A 60 -3.01 -7.00 -1.25
CA VAL A 60 -2.74 -7.16 0.17
C VAL A 60 -2.02 -8.48 0.43
N ASN A 61 -1.09 -8.47 1.38
CA ASN A 61 -0.34 -9.66 1.73
C ASN A 61 0.05 -9.66 3.21
N SER A 62 -0.92 -9.35 4.06
CA SER A 62 -0.69 -9.30 5.50
C SER A 62 -2.00 -9.34 6.27
N ARG A 63 -1.92 -9.13 7.58
CA ARG A 63 -3.11 -9.14 8.42
C ARG A 63 -3.85 -7.80 8.36
N ILE A 64 -5.05 -7.83 7.81
CA ILE A 64 -5.85 -6.61 7.68
C ILE A 64 -7.03 -6.63 8.65
N ASP A 65 -7.36 -7.82 9.15
CA ASP A 65 -8.46 -7.97 10.09
C ASP A 65 -8.24 -7.11 11.34
N ARG A 66 -9.34 -6.60 11.90
CA ARG A 66 -9.26 -5.76 13.09
C ARG A 66 -8.37 -6.40 14.15
N GLU A 67 -8.32 -7.73 14.15
CA GLU A 67 -7.50 -8.46 15.11
C GLU A 67 -6.07 -7.94 15.12
N GLU A 68 -5.35 -8.15 14.03
CA GLU A 68 -3.98 -7.70 13.92
C GLU A 68 -3.92 -6.24 13.51
N LEU A 69 -4.81 -5.83 12.62
CA LEU A 69 -4.86 -4.45 12.14
C LEU A 69 -4.78 -3.48 13.30
N CYS A 70 -5.84 -3.41 14.10
CA CYS A 70 -5.88 -2.52 15.24
C CYS A 70 -6.90 -3.00 16.27
N GLY A 71 -8.14 -3.19 15.82
CA GLY A 71 -9.19 -3.64 16.70
C GLY A 71 -9.72 -2.53 17.59
N ARG A 72 -8.86 -2.02 18.46
CA ARG A 72 -9.24 -0.95 19.38
C ARG A 72 -9.88 0.21 18.62
N SER A 73 -9.07 0.97 17.90
CA SER A 73 -9.56 2.12 17.14
C SER A 73 -10.25 1.65 15.86
N ALA A 74 -11.52 2.02 15.73
CA ALA A 74 -12.30 1.64 14.55
C ALA A 74 -11.60 2.08 13.26
N GLU A 75 -11.17 3.34 13.22
CA GLU A 75 -10.50 3.88 12.05
C GLU A 75 -8.99 3.99 12.31
N CYS A 76 -8.23 3.07 11.72
CA CYS A 76 -6.78 3.07 11.88
C CYS A 76 -6.08 3.40 10.57
N SER A 77 -5.03 4.20 10.65
CA SER A 77 -4.28 4.60 9.47
C SER A 77 -2.93 3.90 9.42
N ILE A 78 -2.41 3.71 8.21
CA ILE A 78 -1.12 3.05 8.02
C ILE A 78 -0.21 3.88 7.13
N HIS A 79 1.07 3.91 7.47
CA HIS A 79 2.06 4.66 6.70
C HIS A 79 3.08 3.73 6.05
N LEU A 80 3.47 4.05 4.82
CA LEU A 80 4.44 3.23 4.09
C LEU A 80 5.34 4.11 3.23
N GLU A 81 6.53 3.59 2.92
CA GLU A 81 7.49 4.33 2.10
C GLU A 81 8.01 3.45 0.96
N VAL A 82 7.66 3.82 -0.27
CA VAL A 82 8.10 3.08 -1.44
C VAL A 82 9.42 3.62 -1.98
N ILE A 83 10.49 2.87 -1.79
CA ILE A 83 11.81 3.28 -2.27
C ILE A 83 12.01 2.91 -3.73
N VAL A 84 12.48 3.87 -4.51
CA VAL A 84 12.72 3.65 -5.94
C VAL A 84 14.13 4.07 -6.34
N ASP A 85 14.77 3.26 -7.17
CA ASP A 85 16.12 3.55 -7.63
C ASP A 85 16.12 4.00 -9.09
N ARG A 86 16.51 5.25 -9.32
CA ARG A 86 16.55 5.80 -10.68
C ARG A 86 15.15 5.92 -11.25
N PRO A 87 14.47 7.03 -10.93
CA PRO A 87 15.03 8.09 -10.08
C PRO A 87 15.18 7.64 -8.63
N LEU A 88 16.06 8.30 -7.89
CA LEU A 88 16.29 7.97 -6.49
C LEU A 88 15.40 8.83 -5.58
N GLN A 89 14.44 8.19 -4.94
CA GLN A 89 13.52 8.88 -4.04
C GLN A 89 12.52 7.92 -3.42
N VAL A 90 11.57 8.46 -2.67
CA VAL A 90 10.54 7.65 -2.03
C VAL A 90 9.15 8.20 -2.32
N PHE A 91 8.15 7.33 -2.22
CA PHE A 91 6.76 7.72 -2.47
C PHE A 91 5.91 7.53 -1.22
N HIS A 92 5.25 8.60 -0.80
CA HIS A 92 4.39 8.56 0.39
C HIS A 92 3.15 7.71 0.13
N VAL A 93 3.00 6.65 0.92
CA VAL A 93 1.84 5.76 0.78
C VAL A 93 1.10 5.61 2.10
N GLU A 94 -0.20 5.92 2.08
CA GLU A 94 -1.02 5.82 3.28
C GLU A 94 -2.29 5.03 3.00
N VAL A 95 -2.42 3.88 3.66
CA VAL A 95 -3.59 3.02 3.48
C VAL A 95 -4.44 2.97 4.74
N GLU A 96 -5.72 3.30 4.61
CA GLU A 96 -6.63 3.29 5.75
C GLU A 96 -7.53 2.06 5.71
N VAL A 97 -8.02 1.66 6.88
CA VAL A 97 -8.89 0.49 6.99
C VAL A 97 -10.35 0.91 7.04
N ARG A 98 -11.14 0.45 6.08
CA ARG A 98 -12.57 0.78 6.03
C ARG A 98 -13.39 -0.29 6.75
N ASP A 99 -13.98 0.10 7.88
CA ASP A 99 -14.81 -0.82 8.66
C ASP A 99 -15.36 -0.12 9.89
N ILE A 100 -15.95 -0.91 10.79
CA ILE A 100 -16.52 -0.37 12.02
C ILE A 100 -15.98 -1.10 13.24
N ASN A 101 -16.02 -0.43 14.39
CA ASN A 101 -15.53 -1.02 15.64
C ASN A 101 -16.35 -2.25 16.00
N ASP A 102 -17.66 -2.09 16.12
CA ASP A 102 -18.54 -3.20 16.46
C ASP A 102 -18.37 -4.35 15.49
N ASN A 103 -17.97 -4.04 14.26
CA ASN A 103 -17.77 -5.05 13.23
C ASN A 103 -16.34 -5.01 12.70
N GLY A 1 7.78 18.77 -5.44
CA GLY A 1 7.80 17.33 -5.62
C GLY A 1 6.77 16.62 -4.75
N ASN A 2 5.51 16.76 -5.12
CA ASN A 2 4.42 16.13 -4.38
C ASN A 2 4.44 14.61 -4.56
N SER A 3 4.36 13.89 -3.45
CA SER A 3 4.37 12.42 -3.49
C SER A 3 3.38 11.85 -2.49
N GLN A 4 2.32 12.62 -2.20
CA GLN A 4 1.30 12.18 -1.25
C GLN A 4 0.27 11.29 -1.94
N ILE A 5 0.29 10.00 -1.59
CA ILE A 5 -0.65 9.05 -2.18
C ILE A 5 -1.25 8.15 -1.10
N HIS A 6 -2.53 7.81 -1.27
CA HIS A 6 -3.22 6.95 -0.32
C HIS A 6 -4.12 5.95 -1.04
N TYR A 7 -4.35 4.81 -0.40
CA TYR A 7 -5.20 3.77 -0.99
C TYR A 7 -6.30 3.35 -0.02
N SER A 8 -7.35 2.74 -0.56
CA SER A 8 -8.47 2.29 0.26
C SER A 8 -8.52 0.77 0.33
N ILE A 9 -8.53 0.24 1.55
CA ILE A 9 -8.56 -1.21 1.76
C ILE A 9 -9.47 -1.57 2.92
N PRO A 10 -10.42 -2.48 2.68
CA PRO A 10 -11.36 -2.95 3.70
C PRO A 10 -10.69 -3.78 4.78
N GLU A 11 -11.02 -3.49 6.03
CA GLU A 11 -10.46 -4.21 7.17
C GLU A 11 -10.58 -5.71 6.97
N GLU A 12 -9.59 -6.46 7.44
CA GLU A 12 -9.59 -7.91 7.32
C GLU A 12 -9.52 -8.33 5.86
N ALA A 13 -9.00 -7.44 5.01
CA ALA A 13 -8.88 -7.73 3.59
C ALA A 13 -8.00 -8.95 3.34
N LYS A 14 -8.63 -10.02 2.85
CA LYS A 14 -7.91 -11.25 2.57
C LYS A 14 -6.73 -11.00 1.64
N HIS A 15 -5.67 -11.79 1.80
CA HIS A 15 -4.48 -11.65 0.97
C HIS A 15 -4.84 -11.66 -0.51
N GLY A 16 -4.50 -10.58 -1.20
CA GLY A 16 -4.80 -10.47 -2.62
C GLY A 16 -5.93 -9.50 -2.90
N THR A 17 -6.37 -8.78 -1.87
CA THR A 17 -7.45 -7.82 -2.02
C THR A 17 -6.96 -6.52 -2.63
N PHE A 18 -7.80 -5.91 -3.47
CA PHE A 18 -7.44 -4.65 -4.12
C PHE A 18 -7.38 -3.51 -3.11
N VAL A 19 -6.32 -2.73 -3.17
CA VAL A 19 -6.14 -1.60 -2.26
C VAL A 19 -6.17 -0.28 -3.02
N GLY A 20 -5.27 -0.13 -3.99
CA GLY A 20 -5.22 1.08 -4.77
C GLY A 20 -4.04 1.11 -5.72
N ARG A 21 -4.32 1.31 -7.00
CA ARG A 21 -3.27 1.35 -8.02
C ARG A 21 -2.16 2.32 -7.61
N ILE A 22 -1.05 1.76 -7.12
CA ILE A 22 0.08 2.58 -6.70
C ILE A 22 0.68 3.34 -7.87
N ALA A 23 0.81 2.65 -9.01
CA ALA A 23 1.37 3.27 -10.21
C ALA A 23 0.42 4.30 -10.78
N GLN A 24 -0.84 3.93 -10.94
CA GLN A 24 -1.85 4.84 -11.49
C GLN A 24 -1.91 6.12 -10.68
N ASP A 25 -1.83 5.99 -9.36
CA ASP A 25 -1.89 7.15 -8.47
C ASP A 25 -0.56 7.91 -8.50
N LEU A 26 0.53 7.21 -8.78
CA LEU A 26 1.85 7.82 -8.84
C LEU A 26 2.00 8.65 -10.11
N GLY A 27 1.47 8.13 -11.22
CA GLY A 27 1.56 8.84 -12.48
C GLY A 27 2.80 8.47 -13.27
N LEU A 28 3.07 7.17 -13.37
CA LEU A 28 4.23 6.68 -14.10
C LEU A 28 3.84 5.61 -15.10
N GLU A 29 4.84 5.00 -15.75
CA GLU A 29 4.59 3.96 -16.73
C GLU A 29 4.77 2.57 -16.11
N LEU A 30 3.87 1.66 -16.46
CA LEU A 30 3.93 0.30 -15.95
C LEU A 30 5.24 -0.37 -16.33
N THR A 31 5.83 0.06 -17.43
CA THR A 31 7.09 -0.49 -17.90
C THR A 31 8.28 0.35 -17.43
N GLU A 32 7.99 1.38 -16.64
CA GLU A 32 9.02 2.26 -16.13
C GLU A 32 9.43 1.85 -14.71
N LEU A 33 8.54 1.13 -14.03
CA LEU A 33 8.81 0.68 -12.67
C LEU A 33 9.94 -0.34 -12.65
N VAL A 34 9.93 -1.27 -13.60
CA VAL A 34 10.95 -2.30 -13.69
C VAL A 34 12.35 -1.67 -13.71
N PRO A 35 12.60 -0.80 -14.70
CA PRO A 35 13.88 -0.13 -14.85
C PRO A 35 14.13 0.90 -13.74
N ARG A 36 13.07 1.28 -13.03
CA ARG A 36 13.17 2.24 -11.95
C ARG A 36 13.47 1.55 -10.63
N LEU A 37 13.78 0.26 -10.70
CA LEU A 37 14.10 -0.51 -9.51
C LEU A 37 13.07 -0.26 -8.40
N PHE A 38 11.80 -0.48 -8.72
CA PHE A 38 10.72 -0.28 -7.76
C PHE A 38 10.91 -1.17 -6.54
N ARG A 39 10.62 -0.63 -5.37
CA ARG A 39 10.76 -1.37 -4.12
C ARG A 39 9.76 -0.88 -3.08
N VAL A 40 9.28 -1.81 -2.25
CA VAL A 40 8.31 -1.47 -1.22
C VAL A 40 8.82 -1.87 0.17
N ALA A 41 8.63 -0.98 1.13
CA ALA A 41 9.08 -1.24 2.50
C ALA A 41 8.29 -0.40 3.50
N SER A 42 8.42 -0.72 4.78
CA SER A 42 7.72 0.00 5.83
C SER A 42 8.55 0.03 7.11
N LYS A 43 8.27 1.00 7.97
CA LYS A 43 8.99 1.14 9.23
C LYS A 43 8.40 0.22 10.30
N ASP A 44 7.15 -0.18 10.10
CA ASP A 44 6.47 -1.06 11.05
C ASP A 44 7.05 -2.47 10.97
N ARG A 45 6.63 -3.23 9.96
CA ARG A 45 7.10 -4.59 9.77
C ARG A 45 7.75 -4.76 8.40
N GLY A 46 7.46 -3.83 7.50
CA GLY A 46 8.03 -3.90 6.16
C GLY A 46 7.38 -4.96 5.30
N ASP A 47 6.36 -5.63 5.85
CA ASP A 47 5.65 -6.68 5.13
C ASP A 47 4.15 -6.53 5.33
N LEU A 48 3.58 -5.47 4.77
CA LEU A 48 2.14 -5.23 4.88
C LEU A 48 1.45 -5.50 3.56
N LEU A 49 2.04 -5.03 2.46
CA LEU A 49 1.47 -5.23 1.14
C LEU A 49 2.55 -5.20 0.07
N GLU A 50 2.16 -5.45 -1.18
CA GLU A 50 3.10 -5.45 -2.29
C GLU A 50 2.40 -5.12 -3.60
N VAL A 51 3.11 -4.43 -4.49
CA VAL A 51 2.55 -4.06 -5.79
C VAL A 51 2.89 -5.10 -6.85
N ASN A 52 1.90 -5.42 -7.69
CA ASN A 52 2.09 -6.40 -8.75
C ASN A 52 2.22 -5.72 -10.10
N LEU A 53 3.40 -5.82 -10.70
CA LEU A 53 3.65 -5.21 -12.01
C LEU A 53 2.76 -5.82 -13.07
N GLN A 54 2.17 -6.97 -12.76
CA GLN A 54 1.29 -7.66 -13.70
C GLN A 54 0.22 -6.72 -14.23
N ASN A 55 -0.33 -5.90 -13.35
CA ASN A 55 -1.37 -4.95 -13.73
C ASN A 55 -1.22 -3.63 -12.97
N GLY A 56 -0.06 -3.45 -12.35
CA GLY A 56 0.20 -2.24 -11.60
C GLY A 56 -0.82 -2.01 -10.50
N ILE A 57 -1.31 -3.09 -9.92
CA ILE A 57 -2.31 -3.00 -8.85
C ILE A 57 -1.71 -3.42 -7.51
N LEU A 58 -2.29 -2.91 -6.43
CA LEU A 58 -1.83 -3.24 -5.09
C LEU A 58 -2.62 -4.40 -4.50
N PHE A 59 -1.91 -5.38 -3.99
CA PHE A 59 -2.55 -6.56 -3.38
C PHE A 59 -2.13 -6.72 -1.93
N VAL A 60 -3.09 -7.06 -1.08
CA VAL A 60 -2.82 -7.26 0.35
C VAL A 60 -1.82 -8.39 0.57
N ASN A 61 -0.96 -8.22 1.56
CA ASN A 61 0.05 -9.23 1.88
C ASN A 61 0.37 -9.23 3.37
N SER A 62 -0.68 -9.18 4.20
CA SER A 62 -0.51 -9.18 5.64
C SER A 62 -1.86 -9.30 6.34
N ARG A 63 -1.86 -9.09 7.66
CA ARG A 63 -3.08 -9.17 8.44
C ARG A 63 -3.73 -7.80 8.60
N ILE A 64 -4.97 -7.68 8.14
CA ILE A 64 -5.70 -6.43 8.23
C ILE A 64 -6.80 -6.50 9.28
N ASP A 65 -7.18 -7.73 9.65
CA ASP A 65 -8.22 -7.94 10.64
C ASP A 65 -7.98 -7.06 11.88
N ARG A 66 -9.06 -6.47 12.39
CA ARG A 66 -8.96 -5.61 13.57
C ARG A 66 -8.26 -6.34 14.71
N GLU A 67 -8.29 -7.66 14.69
CA GLU A 67 -7.65 -8.47 15.72
C GLU A 67 -6.13 -8.31 15.68
N GLU A 68 -5.54 -8.62 14.52
CA GLU A 68 -4.10 -8.51 14.35
C GLU A 68 -3.70 -7.07 14.03
N LEU A 69 -4.36 -6.48 13.06
CA LEU A 69 -4.07 -5.10 12.66
C LEU A 69 -3.95 -4.20 13.88
N CYS A 70 -5.09 -3.92 14.51
CA CYS A 70 -5.12 -3.06 15.70
C CYS A 70 -6.42 -3.24 16.47
N GLY A 71 -7.55 -3.02 15.78
CA GLY A 71 -8.84 -3.16 16.41
C GLY A 71 -9.04 -2.18 17.55
N ARG A 72 -8.18 -1.17 17.63
CA ARG A 72 -8.26 -0.17 18.68
C ARG A 72 -9.46 0.75 18.46
N SER A 73 -9.32 1.66 17.49
CA SER A 73 -10.39 2.61 17.18
C SER A 73 -11.23 2.11 16.00
N ALA A 74 -12.34 2.80 15.75
CA ALA A 74 -13.22 2.44 14.65
C ALA A 74 -12.45 2.38 13.33
N GLU A 75 -11.35 3.12 13.25
CA GLU A 75 -10.54 3.15 12.05
C GLU A 75 -9.06 2.91 12.38
N CYS A 76 -8.23 2.86 11.35
CA CYS A 76 -6.80 2.63 11.52
C CYS A 76 -6.01 3.11 10.31
N SER A 77 -5.03 3.97 10.55
CA SER A 77 -4.20 4.51 9.47
C SER A 77 -2.89 3.74 9.36
N ILE A 78 -2.37 3.64 8.15
CA ILE A 78 -1.10 2.94 7.91
C ILE A 78 -0.18 3.77 7.02
N HIS A 79 1.11 3.75 7.34
CA HIS A 79 2.10 4.49 6.56
C HIS A 79 3.08 3.53 5.88
N LEU A 80 3.46 3.87 4.66
CA LEU A 80 4.39 3.05 3.90
C LEU A 80 5.33 3.92 3.06
N GLU A 81 6.49 3.36 2.72
CA GLU A 81 7.48 4.08 1.93
C GLU A 81 7.96 3.23 0.76
N VAL A 82 7.73 3.72 -0.45
CA VAL A 82 8.15 3.01 -1.66
C VAL A 82 9.52 3.47 -2.12
N ILE A 83 10.53 2.62 -1.95
CA ILE A 83 11.88 2.95 -2.36
C ILE A 83 12.08 2.71 -3.85
N VAL A 84 12.37 3.77 -4.58
CA VAL A 84 12.59 3.67 -6.02
C VAL A 84 14.02 4.08 -6.38
N ASP A 85 14.70 3.19 -7.11
CA ASP A 85 16.07 3.46 -7.53
C ASP A 85 16.12 3.92 -8.98
N ARG A 86 16.56 5.15 -9.19
CA ARG A 86 16.65 5.72 -10.53
C ARG A 86 15.26 5.91 -11.14
N PRO A 87 14.64 7.06 -10.82
CA PRO A 87 15.25 8.09 -9.96
C PRO A 87 15.35 7.63 -8.51
N LEU A 88 16.24 8.27 -7.76
CA LEU A 88 16.43 7.93 -6.35
C LEU A 88 15.53 8.78 -5.46
N GLN A 89 14.54 8.14 -4.84
CA GLN A 89 13.60 8.84 -3.97
C GLN A 89 12.58 7.87 -3.37
N VAL A 90 11.64 8.42 -2.61
CA VAL A 90 10.60 7.60 -2.00
C VAL A 90 9.22 8.17 -2.28
N PHE A 91 8.20 7.31 -2.21
CA PHE A 91 6.83 7.73 -2.46
C PHE A 91 5.98 7.58 -1.20
N HIS A 92 5.31 8.65 -0.81
CA HIS A 92 4.46 8.64 0.38
C HIS A 92 3.20 7.83 0.14
N VAL A 93 3.04 6.74 0.88
CA VAL A 93 1.88 5.88 0.75
C VAL A 93 1.15 5.72 2.07
N GLU A 94 -0.16 5.96 2.07
CA GLU A 94 -0.96 5.86 3.28
C GLU A 94 -2.26 5.11 2.99
N VAL A 95 -2.39 3.91 3.56
CA VAL A 95 -3.58 3.09 3.38
C VAL A 95 -4.41 3.04 4.65
N GLU A 96 -5.72 3.26 4.50
CA GLU A 96 -6.63 3.23 5.64
C GLU A 96 -7.59 2.06 5.54
N VAL A 97 -8.10 1.62 6.69
CA VAL A 97 -9.04 0.50 6.73
C VAL A 97 -10.44 0.95 6.35
N ARG A 98 -11.22 0.02 5.81
CA ARG A 98 -12.59 0.32 5.40
C ARG A 98 -13.56 -0.69 5.99
N ASP A 99 -14.21 -0.31 7.09
CA ASP A 99 -15.17 -1.18 7.76
C ASP A 99 -15.65 -0.55 9.06
N ILE A 100 -16.46 -1.30 9.82
CA ILE A 100 -16.99 -0.82 11.08
C ILE A 100 -16.23 -1.42 12.26
N ASN A 101 -16.27 -0.72 13.39
CA ASN A 101 -15.58 -1.18 14.59
C ASN A 101 -16.25 -2.44 15.15
N ASP A 102 -17.58 -2.43 15.18
CA ASP A 102 -18.34 -3.56 15.70
C ASP A 102 -17.94 -4.85 14.98
N ASN A 103 -17.49 -4.71 13.74
CA ASN A 103 -17.08 -5.86 12.94
C ASN A 103 -16.55 -5.43 11.57
N GLY A 1 6.74 14.08 -9.76
CA GLY A 1 6.64 12.93 -8.87
C GLY A 1 5.69 13.18 -7.72
N ASN A 2 4.78 12.24 -7.50
CA ASN A 2 3.80 12.36 -6.41
C ASN A 2 4.36 11.80 -5.11
N SER A 3 4.14 12.53 -4.02
CA SER A 3 4.62 12.11 -2.71
C SER A 3 3.45 11.78 -1.79
N GLN A 4 2.40 12.57 -1.86
CA GLN A 4 1.22 12.36 -1.03
C GLN A 4 0.18 11.52 -1.76
N ILE A 5 0.03 10.26 -1.33
CA ILE A 5 -0.92 9.35 -1.95
C ILE A 5 -1.57 8.45 -0.90
N HIS A 6 -2.86 8.17 -1.08
CA HIS A 6 -3.59 7.31 -0.16
C HIS A 6 -4.52 6.36 -0.91
N TYR A 7 -4.78 5.20 -0.32
CA TYR A 7 -5.65 4.20 -0.94
C TYR A 7 -6.74 3.76 0.03
N SER A 8 -7.74 3.06 -0.51
CA SER A 8 -8.85 2.59 0.31
C SER A 8 -8.91 1.05 0.31
N ILE A 9 -8.79 0.47 1.50
CA ILE A 9 -8.82 -0.98 1.64
C ILE A 9 -9.75 -1.40 2.78
N PRO A 10 -10.65 -2.34 2.49
CA PRO A 10 -11.61 -2.86 3.47
C PRO A 10 -10.93 -3.70 4.55
N GLU A 11 -11.26 -3.40 5.81
CA GLU A 11 -10.68 -4.13 6.93
C GLU A 11 -10.78 -5.64 6.71
N GLU A 12 -9.87 -6.39 7.34
CA GLU A 12 -9.88 -7.84 7.22
C GLU A 12 -9.66 -8.26 5.77
N ALA A 13 -9.09 -7.36 4.98
CA ALA A 13 -8.82 -7.63 3.56
C ALA A 13 -7.84 -8.78 3.41
N LYS A 14 -8.32 -9.89 2.85
CA LYS A 14 -7.48 -11.07 2.63
C LYS A 14 -6.33 -10.75 1.67
N HIS A 15 -5.29 -11.57 1.71
CA HIS A 15 -4.13 -11.38 0.85
C HIS A 15 -4.55 -11.39 -0.62
N GLY A 16 -4.24 -10.30 -1.32
CA GLY A 16 -4.59 -10.20 -2.72
C GLY A 16 -5.80 -9.31 -2.95
N THR A 17 -6.25 -8.63 -1.91
CA THR A 17 -7.40 -7.74 -2.00
C THR A 17 -7.01 -6.40 -2.58
N PHE A 18 -7.90 -5.82 -3.39
CA PHE A 18 -7.64 -4.53 -4.01
C PHE A 18 -7.49 -3.43 -2.96
N VAL A 19 -6.61 -2.48 -3.23
CA VAL A 19 -6.36 -1.38 -2.31
C VAL A 19 -6.41 -0.04 -3.03
N GLY A 20 -5.70 0.04 -4.15
CA GLY A 20 -5.68 1.28 -4.92
C GLY A 20 -4.50 1.35 -5.88
N ARG A 21 -4.78 1.67 -7.14
CA ARG A 21 -3.75 1.77 -8.15
C ARG A 21 -2.57 2.59 -7.65
N ILE A 22 -1.51 1.90 -7.23
CA ILE A 22 -0.32 2.57 -6.72
C ILE A 22 0.43 3.28 -7.84
N ALA A 23 0.52 2.60 -8.99
CA ALA A 23 1.22 3.18 -10.15
C ALA A 23 0.45 4.34 -10.74
N GLN A 24 -0.85 4.13 -10.97
CA GLN A 24 -1.71 5.17 -11.53
C GLN A 24 -1.62 6.45 -10.70
N ASP A 25 -1.59 6.29 -9.38
CA ASP A 25 -1.51 7.43 -8.47
C ASP A 25 -0.10 8.03 -8.46
N LEU A 26 0.90 7.18 -8.68
CA LEU A 26 2.28 7.63 -8.70
C LEU A 26 2.57 8.43 -9.96
N GLY A 27 2.02 8.00 -11.08
CA GLY A 27 2.23 8.70 -12.34
C GLY A 27 3.45 8.19 -13.09
N LEU A 28 3.56 6.86 -13.19
CA LEU A 28 4.69 6.24 -13.88
C LEU A 28 4.20 5.15 -14.83
N GLU A 29 5.14 4.44 -15.42
CA GLU A 29 4.82 3.36 -16.36
C GLU A 29 4.96 2.00 -15.69
N LEU A 30 4.12 1.06 -16.09
CA LEU A 30 4.16 -0.29 -15.52
C LEU A 30 5.41 -1.03 -15.98
N THR A 31 5.92 -0.65 -17.15
CA THR A 31 7.11 -1.28 -17.70
C THR A 31 8.37 -0.48 -17.35
N GLU A 32 8.19 0.58 -16.57
CA GLU A 32 9.31 1.42 -16.17
C GLU A 32 9.73 1.12 -14.73
N LEU A 33 8.88 0.37 -14.01
CA LEU A 33 9.15 0.01 -12.64
C LEU A 33 10.36 -0.92 -12.55
N VAL A 34 10.43 -1.90 -13.44
CA VAL A 34 11.53 -2.85 -13.47
C VAL A 34 12.87 -2.14 -13.49
N PRO A 35 13.08 -1.29 -14.51
CA PRO A 35 14.31 -0.52 -14.67
C PRO A 35 14.47 0.56 -13.61
N ARG A 36 13.37 0.89 -12.95
CA ARG A 36 13.38 1.92 -11.91
C ARG A 36 13.67 1.30 -10.54
N LEU A 37 14.00 0.02 -10.54
CA LEU A 37 14.30 -0.68 -9.29
C LEU A 37 13.25 -0.40 -8.23
N PHE A 38 11.99 -0.67 -8.56
CA PHE A 38 10.89 -0.45 -7.64
C PHE A 38 11.08 -1.23 -6.34
N ARG A 39 10.83 -0.59 -5.22
CA ARG A 39 10.99 -1.23 -3.91
C ARG A 39 9.94 -0.71 -2.93
N VAL A 40 9.43 -1.60 -2.09
CA VAL A 40 8.43 -1.24 -1.10
C VAL A 40 8.92 -1.52 0.32
N ALA A 41 8.68 -0.58 1.22
CA ALA A 41 9.10 -0.73 2.61
C ALA A 41 8.10 -0.08 3.56
N SER A 42 8.19 -0.43 4.84
CA SER A 42 7.29 0.11 5.85
C SER A 42 7.94 0.11 7.23
N LYS A 43 7.45 0.96 8.11
CA LYS A 43 7.99 1.05 9.47
C LYS A 43 7.33 0.01 10.38
N ASP A 44 6.03 -0.15 10.24
CA ASP A 44 5.28 -1.11 11.04
C ASP A 44 5.93 -2.49 10.99
N ARG A 45 5.73 -3.20 9.88
CA ARG A 45 6.29 -4.52 9.71
C ARG A 45 7.21 -4.57 8.49
N GLY A 46 7.07 -3.58 7.61
CA GLY A 46 7.90 -3.53 6.42
C GLY A 46 7.29 -4.29 5.26
N ASP A 47 6.29 -5.12 5.56
CA ASP A 47 5.63 -5.91 4.53
C ASP A 47 4.11 -5.87 4.71
N LEU A 48 3.52 -4.70 4.50
CA LEU A 48 2.08 -4.54 4.64
C LEU A 48 1.36 -4.89 3.35
N LEU A 49 1.90 -4.41 2.22
CA LEU A 49 1.30 -4.69 0.92
C LEU A 49 2.39 -4.86 -0.15
N GLU A 50 1.96 -5.07 -1.39
CA GLU A 50 2.89 -5.26 -2.49
C GLU A 50 2.25 -4.86 -3.81
N VAL A 51 3.04 -4.23 -4.68
CA VAL A 51 2.54 -3.80 -5.99
C VAL A 51 2.84 -4.84 -7.06
N ASN A 52 1.92 -5.00 -8.00
CA ASN A 52 2.08 -5.96 -9.08
C ASN A 52 2.57 -5.27 -10.35
N LEU A 53 3.73 -5.71 -10.85
CA LEU A 53 4.30 -5.13 -12.05
C LEU A 53 3.50 -5.54 -13.29
N GLN A 54 2.54 -6.46 -13.10
CA GLN A 54 1.71 -6.93 -14.19
C GLN A 54 0.83 -5.81 -14.73
N ASN A 55 -0.02 -5.27 -13.85
CA ASN A 55 -0.92 -4.19 -14.24
C ASN A 55 -0.62 -2.92 -13.45
N GLY A 56 -0.04 -3.09 -12.27
CA GLY A 56 0.29 -1.95 -11.43
C GLY A 56 -0.61 -1.84 -10.22
N ILE A 57 -1.74 -2.53 -10.26
CA ILE A 57 -2.70 -2.50 -9.16
C ILE A 57 -2.04 -2.90 -7.84
N LEU A 58 -2.52 -2.34 -6.74
CA LEU A 58 -1.98 -2.64 -5.43
C LEU A 58 -2.81 -3.71 -4.72
N PHE A 59 -2.16 -4.81 -4.34
CA PHE A 59 -2.84 -5.90 -3.66
C PHE A 59 -2.35 -6.04 -2.22
N VAL A 60 -3.15 -6.68 -1.38
CA VAL A 60 -2.80 -6.88 0.03
C VAL A 60 -1.65 -7.88 0.17
N ASN A 61 -0.78 -7.62 1.13
CA ASN A 61 0.36 -8.51 1.37
C ASN A 61 0.69 -8.56 2.86
N SER A 62 -0.34 -8.63 3.69
CA SER A 62 -0.17 -8.69 5.14
C SER A 62 -1.51 -8.87 5.84
N ARG A 63 -1.51 -8.72 7.17
CA ARG A 63 -2.72 -8.87 7.96
C ARG A 63 -3.37 -7.52 8.21
N ILE A 64 -4.61 -7.36 7.75
CA ILE A 64 -5.35 -6.12 7.93
C ILE A 64 -6.46 -6.28 8.94
N ASP A 65 -6.85 -7.53 9.20
CA ASP A 65 -7.91 -7.82 10.16
C ASP A 65 -7.72 -7.01 11.45
N ARG A 66 -8.82 -6.53 12.00
CA ARG A 66 -8.77 -5.75 13.23
C ARG A 66 -7.97 -6.48 14.32
N GLU A 67 -7.95 -7.80 14.23
CA GLU A 67 -7.23 -8.62 15.21
C GLU A 67 -5.73 -8.41 15.07
N GLU A 68 -5.23 -8.47 13.84
CA GLU A 68 -3.80 -8.29 13.58
C GLU A 68 -3.45 -6.80 13.51
N LEU A 69 -4.13 -6.07 12.64
CA LEU A 69 -3.88 -4.65 12.48
C LEU A 69 -3.83 -3.94 13.83
N CYS A 70 -5.01 -3.76 14.43
CA CYS A 70 -5.09 -3.10 15.73
C CYS A 70 -6.43 -3.42 16.40
N GLY A 71 -7.52 -3.16 15.69
CA GLY A 71 -8.84 -3.43 16.23
C GLY A 71 -9.16 -2.55 17.42
N ARG A 72 -8.36 -1.51 17.62
CA ARG A 72 -8.55 -0.60 18.74
C ARG A 72 -9.64 0.44 18.41
N SER A 73 -9.27 1.40 17.57
CA SER A 73 -10.20 2.45 17.18
C SER A 73 -11.08 2.00 16.01
N ALA A 74 -12.24 2.63 15.86
CA ALA A 74 -13.16 2.29 14.79
C ALA A 74 -12.48 2.42 13.43
N GLU A 75 -11.45 3.24 13.36
CA GLU A 75 -10.72 3.46 12.11
C GLU A 75 -9.22 3.51 12.37
N CYS A 76 -8.48 2.65 11.68
CA CYS A 76 -7.03 2.59 11.83
C CYS A 76 -6.33 3.07 10.56
N SER A 77 -5.25 3.84 10.72
CA SER A 77 -4.50 4.36 9.60
C SER A 77 -3.20 3.60 9.40
N ILE A 78 -2.71 3.55 8.17
CA ILE A 78 -1.47 2.85 7.85
C ILE A 78 -0.55 3.72 7.00
N HIS A 79 0.73 3.72 7.33
CA HIS A 79 1.71 4.50 6.60
C HIS A 79 2.71 3.59 5.88
N LEU A 80 3.09 3.97 4.67
CA LEU A 80 4.04 3.19 3.88
C LEU A 80 4.92 4.09 3.04
N GLU A 81 6.10 3.60 2.68
CA GLU A 81 7.04 4.37 1.87
C GLU A 81 7.62 3.50 0.75
N VAL A 82 7.28 3.86 -0.49
CA VAL A 82 7.77 3.12 -1.65
C VAL A 82 9.06 3.72 -2.19
N ILE A 83 10.18 3.03 -1.95
CA ILE A 83 11.48 3.50 -2.41
C ILE A 83 11.74 3.07 -3.85
N VAL A 84 12.27 3.99 -4.65
CA VAL A 84 12.57 3.71 -6.04
C VAL A 84 14.00 4.09 -6.38
N ASP A 85 14.71 3.20 -7.07
CA ASP A 85 16.09 3.45 -7.46
C ASP A 85 16.18 3.85 -8.92
N ARG A 86 16.57 5.10 -9.17
CA ARG A 86 16.70 5.60 -10.53
C ARG A 86 15.33 5.72 -11.19
N PRO A 87 14.65 6.86 -10.95
CA PRO A 87 15.19 7.94 -10.11
C PRO A 87 15.24 7.54 -8.64
N LEU A 88 16.09 8.23 -7.87
CA LEU A 88 16.23 7.95 -6.45
C LEU A 88 15.27 8.79 -5.63
N GLN A 89 14.30 8.14 -5.01
CA GLN A 89 13.30 8.83 -4.19
C GLN A 89 12.31 7.84 -3.60
N VAL A 90 11.46 8.34 -2.69
CA VAL A 90 10.45 7.50 -2.05
C VAL A 90 9.07 8.14 -2.14
N PHE A 91 8.04 7.29 -2.16
CA PHE A 91 6.66 7.76 -2.24
C PHE A 91 5.91 7.49 -0.95
N HIS A 92 5.27 8.52 -0.41
CA HIS A 92 4.52 8.40 0.83
C HIS A 92 3.12 7.86 0.56
N VAL A 93 2.85 6.66 1.07
CA VAL A 93 1.54 6.02 0.88
C VAL A 93 0.79 5.90 2.21
N GLU A 94 -0.50 6.17 2.16
CA GLU A 94 -1.34 6.09 3.37
C GLU A 94 -2.66 5.38 3.07
N VAL A 95 -2.76 4.13 3.54
CA VAL A 95 -3.97 3.35 3.32
C VAL A 95 -4.79 3.23 4.60
N GLU A 96 -6.09 3.50 4.49
CA GLU A 96 -6.98 3.44 5.63
C GLU A 96 -7.86 2.19 5.57
N VAL A 97 -8.31 1.73 6.73
CA VAL A 97 -9.16 0.55 6.82
C VAL A 97 -10.61 0.93 7.07
N ARG A 98 -11.50 0.40 6.25
CA ARG A 98 -12.93 0.67 6.37
C ARG A 98 -13.61 -0.38 7.26
N ASP A 99 -14.10 0.05 8.42
CA ASP A 99 -14.76 -0.85 9.34
C ASP A 99 -15.32 -0.08 10.54
N ILE A 100 -15.86 -0.81 11.51
CA ILE A 100 -16.43 -0.20 12.70
C ILE A 100 -15.85 -0.83 13.97
N ASN A 101 -15.89 -0.09 15.07
CA ASN A 101 -15.38 -0.57 16.34
C ASN A 101 -16.37 -1.52 17.00
N ASP A 102 -17.65 -1.20 16.91
CA ASP A 102 -18.70 -2.03 17.48
C ASP A 102 -18.58 -3.48 16.99
N ASN A 103 -18.04 -3.65 15.79
CA ASN A 103 -17.88 -4.97 15.20
C ASN A 103 -19.19 -5.74 15.23
N GLY A 1 7.69 15.52 -6.62
CA GLY A 1 6.42 15.53 -7.34
C GLY A 1 5.63 14.27 -7.11
N ASN A 2 4.35 14.42 -6.75
CA ASN A 2 3.48 13.28 -6.51
C ASN A 2 4.06 12.37 -5.43
N SER A 3 4.00 12.83 -4.18
CA SER A 3 4.52 12.07 -3.06
C SER A 3 3.41 11.68 -2.09
N GLN A 4 2.35 12.50 -2.05
CA GLN A 4 1.22 12.25 -1.17
C GLN A 4 0.18 11.38 -1.86
N ILE A 5 0.05 10.14 -1.39
CA ILE A 5 -0.91 9.20 -1.96
C ILE A 5 -1.52 8.31 -0.87
N HIS A 6 -2.80 8.01 -1.03
CA HIS A 6 -3.50 7.17 -0.06
C HIS A 6 -4.43 6.19 -0.77
N TYR A 7 -4.66 5.04 -0.15
CA TYR A 7 -5.53 4.02 -0.73
C TYR A 7 -6.62 3.60 0.27
N SER A 8 -7.60 2.85 -0.21
CA SER A 8 -8.69 2.39 0.62
C SER A 8 -8.80 0.86 0.60
N ILE A 9 -8.81 0.26 1.78
CA ILE A 9 -8.91 -1.19 1.90
C ILE A 9 -9.66 -1.59 3.18
N PRO A 10 -10.83 -2.22 3.01
CA PRO A 10 -11.65 -2.66 4.14
C PRO A 10 -11.01 -3.83 4.89
N GLU A 11 -11.16 -3.82 6.22
CA GLU A 11 -10.60 -4.89 7.05
C GLU A 11 -10.96 -6.26 6.49
N GLU A 12 -10.29 -7.29 7.00
CA GLU A 12 -10.54 -8.65 6.55
C GLU A 12 -10.12 -8.84 5.10
N ALA A 13 -9.15 -8.05 4.67
CA ALA A 13 -8.65 -8.12 3.30
C ALA A 13 -7.60 -9.21 3.15
N LYS A 14 -8.01 -10.35 2.56
CA LYS A 14 -7.11 -11.47 2.36
C LYS A 14 -6.00 -11.11 1.37
N HIS A 15 -4.90 -11.84 1.43
CA HIS A 15 -3.77 -11.60 0.54
C HIS A 15 -4.23 -11.56 -0.92
N GLY A 16 -4.02 -10.42 -1.57
CA GLY A 16 -4.42 -10.28 -2.96
C GLY A 16 -5.64 -9.40 -3.13
N THR A 17 -6.06 -8.77 -2.03
CA THR A 17 -7.23 -7.90 -2.06
C THR A 17 -6.87 -6.52 -2.61
N PHE A 18 -7.80 -5.94 -3.38
CA PHE A 18 -7.58 -4.62 -3.97
C PHE A 18 -7.36 -3.56 -2.89
N VAL A 19 -6.47 -2.62 -3.17
CA VAL A 19 -6.16 -1.55 -2.22
C VAL A 19 -6.21 -0.19 -2.89
N GLY A 20 -5.44 -0.04 -3.97
CA GLY A 20 -5.42 1.23 -4.69
C GLY A 20 -4.28 1.29 -5.70
N ARG A 21 -4.61 1.69 -6.92
CA ARG A 21 -3.62 1.78 -7.98
C ARG A 21 -2.39 2.58 -7.51
N ILE A 22 -1.33 1.86 -7.16
CA ILE A 22 -0.11 2.49 -6.69
C ILE A 22 0.65 3.15 -7.83
N ALA A 23 0.69 2.48 -8.97
CA ALA A 23 1.37 3.00 -10.15
C ALA A 23 0.61 4.19 -10.74
N GLN A 24 -0.68 3.99 -10.99
CA GLN A 24 -1.52 5.03 -11.56
C GLN A 24 -1.45 6.30 -10.72
N ASP A 25 -1.42 6.14 -9.40
CA ASP A 25 -1.36 7.27 -8.48
C ASP A 25 0.05 7.86 -8.47
N LEU A 26 1.04 7.04 -8.79
CA LEU A 26 2.42 7.49 -8.81
C LEU A 26 2.72 8.30 -10.07
N GLY A 27 2.17 7.85 -11.19
CA GLY A 27 2.37 8.55 -12.44
C GLY A 27 3.56 8.01 -13.21
N LEU A 28 3.67 6.69 -13.28
CA LEU A 28 4.77 6.05 -13.99
C LEU A 28 4.25 4.96 -14.94
N GLU A 29 5.17 4.21 -15.54
CA GLU A 29 4.80 3.15 -16.47
C GLU A 29 4.94 1.79 -15.80
N LEU A 30 4.07 0.85 -16.19
CA LEU A 30 4.09 -0.49 -15.63
C LEU A 30 5.33 -1.26 -16.09
N THR A 31 5.84 -0.89 -17.26
CA THR A 31 7.03 -1.54 -17.81
C THR A 31 8.29 -0.76 -17.46
N GLU A 32 8.13 0.31 -16.69
CA GLU A 32 9.27 1.14 -16.28
C GLU A 32 9.65 0.86 -14.84
N LEU A 33 8.80 0.10 -14.14
CA LEU A 33 9.06 -0.24 -12.75
C LEU A 33 10.29 -1.14 -12.62
N VAL A 34 10.39 -2.12 -13.51
CA VAL A 34 11.52 -3.04 -13.50
C VAL A 34 12.85 -2.29 -13.49
N PRO A 35 13.06 -1.46 -14.52
CA PRO A 35 14.28 -0.67 -14.66
C PRO A 35 14.38 0.44 -13.62
N ARG A 36 13.25 0.75 -12.98
CA ARG A 36 13.22 1.78 -11.95
C ARG A 36 13.53 1.20 -10.58
N LEU A 37 13.91 -0.07 -10.55
CA LEU A 37 14.24 -0.74 -9.30
C LEU A 37 13.17 -0.47 -8.24
N PHE A 38 11.92 -0.78 -8.58
CA PHE A 38 10.81 -0.58 -7.66
C PHE A 38 10.97 -1.43 -6.40
N ARG A 39 10.78 -0.82 -5.24
CA ARG A 39 10.91 -1.53 -3.97
C ARG A 39 9.94 -0.96 -2.94
N VAL A 40 9.30 -1.84 -2.18
CA VAL A 40 8.35 -1.43 -1.15
C VAL A 40 8.97 -1.55 0.23
N ALA A 41 8.73 -0.53 1.06
CA ALA A 41 9.25 -0.53 2.42
C ALA A 41 8.27 0.12 3.39
N SER A 42 8.40 -0.22 4.67
CA SER A 42 7.51 0.33 5.69
C SER A 42 8.28 0.57 7.00
N LYS A 43 7.75 1.46 7.83
CA LYS A 43 8.37 1.77 9.11
C LYS A 43 7.72 0.99 10.25
N ASP A 44 6.99 -0.06 9.88
CA ASP A 44 6.31 -0.89 10.87
C ASP A 44 6.86 -2.32 10.85
N ARG A 45 6.45 -3.09 9.84
CA ARG A 45 6.90 -4.47 9.70
C ARG A 45 7.65 -4.66 8.39
N GLY A 46 7.47 -3.73 7.46
CA GLY A 46 8.15 -3.82 6.19
C GLY A 46 7.42 -4.72 5.20
N ASP A 47 6.37 -5.37 5.68
CA ASP A 47 5.58 -6.27 4.83
C ASP A 47 4.09 -6.04 5.04
N LEU A 48 3.61 -4.87 4.63
CA LEU A 48 2.20 -4.54 4.77
C LEU A 48 1.44 -4.79 3.47
N LEU A 49 2.03 -4.39 2.35
CA LEU A 49 1.42 -4.58 1.05
C LEU A 49 2.48 -4.77 -0.03
N GLU A 50 2.03 -5.01 -1.27
CA GLU A 50 2.94 -5.21 -2.38
C GLU A 50 2.29 -4.79 -3.70
N VAL A 51 3.11 -4.34 -4.64
CA VAL A 51 2.62 -3.91 -5.94
C VAL A 51 2.87 -4.98 -7.00
N ASN A 52 1.93 -5.12 -7.93
CA ASN A 52 2.04 -6.10 -9.00
C ASN A 52 2.52 -5.45 -10.29
N LEU A 53 3.66 -5.91 -10.80
CA LEU A 53 4.23 -5.36 -12.02
C LEU A 53 3.42 -5.79 -13.24
N GLN A 54 2.45 -6.68 -13.02
CA GLN A 54 1.61 -7.18 -14.09
C GLN A 54 0.74 -6.06 -14.64
N ASN A 55 -0.11 -5.48 -13.79
CA ASN A 55 -1.00 -4.40 -14.20
C ASN A 55 -0.68 -3.12 -13.43
N GLY A 56 -0.07 -3.27 -12.25
CA GLY A 56 0.28 -2.12 -11.45
C GLY A 56 -0.61 -1.99 -10.22
N ILE A 57 -1.74 -2.67 -10.23
CA ILE A 57 -2.67 -2.64 -9.11
C ILE A 57 -1.98 -3.03 -7.80
N LEU A 58 -2.40 -2.40 -6.71
CA LEU A 58 -1.83 -2.69 -5.40
C LEU A 58 -2.68 -3.68 -4.63
N PHE A 59 -2.08 -4.79 -4.22
CA PHE A 59 -2.79 -5.82 -3.48
C PHE A 59 -2.31 -5.87 -2.03
N VAL A 60 -3.13 -6.47 -1.17
CA VAL A 60 -2.78 -6.58 0.25
C VAL A 60 -1.72 -7.65 0.47
N ASN A 61 -0.86 -7.42 1.46
CA ASN A 61 0.21 -8.36 1.77
C ASN A 61 0.48 -8.39 3.27
N SER A 62 -0.58 -8.45 4.06
CA SER A 62 -0.46 -8.50 5.51
C SER A 62 -1.82 -8.73 6.16
N ARG A 63 -1.87 -8.60 7.48
CA ARG A 63 -3.11 -8.81 8.23
C ARG A 63 -3.88 -7.49 8.37
N ILE A 64 -5.09 -7.47 7.81
CA ILE A 64 -5.92 -6.27 7.87
C ILE A 64 -7.10 -6.48 8.81
N ASP A 65 -7.39 -7.74 9.12
CA ASP A 65 -8.50 -8.07 10.02
C ASP A 65 -8.44 -7.22 11.28
N ARG A 66 -9.61 -6.77 11.73
CA ARG A 66 -9.70 -5.94 12.93
C ARG A 66 -8.94 -6.59 14.08
N GLU A 67 -8.91 -7.91 14.10
CA GLU A 67 -8.22 -8.65 15.16
C GLU A 67 -6.72 -8.40 15.09
N GLU A 68 -6.17 -8.43 13.89
CA GLU A 68 -4.74 -8.22 13.70
C GLU A 68 -4.41 -6.72 13.67
N LEU A 69 -5.06 -6.00 12.76
CA LEU A 69 -4.83 -4.57 12.63
C LEU A 69 -4.90 -3.88 13.99
N CYS A 70 -6.11 -3.77 14.53
CA CYS A 70 -6.32 -3.14 15.83
C CYS A 70 -7.68 -3.50 16.41
N GLY A 71 -8.74 -3.28 15.62
CA GLY A 71 -10.08 -3.60 16.07
C GLY A 71 -10.61 -2.57 17.05
N ARG A 72 -9.93 -2.42 18.19
CA ARG A 72 -10.35 -1.47 19.20
C ARG A 72 -10.58 -0.09 18.60
N SER A 73 -9.82 0.23 17.55
CA SER A 73 -9.94 1.51 16.89
C SER A 73 -10.73 1.39 15.59
N ALA A 74 -11.96 1.90 15.61
CA ALA A 74 -12.83 1.86 14.44
C ALA A 74 -12.12 2.39 13.21
N GLU A 75 -11.30 3.42 13.40
CA GLU A 75 -10.55 4.03 12.31
C GLU A 75 -9.05 3.91 12.53
N CYS A 76 -8.42 3.00 11.79
CA CYS A 76 -6.99 2.78 11.90
C CYS A 76 -6.26 3.24 10.64
N SER A 77 -5.23 4.07 10.82
CA SER A 77 -4.46 4.58 9.69
C SER A 77 -3.14 3.84 9.56
N ILE A 78 -2.67 3.69 8.33
CA ILE A 78 -1.41 3.00 8.07
C ILE A 78 -0.50 3.85 7.17
N HIS A 79 0.79 3.85 7.50
CA HIS A 79 1.77 4.62 6.73
C HIS A 79 2.76 3.69 6.04
N LEU A 80 3.14 4.04 4.81
CA LEU A 80 4.08 3.23 4.05
C LEU A 80 4.97 4.11 3.19
N GLU A 81 6.15 3.60 2.84
CA GLU A 81 7.10 4.34 2.02
C GLU A 81 7.65 3.46 0.91
N VAL A 82 7.32 3.80 -0.33
CA VAL A 82 7.78 3.05 -1.49
C VAL A 82 9.09 3.63 -2.04
N ILE A 83 10.18 2.90 -1.84
CA ILE A 83 11.49 3.34 -2.30
C ILE A 83 11.73 2.89 -3.74
N VAL A 84 12.21 3.81 -4.57
CA VAL A 84 12.49 3.50 -5.97
C VAL A 84 13.88 3.98 -6.37
N ASP A 85 14.58 3.15 -7.12
CA ASP A 85 15.94 3.47 -7.57
C ASP A 85 15.94 3.86 -9.04
N ARG A 86 16.25 5.11 -9.32
CA ARG A 86 16.29 5.61 -10.70
C ARG A 86 14.88 5.69 -11.28
N PRO A 87 14.19 6.82 -11.02
CA PRO A 87 14.75 7.91 -10.22
C PRO A 87 14.89 7.54 -8.75
N LEU A 88 15.76 8.26 -8.05
CA LEU A 88 15.99 8.01 -6.62
C LEU A 88 15.06 8.85 -5.77
N GLN A 89 14.10 8.20 -5.11
CA GLN A 89 13.16 8.89 -4.25
C GLN A 89 12.18 7.90 -3.61
N VAL A 90 11.27 8.43 -2.80
CA VAL A 90 10.28 7.60 -2.12
C VAL A 90 8.87 8.13 -2.34
N PHE A 91 7.89 7.26 -2.22
CA PHE A 91 6.49 7.65 -2.39
C PHE A 91 5.69 7.42 -1.12
N HIS A 92 5.18 8.51 -0.53
CA HIS A 92 4.41 8.42 0.69
C HIS A 92 3.05 7.78 0.44
N VAL A 93 2.81 6.65 1.08
CA VAL A 93 1.54 5.93 0.92
C VAL A 93 0.81 5.81 2.25
N GLU A 94 -0.51 6.05 2.21
CA GLU A 94 -1.32 5.98 3.42
C GLU A 94 -2.61 5.22 3.15
N VAL A 95 -2.71 4.00 3.70
CA VAL A 95 -3.89 3.17 3.52
C VAL A 95 -4.71 3.09 4.80
N GLU A 96 -6.01 3.33 4.68
CA GLU A 96 -6.91 3.29 5.83
C GLU A 96 -7.77 2.02 5.81
N VAL A 97 -8.22 1.60 6.98
CA VAL A 97 -9.05 0.41 7.10
C VAL A 97 -10.53 0.78 7.14
N ARG A 98 -11.29 0.26 6.17
CA ARG A 98 -12.72 0.53 6.10
C ARG A 98 -13.52 -0.56 6.81
N ASP A 99 -14.19 -0.18 7.89
CA ASP A 99 -15.00 -1.12 8.67
C ASP A 99 -15.67 -0.42 9.84
N ILE A 100 -16.42 -1.19 10.63
CA ILE A 100 -17.12 -0.64 11.78
C ILE A 100 -16.68 -1.33 13.07
N ASN A 101 -16.92 -0.68 14.21
CA ASN A 101 -16.56 -1.24 15.50
C ASN A 101 -17.63 -2.21 15.99
N ASP A 102 -18.86 -2.00 15.55
CA ASP A 102 -19.97 -2.86 15.94
C ASP A 102 -20.23 -3.94 14.89
N ASN A 103 -19.17 -4.32 14.18
CA ASN A 103 -19.29 -5.34 13.14
C ASN A 103 -19.91 -6.62 13.70
N GLY A 1 4.99 16.11 -8.86
CA GLY A 1 4.13 16.52 -7.76
C GLY A 1 3.26 15.38 -7.26
N ASN A 2 3.84 14.18 -7.23
CA ASN A 2 3.12 12.99 -6.76
C ASN A 2 3.89 12.30 -5.65
N SER A 3 3.82 12.86 -4.44
CA SER A 3 4.51 12.29 -3.30
C SER A 3 3.52 11.84 -2.23
N GLN A 4 2.38 12.52 -2.16
CA GLN A 4 1.34 12.19 -1.19
C GLN A 4 0.28 11.29 -1.82
N ILE A 5 0.35 9.99 -1.49
CA ILE A 5 -0.61 9.02 -2.02
C ILE A 5 -1.15 8.13 -0.90
N HIS A 6 -2.44 7.82 -0.98
CA HIS A 6 -3.08 6.98 0.02
C HIS A 6 -4.05 6.00 -0.64
N TYR A 7 -4.25 4.85 0.00
CA TYR A 7 -5.15 3.83 -0.53
C TYR A 7 -6.24 3.49 0.48
N SER A 8 -7.27 2.80 0.01
CA SER A 8 -8.39 2.42 0.88
C SER A 8 -8.53 0.90 0.94
N ILE A 9 -8.04 0.31 2.02
CA ILE A 9 -8.11 -1.13 2.21
C ILE A 9 -9.04 -1.51 3.36
N PRO A 10 -10.12 -2.24 3.04
CA PRO A 10 -11.10 -2.66 4.04
C PRO A 10 -10.55 -3.72 4.99
N GLU A 11 -10.83 -3.56 6.27
CA GLU A 11 -10.35 -4.50 7.28
C GLU A 11 -10.63 -5.94 6.86
N GLU A 12 -9.89 -6.88 7.44
CA GLU A 12 -10.05 -8.29 7.11
C GLU A 12 -9.68 -8.57 5.66
N ALA A 13 -8.92 -7.65 5.07
CA ALA A 13 -8.49 -7.79 3.69
C ALA A 13 -7.63 -9.03 3.50
N LYS A 14 -8.16 -10.03 2.81
CA LYS A 14 -7.44 -11.28 2.56
C LYS A 14 -6.24 -11.04 1.66
N HIS A 15 -5.32 -12.00 1.63
CA HIS A 15 -4.13 -11.89 0.80
C HIS A 15 -4.49 -11.74 -0.66
N GLY A 16 -4.13 -10.61 -1.25
CA GLY A 16 -4.44 -10.36 -2.65
C GLY A 16 -5.58 -9.37 -2.83
N THR A 17 -6.00 -8.76 -1.73
CA THR A 17 -7.09 -7.78 -1.78
C THR A 17 -6.63 -6.46 -2.38
N PHE A 18 -7.51 -5.83 -3.14
CA PHE A 18 -7.20 -4.55 -3.78
C PHE A 18 -7.14 -3.43 -2.75
N VAL A 19 -6.05 -2.68 -2.77
CA VAL A 19 -5.87 -1.57 -1.84
C VAL A 19 -5.94 -0.22 -2.56
N GLY A 20 -5.12 -0.06 -3.59
CA GLY A 20 -5.11 1.17 -4.35
C GLY A 20 -3.97 1.23 -5.35
N ARG A 21 -4.31 1.42 -6.62
CA ARG A 21 -3.30 1.49 -7.68
C ARG A 21 -2.18 2.45 -7.29
N ILE A 22 -1.05 1.88 -6.87
CA ILE A 22 0.10 2.68 -6.47
C ILE A 22 0.70 3.42 -7.67
N ALA A 23 0.79 2.72 -8.80
CA ALA A 23 1.34 3.32 -10.01
C ALA A 23 0.40 4.37 -10.58
N GLN A 24 -0.87 3.99 -10.75
CA GLN A 24 -1.88 4.90 -11.28
C GLN A 24 -1.93 6.19 -10.48
N ASP A 25 -1.82 6.07 -9.16
CA ASP A 25 -1.85 7.24 -8.28
C ASP A 25 -0.53 8.00 -8.35
N LEU A 26 0.55 7.27 -8.60
CA LEU A 26 1.87 7.89 -8.68
C LEU A 26 2.02 8.70 -9.96
N GLY A 27 1.48 8.18 -11.05
CA GLY A 27 1.56 8.87 -12.33
C GLY A 27 2.76 8.46 -13.14
N LEU A 28 3.03 7.15 -13.19
CA LEU A 28 4.15 6.63 -13.94
C LEU A 28 3.72 5.48 -14.85
N GLU A 29 4.50 5.25 -15.90
CA GLU A 29 4.19 4.18 -16.85
C GLU A 29 4.36 2.82 -16.20
N LEU A 30 3.52 1.87 -16.62
CA LEU A 30 3.58 0.51 -16.07
C LEU A 30 4.88 -0.18 -16.45
N THR A 31 5.30 0.01 -17.70
CA THR A 31 6.53 -0.61 -18.19
C THR A 31 7.75 0.25 -17.82
N GLU A 32 7.51 1.33 -17.09
CA GLU A 32 8.58 2.22 -16.67
C GLU A 32 9.06 1.87 -15.26
N LEU A 33 8.28 1.07 -14.56
CA LEU A 33 8.62 0.66 -13.21
C LEU A 33 9.84 -0.26 -13.21
N VAL A 34 9.91 -1.14 -14.19
CA VAL A 34 11.03 -2.08 -14.31
C VAL A 34 12.36 -1.34 -14.28
N PRO A 35 12.54 -0.42 -15.24
CA PRO A 35 13.77 0.37 -15.34
C PRO A 35 13.91 1.38 -14.20
N ARG A 36 12.82 1.63 -13.50
CA ARG A 36 12.82 2.57 -12.38
C ARG A 36 13.17 1.86 -11.08
N LEU A 37 13.49 0.57 -11.17
CA LEU A 37 13.84 -0.22 -10.00
C LEU A 37 12.85 0.01 -8.87
N PHE A 38 11.58 -0.21 -9.15
CA PHE A 38 10.51 -0.03 -8.16
C PHE A 38 10.67 -1.03 -7.02
N ARG A 39 10.58 -0.55 -5.79
CA ARG A 39 10.70 -1.39 -4.62
C ARG A 39 9.88 -0.85 -3.45
N VAL A 40 9.23 -1.74 -2.72
CA VAL A 40 8.41 -1.34 -1.59
C VAL A 40 9.12 -1.65 -0.26
N ALA A 41 8.97 -0.73 0.69
CA ALA A 41 9.60 -0.90 2.00
C ALA A 41 8.76 -0.24 3.10
N SER A 42 8.98 -0.68 4.33
CA SER A 42 8.24 -0.14 5.47
C SER A 42 9.15 0.01 6.69
N LYS A 43 8.76 0.89 7.60
CA LYS A 43 9.53 1.13 8.81
C LYS A 43 8.98 0.32 9.99
N ASP A 44 8.16 -0.67 9.68
CA ASP A 44 7.56 -1.53 10.70
C ASP A 44 8.02 -2.97 10.53
N ARG A 45 7.43 -3.66 9.56
CA ARG A 45 7.77 -5.06 9.30
C ARG A 45 8.29 -5.24 7.88
N GLY A 46 8.00 -4.25 7.02
CA GLY A 46 8.44 -4.32 5.65
C GLY A 46 7.73 -5.41 4.86
N ASP A 47 6.70 -6.00 5.46
CA ASP A 47 5.94 -7.06 4.81
C ASP A 47 4.45 -6.84 4.99
N LEU A 48 4.01 -5.59 4.89
CA LEU A 48 2.61 -5.25 5.05
C LEU A 48 1.86 -5.41 3.73
N LEU A 49 2.46 -4.91 2.65
CA LEU A 49 1.85 -4.99 1.33
C LEU A 49 2.92 -4.91 0.24
N GLU A 50 2.52 -5.20 -1.00
CA GLU A 50 3.43 -5.16 -2.13
C GLU A 50 2.68 -4.87 -3.42
N VAL A 51 3.36 -4.23 -4.37
CA VAL A 51 2.76 -3.90 -5.65
C VAL A 51 3.11 -4.94 -6.71
N ASN A 52 2.15 -5.25 -7.58
CA ASN A 52 2.37 -6.23 -8.64
C ASN A 52 2.55 -5.54 -9.99
N LEU A 53 3.73 -5.67 -10.57
CA LEU A 53 4.02 -5.07 -11.86
C LEU A 53 3.12 -5.63 -12.94
N GLN A 54 2.48 -6.76 -12.64
CA GLN A 54 1.58 -7.41 -13.60
C GLN A 54 0.55 -6.42 -14.14
N ASN A 55 -0.03 -5.63 -13.24
CA ASN A 55 -1.03 -4.64 -13.63
C ASN A 55 -0.89 -3.37 -12.79
N GLY A 56 0.26 -3.21 -12.15
CA GLY A 56 0.50 -2.04 -11.32
C GLY A 56 -0.55 -1.87 -10.24
N ILE A 57 -1.05 -2.99 -9.72
CA ILE A 57 -2.06 -2.97 -8.68
C ILE A 57 -1.46 -3.32 -7.32
N LEU A 58 -2.07 -2.80 -6.26
CA LEU A 58 -1.59 -3.06 -4.91
C LEU A 58 -2.34 -4.24 -4.28
N PHE A 59 -1.60 -5.24 -3.83
CA PHE A 59 -2.19 -6.42 -3.22
C PHE A 59 -1.76 -6.54 -1.75
N VAL A 60 -2.71 -6.89 -0.89
CA VAL A 60 -2.43 -7.04 0.54
C VAL A 60 -1.52 -8.24 0.79
N ASN A 61 -0.65 -8.10 1.79
CA ASN A 61 0.28 -9.17 2.14
C ASN A 61 0.59 -9.16 3.63
N SER A 62 -0.46 -9.10 4.44
CA SER A 62 -0.31 -9.08 5.90
C SER A 62 -1.65 -9.27 6.59
N ARG A 63 -1.66 -9.15 7.91
CA ARG A 63 -2.87 -9.31 8.70
C ARG A 63 -3.66 -8.02 8.75
N ILE A 64 -4.85 -8.02 8.16
CA ILE A 64 -5.71 -6.84 8.13
C ILE A 64 -6.92 -7.02 9.04
N ASP A 65 -7.19 -8.27 9.40
CA ASP A 65 -8.32 -8.58 10.27
C ASP A 65 -8.36 -7.65 11.48
N ARG A 66 -9.55 -7.19 11.84
CA ARG A 66 -9.72 -6.29 12.97
C ARG A 66 -9.13 -6.90 14.24
N GLU A 67 -9.05 -8.23 14.27
CA GLU A 67 -8.51 -8.94 15.43
C GLU A 67 -7.00 -8.78 15.50
N GLU A 68 -6.34 -8.91 14.35
CA GLU A 68 -4.89 -8.78 14.29
C GLU A 68 -4.47 -7.32 14.22
N LEU A 69 -4.98 -6.62 13.21
CA LEU A 69 -4.66 -5.20 13.03
C LEU A 69 -4.87 -4.42 14.33
N CYS A 70 -6.13 -4.17 14.66
CA CYS A 70 -6.46 -3.45 15.88
C CYS A 70 -7.92 -3.69 16.28
N GLY A 71 -8.82 -3.46 15.35
CA GLY A 71 -10.24 -3.65 15.62
C GLY A 71 -10.82 -2.57 16.50
N ARG A 72 -10.42 -2.55 17.77
CA ARG A 72 -10.90 -1.56 18.70
C ARG A 72 -10.79 -0.15 18.12
N SER A 73 -9.58 0.21 17.70
CA SER A 73 -9.33 1.53 17.13
C SER A 73 -10.33 1.82 16.02
N ALA A 74 -11.28 2.72 16.30
CA ALA A 74 -12.29 3.10 15.33
C ALA A 74 -11.65 3.50 14.01
N GLU A 75 -10.44 4.03 14.08
CA GLU A 75 -9.71 4.46 12.88
C GLU A 75 -8.24 4.09 12.97
N CYS A 76 -7.81 3.18 12.11
CA CYS A 76 -6.42 2.74 12.09
C CYS A 76 -5.72 3.21 10.82
N SER A 77 -4.60 3.91 10.99
CA SER A 77 -3.83 4.42 9.86
C SER A 77 -2.51 3.67 9.72
N ILE A 78 -2.04 3.56 8.48
CA ILE A 78 -0.78 2.87 8.21
C ILE A 78 0.13 3.70 7.32
N HIS A 79 1.42 3.69 7.62
CA HIS A 79 2.39 4.45 6.84
C HIS A 79 3.37 3.52 6.12
N LEU A 80 3.74 3.87 4.90
CA LEU A 80 4.66 3.06 4.11
C LEU A 80 5.56 3.95 3.26
N GLU A 81 6.73 3.42 2.90
CA GLU A 81 7.67 4.16 2.07
C GLU A 81 8.12 3.33 0.87
N VAL A 82 7.75 3.78 -0.32
CA VAL A 82 8.12 3.07 -1.55
C VAL A 82 9.43 3.60 -2.11
N ILE A 83 10.49 2.80 -2.00
CA ILE A 83 11.80 3.19 -2.50
C ILE A 83 11.93 2.90 -3.99
N VAL A 84 12.39 3.90 -4.74
CA VAL A 84 12.56 3.75 -6.18
C VAL A 84 13.96 4.19 -6.62
N ASP A 85 14.54 3.45 -7.54
CA ASP A 85 15.87 3.76 -8.05
C ASP A 85 15.80 4.28 -9.48
N ARG A 86 16.19 5.54 -9.67
CA ARG A 86 16.16 6.16 -10.98
C ARG A 86 14.74 6.35 -11.47
N PRO A 87 14.11 7.46 -11.06
CA PRO A 87 14.75 8.44 -10.18
C PRO A 87 14.95 7.92 -8.76
N LEU A 88 15.90 8.52 -8.05
CA LEU A 88 16.20 8.12 -6.68
C LEU A 88 15.38 8.92 -5.68
N GLN A 89 14.42 8.26 -5.04
CA GLN A 89 13.56 8.92 -4.05
C GLN A 89 12.56 7.93 -3.46
N VAL A 90 11.65 8.45 -2.64
CA VAL A 90 10.63 7.61 -2.01
C VAL A 90 9.25 8.21 -2.21
N PHE A 91 8.22 7.35 -2.13
CA PHE A 91 6.84 7.78 -2.31
C PHE A 91 6.04 7.56 -1.02
N HIS A 92 5.45 8.64 -0.51
CA HIS A 92 4.64 8.56 0.71
C HIS A 92 3.35 7.78 0.46
N VAL A 93 3.22 6.65 1.14
CA VAL A 93 2.03 5.81 1.00
C VAL A 93 1.32 5.62 2.33
N GLU A 94 0.03 5.97 2.36
CA GLU A 94 -0.76 5.83 3.59
C GLU A 94 -2.06 5.09 3.32
N VAL A 95 -2.20 3.91 3.92
CA VAL A 95 -3.41 3.11 3.74
C VAL A 95 -4.22 3.05 5.02
N GLU A 96 -5.50 3.37 4.92
CA GLU A 96 -6.40 3.35 6.07
C GLU A 96 -7.36 2.17 6.00
N VAL A 97 -7.84 1.74 7.16
CA VAL A 97 -8.77 0.62 7.22
C VAL A 97 -10.19 1.06 6.90
N ARG A 98 -10.93 0.19 6.22
CA ARG A 98 -12.31 0.50 5.84
C ARG A 98 -13.28 -0.54 6.42
N ASP A 99 -14.03 -0.14 7.44
CA ASP A 99 -14.99 -1.04 8.07
C ASP A 99 -15.74 -0.33 9.20
N ILE A 100 -16.48 -1.09 9.99
CA ILE A 100 -17.24 -0.53 11.11
C ILE A 100 -16.90 -1.26 12.40
N ASN A 101 -17.13 -0.57 13.52
CA ASN A 101 -16.85 -1.14 14.83
C ASN A 101 -18.03 -1.99 15.32
N ASP A 102 -19.20 -1.38 15.35
CA ASP A 102 -20.41 -2.08 15.79
C ASP A 102 -20.64 -3.34 14.97
N ASN A 103 -20.16 -3.33 13.73
CA ASN A 103 -20.32 -4.47 12.84
C ASN A 103 -21.79 -4.81 12.64
N GLY A 1 8.10 18.48 -5.52
CA GLY A 1 7.86 17.24 -4.79
C GLY A 1 6.53 16.61 -5.11
N ASN A 2 5.57 16.75 -4.20
CA ASN A 2 4.23 16.20 -4.39
C ASN A 2 4.31 14.68 -4.60
N SER A 3 4.17 13.94 -3.51
CA SER A 3 4.22 12.49 -3.55
C SER A 3 3.29 11.87 -2.52
N GLN A 4 2.23 12.59 -2.18
CA GLN A 4 1.26 12.13 -1.19
C GLN A 4 0.21 11.24 -1.85
N ILE A 5 0.26 9.95 -1.56
CA ILE A 5 -0.69 9.00 -2.12
C ILE A 5 -1.27 8.10 -1.03
N HIS A 6 -2.56 7.79 -1.16
CA HIS A 6 -3.25 6.95 -0.19
C HIS A 6 -4.20 5.97 -0.89
N TYR A 7 -4.40 4.81 -0.27
CA TYR A 7 -5.28 3.80 -0.84
C TYR A 7 -6.40 3.43 0.14
N SER A 8 -7.40 2.73 -0.36
CA SER A 8 -8.53 2.31 0.47
C SER A 8 -8.63 0.80 0.54
N ILE A 9 -8.40 0.26 1.73
CA ILE A 9 -8.45 -1.19 1.94
C ILE A 9 -9.32 -1.53 3.14
N PRO A 10 -10.42 -2.26 2.88
CA PRO A 10 -11.36 -2.67 3.93
C PRO A 10 -10.77 -3.73 4.86
N GLU A 11 -11.04 -3.59 6.16
CA GLU A 11 -10.52 -4.52 7.14
C GLU A 11 -10.80 -5.96 6.73
N GLU A 12 -10.00 -6.89 7.25
CA GLU A 12 -10.16 -8.31 6.93
C GLU A 12 -9.89 -8.56 5.45
N ALA A 13 -8.96 -7.80 4.89
CA ALA A 13 -8.61 -7.94 3.49
C ALA A 13 -7.73 -9.17 3.26
N LYS A 14 -8.29 -10.18 2.61
CA LYS A 14 -7.56 -11.41 2.33
C LYS A 14 -6.22 -11.11 1.66
N HIS A 15 -5.38 -12.13 1.56
CA HIS A 15 -4.07 -11.97 0.94
C HIS A 15 -4.20 -11.70 -0.56
N GLY A 16 -3.75 -10.53 -0.99
CA GLY A 16 -3.84 -10.17 -2.39
C GLY A 16 -5.04 -9.30 -2.70
N THR A 17 -5.73 -8.86 -1.65
CA THR A 17 -6.92 -8.02 -1.81
C THR A 17 -6.56 -6.67 -2.43
N PHE A 18 -7.43 -6.16 -3.28
CA PHE A 18 -7.20 -4.87 -3.93
C PHE A 18 -7.13 -3.75 -2.90
N VAL A 19 -6.20 -2.82 -3.13
CA VAL A 19 -6.02 -1.70 -2.22
C VAL A 19 -6.12 -0.37 -2.97
N GLY A 20 -5.40 -0.27 -4.08
CA GLY A 20 -5.43 0.95 -4.88
C GLY A 20 -4.51 0.88 -6.09
N ARG A 21 -4.26 2.02 -6.70
CA ARG A 21 -3.39 2.09 -7.88
C ARG A 21 -2.12 2.86 -7.57
N ILE A 22 -1.19 2.21 -6.87
CA ILE A 22 0.08 2.84 -6.52
C ILE A 22 0.76 3.44 -7.74
N ALA A 23 0.77 2.68 -8.84
CA ALA A 23 1.38 3.14 -10.08
C ALA A 23 0.58 4.26 -10.71
N GLN A 24 -0.72 4.03 -10.89
CA GLN A 24 -1.60 5.04 -11.48
C GLN A 24 -1.48 6.36 -10.74
N ASP A 25 -1.39 6.30 -9.42
CA ASP A 25 -1.28 7.50 -8.60
C ASP A 25 0.12 8.07 -8.68
N LEU A 26 1.10 7.22 -8.93
CA LEU A 26 2.49 7.64 -9.04
C LEU A 26 2.75 8.35 -10.37
N GLY A 27 2.16 7.83 -11.43
CA GLY A 27 2.32 8.41 -12.75
C GLY A 27 3.46 7.77 -13.52
N LEU A 28 3.57 6.45 -13.44
CA LEU A 28 4.61 5.72 -14.14
C LEU A 28 4.04 4.50 -14.86
N GLU A 29 4.76 4.02 -15.87
CA GLU A 29 4.32 2.87 -16.64
C GLU A 29 4.87 1.58 -16.04
N LEU A 30 4.08 0.51 -16.10
CA LEU A 30 4.49 -0.78 -15.57
C LEU A 30 5.76 -1.27 -16.26
N THR A 31 5.97 -0.83 -17.48
CA THR A 31 7.14 -1.23 -18.26
C THR A 31 8.35 -0.34 -17.90
N GLU A 32 8.17 0.55 -16.94
CA GLU A 32 9.23 1.44 -16.52
C GLU A 32 9.62 1.17 -15.06
N LEU A 33 8.74 0.48 -14.34
CA LEU A 33 8.99 0.15 -12.94
C LEU A 33 10.17 -0.82 -12.81
N VAL A 34 10.20 -1.82 -13.69
CA VAL A 34 11.27 -2.81 -13.67
C VAL A 34 12.64 -2.14 -13.70
N PRO A 35 12.88 -1.34 -14.75
CA PRO A 35 14.15 -0.63 -14.92
C PRO A 35 14.33 0.49 -13.90
N ARG A 36 13.24 0.88 -13.25
CA ARG A 36 13.28 1.94 -12.26
C ARG A 36 13.58 1.37 -10.88
N LEU A 37 13.95 0.09 -10.83
CA LEU A 37 14.26 -0.57 -9.56
C LEU A 37 13.20 -0.28 -8.52
N PHE A 38 11.95 -0.60 -8.85
CA PHE A 38 10.83 -0.38 -7.93
C PHE A 38 10.93 -1.30 -6.72
N ARG A 39 10.60 -0.77 -5.56
CA ARG A 39 10.66 -1.55 -4.32
C ARG A 39 9.71 -0.96 -3.27
N VAL A 40 9.27 -1.82 -2.35
CA VAL A 40 8.37 -1.38 -1.28
C VAL A 40 8.87 -1.83 0.09
N ALA A 41 8.65 -0.99 1.09
CA ALA A 41 9.09 -1.30 2.45
C ALA A 41 8.35 -0.44 3.46
N SER A 42 8.61 -0.70 4.75
CA SER A 42 7.97 0.05 5.82
C SER A 42 8.83 0.05 7.07
N LYS A 43 8.62 1.03 7.94
CA LYS A 43 9.38 1.14 9.18
C LYS A 43 8.77 0.26 10.27
N ASP A 44 7.47 -0.02 10.14
CA ASP A 44 6.78 -0.85 11.11
C ASP A 44 7.30 -2.28 11.07
N ARG A 45 6.86 -3.05 10.08
CA ARG A 45 7.27 -4.43 9.93
C ARG A 45 7.95 -4.65 8.58
N GLY A 46 7.73 -3.73 7.65
CA GLY A 46 8.33 -3.84 6.33
C GLY A 46 7.62 -4.85 5.45
N ASP A 47 6.57 -5.46 5.99
CA ASP A 47 5.80 -6.45 5.24
C ASP A 47 4.30 -6.22 5.43
N LEU A 48 3.80 -5.11 4.90
CA LEU A 48 2.39 -4.78 5.01
C LEU A 48 1.66 -5.06 3.70
N LEU A 49 2.27 -4.66 2.59
CA LEU A 49 1.68 -4.87 1.27
C LEU A 49 2.76 -4.89 0.18
N GLU A 50 2.33 -5.02 -1.06
CA GLU A 50 3.26 -5.05 -2.19
C GLU A 50 2.58 -4.60 -3.48
N VAL A 51 3.36 -4.05 -4.39
CA VAL A 51 2.84 -3.57 -5.67
C VAL A 51 3.05 -4.61 -6.77
N ASN A 52 2.04 -4.74 -7.64
CA ASN A 52 2.12 -5.70 -8.73
C ASN A 52 2.28 -4.99 -10.07
N LEU A 53 3.40 -5.24 -10.73
CA LEU A 53 3.69 -4.62 -12.02
C LEU A 53 2.66 -5.03 -13.06
N GLN A 54 1.89 -6.07 -12.76
CA GLN A 54 0.86 -6.57 -13.67
C GLN A 54 -0.05 -5.44 -14.11
N ASN A 55 -0.53 -4.65 -13.14
CA ASN A 55 -1.43 -3.54 -13.43
C ASN A 55 -1.14 -2.36 -12.51
N GLY A 56 0.07 -2.33 -11.94
CA GLY A 56 0.45 -1.26 -11.05
C GLY A 56 -0.51 -1.11 -9.88
N ILE A 57 -1.26 -2.17 -9.60
CA ILE A 57 -2.21 -2.14 -8.49
C ILE A 57 -1.57 -2.61 -7.19
N LEU A 58 -2.01 -2.03 -6.09
CA LEU A 58 -1.47 -2.39 -4.78
C LEU A 58 -2.33 -3.46 -4.11
N PHE A 59 -1.72 -4.61 -3.84
CA PHE A 59 -2.42 -5.73 -3.22
C PHE A 59 -1.96 -5.90 -1.77
N VAL A 60 -2.73 -6.67 -1.01
CA VAL A 60 -2.41 -6.94 0.40
C VAL A 60 -1.31 -7.98 0.52
N ASN A 61 -0.45 -7.81 1.51
CA ASN A 61 0.65 -8.74 1.74
C ASN A 61 0.97 -8.83 3.24
N SER A 62 -0.06 -8.86 4.07
CA SER A 62 0.12 -8.94 5.51
C SER A 62 -1.22 -9.21 6.21
N ARG A 63 -1.22 -9.09 7.53
CA ARG A 63 -2.43 -9.31 8.31
C ARG A 63 -3.30 -8.05 8.36
N ILE A 64 -4.49 -8.14 7.78
CA ILE A 64 -5.41 -7.01 7.76
C ILE A 64 -6.59 -7.24 8.69
N ASP A 65 -6.79 -8.49 9.08
CA ASP A 65 -7.89 -8.85 9.97
C ASP A 65 -7.95 -7.89 11.16
N ARG A 66 -9.16 -7.56 11.60
CA ARG A 66 -9.36 -6.66 12.72
C ARG A 66 -8.64 -7.18 13.96
N GLU A 67 -8.42 -8.48 14.01
CA GLU A 67 -7.75 -9.10 15.15
C GLU A 67 -6.24 -8.83 15.11
N GLU A 68 -5.67 -8.92 13.91
CA GLU A 68 -4.24 -8.68 13.74
C GLU A 68 -3.95 -7.18 13.64
N LEU A 69 -4.59 -6.51 12.68
CA LEU A 69 -4.40 -5.08 12.49
C LEU A 69 -4.55 -4.32 13.80
N CYS A 70 -5.80 -4.18 14.25
CA CYS A 70 -6.08 -3.48 15.49
C CYS A 70 -7.47 -3.83 16.01
N GLY A 71 -8.47 -3.68 15.15
CA GLY A 71 -9.84 -4.00 15.54
C GLY A 71 -10.45 -2.93 16.44
N ARG A 72 -9.90 -2.80 17.64
CA ARG A 72 -10.40 -1.82 18.60
C ARG A 72 -10.49 -0.44 17.95
N SER A 73 -9.34 0.16 17.68
CA SER A 73 -9.29 1.48 17.07
C SER A 73 -10.14 1.54 15.81
N ALA A 74 -11.31 2.19 15.92
CA ALA A 74 -12.21 2.31 14.79
C ALA A 74 -11.49 2.83 13.55
N GLU A 75 -10.68 3.87 13.74
CA GLU A 75 -9.93 4.47 12.64
C GLU A 75 -8.45 4.11 12.74
N CYS A 76 -8.01 3.20 11.87
CA CYS A 76 -6.62 2.77 11.85
C CYS A 76 -5.92 3.24 10.59
N SER A 77 -4.80 3.94 10.76
CA SER A 77 -4.04 4.46 9.63
C SER A 77 -2.73 3.71 9.48
N ILE A 78 -2.31 3.51 8.23
CA ILE A 78 -1.06 2.80 7.95
C ILE A 78 -0.15 3.63 7.05
N HIS A 79 1.15 3.62 7.36
CA HIS A 79 2.11 4.37 6.57
C HIS A 79 3.09 3.43 5.87
N LEU A 80 3.46 3.77 4.64
CA LEU A 80 4.38 2.96 3.87
C LEU A 80 5.29 3.84 3.00
N GLU A 81 6.45 3.30 2.64
CA GLU A 81 7.40 4.03 1.81
C GLU A 81 7.89 3.17 0.66
N VAL A 82 7.64 3.63 -0.57
CA VAL A 82 8.04 2.91 -1.76
C VAL A 82 9.42 3.36 -2.23
N ILE A 83 10.42 2.51 -2.05
CA ILE A 83 11.78 2.81 -2.46
C ILE A 83 11.97 2.59 -3.96
N VAL A 84 12.31 3.67 -4.68
CA VAL A 84 12.53 3.59 -6.11
C VAL A 84 13.91 4.11 -6.49
N ASP A 85 14.61 3.35 -7.32
CA ASP A 85 15.95 3.73 -7.76
C ASP A 85 15.92 4.27 -9.19
N ARG A 86 16.32 5.53 -9.34
CA ARG A 86 16.32 6.16 -10.66
C ARG A 86 14.91 6.37 -11.17
N PRO A 87 14.29 7.50 -10.77
CA PRO A 87 14.93 8.48 -9.89
C PRO A 87 15.10 7.95 -8.46
N LEU A 88 16.03 8.55 -7.72
CA LEU A 88 16.29 8.12 -6.35
C LEU A 88 15.41 8.90 -5.36
N GLN A 89 14.34 8.26 -4.90
CA GLN A 89 13.43 8.89 -3.96
C GLN A 89 12.41 7.88 -3.44
N VAL A 90 11.47 8.35 -2.63
CA VAL A 90 10.43 7.49 -2.07
C VAL A 90 9.04 8.07 -2.32
N PHE A 91 8.04 7.19 -2.31
CA PHE A 91 6.66 7.60 -2.54
C PHE A 91 5.83 7.46 -1.27
N HIS A 92 5.19 8.55 -0.87
CA HIS A 92 4.36 8.54 0.33
C HIS A 92 3.10 7.70 0.11
N VAL A 93 2.98 6.62 0.87
CA VAL A 93 1.82 5.74 0.76
C VAL A 93 1.10 5.59 2.10
N GLU A 94 -0.20 5.83 2.11
CA GLU A 94 -0.99 5.73 3.32
C GLU A 94 -2.31 5.01 3.06
N VAL A 95 -2.45 3.82 3.63
CA VAL A 95 -3.66 3.02 3.45
C VAL A 95 -4.49 2.99 4.73
N GLU A 96 -5.77 3.36 4.61
CA GLU A 96 -6.67 3.37 5.75
C GLU A 96 -7.61 2.18 5.72
N VAL A 97 -8.03 1.72 6.90
CA VAL A 97 -8.93 0.58 7.01
C VAL A 97 -10.38 1.01 6.76
N ARG A 98 -11.14 0.15 6.08
CA ARG A 98 -12.54 0.45 5.78
C ARG A 98 -13.44 -0.62 6.38
N ASP A 99 -14.09 -0.27 7.49
CA ASP A 99 -15.00 -1.20 8.16
C ASP A 99 -15.59 -0.57 9.42
N ILE A 100 -16.25 -1.38 10.23
CA ILE A 100 -16.86 -0.90 11.46
C ILE A 100 -16.49 -1.79 12.64
N ASN A 101 -16.54 -1.24 13.85
CA ASN A 101 -16.21 -1.98 15.06
C ASN A 101 -17.36 -2.91 15.44
N ASP A 102 -18.50 -2.32 15.77
CA ASP A 102 -19.68 -3.09 16.16
C ASP A 102 -20.88 -2.76 15.28
N ASN A 103 -20.92 -1.52 14.80
CA ASN A 103 -22.02 -1.07 13.94
C ASN A 103 -21.84 -1.61 12.53
N GLY A 1 7.39 12.46 -10.32
CA GLY A 1 6.05 11.98 -9.97
C GLY A 1 5.54 12.59 -8.69
N ASN A 2 4.43 12.05 -8.18
CA ASN A 2 3.84 12.54 -6.94
C ASN A 2 4.52 11.93 -5.73
N SER A 3 4.28 12.53 -4.56
CA SER A 3 4.88 12.04 -3.32
C SER A 3 3.81 11.67 -2.31
N GLN A 4 2.74 12.47 -2.26
CA GLN A 4 1.64 12.23 -1.34
C GLN A 4 0.57 11.37 -1.99
N ILE A 5 0.56 10.08 -1.66
CA ILE A 5 -0.42 9.16 -2.21
C ILE A 5 -1.04 8.29 -1.13
N HIS A 6 -2.33 8.02 -1.25
CA HIS A 6 -3.03 7.20 -0.27
C HIS A 6 -4.01 6.25 -0.97
N TYR A 7 -4.29 5.13 -0.32
CA TYR A 7 -5.21 4.14 -0.87
C TYR A 7 -6.24 3.71 0.16
N SER A 8 -7.24 2.95 -0.28
CA SER A 8 -8.30 2.48 0.60
C SER A 8 -8.42 0.95 0.54
N ILE A 9 -8.57 0.33 1.70
CA ILE A 9 -8.70 -1.11 1.79
C ILE A 9 -9.57 -1.52 2.96
N PRO A 10 -10.57 -2.38 2.69
CA PRO A 10 -11.50 -2.87 3.71
C PRO A 10 -10.83 -3.82 4.70
N GLU A 11 -11.07 -3.59 5.98
CA GLU A 11 -10.49 -4.43 7.03
C GLU A 11 -10.69 -5.91 6.71
N GLU A 12 -9.88 -6.76 7.35
CA GLU A 12 -9.98 -8.20 7.13
C GLU A 12 -9.61 -8.56 5.69
N ALA A 13 -8.83 -7.70 5.06
CA ALA A 13 -8.41 -7.93 3.67
C ALA A 13 -7.41 -9.08 3.59
N LYS A 14 -7.75 -10.10 2.81
CA LYS A 14 -6.88 -11.25 2.64
C LYS A 14 -5.77 -10.96 1.64
N HIS A 15 -4.72 -11.76 1.67
CA HIS A 15 -3.59 -11.59 0.76
C HIS A 15 -4.07 -11.51 -0.68
N GLY A 16 -3.85 -10.36 -1.32
CA GLY A 16 -4.26 -10.17 -2.69
C GLY A 16 -5.48 -9.29 -2.82
N THR A 17 -5.87 -8.67 -1.71
CA THR A 17 -7.04 -7.79 -1.70
C THR A 17 -6.71 -6.45 -2.36
N PHE A 18 -7.67 -5.91 -3.09
CA PHE A 18 -7.50 -4.63 -3.77
C PHE A 18 -7.27 -3.51 -2.76
N VAL A 19 -6.38 -2.58 -3.11
CA VAL A 19 -6.08 -1.46 -2.24
C VAL A 19 -6.13 -0.14 -3.01
N GLY A 20 -5.51 -0.11 -4.18
CA GLY A 20 -5.51 1.09 -5.00
C GLY A 20 -4.31 1.16 -5.92
N ARG A 21 -4.56 1.42 -7.20
CA ARG A 21 -3.50 1.50 -8.19
C ARG A 21 -2.38 2.42 -7.71
N ILE A 22 -1.29 1.82 -7.25
CA ILE A 22 -0.15 2.59 -6.76
C ILE A 22 0.60 3.26 -7.91
N ALA A 23 0.70 2.55 -9.03
CA ALA A 23 1.39 3.09 -10.21
C ALA A 23 0.59 4.22 -10.83
N GLN A 24 -0.68 3.96 -11.12
CA GLN A 24 -1.55 4.96 -11.73
C GLN A 24 -1.56 6.25 -10.91
N ASP A 25 -1.68 6.10 -9.60
CA ASP A 25 -1.70 7.26 -8.71
C ASP A 25 -0.32 7.92 -8.64
N LEU A 26 0.71 7.18 -9.05
CA LEU A 26 2.07 7.69 -9.03
C LEU A 26 2.37 8.47 -10.30
N GLY A 27 1.86 7.98 -11.43
CA GLY A 27 2.08 8.66 -12.69
C GLY A 27 3.20 8.03 -13.51
N LEU A 28 3.40 6.72 -13.32
CA LEU A 28 4.44 6.00 -14.04
C LEU A 28 3.88 4.73 -14.67
N GLU A 29 4.25 4.48 -15.92
CA GLU A 29 3.79 3.30 -16.64
C GLU A 29 4.22 2.02 -15.93
N LEU A 30 3.54 0.92 -16.23
CA LEU A 30 3.85 -0.36 -15.62
C LEU A 30 5.20 -0.89 -16.11
N THR A 31 5.67 -0.33 -17.22
CA THR A 31 6.95 -0.74 -17.79
C THR A 31 8.09 0.17 -17.32
N GLU A 32 7.76 1.11 -16.44
CA GLU A 32 8.75 2.04 -15.92
C GLU A 32 9.25 1.59 -14.55
N LEU A 33 8.46 0.76 -13.89
CA LEU A 33 8.82 0.24 -12.57
C LEU A 33 10.06 -0.65 -12.65
N VAL A 34 10.07 -1.53 -13.66
CA VAL A 34 11.19 -2.44 -13.85
C VAL A 34 12.51 -1.69 -13.89
N PRO A 35 12.63 -0.74 -14.84
CA PRO A 35 13.83 0.06 -15.01
C PRO A 35 14.04 1.04 -13.86
N ARG A 36 12.99 1.28 -13.09
CA ARG A 36 13.04 2.20 -11.96
C ARG A 36 13.39 1.45 -10.66
N LEU A 37 13.67 0.16 -10.79
CA LEU A 37 14.01 -0.66 -9.64
C LEU A 37 13.05 -0.42 -8.48
N PHE A 38 11.76 -0.64 -8.74
CA PHE A 38 10.74 -0.45 -7.71
C PHE A 38 11.02 -1.31 -6.48
N ARG A 39 10.72 -0.77 -5.31
CA ARG A 39 10.94 -1.48 -4.06
C ARG A 39 9.95 -1.03 -2.99
N VAL A 40 9.54 -1.97 -2.13
CA VAL A 40 8.60 -1.67 -1.06
C VAL A 40 9.20 -1.98 0.30
N ALA A 41 8.99 -1.07 1.25
CA ALA A 41 9.52 -1.25 2.61
C ALA A 41 8.79 -0.35 3.59
N SER A 42 8.55 -0.86 4.80
CA SER A 42 7.86 -0.10 5.83
C SER A 42 8.63 -0.17 7.15
N LYS A 43 8.38 0.81 8.02
CA LYS A 43 9.03 0.86 9.32
C LYS A 43 8.24 0.08 10.36
N ASP A 44 6.94 -0.03 10.13
CA ASP A 44 6.07 -0.75 11.06
C ASP A 44 6.46 -2.23 11.15
N ARG A 45 6.11 -2.99 10.12
CA ARG A 45 6.42 -4.42 10.08
C ARG A 45 7.35 -4.73 8.91
N GLY A 46 7.41 -3.82 7.95
CA GLY A 46 8.26 -4.03 6.79
C GLY A 46 7.55 -4.76 5.66
N ASP A 47 6.40 -5.35 5.98
CA ASP A 47 5.62 -6.08 4.99
C ASP A 47 4.14 -5.75 5.12
N LEU A 48 3.79 -4.50 4.79
CA LEU A 48 2.40 -4.06 4.86
C LEU A 48 1.65 -4.41 3.59
N LEU A 49 2.28 -4.16 2.45
CA LEU A 49 1.67 -4.45 1.15
C LEU A 49 2.73 -4.62 0.07
N GLU A 50 2.29 -4.84 -1.16
CA GLU A 50 3.20 -5.02 -2.28
C GLU A 50 2.52 -4.67 -3.60
N VAL A 51 3.28 -4.11 -4.53
CA VAL A 51 2.75 -3.73 -5.83
C VAL A 51 3.02 -4.81 -6.87
N ASN A 52 2.08 -5.01 -7.78
CA ASN A 52 2.21 -6.01 -8.83
C ASN A 52 2.61 -5.36 -10.16
N LEU A 53 3.73 -5.82 -10.71
CA LEU A 53 4.21 -5.28 -11.98
C LEU A 53 3.34 -5.75 -13.14
N GLN A 54 2.41 -6.66 -12.85
CA GLN A 54 1.52 -7.19 -13.87
C GLN A 54 0.61 -6.08 -14.42
N ASN A 55 -0.21 -5.51 -13.54
CA ASN A 55 -1.12 -4.44 -13.94
C ASN A 55 -0.83 -3.16 -13.19
N GLY A 56 -0.05 -3.27 -12.11
CA GLY A 56 0.31 -2.11 -11.32
C GLY A 56 -0.56 -1.97 -10.09
N ILE A 57 -1.68 -2.67 -10.07
CA ILE A 57 -2.60 -2.62 -8.94
C ILE A 57 -1.89 -2.98 -7.64
N LEU A 58 -2.30 -2.34 -6.55
CA LEU A 58 -1.70 -2.60 -5.25
C LEU A 58 -2.54 -3.59 -4.45
N PHE A 59 -1.91 -4.69 -4.02
CA PHE A 59 -2.60 -5.72 -3.25
C PHE A 59 -2.09 -5.74 -1.81
N VAL A 60 -2.92 -6.24 -0.91
CA VAL A 60 -2.56 -6.33 0.50
C VAL A 60 -1.56 -7.46 0.74
N ASN A 61 -0.63 -7.23 1.67
CA ASN A 61 0.38 -8.22 2.00
C ASN A 61 0.73 -8.18 3.48
N SER A 62 -0.29 -8.10 4.32
CA SER A 62 -0.10 -8.04 5.77
C SER A 62 -1.40 -8.34 6.50
N ARG A 63 -1.32 -8.39 7.83
CA ARG A 63 -2.49 -8.66 8.66
C ARG A 63 -3.41 -7.43 8.71
N ILE A 64 -4.62 -7.58 8.16
CA ILE A 64 -5.58 -6.49 8.15
C ILE A 64 -6.73 -6.76 9.11
N ASP A 65 -6.89 -8.03 9.48
CA ASP A 65 -7.95 -8.43 10.41
C ASP A 65 -8.02 -7.49 11.60
N ARG A 66 -9.23 -7.16 12.02
CA ARG A 66 -9.42 -6.27 13.16
C ARG A 66 -8.71 -6.80 14.40
N GLU A 67 -8.50 -8.12 14.43
CA GLU A 67 -7.83 -8.76 15.57
C GLU A 67 -6.33 -8.48 15.53
N GLU A 68 -5.73 -8.56 14.34
CA GLU A 68 -4.30 -8.32 14.17
C GLU A 68 -4.02 -6.82 14.09
N LEU A 69 -4.64 -6.16 13.13
CA LEU A 69 -4.44 -4.72 12.93
C LEU A 69 -4.66 -3.97 14.24
N CYS A 70 -5.92 -3.81 14.62
CA CYS A 70 -6.26 -3.10 15.86
C CYS A 70 -7.68 -3.44 16.31
N GLY A 71 -8.63 -3.32 15.38
CA GLY A 71 -10.01 -3.62 15.70
C GLY A 71 -10.67 -2.52 16.51
N ARG A 72 -10.14 -2.27 17.71
CA ARG A 72 -10.70 -1.25 18.59
C ARG A 72 -10.83 0.08 17.84
N SER A 73 -9.70 0.67 17.50
CA SER A 73 -9.69 1.95 16.78
C SER A 73 -10.60 1.89 15.55
N ALA A 74 -11.72 2.59 15.62
CA ALA A 74 -12.67 2.63 14.51
C ALA A 74 -11.96 2.97 13.20
N GLU A 75 -10.89 3.77 13.30
CA GLU A 75 -10.14 4.18 12.12
C GLU A 75 -8.64 3.98 12.35
N CYS A 76 -8.05 3.06 11.59
CA CYS A 76 -6.62 2.78 11.71
C CYS A 76 -5.88 3.21 10.44
N SER A 77 -4.84 4.03 10.64
CA SER A 77 -4.05 4.53 9.51
C SER A 77 -2.75 3.73 9.37
N ILE A 78 -2.26 3.62 8.14
CA ILE A 78 -1.03 2.88 7.87
C ILE A 78 -0.09 3.70 7.00
N HIS A 79 1.20 3.65 7.32
CA HIS A 79 2.21 4.38 6.56
C HIS A 79 3.16 3.43 5.86
N LEU A 80 3.56 3.79 4.64
CA LEU A 80 4.47 2.95 3.86
C LEU A 80 5.41 3.82 3.02
N GLU A 81 6.57 3.26 2.69
CA GLU A 81 7.56 3.99 1.90
C GLU A 81 8.05 3.13 0.73
N VAL A 82 7.79 3.60 -0.49
CA VAL A 82 8.21 2.88 -1.69
C VAL A 82 9.56 3.38 -2.19
N ILE A 83 10.58 2.54 -2.02
CA ILE A 83 11.93 2.90 -2.45
C ILE A 83 12.11 2.63 -3.95
N VAL A 84 12.39 3.68 -4.70
CA VAL A 84 12.60 3.56 -6.14
C VAL A 84 14.02 3.94 -6.53
N ASP A 85 14.61 3.15 -7.42
CA ASP A 85 15.97 3.41 -7.88
C ASP A 85 15.98 3.91 -9.33
N ARG A 86 16.42 5.14 -9.54
CA ARG A 86 16.47 5.72 -10.87
C ARG A 86 15.07 5.95 -11.42
N PRO A 87 14.47 7.10 -11.07
CA PRO A 87 15.11 8.10 -10.21
C PRO A 87 15.26 7.62 -8.76
N LEU A 88 16.17 8.22 -8.02
CA LEU A 88 16.40 7.86 -6.63
C LEU A 88 15.53 8.69 -5.70
N GLN A 89 14.55 8.05 -5.07
CA GLN A 89 13.66 8.72 -4.15
C GLN A 89 12.65 7.75 -3.55
N VAL A 90 11.73 8.28 -2.75
CA VAL A 90 10.71 7.46 -2.12
C VAL A 90 9.32 8.02 -2.34
N PHE A 91 8.30 7.17 -2.27
CA PHE A 91 6.93 7.59 -2.47
C PHE A 91 6.11 7.38 -1.19
N HIS A 92 5.58 8.47 -0.65
CA HIS A 92 4.77 8.41 0.56
C HIS A 92 3.44 7.73 0.30
N VAL A 93 3.23 6.58 0.93
CA VAL A 93 1.99 5.83 0.76
C VAL A 93 1.24 5.68 2.09
N GLU A 94 -0.03 6.03 2.09
CA GLU A 94 -0.85 5.94 3.29
C GLU A 94 -2.17 5.23 2.99
N VAL A 95 -2.35 4.05 3.58
CA VAL A 95 -3.56 3.27 3.38
C VAL A 95 -4.37 3.17 4.67
N GLU A 96 -5.66 3.47 4.57
CA GLU A 96 -6.54 3.42 5.72
C GLU A 96 -7.50 2.23 5.63
N VAL A 97 -7.97 1.76 6.79
CA VAL A 97 -8.89 0.64 6.84
C VAL A 97 -10.34 1.11 6.93
N ARG A 98 -11.22 0.43 6.20
CA ARG A 98 -12.64 0.78 6.20
C ARG A 98 -13.47 -0.35 6.80
N ASP A 99 -14.15 -0.06 7.90
CA ASP A 99 -14.99 -1.05 8.57
C ASP A 99 -15.74 -0.42 9.74
N ILE A 100 -16.41 -1.26 10.52
CA ILE A 100 -17.17 -0.78 11.67
C ILE A 100 -16.67 -1.44 12.95
N ASN A 101 -16.91 -0.78 14.08
CA ASN A 101 -16.49 -1.30 15.38
C ASN A 101 -17.48 -2.33 15.90
N ASP A 102 -18.77 -2.01 15.83
CA ASP A 102 -19.82 -2.90 16.29
C ASP A 102 -20.39 -3.70 15.12
N ASN A 103 -19.58 -3.93 14.10
CA ASN A 103 -20.00 -4.68 12.92
C ASN A 103 -21.28 -4.09 12.34
N GLY A 1 6.75 16.00 -9.61
CA GLY A 1 6.89 14.72 -8.92
C GLY A 1 5.87 14.56 -7.81
N ASN A 2 5.00 13.55 -7.94
CA ASN A 2 3.98 13.29 -6.94
C ASN A 2 4.55 12.51 -5.76
N SER A 3 4.22 12.95 -4.54
CA SER A 3 4.71 12.28 -3.34
C SER A 3 3.54 11.87 -2.45
N GLN A 4 2.51 12.72 -2.39
CA GLN A 4 1.35 12.44 -1.57
C GLN A 4 0.44 11.43 -2.24
N ILE A 5 0.37 10.22 -1.68
CA ILE A 5 -0.47 9.17 -2.23
C ILE A 5 -1.10 8.33 -1.12
N HIS A 6 -2.39 8.03 -1.29
CA HIS A 6 -3.13 7.24 -0.29
C HIS A 6 -4.05 6.25 -0.98
N TYR A 7 -4.38 5.16 -0.27
CA TYR A 7 -5.25 4.14 -0.82
C TYR A 7 -6.33 3.76 0.19
N SER A 8 -7.35 3.04 -0.27
CA SER A 8 -8.45 2.61 0.58
C SER A 8 -8.65 1.10 0.50
N ILE A 9 -8.73 0.46 1.67
CA ILE A 9 -8.91 -0.99 1.72
C ILE A 9 -9.72 -1.37 2.95
N PRO A 10 -10.78 -2.19 2.74
CA PRO A 10 -11.65 -2.66 3.82
C PRO A 10 -10.95 -3.65 4.73
N GLU A 11 -11.11 -3.46 6.03
CA GLU A 11 -10.49 -4.35 7.02
C GLU A 11 -10.75 -5.81 6.67
N GLU A 12 -9.92 -6.70 7.21
CA GLU A 12 -10.06 -8.13 6.96
C GLU A 12 -9.80 -8.44 5.49
N ALA A 13 -8.93 -7.65 4.86
CA ALA A 13 -8.59 -7.85 3.46
C ALA A 13 -7.68 -9.05 3.28
N LYS A 14 -8.13 -10.02 2.49
CA LYS A 14 -7.36 -11.23 2.23
C LYS A 14 -6.25 -10.96 1.23
N HIS A 15 -5.24 -11.84 1.22
CA HIS A 15 -4.11 -11.69 0.30
C HIS A 15 -4.59 -11.49 -1.13
N GLY A 16 -4.29 -10.33 -1.70
CA GLY A 16 -4.71 -10.04 -3.06
C GLY A 16 -5.87 -9.07 -3.12
N THR A 17 -6.23 -8.50 -1.97
CA THR A 17 -7.34 -7.56 -1.88
C THR A 17 -6.98 -6.24 -2.57
N PHE A 18 -7.96 -5.65 -3.25
CA PHE A 18 -7.74 -4.39 -3.96
C PHE A 18 -7.50 -3.26 -2.96
N VAL A 19 -6.56 -2.38 -3.29
CA VAL A 19 -6.22 -1.26 -2.42
C VAL A 19 -6.26 0.05 -3.21
N GLY A 20 -5.70 0.03 -4.40
CA GLY A 20 -5.66 1.23 -5.22
C GLY A 20 -4.44 1.28 -6.12
N ARG A 21 -4.66 1.54 -7.41
CA ARG A 21 -3.57 1.62 -8.38
C ARG A 21 -2.45 2.52 -7.85
N ILE A 22 -1.39 1.90 -7.36
CA ILE A 22 -0.25 2.66 -6.84
C ILE A 22 0.46 3.42 -7.94
N ALA A 23 0.50 2.83 -9.13
CA ALA A 23 1.15 3.46 -10.28
C ALA A 23 0.37 4.67 -10.76
N GLN A 24 -0.96 4.57 -10.68
CA GLN A 24 -1.84 5.66 -11.11
C GLN A 24 -1.64 6.89 -10.23
N ASP A 25 -1.53 6.66 -8.93
CA ASP A 25 -1.35 7.75 -7.97
C ASP A 25 0.08 8.28 -8.02
N LEU A 26 0.95 7.57 -8.72
CA LEU A 26 2.35 7.96 -8.85
C LEU A 26 2.58 8.71 -10.15
N GLY A 27 1.94 8.25 -11.22
CA GLY A 27 2.09 8.89 -12.52
C GLY A 27 3.23 8.31 -13.33
N LEU A 28 3.32 6.97 -13.35
CA LEU A 28 4.36 6.29 -14.09
C LEU A 28 3.79 5.12 -14.88
N GLU A 29 4.65 4.44 -15.63
CA GLU A 29 4.24 3.30 -16.45
C GLU A 29 4.53 1.99 -15.73
N LEU A 30 3.79 0.95 -16.11
CA LEU A 30 3.98 -0.38 -15.50
C LEU A 30 5.31 -0.98 -15.92
N THR A 31 5.72 -0.71 -17.15
CA THR A 31 6.98 -1.23 -17.68
C THR A 31 8.15 -0.35 -17.27
N GLU A 32 7.87 0.67 -16.47
CA GLU A 32 8.90 1.59 -16.02
C GLU A 32 9.35 1.24 -14.60
N LEU A 33 8.51 0.49 -13.89
CA LEU A 33 8.82 0.08 -12.53
C LEU A 33 10.02 -0.87 -12.50
N VAL A 34 10.04 -1.82 -13.43
CA VAL A 34 11.13 -2.78 -13.51
C VAL A 34 12.48 -2.08 -13.55
N PRO A 35 12.66 -1.21 -14.56
CA PRO A 35 13.91 -0.46 -14.74
C PRO A 35 14.10 0.61 -13.67
N ARG A 36 13.03 0.92 -12.95
CA ARG A 36 13.08 1.92 -11.89
C ARG A 36 13.42 1.27 -10.55
N LEU A 37 13.76 -0.01 -10.59
CA LEU A 37 14.10 -0.75 -9.38
C LEU A 37 13.08 -0.49 -8.28
N PHE A 38 11.81 -0.77 -8.58
CA PHE A 38 10.74 -0.56 -7.62
C PHE A 38 10.97 -1.39 -6.36
N ARG A 39 10.68 -0.80 -5.20
CA ARG A 39 10.86 -1.48 -3.93
C ARG A 39 9.83 -1.00 -2.90
N VAL A 40 9.35 -1.93 -2.08
CA VAL A 40 8.37 -1.60 -1.06
C VAL A 40 8.89 -1.93 0.34
N ALA A 41 8.66 -1.03 1.28
CA ALA A 41 9.11 -1.23 2.66
C ALA A 41 8.21 -0.51 3.64
N SER A 42 8.42 -0.75 4.93
CA SER A 42 7.62 -0.12 5.97
C SER A 42 8.31 -0.21 7.33
N LYS A 43 7.95 0.68 8.25
CA LYS A 43 8.54 0.70 9.57
C LYS A 43 7.81 -0.26 10.51
N ASP A 44 6.50 -0.40 10.31
CA ASP A 44 5.70 -1.29 11.13
C ASP A 44 6.21 -2.73 11.04
N ARG A 45 5.93 -3.39 9.93
CA ARG A 45 6.37 -4.76 9.73
C ARG A 45 7.31 -4.86 8.53
N GLY A 46 7.29 -3.84 7.68
CA GLY A 46 8.14 -3.84 6.51
C GLY A 46 7.49 -4.49 5.31
N ASP A 47 6.40 -5.21 5.55
CA ASP A 47 5.68 -5.89 4.48
C ASP A 47 4.18 -5.70 4.63
N LEU A 48 3.72 -4.47 4.45
CA LEU A 48 2.30 -4.15 4.57
C LEU A 48 1.54 -4.54 3.31
N LEU A 49 2.12 -4.21 2.15
CA LEU A 49 1.51 -4.54 0.87
C LEU A 49 2.56 -4.69 -0.22
N GLU A 50 2.11 -4.91 -1.44
CA GLU A 50 3.02 -5.07 -2.57
C GLU A 50 2.33 -4.71 -3.89
N VAL A 51 3.09 -4.13 -4.81
CA VAL A 51 2.56 -3.73 -6.11
C VAL A 51 2.81 -4.80 -7.16
N ASN A 52 1.85 -4.96 -8.07
CA ASN A 52 1.98 -5.96 -9.13
C ASN A 52 2.40 -5.30 -10.44
N LEU A 53 3.53 -5.75 -10.98
CA LEU A 53 4.05 -5.21 -12.23
C LEU A 53 3.21 -5.66 -13.41
N GLN A 54 2.26 -6.56 -13.14
CA GLN A 54 1.39 -7.08 -14.19
C GLN A 54 0.47 -5.99 -14.71
N ASN A 55 -0.33 -5.41 -13.82
CA ASN A 55 -1.26 -4.36 -14.19
C ASN A 55 -0.93 -3.05 -13.46
N GLY A 56 -0.31 -3.18 -12.30
CA GLY A 56 0.06 -2.02 -11.52
C GLY A 56 -0.80 -1.85 -10.28
N ILE A 57 -1.90 -2.59 -10.22
CA ILE A 57 -2.80 -2.53 -9.07
C ILE A 57 -2.07 -2.90 -7.78
N LEU A 58 -2.49 -2.28 -6.68
CA LEU A 58 -1.89 -2.55 -5.38
C LEU A 58 -2.72 -3.57 -4.59
N PHE A 59 -2.08 -4.68 -4.23
CA PHE A 59 -2.75 -5.72 -3.47
C PHE A 59 -2.27 -5.76 -2.03
N VAL A 60 -3.10 -6.28 -1.13
CA VAL A 60 -2.76 -6.37 0.28
C VAL A 60 -1.88 -7.59 0.56
N ASN A 61 -0.93 -7.42 1.47
CA ASN A 61 -0.02 -8.50 1.83
C ASN A 61 0.41 -8.39 3.28
N SER A 62 -0.56 -8.19 4.17
CA SER A 62 -0.28 -8.06 5.60
C SER A 62 -1.54 -8.26 6.42
N ARG A 63 -1.39 -8.27 7.74
CA ARG A 63 -2.52 -8.45 8.63
C ARG A 63 -3.43 -7.22 8.62
N ILE A 64 -4.65 -7.41 8.11
CA ILE A 64 -5.61 -6.31 8.04
C ILE A 64 -6.73 -6.50 9.06
N ASP A 65 -6.88 -7.72 9.55
CA ASP A 65 -7.92 -8.03 10.54
C ASP A 65 -7.73 -7.19 11.79
N ARG A 66 -8.85 -6.81 12.41
CA ARG A 66 -8.82 -6.01 13.62
C ARG A 66 -7.82 -6.58 14.62
N GLU A 67 -7.61 -7.89 14.57
CA GLU A 67 -6.69 -8.55 15.48
C GLU A 67 -5.33 -7.86 15.47
N GLU A 68 -4.62 -7.98 14.35
CA GLU A 68 -3.30 -7.37 14.21
C GLU A 68 -3.43 -5.90 13.82
N LEU A 69 -4.39 -5.60 12.95
CA LEU A 69 -4.61 -4.24 12.49
C LEU A 69 -4.62 -3.26 13.66
N CYS A 70 -5.68 -3.30 14.45
CA CYS A 70 -5.81 -2.42 15.61
C CYS A 70 -6.74 -3.03 16.65
N GLY A 71 -7.95 -3.39 16.24
CA GLY A 71 -8.91 -3.97 17.15
C GLY A 71 -10.08 -3.05 17.44
N ARG A 72 -9.99 -2.31 18.53
CA ARG A 72 -11.06 -1.39 18.92
C ARG A 72 -10.78 0.01 18.41
N SER A 73 -10.97 0.21 17.10
CA SER A 73 -10.73 1.51 16.48
C SER A 73 -11.66 1.74 15.31
N ALA A 74 -12.46 2.79 15.38
CA ALA A 74 -13.41 3.12 14.32
C ALA A 74 -12.70 3.21 12.97
N GLU A 75 -11.42 3.56 13.00
CA GLU A 75 -10.63 3.68 11.77
C GLU A 75 -9.15 3.89 12.08
N CYS A 76 -8.31 3.01 11.56
CA CYS A 76 -6.87 3.10 11.78
C CYS A 76 -6.14 3.46 10.50
N SER A 77 -5.10 4.28 10.63
CA SER A 77 -4.32 4.71 9.47
C SER A 77 -3.00 3.95 9.39
N ILE A 78 -2.47 3.81 8.19
CA ILE A 78 -1.22 3.10 7.98
C ILE A 78 -0.28 3.90 7.07
N HIS A 79 1.01 3.88 7.39
CA HIS A 79 2.00 4.59 6.60
C HIS A 79 2.97 3.62 5.93
N LEU A 80 3.35 3.93 4.70
CA LEU A 80 4.26 3.08 3.94
C LEU A 80 5.23 3.93 3.12
N GLU A 81 6.39 3.35 2.80
CA GLU A 81 7.41 4.04 2.02
C GLU A 81 7.90 3.19 0.86
N VAL A 82 7.68 3.66 -0.36
CA VAL A 82 8.09 2.93 -1.55
C VAL A 82 9.45 3.41 -2.04
N ILE A 83 10.47 2.58 -1.87
CA ILE A 83 11.81 2.93 -2.30
C ILE A 83 12.01 2.64 -3.79
N VAL A 84 12.29 3.69 -4.55
CA VAL A 84 12.50 3.55 -6.00
C VAL A 84 13.92 3.96 -6.38
N ASP A 85 14.61 3.07 -7.08
CA ASP A 85 15.97 3.32 -7.52
C ASP A 85 16.01 3.74 -8.98
N ARG A 86 16.43 4.98 -9.23
CA ARG A 86 16.51 5.50 -10.59
C ARG A 86 15.12 5.66 -11.18
N PRO A 87 14.48 6.82 -10.91
CA PRO A 87 15.08 7.87 -10.08
C PRO A 87 15.20 7.45 -8.61
N LEU A 88 16.08 8.12 -7.88
CA LEU A 88 16.29 7.83 -6.47
C LEU A 88 15.38 8.69 -5.60
N GLN A 89 14.40 8.06 -4.94
CA GLN A 89 13.48 8.77 -4.08
C GLN A 89 12.47 7.81 -3.45
N VAL A 90 11.53 8.36 -2.68
CA VAL A 90 10.52 7.56 -2.03
C VAL A 90 9.12 8.11 -2.29
N PHE A 91 8.12 7.24 -2.18
CA PHE A 91 6.74 7.63 -2.42
C PHE A 91 5.90 7.48 -1.15
N HIS A 92 5.24 8.56 -0.74
CA HIS A 92 4.41 8.55 0.45
C HIS A 92 3.12 7.78 0.20
N VAL A 93 2.96 6.65 0.88
CA VAL A 93 1.77 5.83 0.74
C VAL A 93 1.03 5.69 2.07
N GLU A 94 -0.26 5.99 2.06
CA GLU A 94 -1.08 5.90 3.26
C GLU A 94 -2.36 5.13 2.98
N VAL A 95 -2.50 3.96 3.62
CA VAL A 95 -3.69 3.13 3.44
C VAL A 95 -4.52 3.09 4.71
N GLU A 96 -5.82 3.32 4.57
CA GLU A 96 -6.73 3.31 5.70
C GLU A 96 -7.60 2.05 5.69
N VAL A 97 -8.07 1.66 6.87
CA VAL A 97 -8.92 0.47 7.00
C VAL A 97 -10.37 0.85 7.25
N ARG A 98 -11.25 0.41 6.37
CA ARG A 98 -12.68 0.71 6.49
C ARG A 98 -13.38 -0.34 7.34
N ASP A 99 -13.83 0.08 8.53
CA ASP A 99 -14.52 -0.82 9.44
C ASP A 99 -14.94 -0.09 10.71
N ILE A 100 -15.47 -0.85 11.67
CA ILE A 100 -15.92 -0.26 12.94
C ILE A 100 -15.45 -1.11 14.13
N ASN A 101 -15.36 -0.49 15.29
CA ASN A 101 -14.93 -1.18 16.50
C ASN A 101 -15.90 -2.30 16.86
N ASP A 102 -17.18 -2.08 16.56
CA ASP A 102 -18.21 -3.07 16.85
C ASP A 102 -17.87 -4.42 16.21
N ASN A 103 -17.13 -4.37 15.11
CA ASN A 103 -16.73 -5.58 14.40
C ASN A 103 -15.48 -6.19 15.03
N GLY A 1 7.64 13.62 -9.29
CA GLY A 1 6.21 13.81 -9.50
C GLY A 1 5.42 13.77 -8.20
N ASN A 2 4.30 13.08 -8.21
CA ASN A 2 3.45 12.97 -7.02
C ASN A 2 4.26 12.51 -5.82
N SER A 3 3.72 12.72 -4.62
CA SER A 3 4.39 12.33 -3.40
C SER A 3 3.39 11.82 -2.36
N GLN A 4 2.38 12.64 -2.07
CA GLN A 4 1.36 12.27 -1.11
C GLN A 4 0.27 11.42 -1.76
N ILE A 5 0.31 10.12 -1.51
CA ILE A 5 -0.67 9.19 -2.07
C ILE A 5 -1.25 8.29 -0.99
N HIS A 6 -2.54 8.00 -1.10
CA HIS A 6 -3.22 7.14 -0.14
C HIS A 6 -4.18 6.19 -0.85
N TYR A 7 -4.40 5.02 -0.25
CA TYR A 7 -5.29 4.03 -0.82
C TYR A 7 -6.39 3.64 0.17
N SER A 8 -7.40 2.93 -0.32
CA SER A 8 -8.52 2.51 0.51
C SER A 8 -8.67 1.00 0.50
N ILE A 9 -8.70 0.39 1.68
CA ILE A 9 -8.83 -1.05 1.81
C ILE A 9 -9.62 -1.42 3.06
N PRO A 10 -10.80 -2.02 2.86
CA PRO A 10 -11.67 -2.45 3.96
C PRO A 10 -11.08 -3.62 4.75
N GLU A 11 -11.30 -3.61 6.06
CA GLU A 11 -10.79 -4.67 6.92
C GLU A 11 -11.13 -6.04 6.34
N GLU A 12 -10.47 -7.07 6.87
CA GLU A 12 -10.70 -8.44 6.41
C GLU A 12 -10.22 -8.62 4.97
N ALA A 13 -9.13 -7.94 4.62
CA ALA A 13 -8.56 -8.02 3.28
C ALA A 13 -7.48 -9.09 3.21
N LYS A 14 -7.84 -10.26 2.70
CA LYS A 14 -6.88 -11.36 2.58
C LYS A 14 -5.74 -10.99 1.63
N HIS A 15 -4.63 -11.68 1.78
CA HIS A 15 -3.46 -11.42 0.94
C HIS A 15 -3.83 -11.44 -0.54
N GLY A 16 -3.62 -10.31 -1.22
CA GLY A 16 -3.94 -10.23 -2.62
C GLY A 16 -5.18 -9.39 -2.88
N THR A 17 -5.68 -8.73 -1.84
CA THR A 17 -6.86 -7.90 -1.96
C THR A 17 -6.52 -6.53 -2.53
N PHE A 18 -7.42 -6.00 -3.35
CA PHE A 18 -7.22 -4.69 -3.96
C PHE A 18 -7.14 -3.59 -2.91
N VAL A 19 -6.22 -2.65 -3.10
CA VAL A 19 -6.05 -1.55 -2.17
C VAL A 19 -6.11 -0.21 -2.89
N GLY A 20 -5.42 -0.11 -4.02
CA GLY A 20 -5.42 1.12 -4.78
C GLY A 20 -4.46 1.07 -5.96
N ARG A 21 -4.49 2.10 -6.79
CA ARG A 21 -3.62 2.17 -7.97
C ARG A 21 -2.37 2.99 -7.66
N ILE A 22 -1.43 2.38 -6.97
CA ILE A 22 -0.18 3.06 -6.61
C ILE A 22 0.46 3.70 -7.84
N ALA A 23 0.51 2.95 -8.94
CA ALA A 23 1.09 3.45 -10.19
C ALA A 23 0.25 4.57 -10.76
N GLN A 24 -1.04 4.33 -10.91
CA GLN A 24 -1.96 5.32 -11.47
C GLN A 24 -1.86 6.64 -10.69
N ASP A 25 -1.76 6.53 -9.37
CA ASP A 25 -1.66 7.71 -8.51
C ASP A 25 -0.27 8.32 -8.59
N LEU A 26 0.73 7.48 -8.84
CA LEU A 26 2.11 7.94 -8.94
C LEU A 26 2.34 8.71 -10.25
N GLY A 27 1.74 8.21 -11.33
CA GLY A 27 1.88 8.85 -12.62
C GLY A 27 3.07 8.33 -13.40
N LEU A 28 3.22 7.00 -13.43
CA LEU A 28 4.32 6.38 -14.15
C LEU A 28 3.81 5.28 -15.08
N GLU A 29 4.73 4.68 -15.84
CA GLU A 29 4.37 3.62 -16.77
C GLU A 29 4.58 2.24 -16.13
N LEU A 30 3.71 1.30 -16.48
CA LEU A 30 3.79 -0.05 -15.95
C LEU A 30 5.04 -0.77 -16.45
N THR A 31 5.37 -0.55 -17.72
CA THR A 31 6.55 -1.16 -18.33
C THR A 31 7.80 -0.36 -18.03
N GLU A 32 7.66 0.70 -17.24
CA GLU A 32 8.79 1.55 -16.88
C GLU A 32 9.25 1.27 -15.45
N LEU A 33 8.45 0.49 -14.72
CA LEU A 33 8.77 0.14 -13.34
C LEU A 33 10.01 -0.75 -13.28
N VAL A 34 10.11 -1.67 -14.22
CA VAL A 34 11.25 -2.58 -14.28
C VAL A 34 12.57 -1.83 -14.25
N PRO A 35 12.77 -0.93 -15.23
CA PRO A 35 13.99 -0.12 -15.33
C PRO A 35 14.08 0.92 -14.23
N ARG A 36 12.96 1.19 -13.57
CA ARG A 36 12.92 2.16 -12.49
C ARG A 36 13.24 1.51 -11.15
N LEU A 37 13.56 0.22 -11.18
CA LEU A 37 13.89 -0.51 -9.96
C LEU A 37 12.87 -0.25 -8.88
N PHE A 38 11.60 -0.49 -9.18
CA PHE A 38 10.52 -0.28 -8.22
C PHE A 38 10.66 -1.22 -7.03
N ARG A 39 10.35 -0.70 -5.84
CA ARG A 39 10.44 -1.51 -4.62
C ARG A 39 9.50 -0.96 -3.55
N VAL A 40 9.02 -1.84 -2.69
CA VAL A 40 8.11 -1.45 -1.61
C VAL A 40 8.62 -1.95 -0.26
N ALA A 41 8.47 -1.11 0.77
CA ALA A 41 8.91 -1.47 2.10
C ALA A 41 8.36 -0.49 3.14
N SER A 42 8.70 -0.72 4.41
CA SER A 42 8.22 0.14 5.48
C SER A 42 9.22 0.12 6.65
N LYS A 43 9.16 1.17 7.47
CA LYS A 43 10.04 1.27 8.63
C LYS A 43 9.47 0.49 9.83
N ASP A 44 8.17 0.27 9.81
CA ASP A 44 7.50 -0.45 10.89
C ASP A 44 7.88 -1.93 10.85
N ARG A 45 7.26 -2.67 9.94
CA ARG A 45 7.53 -4.10 9.81
C ARG A 45 8.05 -4.43 8.41
N GLY A 46 7.82 -3.52 7.47
CA GLY A 46 8.27 -3.73 6.11
C GLY A 46 7.45 -4.80 5.39
N ASP A 47 6.39 -5.26 6.04
CA ASP A 47 5.52 -6.28 5.45
C ASP A 47 4.06 -5.94 5.67
N LEU A 48 3.61 -4.84 5.07
CA LEU A 48 2.23 -4.40 5.20
C LEU A 48 1.50 -4.51 3.86
N LEU A 49 2.16 -4.06 2.80
CA LEU A 49 1.57 -4.11 1.46
C LEU A 49 2.66 -4.10 0.39
N GLU A 50 2.29 -4.52 -0.82
CA GLU A 50 3.24 -4.55 -1.93
C GLU A 50 2.52 -4.33 -3.26
N VAL A 51 3.23 -3.74 -4.21
CA VAL A 51 2.67 -3.47 -5.52
C VAL A 51 3.00 -4.58 -6.52
N ASN A 52 2.06 -4.88 -7.41
CA ASN A 52 2.24 -5.93 -8.40
C ASN A 52 2.56 -5.33 -9.76
N LEU A 53 3.74 -5.65 -10.28
CA LEU A 53 4.16 -5.14 -11.59
C LEU A 53 3.24 -5.65 -12.70
N GLN A 54 2.45 -6.67 -12.37
CA GLN A 54 1.52 -7.25 -13.34
C GLN A 54 0.66 -6.16 -13.99
N ASN A 55 0.05 -5.32 -13.16
CA ASN A 55 -0.80 -4.24 -13.66
C ASN A 55 -0.64 -2.99 -12.80
N GLY A 56 0.46 -2.92 -12.07
CA GLY A 56 0.71 -1.77 -11.21
C GLY A 56 -0.35 -1.61 -10.13
N ILE A 57 -0.99 -2.72 -9.78
CA ILE A 57 -2.03 -2.69 -8.75
C ILE A 57 -1.45 -2.95 -7.37
N LEU A 58 -2.06 -2.35 -6.35
CA LEU A 58 -1.60 -2.52 -4.98
C LEU A 58 -2.40 -3.61 -4.27
N PHE A 59 -1.70 -4.66 -3.85
CA PHE A 59 -2.34 -5.78 -3.15
C PHE A 59 -1.95 -5.80 -1.68
N VAL A 60 -2.81 -6.38 -0.86
CA VAL A 60 -2.56 -6.47 0.58
C VAL A 60 -1.48 -7.50 0.88
N ASN A 61 -0.69 -7.24 1.91
CA ASN A 61 0.38 -8.15 2.31
C ASN A 61 0.58 -8.13 3.82
N SER A 62 -0.53 -8.26 4.55
CA SER A 62 -0.48 -8.26 6.01
C SER A 62 -1.82 -8.69 6.60
N ARG A 63 -1.87 -8.82 7.92
CA ARG A 63 -3.09 -9.24 8.61
C ARG A 63 -3.97 -8.03 8.92
N ILE A 64 -4.85 -7.68 7.99
CA ILE A 64 -5.74 -6.54 8.18
C ILE A 64 -6.81 -6.85 9.21
N ASP A 65 -7.00 -8.14 9.49
CA ASP A 65 -7.99 -8.57 10.47
C ASP A 65 -7.99 -7.66 11.69
N ARG A 66 -9.17 -7.28 12.15
CA ARG A 66 -9.31 -6.41 13.31
C ARG A 66 -8.57 -7.00 14.51
N GLU A 67 -8.38 -8.32 14.50
CA GLU A 67 -7.69 -9.00 15.59
C GLU A 67 -6.19 -8.75 15.51
N GLU A 68 -5.63 -8.83 14.31
CA GLU A 68 -4.20 -8.62 14.11
C GLU A 68 -3.89 -7.13 14.00
N LEU A 69 -4.51 -6.47 13.03
CA LEU A 69 -4.30 -5.05 12.81
C LEU A 69 -4.47 -4.26 14.12
N CYS A 70 -5.71 -4.13 14.56
CA CYS A 70 -6.01 -3.40 15.79
C CYS A 70 -7.41 -3.75 16.29
N GLY A 71 -8.40 -3.57 15.43
CA GLY A 71 -9.77 -3.88 15.80
C GLY A 71 -10.38 -2.79 16.68
N ARG A 72 -9.76 -2.56 17.83
CA ARG A 72 -10.25 -1.54 18.76
C ARG A 72 -10.48 -0.22 18.06
N SER A 73 -9.40 0.48 17.73
CA SER A 73 -9.48 1.77 17.06
C SER A 73 -10.34 1.66 15.81
N ALA A 74 -11.52 2.27 15.86
CA ALA A 74 -12.45 2.24 14.72
C ALA A 74 -11.74 2.67 13.44
N GLU A 75 -10.82 3.62 13.56
CA GLU A 75 -10.08 4.12 12.41
C GLU A 75 -8.58 3.87 12.57
N CYS A 76 -8.06 2.95 11.77
CA CYS A 76 -6.63 2.62 11.82
C CYS A 76 -5.92 3.08 10.56
N SER A 77 -4.86 3.86 10.74
CA SER A 77 -4.09 4.37 9.62
C SER A 77 -2.78 3.59 9.45
N ILE A 78 -2.30 3.52 8.21
CA ILE A 78 -1.06 2.81 7.92
C ILE A 78 -0.16 3.62 7.02
N HIS A 79 1.14 3.59 7.31
CA HIS A 79 2.13 4.34 6.53
C HIS A 79 3.08 3.40 5.81
N LEU A 80 3.44 3.75 4.58
CA LEU A 80 4.34 2.93 3.78
C LEU A 80 5.26 3.80 2.93
N GLU A 81 6.41 3.25 2.55
CA GLU A 81 7.38 3.98 1.74
C GLU A 81 7.83 3.14 0.55
N VAL A 82 7.57 3.65 -0.65
CA VAL A 82 7.95 2.96 -1.88
C VAL A 82 9.33 3.38 -2.34
N ILE A 83 10.30 2.48 -2.21
CA ILE A 83 11.67 2.75 -2.63
C ILE A 83 11.85 2.52 -4.12
N VAL A 84 12.24 3.57 -4.83
CA VAL A 84 12.45 3.48 -6.27
C VAL A 84 13.87 3.91 -6.64
N ASP A 85 14.46 3.20 -7.60
CA ASP A 85 15.81 3.49 -8.05
C ASP A 85 15.81 3.97 -9.50
N ARG A 86 16.22 5.22 -9.71
CA ARG A 86 16.25 5.80 -11.05
C ARG A 86 14.85 5.96 -11.61
N PRO A 87 14.17 7.04 -11.23
CA PRO A 87 14.73 8.04 -10.31
C PRO A 87 14.87 7.51 -8.89
N LEU A 88 15.80 8.10 -8.14
CA LEU A 88 16.03 7.68 -6.76
C LEU A 88 15.24 8.55 -5.79
N GLN A 89 14.23 7.96 -5.16
CA GLN A 89 13.39 8.67 -4.20
C GLN A 89 12.38 7.74 -3.56
N VAL A 90 11.48 8.30 -2.76
CA VAL A 90 10.45 7.52 -2.08
C VAL A 90 9.07 8.12 -2.31
N PHE A 91 8.05 7.26 -2.29
CA PHE A 91 6.68 7.69 -2.50
C PHE A 91 5.86 7.53 -1.22
N HIS A 92 5.26 8.62 -0.76
CA HIS A 92 4.45 8.60 0.45
C HIS A 92 3.16 7.83 0.22
N VAL A 93 3.02 6.70 0.91
CA VAL A 93 1.83 5.86 0.78
C VAL A 93 1.12 5.71 2.12
N GLU A 94 -0.19 5.96 2.12
CA GLU A 94 -0.98 5.86 3.34
C GLU A 94 -2.30 5.14 3.06
N VAL A 95 -2.44 3.94 3.62
CA VAL A 95 -3.65 3.15 3.43
C VAL A 95 -4.47 3.09 4.72
N GLU A 96 -5.76 3.38 4.60
CA GLU A 96 -6.65 3.36 5.76
C GLU A 96 -7.59 2.16 5.70
N VAL A 97 -8.06 1.73 6.87
CA VAL A 97 -8.96 0.59 6.95
C VAL A 97 -10.42 1.04 7.00
N ARG A 98 -11.24 0.47 6.13
CA ARG A 98 -12.65 0.82 6.08
C ARG A 98 -13.51 -0.29 6.69
N ASP A 99 -14.15 0.00 7.81
CA ASP A 99 -15.00 -0.97 8.49
C ASP A 99 -15.62 -0.36 9.75
N ILE A 100 -16.25 -1.21 10.55
CA ILE A 100 -16.88 -0.76 11.79
C ILE A 100 -16.50 -1.67 12.96
N ASN A 101 -16.60 -1.12 14.17
CA ASN A 101 -16.28 -1.88 15.37
C ASN A 101 -17.46 -2.73 15.84
N ASP A 102 -18.66 -2.25 15.53
CA ASP A 102 -19.89 -2.95 15.90
C ASP A 102 -19.88 -4.38 15.37
N ASN A 103 -19.20 -4.58 14.25
CA ASN A 103 -19.12 -5.90 13.63
C ASN A 103 -18.09 -5.91 12.50
N GLY A 1 7.47 18.73 -7.16
CA GLY A 1 7.52 17.30 -6.89
C GLY A 1 6.70 16.92 -5.67
N ASN A 2 5.74 16.01 -5.86
CA ASN A 2 4.89 15.56 -4.76
C ASN A 2 4.96 14.03 -4.61
N SER A 3 4.67 13.56 -3.41
CA SER A 3 4.71 12.13 -3.13
C SER A 3 3.63 11.74 -2.13
N GLN A 4 2.56 12.53 -2.10
CA GLN A 4 1.44 12.28 -1.19
C GLN A 4 0.36 11.45 -1.87
N ILE A 5 0.32 10.16 -1.57
CA ILE A 5 -0.66 9.27 -2.15
C ILE A 5 -1.31 8.38 -1.08
N HIS A 6 -2.60 8.10 -1.26
CA HIS A 6 -3.34 7.27 -0.30
C HIS A 6 -4.27 6.32 -1.03
N TYR A 7 -4.55 5.17 -0.42
CA TYR A 7 -5.43 4.18 -1.01
C TYR A 7 -6.51 3.74 -0.01
N SER A 8 -7.49 2.99 -0.50
CA SER A 8 -8.57 2.51 0.34
C SER A 8 -8.70 0.99 0.26
N ILE A 9 -8.77 0.35 1.42
CA ILE A 9 -8.88 -1.10 1.48
C ILE A 9 -9.75 -1.54 2.66
N PRO A 10 -10.74 -2.40 2.39
CA PRO A 10 -11.65 -2.91 3.41
C PRO A 10 -10.96 -3.86 4.38
N GLU A 11 -11.15 -3.63 5.67
CA GLU A 11 -10.53 -4.47 6.70
C GLU A 11 -10.73 -5.95 6.39
N GLU A 12 -9.90 -6.80 6.99
CA GLU A 12 -9.99 -8.24 6.76
C GLU A 12 -9.68 -8.58 5.30
N ALA A 13 -8.92 -7.71 4.64
CA ALA A 13 -8.55 -7.93 3.25
C ALA A 13 -7.59 -9.11 3.11
N LYS A 14 -8.01 -10.10 2.34
CA LYS A 14 -7.19 -11.30 2.12
C LYS A 14 -6.07 -11.00 1.13
N HIS A 15 -5.10 -11.93 1.04
CA HIS A 15 -3.98 -11.77 0.14
C HIS A 15 -4.45 -11.60 -1.30
N GLY A 16 -4.17 -10.45 -1.89
CA GLY A 16 -4.58 -10.18 -3.25
C GLY A 16 -5.75 -9.22 -3.33
N THR A 17 -6.13 -8.64 -2.19
CA THR A 17 -7.24 -7.71 -2.13
C THR A 17 -6.88 -6.38 -2.77
N PHE A 18 -7.84 -5.77 -3.46
CA PHE A 18 -7.61 -4.49 -4.12
C PHE A 18 -7.44 -3.37 -3.10
N VAL A 19 -6.46 -2.51 -3.34
CA VAL A 19 -6.18 -1.40 -2.44
C VAL A 19 -6.22 -0.06 -3.19
N GLY A 20 -5.54 0.00 -4.32
CA GLY A 20 -5.51 1.22 -5.11
C GLY A 20 -4.32 1.27 -6.06
N ARG A 21 -4.59 1.53 -7.33
CA ARG A 21 -3.54 1.60 -8.33
C ARG A 21 -2.39 2.48 -7.85
N ILE A 22 -1.33 1.85 -7.37
CA ILE A 22 -0.16 2.58 -6.89
C ILE A 22 0.58 3.26 -8.03
N ALA A 23 0.70 2.56 -9.15
CA ALA A 23 1.38 3.09 -10.32
C ALA A 23 0.57 4.21 -10.96
N GLN A 24 -0.74 4.04 -11.03
CA GLN A 24 -1.62 5.03 -11.63
C GLN A 24 -1.54 6.35 -10.87
N ASP A 25 -1.50 6.26 -9.54
CA ASP A 25 -1.41 7.45 -8.69
C ASP A 25 -0.01 8.03 -8.70
N LEU A 26 0.96 7.22 -9.13
CA LEU A 26 2.35 7.65 -9.18
C LEU A 26 2.65 8.33 -10.51
N GLY A 27 2.10 7.79 -11.59
CA GLY A 27 2.30 8.36 -12.91
C GLY A 27 3.49 7.74 -13.62
N LEU A 28 3.63 6.43 -13.49
CA LEU A 28 4.72 5.71 -14.12
C LEU A 28 4.22 4.43 -14.81
N GLU A 29 4.80 4.12 -15.96
CA GLU A 29 4.41 2.93 -16.72
C GLU A 29 4.96 1.67 -16.07
N LEU A 30 4.17 0.60 -16.09
CA LEU A 30 4.59 -0.67 -15.51
C LEU A 30 5.88 -1.18 -16.16
N THR A 31 6.12 -0.74 -17.39
CA THR A 31 7.31 -1.15 -18.12
C THR A 31 8.51 -0.28 -17.76
N GLU A 32 8.30 0.62 -16.80
CA GLU A 32 9.37 1.52 -16.36
C GLU A 32 9.75 1.22 -14.91
N LEU A 33 8.86 0.54 -14.20
CA LEU A 33 9.11 0.20 -12.80
C LEU A 33 10.26 -0.80 -12.68
N VAL A 34 10.26 -1.80 -13.56
CA VAL A 34 11.31 -2.81 -13.56
C VAL A 34 12.70 -2.18 -13.59
N PRO A 35 12.96 -1.38 -14.63
CA PRO A 35 14.24 -0.68 -14.80
C PRO A 35 14.45 0.41 -13.77
N ARG A 36 13.37 0.82 -13.11
CA ARG A 36 13.43 1.86 -12.09
C ARG A 36 13.72 1.27 -10.72
N LEU A 37 14.07 0.00 -10.70
CA LEU A 37 14.37 -0.69 -9.44
C LEU A 37 13.29 -0.41 -8.39
N PHE A 38 12.04 -0.70 -8.75
CA PHE A 38 10.92 -0.48 -7.84
C PHE A 38 11.03 -1.37 -6.61
N ARG A 39 10.90 -0.78 -5.44
CA ARG A 39 10.98 -1.51 -4.19
C ARG A 39 10.02 -0.94 -3.15
N VAL A 40 9.35 -1.82 -2.41
CA VAL A 40 8.42 -1.41 -1.38
C VAL A 40 9.01 -1.56 0.01
N ALA A 41 8.77 -0.58 0.87
CA ALA A 41 9.28 -0.61 2.24
C ALA A 41 8.28 0.00 3.21
N SER A 42 8.24 -0.55 4.42
CA SER A 42 7.33 -0.05 5.45
C SER A 42 8.04 0.09 6.79
N LYS A 43 7.48 0.93 7.65
CA LYS A 43 8.08 1.17 8.97
C LYS A 43 7.47 0.23 10.01
N ASP A 44 6.17 0.01 9.92
CA ASP A 44 5.47 -0.87 10.85
C ASP A 44 6.11 -2.25 10.87
N ARG A 45 5.86 -3.04 9.83
CA ARG A 45 6.41 -4.38 9.72
C ARG A 45 7.34 -4.49 8.51
N GLY A 46 7.22 -3.56 7.59
CA GLY A 46 8.05 -3.56 6.40
C GLY A 46 7.44 -4.38 5.27
N ASP A 47 6.42 -5.16 5.59
CA ASP A 47 5.74 -5.99 4.60
C ASP A 47 4.22 -5.90 4.76
N LEU A 48 3.68 -4.71 4.53
CA LEU A 48 2.24 -4.49 4.65
C LEU A 48 1.52 -4.83 3.35
N LEU A 49 2.09 -4.38 2.23
CA LEU A 49 1.51 -4.63 0.92
C LEU A 49 2.60 -4.66 -0.16
N GLU A 50 2.22 -5.07 -1.37
CA GLU A 50 3.15 -5.14 -2.48
C GLU A 50 2.48 -4.70 -3.78
N VAL A 51 3.28 -4.20 -4.71
CA VAL A 51 2.77 -3.74 -6.00
C VAL A 51 3.08 -4.76 -7.10
N ASN A 52 2.11 -4.96 -8.00
CA ASN A 52 2.27 -5.90 -9.09
C ASN A 52 2.48 -5.16 -10.42
N LEU A 53 3.63 -5.40 -11.04
CA LEU A 53 3.95 -4.76 -12.31
C LEU A 53 3.00 -5.22 -13.41
N GLN A 54 2.26 -6.29 -13.13
CA GLN A 54 1.32 -6.84 -14.09
C GLN A 54 0.38 -5.75 -14.62
N ASN A 55 -0.37 -5.13 -13.71
CA ASN A 55 -1.29 -4.07 -14.08
C ASN A 55 -1.04 -2.81 -13.26
N GLY A 56 -0.06 -2.87 -12.37
CA GLY A 56 0.27 -1.74 -11.54
C GLY A 56 -0.64 -1.63 -10.32
N ILE A 57 -1.62 -2.52 -10.24
CA ILE A 57 -2.56 -2.53 -9.12
C ILE A 57 -1.87 -2.91 -7.82
N LEU A 58 -2.35 -2.36 -6.71
CA LEU A 58 -1.77 -2.65 -5.41
C LEU A 58 -2.59 -3.71 -4.67
N PHE A 59 -1.93 -4.81 -4.31
CA PHE A 59 -2.59 -5.90 -3.60
C PHE A 59 -2.13 -5.96 -2.14
N VAL A 60 -3.01 -6.47 -1.28
CA VAL A 60 -2.69 -6.58 0.15
C VAL A 60 -1.81 -7.80 0.41
N ASN A 61 -0.89 -7.66 1.35
CA ASN A 61 0.01 -8.75 1.71
C ASN A 61 0.41 -8.68 3.18
N SER A 62 -0.60 -8.55 4.05
CA SER A 62 -0.35 -8.47 5.48
C SER A 62 -1.66 -8.63 6.26
N ARG A 63 -1.55 -8.70 7.58
CA ARG A 63 -2.71 -8.87 8.44
C ARG A 63 -3.58 -7.60 8.42
N ILE A 64 -4.79 -7.73 7.87
CA ILE A 64 -5.71 -6.60 7.78
C ILE A 64 -6.87 -6.77 8.76
N ASP A 65 -7.07 -8.00 9.23
CA ASP A 65 -8.15 -8.29 10.16
C ASP A 65 -8.01 -7.45 11.43
N ARG A 66 -9.15 -7.06 12.00
CA ARG A 66 -9.16 -6.26 13.21
C ARG A 66 -8.22 -6.84 14.26
N GLU A 67 -8.02 -8.15 14.20
CA GLU A 67 -7.15 -8.84 15.16
C GLU A 67 -5.77 -8.20 15.19
N GLU A 68 -5.04 -8.33 14.08
CA GLU A 68 -3.70 -7.76 13.98
C GLU A 68 -3.75 -6.29 13.60
N LEU A 69 -4.68 -5.94 12.72
CA LEU A 69 -4.84 -4.57 12.28
C LEU A 69 -4.83 -3.61 13.46
N CYS A 70 -5.90 -3.63 14.24
CA CYS A 70 -6.03 -2.77 15.41
C CYS A 70 -7.01 -3.35 16.42
N GLY A 71 -8.22 -3.62 15.96
CA GLY A 71 -9.24 -4.18 16.83
C GLY A 71 -9.84 -3.14 17.77
N ARG A 72 -9.02 -2.64 18.69
CA ARG A 72 -9.48 -1.63 19.64
C ARG A 72 -10.01 -0.41 18.92
N SER A 73 -9.52 -0.18 17.70
CA SER A 73 -9.95 0.98 16.92
C SER A 73 -10.72 0.52 15.68
N ALA A 74 -11.82 1.20 15.40
CA ALA A 74 -12.66 0.88 14.24
C ALA A 74 -11.95 1.24 12.94
N GLU A 75 -11.44 2.47 12.88
CA GLU A 75 -10.73 2.94 11.68
C GLU A 75 -9.29 3.28 12.00
N CYS A 76 -8.36 2.48 11.47
CA CYS A 76 -6.94 2.71 11.70
C CYS A 76 -6.24 3.13 10.41
N SER A 77 -5.20 3.94 10.56
CA SER A 77 -4.44 4.42 9.41
C SER A 77 -3.13 3.67 9.27
N ILE A 78 -2.62 3.59 8.03
CA ILE A 78 -1.37 2.89 7.76
C ILE A 78 -0.46 3.74 6.89
N HIS A 79 0.83 3.76 7.23
CA HIS A 79 1.81 4.53 6.47
C HIS A 79 2.83 3.61 5.80
N LEU A 80 3.21 3.95 4.58
CA LEU A 80 4.17 3.15 3.84
C LEU A 80 5.08 4.05 2.98
N GLU A 81 6.27 3.55 2.68
CA GLU A 81 7.22 4.30 1.87
C GLU A 81 7.77 3.44 0.73
N VAL A 82 7.45 3.81 -0.50
CA VAL A 82 7.91 3.07 -1.67
C VAL A 82 9.22 3.64 -2.19
N ILE A 83 10.31 2.89 -1.98
CA ILE A 83 11.62 3.31 -2.43
C ILE A 83 11.87 2.90 -3.89
N VAL A 84 12.41 3.83 -4.67
CA VAL A 84 12.68 3.57 -6.08
C VAL A 84 14.11 4.00 -6.44
N ASP A 85 14.79 3.14 -7.20
CA ASP A 85 16.16 3.43 -7.62
C ASP A 85 16.21 3.82 -9.09
N ARG A 86 16.58 5.07 -9.36
CA ARG A 86 16.66 5.56 -10.73
C ARG A 86 15.27 5.65 -11.36
N PRO A 87 14.59 6.77 -11.12
CA PRO A 87 15.12 7.86 -10.30
C PRO A 87 15.21 7.48 -8.82
N LEU A 88 16.07 8.18 -8.09
CA LEU A 88 16.26 7.92 -6.66
C LEU A 88 15.31 8.78 -5.83
N GLN A 89 14.35 8.14 -5.16
CA GLN A 89 13.40 8.85 -4.33
C GLN A 89 12.41 7.87 -3.69
N VAL A 90 11.50 8.40 -2.88
CA VAL A 90 10.50 7.58 -2.21
C VAL A 90 9.10 8.14 -2.42
N PHE A 91 8.10 7.27 -2.29
CA PHE A 91 6.71 7.67 -2.48
C PHE A 91 5.90 7.42 -1.21
N HIS A 92 5.41 8.50 -0.61
CA HIS A 92 4.61 8.39 0.61
C HIS A 92 3.24 7.78 0.31
N VAL A 93 2.97 6.64 0.95
CA VAL A 93 1.71 5.95 0.76
C VAL A 93 0.93 5.85 2.07
N GLU A 94 -0.38 6.09 2.01
CA GLU A 94 -1.22 6.03 3.19
C GLU A 94 -2.51 5.27 2.89
N VAL A 95 -2.62 4.05 3.42
CA VAL A 95 -3.81 3.23 3.21
C VAL A 95 -4.62 3.11 4.50
N GLU A 96 -5.93 3.35 4.39
CA GLU A 96 -6.82 3.26 5.54
C GLU A 96 -7.69 2.01 5.47
N VAL A 97 -8.12 1.53 6.62
CA VAL A 97 -8.97 0.34 6.69
C VAL A 97 -10.42 0.71 7.01
N ARG A 98 -11.33 0.28 6.14
CA ARG A 98 -12.74 0.55 6.32
C ARG A 98 -13.42 -0.55 7.12
N ASP A 99 -13.87 -0.22 8.33
CA ASP A 99 -14.54 -1.17 9.19
C ASP A 99 -15.19 -0.48 10.39
N ILE A 100 -15.68 -1.28 11.33
CA ILE A 100 -16.32 -0.74 12.52
C ILE A 100 -15.82 -1.43 13.78
N ASN A 101 -15.93 -0.74 14.91
CA ASN A 101 -15.47 -1.28 16.19
C ASN A 101 -16.44 -2.35 16.69
N ASP A 102 -17.73 -2.04 16.66
CA ASP A 102 -18.76 -2.97 17.12
C ASP A 102 -18.67 -4.29 16.37
N ASN A 103 -18.16 -4.23 15.14
CA ASN A 103 -18.02 -5.42 14.31
C ASN A 103 -16.95 -5.22 13.25
N GLY A 1 6.96 14.61 -10.17
CA GLY A 1 6.00 13.59 -9.86
C GLY A 1 5.20 13.88 -8.61
N ASN A 2 4.62 12.84 -8.01
CA ASN A 2 3.82 13.00 -6.80
C ASN A 2 4.62 12.58 -5.57
N SER A 3 4.03 12.79 -4.40
CA SER A 3 4.68 12.44 -3.14
C SER A 3 3.68 11.91 -2.13
N GLN A 4 2.63 12.70 -1.89
CA GLN A 4 1.59 12.32 -0.94
C GLN A 4 0.52 11.47 -1.62
N ILE A 5 0.47 10.18 -1.28
CA ILE A 5 -0.50 9.27 -1.86
C ILE A 5 -1.13 8.38 -0.79
N HIS A 6 -2.42 8.09 -0.94
CA HIS A 6 -3.14 7.26 0.01
C HIS A 6 -4.08 6.31 -0.70
N TYR A 7 -4.35 5.16 -0.09
CA TYR A 7 -5.25 4.17 -0.66
C TYR A 7 -6.34 3.78 0.32
N SER A 8 -7.29 2.97 -0.15
CA SER A 8 -8.41 2.53 0.69
C SER A 8 -8.52 1.01 0.67
N ILE A 9 -8.65 0.41 1.85
CA ILE A 9 -8.77 -1.04 1.96
C ILE A 9 -9.47 -1.43 3.26
N PRO A 10 -10.67 -2.03 3.13
CA PRO A 10 -11.47 -2.47 4.27
C PRO A 10 -10.84 -3.65 5.00
N GLU A 11 -10.98 -3.68 6.32
CA GLU A 11 -10.43 -4.75 7.14
C GLU A 11 -10.78 -6.11 6.54
N GLU A 12 -10.08 -7.15 7.00
CA GLU A 12 -10.31 -8.50 6.51
C GLU A 12 -9.92 -8.63 5.05
N ALA A 13 -8.80 -8.01 4.68
CA ALA A 13 -8.30 -8.05 3.31
C ALA A 13 -7.17 -9.06 3.18
N LYS A 14 -7.50 -10.24 2.65
CA LYS A 14 -6.51 -11.30 2.47
C LYS A 14 -5.49 -10.90 1.40
N HIS A 15 -4.34 -11.58 1.41
CA HIS A 15 -3.28 -11.30 0.46
C HIS A 15 -3.82 -11.31 -0.97
N GLY A 16 -3.69 -10.18 -1.66
CA GLY A 16 -4.18 -10.08 -3.02
C GLY A 16 -5.44 -9.26 -3.13
N THR A 17 -5.82 -8.61 -2.05
CA THR A 17 -7.02 -7.79 -2.02
C THR A 17 -6.74 -6.39 -2.58
N PHE A 18 -7.71 -5.84 -3.29
CA PHE A 18 -7.57 -4.52 -3.88
C PHE A 18 -7.28 -3.48 -2.80
N VAL A 19 -6.30 -2.61 -3.06
CA VAL A 19 -5.92 -1.57 -2.11
C VAL A 19 -5.95 -0.19 -2.77
N GLY A 20 -5.27 -0.06 -3.90
CA GLY A 20 -5.24 1.21 -4.60
C GLY A 20 -4.09 1.29 -5.59
N ARG A 21 -4.41 1.62 -6.84
CA ARG A 21 -3.39 1.73 -7.87
C ARG A 21 -2.22 2.58 -7.40
N ILE A 22 -1.13 1.92 -7.02
CA ILE A 22 0.06 2.62 -6.55
C ILE A 22 0.81 3.26 -7.70
N ALA A 23 0.89 2.55 -8.82
CA ALA A 23 1.59 3.06 -10.00
C ALA A 23 0.82 4.21 -10.62
N GLN A 24 -0.46 4.00 -10.89
CA GLN A 24 -1.30 5.03 -11.49
C GLN A 24 -1.27 6.31 -10.66
N ASP A 25 -1.31 6.15 -9.35
CA ASP A 25 -1.29 7.29 -8.44
C ASP A 25 0.11 7.91 -8.36
N LEU A 26 1.11 7.14 -8.79
CA LEU A 26 2.49 7.60 -8.78
C LEU A 26 2.83 8.35 -10.05
N GLY A 27 2.33 7.86 -11.18
CA GLY A 27 2.59 8.50 -12.46
C GLY A 27 3.83 7.95 -13.14
N LEU A 28 3.95 6.63 -13.16
CA LEU A 28 5.10 5.98 -13.79
C LEU A 28 4.66 4.87 -14.73
N GLU A 29 5.55 4.47 -15.63
CA GLU A 29 5.24 3.41 -16.59
C GLU A 29 5.29 2.05 -15.92
N LEU A 30 4.28 1.22 -16.21
CA LEU A 30 4.21 -0.13 -15.63
C LEU A 30 5.32 -1.01 -16.19
N THR A 31 5.62 -0.85 -17.48
CA THR A 31 6.65 -1.64 -18.12
C THR A 31 8.04 -1.04 -17.88
N GLU A 32 8.09 0.03 -17.08
CA GLU A 32 9.34 0.69 -16.77
C GLU A 32 9.69 0.54 -15.29
N LEU A 33 8.84 -0.18 -14.56
CA LEU A 33 9.05 -0.41 -13.15
C LEU A 33 10.31 -1.25 -12.91
N VAL A 34 10.47 -2.29 -13.71
CA VAL A 34 11.63 -3.17 -13.59
C VAL A 34 12.93 -2.38 -13.64
N PRO A 35 13.13 -1.63 -14.73
CA PRO A 35 14.33 -0.80 -14.91
C PRO A 35 14.38 0.39 -13.97
N ARG A 36 13.23 0.71 -13.38
CA ARG A 36 13.13 1.84 -12.45
C ARG A 36 13.47 1.39 -11.04
N LEU A 37 13.78 0.11 -10.87
CA LEU A 37 14.12 -0.44 -9.57
C LEU A 37 13.03 -0.14 -8.55
N PHE A 38 11.80 -0.55 -8.87
CA PHE A 38 10.67 -0.33 -7.98
C PHE A 38 10.61 -1.40 -6.88
N ARG A 39 10.42 -0.96 -5.65
CA ARG A 39 10.34 -1.87 -4.52
C ARG A 39 9.52 -1.27 -3.38
N VAL A 40 8.84 -2.13 -2.63
CA VAL A 40 8.02 -1.69 -1.51
C VAL A 40 8.71 -1.95 -0.17
N ALA A 41 8.46 -1.07 0.79
CA ALA A 41 9.06 -1.21 2.11
C ALA A 41 8.22 -0.51 3.17
N SER A 42 8.49 -0.81 4.44
CA SER A 42 7.75 -0.22 5.55
C SER A 42 8.62 -0.14 6.80
N LYS A 43 8.26 0.76 7.71
CA LYS A 43 9.01 0.94 8.95
C LYS A 43 8.47 0.01 10.04
N ASP A 44 7.15 -0.07 10.14
CA ASP A 44 6.50 -0.92 11.14
C ASP A 44 7.05 -2.34 11.08
N ARG A 45 6.63 -3.09 10.07
CA ARG A 45 7.08 -4.47 9.89
C ARG A 45 7.86 -4.63 8.59
N GLY A 46 7.68 -3.67 7.68
CA GLY A 46 8.37 -3.73 6.41
C GLY A 46 7.67 -4.63 5.41
N ASP A 47 6.61 -5.28 5.86
CA ASP A 47 5.83 -6.17 4.99
C ASP A 47 4.33 -5.94 5.17
N LEU A 48 3.87 -4.78 4.74
CA LEU A 48 2.45 -4.44 4.86
C LEU A 48 1.71 -4.76 3.57
N LEU A 49 2.30 -4.40 2.44
CA LEU A 49 1.70 -4.65 1.14
C LEU A 49 2.77 -4.81 0.06
N GLU A 50 2.34 -5.00 -1.17
CA GLU A 50 3.26 -5.16 -2.30
C GLU A 50 2.60 -4.73 -3.61
N VAL A 51 3.41 -4.19 -4.51
CA VAL A 51 2.91 -3.73 -5.80
C VAL A 51 3.20 -4.76 -6.89
N ASN A 52 2.27 -4.90 -7.84
CA ASN A 52 2.43 -5.84 -8.93
C ASN A 52 2.89 -5.14 -10.20
N LEU A 53 3.99 -5.60 -10.76
CA LEU A 53 4.55 -5.01 -11.99
C LEU A 53 3.68 -5.37 -13.19
N GLN A 54 2.72 -6.25 -12.98
CA GLN A 54 1.81 -6.67 -14.05
C GLN A 54 0.97 -5.48 -14.54
N ASN A 55 0.14 -4.95 -13.65
CA ASN A 55 -0.71 -3.82 -13.98
C ASN A 55 -0.36 -2.59 -13.15
N GLY A 56 0.31 -2.83 -12.03
CA GLY A 56 0.70 -1.74 -11.15
C GLY A 56 -0.19 -1.64 -9.93
N ILE A 57 -1.34 -2.28 -9.98
CA ILE A 57 -2.29 -2.26 -8.86
C ILE A 57 -1.61 -2.69 -7.57
N LEU A 58 -2.04 -2.10 -6.46
CA LEU A 58 -1.48 -2.42 -5.15
C LEU A 58 -2.35 -3.43 -4.42
N PHE A 59 -1.77 -4.59 -4.11
CA PHE A 59 -2.50 -5.64 -3.40
C PHE A 59 -2.03 -5.75 -1.96
N VAL A 60 -2.85 -6.37 -1.12
CA VAL A 60 -2.52 -6.55 0.29
C VAL A 60 -1.46 -7.63 0.48
N ASN A 61 -0.58 -7.43 1.46
CA ASN A 61 0.48 -8.40 1.74
C ASN A 61 0.82 -8.40 3.23
N SER A 62 -0.21 -8.44 4.07
CA SER A 62 -0.02 -8.45 5.51
C SER A 62 -1.35 -8.63 6.24
N ARG A 63 -1.33 -8.44 7.55
CA ARG A 63 -2.54 -8.57 8.36
C ARG A 63 -3.35 -7.29 8.36
N ILE A 64 -4.55 -7.35 7.77
CA ILE A 64 -5.43 -6.20 7.69
C ILE A 64 -6.62 -6.35 8.62
N ASP A 65 -6.87 -7.58 9.06
CA ASP A 65 -7.99 -7.86 9.96
C ASP A 65 -7.84 -7.07 11.26
N ARG A 66 -8.97 -6.64 11.81
CA ARG A 66 -8.97 -5.87 13.05
C ARG A 66 -8.07 -6.52 14.10
N GLU A 67 -7.95 -7.85 14.01
CA GLU A 67 -7.12 -8.59 14.96
C GLU A 67 -5.73 -7.99 15.05
N GLU A 68 -4.95 -8.10 13.98
CA GLU A 68 -3.59 -7.57 13.94
C GLU A 68 -3.61 -6.09 13.59
N LEU A 69 -4.50 -5.71 12.69
CA LEU A 69 -4.62 -4.32 12.26
C LEU A 69 -4.62 -3.37 13.46
N CYS A 70 -5.70 -3.39 14.22
CA CYS A 70 -5.84 -2.54 15.40
C CYS A 70 -6.84 -3.14 16.39
N GLY A 71 -8.06 -3.40 15.90
CA GLY A 71 -9.09 -3.95 16.74
C GLY A 71 -10.00 -2.88 17.33
N ARG A 72 -9.69 -2.47 18.56
CA ARG A 72 -10.48 -1.44 19.23
C ARG A 72 -10.17 -0.06 18.68
N SER A 73 -10.56 0.18 17.43
CA SER A 73 -10.33 1.45 16.78
C SER A 73 -11.32 1.69 15.64
N ALA A 74 -12.20 2.66 15.82
CA ALA A 74 -13.21 2.98 14.82
C ALA A 74 -12.57 3.19 13.45
N GLU A 75 -11.32 3.66 13.45
CA GLU A 75 -10.60 3.91 12.21
C GLU A 75 -9.10 4.01 12.47
N CYS A 76 -8.34 3.09 11.88
CA CYS A 76 -6.88 3.08 12.05
C CYS A 76 -6.19 3.43 10.74
N SER A 77 -5.09 4.17 10.83
CA SER A 77 -4.34 4.57 9.65
C SER A 77 -3.02 3.80 9.57
N ILE A 78 -2.54 3.60 8.34
CA ILE A 78 -1.30 2.88 8.11
C ILE A 78 -0.34 3.68 7.24
N HIS A 79 0.94 3.60 7.55
CA HIS A 79 1.96 4.32 6.79
C HIS A 79 2.89 3.34 6.07
N LEU A 80 3.28 3.70 4.85
CA LEU A 80 4.18 2.85 4.06
C LEU A 80 5.16 3.70 3.26
N GLU A 81 6.29 3.10 2.91
CA GLU A 81 7.32 3.81 2.15
C GLU A 81 7.75 2.99 0.93
N VAL A 82 7.47 3.50 -0.26
CA VAL A 82 7.83 2.82 -1.49
C VAL A 82 9.21 3.24 -1.98
N ILE A 83 10.18 2.35 -1.87
CA ILE A 83 11.54 2.63 -2.29
C ILE A 83 11.69 2.45 -3.80
N VAL A 84 12.37 3.40 -4.44
CA VAL A 84 12.58 3.34 -5.88
C VAL A 84 13.94 3.94 -6.25
N ASP A 85 14.51 3.44 -7.35
CA ASP A 85 15.81 3.93 -7.82
C ASP A 85 15.68 4.58 -9.19
N ARG A 86 14.52 5.18 -9.45
CA ARG A 86 14.27 5.84 -10.72
C ARG A 86 12.82 6.31 -10.82
N PRO A 87 12.55 7.51 -10.27
CA PRO A 87 13.58 8.34 -9.63
C PRO A 87 14.05 7.73 -8.31
N LEU A 88 15.28 8.07 -7.92
CA LEU A 88 15.86 7.57 -6.68
C LEU A 88 15.28 8.31 -5.48
N GLN A 89 14.31 7.69 -4.82
CA GLN A 89 13.68 8.29 -3.64
C GLN A 89 12.56 7.41 -3.10
N VAL A 90 11.79 7.93 -2.17
CA VAL A 90 10.69 7.19 -1.57
C VAL A 90 9.35 7.87 -1.85
N PHE A 91 8.27 7.09 -1.84
CA PHE A 91 6.94 7.62 -2.09
C PHE A 91 6.05 7.45 -0.86
N HIS A 92 5.41 8.54 -0.44
CA HIS A 92 4.53 8.51 0.72
C HIS A 92 3.25 7.74 0.42
N VAL A 93 3.00 6.70 1.21
CA VAL A 93 1.81 5.87 1.03
C VAL A 93 1.05 5.69 2.35
N GLU A 94 -0.25 5.99 2.32
CA GLU A 94 -1.08 5.87 3.51
C GLU A 94 -2.37 5.12 3.19
N VAL A 95 -2.54 3.95 3.79
CA VAL A 95 -3.73 3.14 3.56
C VAL A 95 -4.59 3.06 4.83
N GLU A 96 -5.86 3.42 4.70
CA GLU A 96 -6.79 3.40 5.82
C GLU A 96 -7.60 2.10 5.83
N VAL A 97 -8.06 1.71 7.02
CA VAL A 97 -8.84 0.49 7.16
C VAL A 97 -10.33 0.82 7.27
N ARG A 98 -11.10 0.41 6.26
CA ARG A 98 -12.53 0.65 6.24
C ARG A 98 -13.28 -0.46 6.97
N ASP A 99 -13.87 -0.11 8.11
CA ASP A 99 -14.61 -1.08 8.91
C ASP A 99 -15.19 -0.43 10.16
N ILE A 100 -15.71 -1.25 11.08
CA ILE A 100 -16.28 -0.74 12.31
C ILE A 100 -15.85 -1.59 13.50
N ASN A 101 -15.89 -0.99 14.70
CA ASN A 101 -15.51 -1.70 15.91
C ASN A 101 -16.37 -2.94 16.11
N ASP A 102 -17.68 -2.78 15.93
CA ASP A 102 -18.62 -3.88 16.09
C ASP A 102 -18.34 -4.99 15.07
N ASN A 103 -17.78 -4.60 13.93
CA ASN A 103 -17.47 -5.55 12.87
C ASN A 103 -15.98 -5.57 12.57
N GLY A 1 7.73 17.53 -6.86
CA GLY A 1 7.76 17.53 -5.41
C GLY A 1 6.41 17.18 -4.80
N ASN A 2 5.91 15.99 -5.11
CA ASN A 2 4.63 15.54 -4.59
C ASN A 2 4.55 14.02 -4.57
N SER A 3 4.52 13.45 -3.37
CA SER A 3 4.45 12.00 -3.21
C SER A 3 3.34 11.61 -2.23
N GLN A 4 2.31 12.46 -2.15
CA GLN A 4 1.19 12.20 -1.25
C GLN A 4 0.17 11.29 -1.91
N ILE A 5 0.22 10.00 -1.57
CA ILE A 5 -0.70 9.04 -2.13
C ILE A 5 -1.29 8.14 -1.04
N HIS A 6 -2.58 7.83 -1.16
CA HIS A 6 -3.26 6.99 -0.19
C HIS A 6 -4.21 6.01 -0.88
N TYR A 7 -4.41 4.85 -0.27
CA TYR A 7 -5.28 3.84 -0.82
C TYR A 7 -6.43 3.51 0.13
N SER A 8 -7.40 2.76 -0.35
CA SER A 8 -8.56 2.38 0.47
C SER A 8 -8.77 0.87 0.42
N ILE A 9 -8.86 0.25 1.60
CA ILE A 9 -9.07 -1.18 1.70
C ILE A 9 -9.87 -1.53 2.96
N PRO A 10 -11.03 -2.19 2.76
CA PRO A 10 -11.90 -2.60 3.86
C PRO A 10 -11.30 -3.72 4.69
N GLU A 11 -11.45 -3.63 6.01
CA GLU A 11 -10.92 -4.63 6.92
C GLU A 11 -11.29 -6.03 6.46
N GLU A 12 -10.60 -7.04 7.00
CA GLU A 12 -10.87 -8.43 6.63
C GLU A 12 -10.53 -8.68 5.16
N ALA A 13 -9.60 -7.89 4.63
CA ALA A 13 -9.18 -8.03 3.24
C ALA A 13 -8.21 -9.20 3.07
N LYS A 14 -8.74 -10.34 2.68
CA LYS A 14 -7.91 -11.54 2.47
C LYS A 14 -6.71 -11.22 1.57
N HIS A 15 -5.63 -11.95 1.79
CA HIS A 15 -4.41 -11.75 0.99
C HIS A 15 -4.72 -11.79 -0.50
N GLY A 16 -4.33 -10.73 -1.21
CA GLY A 16 -4.58 -10.67 -2.64
C GLY A 16 -5.69 -9.69 -2.98
N THR A 17 -6.18 -8.98 -1.98
CA THR A 17 -7.25 -8.01 -2.18
C THR A 17 -6.71 -6.67 -2.66
N PHE A 18 -7.38 -6.09 -3.64
CA PHE A 18 -6.96 -4.81 -4.19
C PHE A 18 -6.95 -3.73 -3.12
N VAL A 19 -6.04 -2.77 -3.26
CA VAL A 19 -5.92 -1.67 -2.30
C VAL A 19 -5.96 -0.32 -3.00
N GLY A 20 -5.12 -0.16 -4.02
CA GLY A 20 -5.06 1.09 -4.75
C GLY A 20 -3.96 1.12 -5.78
N ARG A 21 -4.16 1.88 -6.85
CA ARG A 21 -3.17 1.99 -7.92
C ARG A 21 -2.00 2.86 -7.48
N ILE A 22 -0.87 2.23 -7.16
CA ILE A 22 0.31 2.95 -6.72
C ILE A 22 0.96 3.68 -7.89
N ALA A 23 1.04 3.01 -9.04
CA ALA A 23 1.64 3.61 -10.23
C ALA A 23 0.75 4.72 -10.79
N GLN A 24 -0.51 4.40 -11.01
CA GLN A 24 -1.46 5.38 -11.55
C GLN A 24 -1.46 6.65 -10.71
N ASP A 25 -1.38 6.49 -9.40
CA ASP A 25 -1.37 7.63 -8.49
C ASP A 25 -0.01 8.32 -8.49
N LEU A 26 1.04 7.54 -8.74
CA LEU A 26 2.39 8.09 -8.78
C LEU A 26 2.61 8.92 -10.04
N GLY A 27 2.07 8.46 -11.16
CA GLY A 27 2.21 9.17 -12.41
C GLY A 27 3.40 8.68 -13.22
N LEU A 28 3.60 7.37 -13.26
CA LEU A 28 4.70 6.78 -14.00
C LEU A 28 4.23 5.60 -14.83
N GLU A 29 5.08 5.14 -15.75
CA GLU A 29 4.75 4.00 -16.61
C GLU A 29 5.04 2.68 -15.91
N LEU A 30 4.02 1.85 -15.80
CA LEU A 30 4.16 0.54 -15.16
C LEU A 30 5.18 -0.32 -15.90
N THR A 31 5.44 0.02 -17.16
CA THR A 31 6.39 -0.73 -17.96
C THR A 31 7.82 -0.24 -17.71
N GLU A 32 7.96 0.69 -16.79
CA GLU A 32 9.29 1.23 -16.45
C GLU A 32 9.65 0.91 -15.00
N LEU A 33 8.81 0.12 -14.35
CA LEU A 33 9.05 -0.27 -12.96
C LEU A 33 10.28 -1.15 -12.84
N VAL A 34 10.41 -2.10 -13.77
CA VAL A 34 11.56 -3.01 -13.77
C VAL A 34 12.87 -2.25 -13.74
N PRO A 35 13.08 -1.37 -14.74
CA PRO A 35 14.29 -0.56 -14.85
C PRO A 35 14.38 0.51 -13.77
N ARG A 36 13.24 0.78 -13.12
CA ARG A 36 13.18 1.79 -12.07
C ARG A 36 13.48 1.16 -10.70
N LEU A 37 13.79 -0.12 -10.71
CA LEU A 37 14.10 -0.84 -9.48
C LEU A 37 13.07 -0.54 -8.40
N PHE A 38 11.80 -0.79 -8.71
CA PHE A 38 10.71 -0.55 -7.77
C PHE A 38 10.82 -1.47 -6.56
N ARG A 39 10.63 -0.91 -5.37
CA ARG A 39 10.71 -1.68 -4.14
C ARG A 39 9.81 -1.08 -3.06
N VAL A 40 9.21 -1.94 -2.25
CA VAL A 40 8.32 -1.50 -1.18
C VAL A 40 9.01 -1.60 0.19
N ALA A 41 8.72 -0.65 1.05
CA ALA A 41 9.31 -0.63 2.39
C ALA A 41 8.41 0.11 3.38
N SER A 42 7.56 -0.63 4.07
CA SER A 42 6.64 -0.04 5.03
C SER A 42 7.36 0.31 6.33
N LYS A 43 6.80 1.23 7.09
CA LYS A 43 7.39 1.66 8.35
C LYS A 43 6.86 0.82 9.51
N ASP A 44 5.58 0.50 9.47
CA ASP A 44 4.96 -0.30 10.51
C ASP A 44 5.73 -1.58 10.75
N ARG A 45 5.58 -2.55 9.84
CA ARG A 45 6.27 -3.82 9.95
C ARG A 45 7.18 -4.06 8.75
N GLY A 46 6.94 -3.31 7.68
CA GLY A 46 7.76 -3.43 6.49
C GLY A 46 7.22 -4.48 5.54
N ASP A 47 6.30 -5.31 6.03
CA ASP A 47 5.70 -6.35 5.21
C ASP A 47 4.19 -6.41 5.41
N LEU A 48 3.50 -5.36 4.96
CA LEU A 48 2.05 -5.28 5.09
C LEU A 48 1.36 -5.59 3.76
N LEU A 49 1.89 -5.01 2.68
CA LEU A 49 1.33 -5.23 1.36
C LEU A 49 2.42 -5.11 0.29
N GLU A 50 2.02 -5.31 -0.97
CA GLU A 50 2.97 -5.22 -2.08
C GLU A 50 2.23 -4.93 -3.38
N VAL A 51 2.91 -4.25 -4.30
CA VAL A 51 2.34 -3.91 -5.59
C VAL A 51 2.67 -4.96 -6.64
N ASN A 52 1.70 -5.25 -7.50
CA ASN A 52 1.90 -6.24 -8.56
C ASN A 52 2.20 -5.57 -9.89
N LEU A 53 3.43 -5.71 -10.36
CA LEU A 53 3.85 -5.10 -11.63
C LEU A 53 3.04 -5.67 -12.78
N GLN A 54 2.37 -6.79 -12.54
CA GLN A 54 1.55 -7.42 -13.57
C GLN A 54 0.58 -6.43 -14.19
N ASN A 55 -0.22 -5.78 -13.36
CA ASN A 55 -1.20 -4.81 -13.83
C ASN A 55 -0.92 -3.43 -13.24
N GLY A 56 -0.36 -3.42 -12.03
CA GLY A 56 -0.04 -2.17 -11.36
C GLY A 56 -1.00 -1.86 -10.22
N ILE A 57 -1.45 -2.91 -9.55
CA ILE A 57 -2.37 -2.75 -8.43
C ILE A 57 -1.76 -3.27 -7.13
N LEU A 58 -2.26 -2.76 -6.01
CA LEU A 58 -1.76 -3.18 -4.69
C LEU A 58 -2.60 -4.32 -4.13
N PHE A 59 -1.91 -5.38 -3.69
CA PHE A 59 -2.60 -6.55 -3.14
C PHE A 59 -2.20 -6.76 -1.68
N VAL A 60 -3.13 -7.29 -0.88
CA VAL A 60 -2.88 -7.54 0.52
C VAL A 60 -1.76 -8.56 0.71
N ASN A 61 -0.92 -8.33 1.71
CA ASN A 61 0.21 -9.24 1.99
C ASN A 61 0.46 -9.32 3.49
N SER A 62 -0.60 -9.24 4.27
CA SER A 62 -0.49 -9.31 5.73
C SER A 62 -1.87 -9.41 6.38
N ARG A 63 -1.91 -9.26 7.69
CA ARG A 63 -3.15 -9.34 8.44
C ARG A 63 -3.97 -8.05 8.29
N ILE A 64 -5.18 -8.18 7.76
CA ILE A 64 -6.04 -7.02 7.55
C ILE A 64 -7.21 -7.04 8.53
N ASP A 65 -7.46 -8.21 9.13
CA ASP A 65 -8.55 -8.36 10.08
C ASP A 65 -8.63 -7.15 11.02
N ARG A 66 -9.84 -6.82 11.46
CA ARG A 66 -10.04 -5.69 12.36
C ARG A 66 -9.40 -5.96 13.71
N GLU A 67 -9.41 -7.22 14.13
CA GLU A 67 -8.83 -7.60 15.42
C GLU A 67 -7.33 -7.84 15.29
N GLU A 68 -6.90 -8.21 14.09
CA GLU A 68 -5.49 -8.47 13.82
C GLU A 68 -4.73 -7.18 13.58
N LEU A 69 -5.22 -6.37 12.64
CA LEU A 69 -4.58 -5.10 12.31
C LEU A 69 -4.27 -4.31 13.58
N CYS A 70 -5.31 -3.86 14.27
CA CYS A 70 -5.14 -3.09 15.50
C CYS A 70 -6.26 -3.39 16.48
N GLY A 71 -7.49 -3.35 15.99
CA GLY A 71 -8.64 -3.62 16.84
C GLY A 71 -8.81 -2.57 17.93
N ARG A 72 -8.11 -1.45 17.79
CA ARG A 72 -8.18 -0.37 18.76
C ARG A 72 -9.44 0.47 18.55
N SER A 73 -9.48 1.17 17.42
CA SER A 73 -10.63 2.01 17.10
C SER A 73 -11.32 1.53 15.83
N ALA A 74 -12.53 2.03 15.59
CA ALA A 74 -13.31 1.65 14.42
C ALA A 74 -12.48 1.83 13.15
N GLU A 75 -11.57 2.80 13.17
CA GLU A 75 -10.71 3.07 12.01
C GLU A 75 -9.25 2.86 12.36
N CYS A 76 -8.39 2.84 11.33
CA CYS A 76 -6.96 2.65 11.54
C CYS A 76 -6.18 3.16 10.34
N SER A 77 -5.19 4.01 10.59
CA SER A 77 -4.36 4.58 9.53
C SER A 77 -3.02 3.86 9.46
N ILE A 78 -2.55 3.63 8.23
CA ILE A 78 -1.28 2.95 8.01
C ILE A 78 -0.37 3.77 7.10
N HIS A 79 0.91 3.81 7.45
CA HIS A 79 1.89 4.56 6.66
C HIS A 79 2.90 3.62 6.02
N LEU A 80 3.30 3.92 4.79
CA LEU A 80 4.26 3.10 4.06
C LEU A 80 5.15 3.97 3.17
N GLU A 81 6.33 3.46 2.87
CA GLU A 81 7.28 4.19 2.02
C GLU A 81 7.78 3.31 0.88
N VAL A 82 7.42 3.67 -0.35
CA VAL A 82 7.84 2.91 -1.51
C VAL A 82 9.15 3.45 -2.08
N ILE A 83 10.22 2.70 -1.90
CA ILE A 83 11.53 3.09 -2.39
C ILE A 83 11.71 2.71 -3.85
N VAL A 84 12.31 3.61 -4.62
CA VAL A 84 12.55 3.36 -6.04
C VAL A 84 13.92 3.86 -6.47
N ASP A 85 14.62 3.05 -7.27
CA ASP A 85 15.95 3.42 -7.74
C ASP A 85 15.88 3.97 -9.16
N ARG A 86 16.26 5.24 -9.32
CA ARG A 86 16.24 5.89 -10.62
C ARG A 86 14.81 6.12 -11.09
N PRO A 87 14.23 7.25 -10.66
CA PRO A 87 14.91 8.22 -9.80
C PRO A 87 15.12 7.68 -8.38
N LEU A 88 16.08 8.26 -7.67
CA LEU A 88 16.38 7.85 -6.31
C LEU A 88 15.52 8.61 -5.30
N GLN A 89 14.51 7.94 -4.77
CA GLN A 89 13.61 8.55 -3.79
C GLN A 89 12.55 7.57 -3.34
N VAL A 90 11.68 8.03 -2.42
CA VAL A 90 10.61 7.18 -1.91
C VAL A 90 9.25 7.85 -2.07
N PHE A 91 8.19 7.06 -2.08
CA PHE A 91 6.84 7.58 -2.23
C PHE A 91 6.05 7.42 -0.94
N HIS A 92 5.26 8.42 -0.60
CA HIS A 92 4.45 8.38 0.61
C HIS A 92 3.13 7.66 0.36
N VAL A 93 2.97 6.51 0.99
CA VAL A 93 1.75 5.72 0.84
C VAL A 93 0.98 5.62 2.16
N GLU A 94 -0.33 5.85 2.10
CA GLU A 94 -1.17 5.79 3.28
C GLU A 94 -2.45 5.01 3.00
N VAL A 95 -2.55 3.83 3.60
CA VAL A 95 -3.72 2.97 3.42
C VAL A 95 -4.58 2.94 4.67
N GLU A 96 -5.86 3.25 4.53
CA GLU A 96 -6.79 3.26 5.65
C GLU A 96 -7.73 2.06 5.58
N VAL A 97 -8.23 1.65 6.75
CA VAL A 97 -9.15 0.52 6.82
C VAL A 97 -10.60 0.98 6.79
N ARG A 98 -11.43 0.23 6.07
CA ARG A 98 -12.84 0.56 5.95
C ARG A 98 -13.71 -0.53 6.58
N ASP A 99 -14.26 -0.25 7.75
CA ASP A 99 -15.11 -1.21 8.45
C ASP A 99 -15.56 -0.65 9.79
N ILE A 100 -16.26 -1.48 10.57
CA ILE A 100 -16.76 -1.06 11.87
C ILE A 100 -16.05 -1.82 13.00
N ASN A 101 -16.04 -1.23 14.19
CA ASN A 101 -15.41 -1.86 15.35
C ASN A 101 -16.30 -2.95 15.94
N ASP A 102 -17.59 -2.67 16.01
CA ASP A 102 -18.56 -3.62 16.54
C ASP A 102 -18.49 -4.94 15.78
N ASN A 103 -18.04 -4.89 14.54
CA ASN A 103 -17.93 -6.07 13.70
C ASN A 103 -19.31 -6.67 13.44
N GLY A 1 1.59 17.06 -7.02
CA GLY A 1 1.10 16.19 -5.96
C GLY A 1 1.25 14.72 -6.32
N ASN A 2 2.50 14.27 -6.49
CA ASN A 2 2.76 12.89 -6.85
C ASN A 2 3.34 12.13 -5.65
N SER A 3 3.99 12.87 -4.75
CA SER A 3 4.58 12.27 -3.56
C SER A 3 3.51 11.82 -2.58
N GLN A 4 2.53 12.68 -2.35
CA GLN A 4 1.43 12.37 -1.43
C GLN A 4 0.43 11.43 -2.08
N ILE A 5 0.47 10.16 -1.67
CA ILE A 5 -0.44 9.16 -2.21
C ILE A 5 -1.02 8.29 -1.10
N HIS A 6 -2.31 7.98 -1.21
CA HIS A 6 -2.97 7.14 -0.22
C HIS A 6 -3.93 6.16 -0.89
N TYR A 7 -4.15 5.02 -0.24
CA TYR A 7 -5.02 3.99 -0.77
C TYR A 7 -6.14 3.66 0.22
N SER A 8 -7.11 2.86 -0.24
CA SER A 8 -8.23 2.47 0.60
C SER A 8 -8.43 0.96 0.59
N ILE A 9 -8.57 0.38 1.77
CA ILE A 9 -8.77 -1.06 1.89
C ILE A 9 -9.57 -1.40 3.14
N PRO A 10 -10.70 -2.10 2.93
CA PRO A 10 -11.59 -2.50 4.03
C PRO A 10 -10.98 -3.59 4.90
N GLU A 11 -11.12 -3.44 6.22
CA GLU A 11 -10.57 -4.40 7.16
C GLU A 11 -10.93 -5.84 6.75
N GLU A 12 -10.22 -6.80 7.32
CA GLU A 12 -10.46 -8.20 7.00
C GLU A 12 -10.13 -8.50 5.54
N ALA A 13 -9.29 -7.66 4.94
CA ALA A 13 -8.91 -7.83 3.55
C ALA A 13 -7.95 -9.01 3.39
N LYS A 14 -8.50 -10.14 2.95
CA LYS A 14 -7.70 -11.34 2.75
C LYS A 14 -6.57 -11.09 1.76
N HIS A 15 -5.50 -11.86 1.89
CA HIS A 15 -4.34 -11.72 1.00
C HIS A 15 -4.77 -11.76 -0.46
N GLY A 16 -4.44 -10.70 -1.19
CA GLY A 16 -4.80 -10.64 -2.60
C GLY A 16 -5.94 -9.66 -2.86
N THR A 17 -6.31 -8.90 -1.83
CA THR A 17 -7.39 -7.92 -1.95
C THR A 17 -6.88 -6.61 -2.52
N PHE A 18 -7.70 -5.97 -3.34
CA PHE A 18 -7.33 -4.69 -3.96
C PHE A 18 -7.18 -3.60 -2.91
N VAL A 19 -6.15 -2.79 -3.05
CA VAL A 19 -5.89 -1.69 -2.11
C VAL A 19 -5.93 -0.34 -2.82
N GLY A 20 -5.10 -0.19 -3.84
CA GLY A 20 -5.06 1.06 -4.58
C GLY A 20 -3.93 1.10 -5.59
N ARG A 21 -4.22 1.62 -6.78
CA ARG A 21 -3.22 1.71 -7.84
C ARG A 21 -2.05 2.60 -7.41
N ILE A 22 -0.91 1.97 -7.14
CA ILE A 22 0.28 2.70 -6.72
C ILE A 22 0.92 3.43 -7.89
N ALA A 23 1.00 2.73 -9.04
CA ALA A 23 1.59 3.31 -10.23
C ALA A 23 0.71 4.42 -10.81
N GLN A 24 -0.55 4.08 -11.06
CA GLN A 24 -1.50 5.04 -11.61
C GLN A 24 -1.56 6.30 -10.75
N ASP A 25 -1.50 6.11 -9.43
CA ASP A 25 -1.54 7.23 -8.51
C ASP A 25 -0.22 7.99 -8.50
N LEU A 26 0.87 7.26 -8.72
CA LEU A 26 2.20 7.86 -8.74
C LEU A 26 2.38 8.75 -9.97
N GLY A 27 1.86 8.30 -11.10
CA GLY A 27 1.97 9.05 -12.33
C GLY A 27 3.08 8.55 -13.24
N LEU A 28 3.41 7.26 -13.10
CA LEU A 28 4.45 6.65 -13.90
C LEU A 28 3.90 5.48 -14.71
N GLU A 29 4.49 5.27 -15.89
CA GLU A 29 4.05 4.18 -16.76
C GLU A 29 4.26 2.82 -16.08
N LEU A 30 3.45 1.85 -16.48
CA LEU A 30 3.54 0.51 -15.91
C LEU A 30 4.84 -0.17 -16.33
N THR A 31 5.39 0.27 -17.45
CA THR A 31 6.65 -0.29 -17.96
C THR A 31 7.84 0.54 -17.52
N GLU A 32 7.58 1.57 -16.72
CA GLU A 32 8.64 2.44 -16.23
C GLU A 32 9.10 2.00 -14.83
N LEU A 33 8.25 1.27 -14.13
CA LEU A 33 8.57 0.78 -12.80
C LEU A 33 9.68 -0.25 -12.85
N VAL A 34 9.63 -1.12 -13.84
CA VAL A 34 10.63 -2.16 -14.01
C VAL A 34 12.04 -1.58 -14.00
N PRO A 35 12.30 -0.66 -14.94
CA PRO A 35 13.61 0.00 -15.06
C PRO A 35 13.89 0.96 -13.90
N ARG A 36 12.83 1.31 -13.17
CA ARG A 36 12.96 2.22 -12.03
C ARG A 36 13.28 1.45 -10.76
N LEU A 37 13.51 0.15 -10.89
CA LEU A 37 13.82 -0.70 -9.75
C LEU A 37 12.86 -0.44 -8.59
N PHE A 38 11.57 -0.58 -8.87
CA PHE A 38 10.54 -0.35 -7.85
C PHE A 38 10.79 -1.23 -6.63
N ARG A 39 10.65 -0.64 -5.45
CA ARG A 39 10.86 -1.37 -4.20
C ARG A 39 9.99 -0.80 -3.09
N VAL A 40 9.38 -1.69 -2.30
CA VAL A 40 8.52 -1.28 -1.20
C VAL A 40 9.22 -1.44 0.13
N ALA A 41 9.04 -0.48 1.03
CA ALA A 41 9.66 -0.51 2.35
C ALA A 41 8.71 0.05 3.41
N SER A 42 8.10 -0.85 4.19
CA SER A 42 7.18 -0.44 5.23
C SER A 42 7.92 -0.18 6.55
N LYS A 43 7.31 0.60 7.42
CA LYS A 43 7.91 0.92 8.71
C LYS A 43 7.39 -0.01 9.80
N ASP A 44 6.12 -0.37 9.71
CA ASP A 44 5.49 -1.26 10.68
C ASP A 44 6.24 -2.58 10.75
N ARG A 45 6.03 -3.44 9.75
CA ARG A 45 6.68 -4.74 9.70
C ARG A 45 7.57 -4.86 8.46
N GLY A 46 7.33 -3.98 7.49
CA GLY A 46 8.12 -4.02 6.27
C GLY A 46 7.53 -4.92 5.22
N ASP A 47 6.58 -5.76 5.63
CA ASP A 47 5.93 -6.69 4.71
C ASP A 47 4.42 -6.71 4.93
N LEU A 48 3.78 -5.58 4.69
CA LEU A 48 2.34 -5.47 4.86
C LEU A 48 1.61 -5.75 3.56
N LEU A 49 2.11 -5.18 2.47
CA LEU A 49 1.50 -5.38 1.16
C LEU A 49 2.56 -5.34 0.05
N GLU A 50 2.14 -5.65 -1.17
CA GLU A 50 3.06 -5.65 -2.30
C GLU A 50 2.33 -5.26 -3.59
N VAL A 51 3.03 -4.57 -4.48
CA VAL A 51 2.45 -4.14 -5.74
C VAL A 51 2.73 -5.16 -6.84
N ASN A 52 1.72 -5.43 -7.66
CA ASN A 52 1.85 -6.38 -8.76
C ASN A 52 1.95 -5.65 -10.10
N LEU A 53 3.12 -5.73 -10.71
CA LEU A 53 3.36 -5.08 -12.00
C LEU A 53 2.42 -5.65 -13.07
N GLN A 54 1.84 -6.80 -12.78
CA GLN A 54 0.93 -7.45 -13.72
C GLN A 54 -0.16 -6.48 -14.18
N ASN A 55 -0.65 -5.67 -13.24
CA ASN A 55 -1.69 -4.70 -13.55
C ASN A 55 -1.49 -3.40 -12.75
N GLY A 56 -0.29 -3.25 -12.19
CA GLY A 56 0.02 -2.06 -11.41
C GLY A 56 -0.96 -1.85 -10.28
N ILE A 57 -1.45 -2.94 -9.70
CA ILE A 57 -2.40 -2.87 -8.60
C ILE A 57 -1.77 -3.39 -7.31
N LEU A 58 -2.29 -2.92 -6.18
CA LEU A 58 -1.78 -3.34 -4.87
C LEU A 58 -2.61 -4.48 -4.31
N PHE A 59 -1.93 -5.51 -3.81
CA PHE A 59 -2.60 -6.67 -3.25
C PHE A 59 -2.14 -6.93 -1.81
N VAL A 60 -3.08 -7.29 -0.94
CA VAL A 60 -2.75 -7.56 0.45
C VAL A 60 -1.68 -8.63 0.57
N ASN A 61 -0.75 -8.43 1.50
CA ASN A 61 0.33 -9.39 1.71
C ASN A 61 0.60 -9.59 3.21
N SER A 62 -0.40 -9.28 4.02
CA SER A 62 -0.28 -9.42 5.46
C SER A 62 -1.65 -9.48 6.13
N ARG A 63 -1.67 -9.38 7.45
CA ARG A 63 -2.91 -9.43 8.21
C ARG A 63 -3.64 -8.09 8.13
N ILE A 64 -4.85 -8.11 7.58
CA ILE A 64 -5.65 -6.90 7.45
C ILE A 64 -6.83 -6.91 8.43
N ASP A 65 -7.16 -8.09 8.93
CA ASP A 65 -8.26 -8.24 9.87
C ASP A 65 -8.12 -7.26 11.03
N ARG A 66 -9.24 -6.65 11.43
CA ARG A 66 -9.24 -5.70 12.53
C ARG A 66 -8.41 -6.22 13.71
N GLU A 67 -8.66 -7.47 14.07
CA GLU A 67 -7.94 -8.09 15.19
C GLU A 67 -6.43 -7.87 15.06
N GLU A 68 -5.91 -8.05 13.85
CA GLU A 68 -4.49 -7.87 13.59
C GLU A 68 -4.16 -6.41 13.36
N LEU A 69 -4.83 -5.79 12.39
CA LEU A 69 -4.60 -4.39 12.07
C LEU A 69 -4.58 -3.55 13.34
N CYS A 70 -5.74 -3.34 13.94
CA CYS A 70 -5.85 -2.55 15.17
C CYS A 70 -6.95 -3.10 16.07
N GLY A 71 -8.15 -3.21 15.53
CA GLY A 71 -9.27 -3.72 16.30
C GLY A 71 -10.12 -2.61 16.89
N ARG A 72 -9.79 -2.21 18.12
CA ARG A 72 -10.52 -1.15 18.80
C ARG A 72 -10.15 0.22 18.25
N SER A 73 -10.49 0.47 16.99
CA SER A 73 -10.18 1.73 16.35
C SER A 73 -11.13 2.00 15.18
N ALA A 74 -12.04 2.95 15.38
CA ALA A 74 -13.00 3.31 14.35
C ALA A 74 -12.31 3.59 13.02
N GLU A 75 -11.08 4.08 13.09
CA GLU A 75 -10.31 4.38 11.89
C GLU A 75 -8.81 4.32 12.17
N CYS A 76 -8.12 3.41 11.50
CA CYS A 76 -6.68 3.26 11.68
C CYS A 76 -5.93 3.69 10.42
N SER A 77 -4.90 4.51 10.61
CA SER A 77 -4.10 4.99 9.49
C SER A 77 -2.75 4.28 9.43
N ILE A 78 -2.28 4.01 8.23
CA ILE A 78 -1.00 3.33 8.04
C ILE A 78 -0.09 4.13 7.11
N HIS A 79 1.20 4.17 7.47
CA HIS A 79 2.18 4.89 6.67
C HIS A 79 3.20 3.94 6.05
N LEU A 80 3.59 4.23 4.81
CA LEU A 80 4.55 3.39 4.10
C LEU A 80 5.45 4.24 3.21
N GLU A 81 6.64 3.71 2.91
CA GLU A 81 7.59 4.42 2.07
C GLU A 81 8.09 3.53 0.94
N VAL A 82 7.72 3.86 -0.29
CA VAL A 82 8.14 3.09 -1.46
C VAL A 82 9.44 3.63 -2.04
N ILE A 83 10.52 2.89 -1.83
CA ILE A 83 11.83 3.29 -2.35
C ILE A 83 12.01 2.84 -3.79
N VAL A 84 12.44 3.77 -4.65
CA VAL A 84 12.66 3.47 -6.05
C VAL A 84 14.09 3.80 -6.47
N ASP A 85 14.69 2.91 -7.25
CA ASP A 85 16.06 3.11 -7.72
C ASP A 85 16.07 3.65 -9.15
N ARG A 86 16.58 4.87 -9.30
CA ARG A 86 16.64 5.50 -10.62
C ARG A 86 15.25 5.84 -11.14
N PRO A 87 14.74 7.02 -10.74
CA PRO A 87 15.48 7.94 -9.87
C PRO A 87 15.60 7.41 -8.45
N LEU A 88 16.57 7.95 -7.72
CA LEU A 88 16.80 7.53 -6.33
C LEU A 88 15.98 8.37 -5.37
N GLN A 89 14.91 7.77 -4.83
CA GLN A 89 14.04 8.47 -3.90
C GLN A 89 12.94 7.55 -3.37
N VAL A 90 12.06 8.09 -2.55
CA VAL A 90 10.96 7.31 -1.98
C VAL A 90 9.63 8.01 -2.19
N PHE A 91 8.54 7.23 -2.14
CA PHE A 91 7.21 7.77 -2.33
C PHE A 91 6.39 7.67 -1.04
N HIS A 92 5.46 8.60 -0.87
CA HIS A 92 4.61 8.61 0.32
C HIS A 92 3.34 7.81 0.09
N VAL A 93 3.17 6.74 0.88
CA VAL A 93 1.99 5.89 0.76
C VAL A 93 1.24 5.80 2.09
N GLU A 94 -0.06 6.04 2.05
CA GLU A 94 -0.89 5.99 3.25
C GLU A 94 -2.17 5.19 2.99
N VAL A 95 -2.27 4.03 3.63
CA VAL A 95 -3.44 3.18 3.47
C VAL A 95 -4.29 3.17 4.73
N GLU A 96 -5.57 3.46 4.58
CA GLU A 96 -6.50 3.48 5.71
C GLU A 96 -7.42 2.27 5.69
N VAL A 97 -7.91 1.89 6.86
CA VAL A 97 -8.81 0.74 6.97
C VAL A 97 -10.26 1.20 7.08
N ARG A 98 -11.13 0.61 6.27
CA ARG A 98 -12.54 0.95 6.26
C ARG A 98 -13.37 -0.18 6.86
N ASP A 99 -14.01 0.09 7.99
CA ASP A 99 -14.85 -0.91 8.65
C ASP A 99 -15.47 -0.32 9.92
N ILE A 100 -16.08 -1.19 10.72
CA ILE A 100 -16.72 -0.76 11.96
C ILE A 100 -16.10 -1.46 13.17
N ASN A 101 -16.24 -0.85 14.33
CA ASN A 101 -15.71 -1.41 15.57
C ASN A 101 -16.48 -2.66 15.98
N ASP A 102 -17.79 -2.62 15.82
CA ASP A 102 -18.64 -3.75 16.17
C ASP A 102 -18.19 -5.01 15.46
N ASN A 103 -17.58 -4.84 14.29
CA ASN A 103 -17.09 -5.97 13.51
C ASN A 103 -16.28 -5.49 12.31
N GLY A 1 4.90 17.14 -7.08
CA GLY A 1 3.91 16.91 -6.05
C GLY A 1 3.29 15.52 -6.14
N ASN A 2 4.13 14.50 -6.19
CA ASN A 2 3.66 13.12 -6.29
C ASN A 2 4.33 12.25 -5.22
N SER A 3 4.45 12.80 -4.01
CA SER A 3 5.06 12.07 -2.91
C SER A 3 4.01 11.67 -1.88
N GLN A 4 2.93 12.44 -1.81
CA GLN A 4 1.86 12.16 -0.86
C GLN A 4 0.71 11.41 -1.54
N ILE A 5 0.66 10.09 -1.31
CA ILE A 5 -0.38 9.26 -1.89
C ILE A 5 -1.02 8.37 -0.83
N HIS A 6 -2.32 8.11 -0.99
CA HIS A 6 -3.05 7.27 -0.04
C HIS A 6 -4.03 6.36 -0.78
N TYR A 7 -4.31 5.20 -0.19
CA TYR A 7 -5.22 4.24 -0.79
C TYR A 7 -6.28 3.79 0.21
N SER A 8 -7.26 3.02 -0.27
CA SER A 8 -8.34 2.53 0.58
C SER A 8 -8.43 1.01 0.52
N ILE A 9 -8.61 0.39 1.67
CA ILE A 9 -8.73 -1.06 1.74
C ILE A 9 -9.65 -1.49 2.88
N PRO A 10 -10.62 -2.36 2.55
CA PRO A 10 -11.60 -2.86 3.52
C PRO A 10 -10.96 -3.81 4.54
N GLU A 11 -11.24 -3.58 5.81
CA GLU A 11 -10.70 -4.41 6.87
C GLU A 11 -10.89 -5.89 6.56
N GLU A 12 -10.06 -6.73 7.18
CA GLU A 12 -10.14 -8.17 6.96
C GLU A 12 -9.79 -8.53 5.51
N ALA A 13 -9.00 -7.66 4.87
CA ALA A 13 -8.59 -7.88 3.49
C ALA A 13 -7.57 -9.01 3.39
N LYS A 14 -7.94 -10.07 2.68
CA LYS A 14 -7.05 -11.21 2.51
C LYS A 14 -5.86 -10.84 1.64
N HIS A 15 -4.80 -11.66 1.70
CA HIS A 15 -3.60 -11.41 0.92
C HIS A 15 -3.93 -11.36 -0.57
N GLY A 16 -3.68 -10.21 -1.19
CA GLY A 16 -3.95 -10.05 -2.60
C GLY A 16 -5.18 -9.19 -2.86
N THR A 17 -5.72 -8.59 -1.80
CA THR A 17 -6.90 -7.74 -1.93
C THR A 17 -6.56 -6.39 -2.53
N PHE A 18 -7.46 -5.86 -3.35
CA PHE A 18 -7.24 -4.57 -4.00
C PHE A 18 -7.15 -3.46 -2.97
N VAL A 19 -6.26 -2.50 -3.21
CA VAL A 19 -6.07 -1.38 -2.30
C VAL A 19 -6.12 -0.06 -3.06
N GLY A 20 -5.56 -0.04 -4.26
CA GLY A 20 -5.56 1.17 -5.05
C GLY A 20 -4.46 1.18 -6.11
N ARG A 21 -4.68 1.90 -7.19
CA ARG A 21 -3.71 1.99 -8.28
C ARG A 21 -2.50 2.82 -7.86
N ILE A 22 -1.61 2.22 -7.08
CA ILE A 22 -0.41 2.90 -6.62
C ILE A 22 0.32 3.58 -7.78
N ALA A 23 0.38 2.89 -8.92
CA ALA A 23 1.04 3.44 -10.10
C ALA A 23 0.24 4.59 -10.71
N GLN A 24 -1.05 4.35 -10.93
CA GLN A 24 -1.92 5.37 -11.50
C GLN A 24 -1.87 6.66 -10.68
N ASP A 25 -1.87 6.51 -9.36
CA ASP A 25 -1.81 7.66 -8.46
C ASP A 25 -0.43 8.30 -8.48
N LEU A 26 0.58 7.50 -8.80
CA LEU A 26 1.96 7.99 -8.85
C LEU A 26 2.21 8.77 -10.13
N GLY A 27 1.65 8.29 -11.23
CA GLY A 27 1.83 8.96 -12.51
C GLY A 27 3.05 8.47 -13.26
N LEU A 28 3.20 7.15 -13.35
CA LEU A 28 4.34 6.55 -14.04
C LEU A 28 3.87 5.53 -15.07
N GLU A 29 4.83 4.82 -15.67
CA GLU A 29 4.51 3.81 -16.68
C GLU A 29 4.60 2.41 -16.08
N LEU A 30 3.69 1.54 -16.49
CA LEU A 30 3.68 0.17 -16.00
C LEU A 30 4.87 -0.62 -16.52
N THR A 31 5.35 -0.22 -17.70
CA THR A 31 6.49 -0.90 -18.32
C THR A 31 7.79 -0.16 -18.00
N GLU A 32 7.69 0.88 -17.19
CA GLU A 32 8.86 1.66 -16.81
C GLU A 32 9.31 1.32 -15.39
N LEU A 33 8.47 0.57 -14.68
CA LEU A 33 8.77 0.16 -13.31
C LEU A 33 9.97 -0.79 -13.28
N VAL A 34 9.98 -1.74 -14.20
CA VAL A 34 11.07 -2.71 -14.28
C VAL A 34 12.43 -2.01 -14.31
N PRO A 35 12.62 -1.15 -15.33
CA PRO A 35 13.87 -0.41 -15.50
C PRO A 35 14.07 0.65 -14.42
N ARG A 36 12.99 0.98 -13.71
CA ARG A 36 13.05 1.99 -12.65
C ARG A 36 13.38 1.34 -11.31
N LEU A 37 13.68 0.04 -11.35
CA LEU A 37 14.02 -0.70 -10.13
C LEU A 37 13.01 -0.41 -9.02
N PHE A 38 11.74 -0.65 -9.30
CA PHE A 38 10.68 -0.42 -8.33
C PHE A 38 10.81 -1.37 -7.14
N ARG A 39 10.51 -0.88 -5.96
CA ARG A 39 10.60 -1.68 -4.74
C ARG A 39 9.68 -1.12 -3.65
N VAL A 40 9.23 -2.00 -2.76
CA VAL A 40 8.36 -1.58 -1.67
C VAL A 40 8.92 -2.02 -0.32
N ALA A 41 8.72 -1.19 0.70
CA ALA A 41 9.20 -1.49 2.04
C ALA A 41 8.58 -0.54 3.06
N SER A 42 8.93 -0.75 4.33
CA SER A 42 8.40 0.08 5.41
C SER A 42 9.40 0.16 6.57
N LYS A 43 9.26 1.20 7.38
CA LYS A 43 10.15 1.41 8.52
C LYS A 43 9.63 0.67 9.75
N ASP A 44 8.32 0.40 9.76
CA ASP A 44 7.69 -0.30 10.87
C ASP A 44 8.06 -1.79 10.86
N ARG A 45 7.42 -2.54 9.97
CA ARG A 45 7.67 -3.97 9.86
C ARG A 45 8.18 -4.33 8.46
N GLY A 46 7.96 -3.43 7.51
CA GLY A 46 8.39 -3.66 6.15
C GLY A 46 7.57 -4.73 5.46
N ASP A 47 6.51 -5.17 6.11
CA ASP A 47 5.64 -6.20 5.54
C ASP A 47 4.17 -5.84 5.75
N LEU A 48 3.73 -4.77 5.07
CA LEU A 48 2.34 -4.32 5.17
C LEU A 48 1.60 -4.50 3.85
N LEU A 49 2.27 -4.13 2.76
CA LEU A 49 1.67 -4.25 1.43
C LEU A 49 2.76 -4.29 0.35
N GLU A 50 2.36 -4.67 -0.85
CA GLU A 50 3.31 -4.74 -1.97
C GLU A 50 2.60 -4.46 -3.29
N VAL A 51 3.31 -3.83 -4.22
CA VAL A 51 2.75 -3.51 -5.53
C VAL A 51 3.07 -4.60 -6.55
N ASN A 52 2.13 -4.85 -7.45
CA ASN A 52 2.31 -5.86 -8.48
C ASN A 52 2.65 -5.23 -9.82
N LEU A 53 3.85 -5.52 -10.32
CA LEU A 53 4.29 -4.97 -11.61
C LEU A 53 3.36 -5.42 -12.74
N GLN A 54 2.56 -6.44 -12.47
CA GLN A 54 1.63 -6.96 -13.47
C GLN A 54 0.78 -5.83 -14.06
N ASN A 55 0.20 -5.02 -13.18
CA ASN A 55 -0.65 -3.91 -13.60
C ASN A 55 -0.47 -2.70 -12.68
N GLY A 56 0.68 -2.64 -12.02
CA GLY A 56 0.96 -1.54 -11.12
C GLY A 56 -0.11 -1.38 -10.06
N ILE A 57 -0.79 -2.47 -9.73
CA ILE A 57 -1.85 -2.45 -8.72
C ILE A 57 -1.29 -2.73 -7.34
N LEU A 58 -1.91 -2.14 -6.32
CA LEU A 58 -1.48 -2.34 -4.94
C LEU A 58 -2.33 -3.40 -4.25
N PHE A 59 -1.68 -4.47 -3.79
CA PHE A 59 -2.37 -5.55 -3.11
C PHE A 59 -1.98 -5.60 -1.63
N VAL A 60 -2.89 -6.12 -0.80
CA VAL A 60 -2.63 -6.22 0.63
C VAL A 60 -1.62 -7.32 0.92
N ASN A 61 -0.81 -7.10 1.96
CA ASN A 61 0.20 -8.08 2.34
C ASN A 61 0.44 -8.04 3.85
N SER A 62 -0.64 -8.13 4.62
CA SER A 62 -0.55 -8.10 6.08
C SER A 62 -1.86 -8.55 6.71
N ARG A 63 -1.90 -8.51 8.04
CA ARG A 63 -3.10 -8.91 8.78
C ARG A 63 -4.01 -7.71 9.04
N ILE A 64 -4.93 -7.46 8.11
CA ILE A 64 -5.85 -6.35 8.25
C ILE A 64 -7.00 -6.70 9.19
N ASP A 65 -7.21 -8.00 9.41
CA ASP A 65 -8.28 -8.46 10.28
C ASP A 65 -8.33 -7.63 11.56
N ARG A 66 -9.54 -7.25 11.96
CA ARG A 66 -9.73 -6.44 13.16
C ARG A 66 -9.07 -7.11 14.36
N GLU A 67 -8.88 -8.42 14.29
CA GLU A 67 -8.27 -9.17 15.37
C GLU A 67 -6.77 -8.92 15.42
N GLU A 68 -6.12 -9.04 14.27
CA GLU A 68 -4.67 -8.83 14.18
C GLU A 68 -4.35 -7.35 14.07
N LEU A 69 -4.91 -6.70 13.05
CA LEU A 69 -4.68 -5.27 12.82
C LEU A 69 -4.85 -4.49 14.12
N CYS A 70 -6.10 -4.34 14.55
CA CYS A 70 -6.40 -3.60 15.77
C CYS A 70 -7.82 -3.91 16.25
N GLY A 71 -8.79 -3.71 15.36
CA GLY A 71 -10.18 -3.97 15.72
C GLY A 71 -10.76 -2.90 16.61
N ARG A 72 -10.27 -2.83 17.84
CA ARG A 72 -10.75 -1.84 18.80
C ARG A 72 -10.72 -0.44 18.20
N SER A 73 -9.77 -0.21 17.30
CA SER A 73 -9.64 1.10 16.65
C SER A 73 -10.51 1.16 15.39
N ALA A 74 -11.66 1.82 15.51
CA ALA A 74 -12.58 1.96 14.39
C ALA A 74 -11.86 2.50 13.16
N GLU A 75 -10.83 3.30 13.38
CA GLU A 75 -10.06 3.89 12.29
C GLU A 75 -8.56 3.64 12.48
N CYS A 76 -8.01 2.74 11.67
CA CYS A 76 -6.60 2.41 11.75
C CYS A 76 -5.86 2.88 10.51
N SER A 77 -4.80 3.67 10.72
CA SER A 77 -4.00 4.20 9.63
C SER A 77 -2.73 3.39 9.43
N ILE A 78 -2.23 3.38 8.20
CA ILE A 78 -1.01 2.64 7.89
C ILE A 78 -0.07 3.48 7.02
N HIS A 79 1.22 3.42 7.33
CA HIS A 79 2.22 4.17 6.58
C HIS A 79 3.17 3.22 5.86
N LEU A 80 3.52 3.57 4.62
CA LEU A 80 4.43 2.75 3.82
C LEU A 80 5.32 3.63 2.94
N GLU A 81 6.48 3.10 2.57
CA GLU A 81 7.42 3.83 1.73
C GLU A 81 7.85 2.98 0.54
N VAL A 82 7.51 3.44 -0.66
CA VAL A 82 7.86 2.73 -1.89
C VAL A 82 9.18 3.24 -2.45
N ILE A 83 10.21 2.42 -2.34
CA ILE A 83 11.53 2.78 -2.85
C ILE A 83 11.62 2.56 -4.36
N VAL A 84 12.37 3.44 -5.03
CA VAL A 84 12.53 3.35 -6.48
C VAL A 84 13.90 3.89 -6.91
N ASP A 85 14.57 3.16 -7.78
CA ASP A 85 15.88 3.57 -8.27
C ASP A 85 15.77 4.22 -9.65
N ARG A 86 16.16 5.48 -9.73
CA ARG A 86 16.11 6.22 -10.98
C ARG A 86 14.66 6.49 -11.39
N PRO A 87 14.08 7.57 -10.87
CA PRO A 87 14.79 8.48 -9.94
C PRO A 87 15.04 7.83 -8.59
N LEU A 88 16.01 8.37 -7.85
CA LEU A 88 16.36 7.86 -6.54
C LEU A 88 15.56 8.55 -5.45
N GLN A 89 14.55 7.86 -4.94
CA GLN A 89 13.70 8.42 -3.89
C GLN A 89 12.62 7.42 -3.46
N VAL A 90 11.74 7.86 -2.57
CA VAL A 90 10.67 6.99 -2.08
C VAL A 90 9.31 7.70 -2.19
N PHE A 91 8.25 6.90 -2.24
CA PHE A 91 6.89 7.43 -2.35
C PHE A 91 6.12 7.21 -1.06
N HIS A 92 5.69 8.29 -0.42
CA HIS A 92 4.93 8.20 0.82
C HIS A 92 3.54 7.63 0.57
N VAL A 93 3.31 6.42 1.09
CA VAL A 93 2.02 5.77 0.92
C VAL A 93 1.27 5.67 2.24
N GLU A 94 -0.03 5.95 2.22
CA GLU A 94 -0.85 5.89 3.41
C GLU A 94 -2.18 5.21 3.12
N VAL A 95 -2.33 3.99 3.62
CA VAL A 95 -3.56 3.23 3.41
C VAL A 95 -4.36 3.12 4.70
N GLU A 96 -5.66 3.38 4.61
CA GLU A 96 -6.54 3.33 5.78
C GLU A 96 -7.53 2.17 5.64
N VAL A 97 -8.01 1.68 6.78
CA VAL A 97 -8.97 0.58 6.79
C VAL A 97 -10.40 1.10 6.87
N ARG A 98 -11.30 0.43 6.15
CA ARG A 98 -12.71 0.83 6.14
C ARG A 98 -13.58 -0.28 6.71
N ASP A 99 -14.28 0.03 7.80
CA ASP A 99 -15.16 -0.94 8.44
C ASP A 99 -15.88 -0.32 9.63
N ILE A 100 -16.61 -1.15 10.37
CA ILE A 100 -17.36 -0.67 11.53
C ILE A 100 -16.93 -1.41 12.80
N ASN A 101 -17.14 -0.76 13.95
CA ASN A 101 -16.77 -1.35 15.23
C ASN A 101 -17.82 -2.37 15.69
N ASP A 102 -19.08 -1.95 15.68
CA ASP A 102 -20.18 -2.82 16.09
C ASP A 102 -20.22 -4.08 15.23
N ASN A 103 -19.71 -3.98 14.00
CA ASN A 103 -19.69 -5.11 13.09
C ASN A 103 -18.54 -4.98 12.09
N GLY A 1 3.56 16.11 -9.91
CA GLY A 1 4.13 15.07 -9.08
C GLY A 1 3.28 14.78 -7.86
N ASN A 2 3.39 13.56 -7.35
CA ASN A 2 2.62 13.14 -6.17
C ASN A 2 3.52 12.45 -5.16
N SER A 3 3.47 12.92 -3.92
CA SER A 3 4.28 12.34 -2.85
C SER A 3 3.40 11.66 -1.80
N GLN A 4 2.21 12.22 -1.59
CA GLN A 4 1.28 11.68 -0.62
C GLN A 4 0.01 11.16 -1.30
N ILE A 5 -0.29 9.88 -1.11
CA ILE A 5 -1.47 9.27 -1.70
C ILE A 5 -2.35 8.62 -0.64
N HIS A 6 -3.64 8.51 -0.93
CA HIS A 6 -4.59 7.91 -0.01
C HIS A 6 -5.42 6.83 -0.71
N TYR A 7 -5.42 5.63 -0.15
CA TYR A 7 -6.17 4.52 -0.72
C TYR A 7 -7.21 4.00 0.28
N SER A 8 -8.03 3.05 -0.17
CA SER A 8 -9.06 2.47 0.68
C SER A 8 -9.00 0.95 0.65
N ILE A 9 -9.08 0.34 1.82
CA ILE A 9 -9.04 -1.11 1.93
C ILE A 9 -9.86 -1.60 3.12
N PRO A 10 -10.75 -2.58 2.87
CA PRO A 10 -11.61 -3.14 3.90
C PRO A 10 -10.83 -4.00 4.90
N GLU A 11 -11.04 -3.72 6.19
CA GLU A 11 -10.36 -4.46 7.25
C GLU A 11 -10.43 -5.96 6.99
N GLU A 12 -9.42 -6.69 7.48
CA GLU A 12 -9.37 -8.13 7.31
C GLU A 12 -9.26 -8.50 5.83
N ALA A 13 -8.87 -7.53 5.02
CA ALA A 13 -8.72 -7.75 3.58
C ALA A 13 -7.75 -8.90 3.31
N LYS A 14 -8.30 -10.07 3.02
CA LYS A 14 -7.48 -11.25 2.74
C LYS A 14 -6.44 -10.94 1.68
N HIS A 15 -5.32 -11.65 1.72
CA HIS A 15 -4.23 -11.46 0.77
C HIS A 15 -4.77 -11.46 -0.66
N GLY A 16 -4.40 -10.45 -1.44
CA GLY A 16 -4.86 -10.36 -2.81
C GLY A 16 -5.92 -9.30 -3.01
N THR A 17 -6.25 -8.60 -1.94
CA THR A 17 -7.26 -7.54 -1.99
C THR A 17 -6.65 -6.24 -2.47
N PHE A 18 -7.26 -5.64 -3.50
CA PHE A 18 -6.79 -4.38 -4.05
C PHE A 18 -7.02 -3.24 -3.07
N VAL A 19 -6.11 -2.27 -3.07
CA VAL A 19 -6.23 -1.12 -2.18
C VAL A 19 -6.29 0.18 -2.97
N GLY A 20 -5.42 0.30 -3.98
CA GLY A 20 -5.39 1.50 -4.80
C GLY A 20 -4.43 1.39 -5.96
N ARG A 21 -4.16 2.50 -6.63
CA ARG A 21 -3.26 2.52 -7.76
C ARG A 21 -1.95 3.24 -7.41
N ILE A 22 -0.93 2.45 -7.10
CA ILE A 22 0.38 3.01 -6.75
C ILE A 22 1.08 3.60 -7.97
N ALA A 23 1.04 2.87 -9.08
CA ALA A 23 1.66 3.31 -10.32
C ALA A 23 0.88 4.47 -10.94
N GLN A 24 -0.43 4.34 -10.97
CA GLN A 24 -1.29 5.38 -11.53
C GLN A 24 -1.01 6.73 -10.88
N ASP A 25 -1.03 6.76 -9.56
CA ASP A 25 -0.78 7.99 -8.81
C ASP A 25 0.71 8.37 -8.89
N LEU A 26 1.52 7.46 -9.40
CA LEU A 26 2.95 7.69 -9.52
C LEU A 26 3.29 8.36 -10.85
N GLY A 27 2.60 7.94 -11.91
CA GLY A 27 2.83 8.51 -13.21
C GLY A 27 4.02 7.89 -13.92
N LEU A 28 4.58 6.83 -13.32
CA LEU A 28 5.73 6.14 -13.89
C LEU A 28 5.29 5.03 -14.83
N GLU A 29 6.20 4.57 -15.67
CA GLU A 29 5.91 3.49 -16.62
C GLU A 29 5.97 2.13 -15.94
N LEU A 30 4.85 1.42 -15.95
CA LEU A 30 4.76 0.11 -15.33
C LEU A 30 5.68 -0.89 -16.04
N THR A 31 6.00 -0.59 -17.31
CA THR A 31 6.86 -1.46 -18.10
C THR A 31 8.33 -1.15 -17.84
N GLU A 32 8.58 -0.22 -16.91
CA GLU A 32 9.95 0.16 -16.57
C GLU A 32 10.18 0.05 -15.07
N LEU A 33 9.25 -0.60 -14.37
CA LEU A 33 9.35 -0.78 -12.92
C LEU A 33 10.53 -1.67 -12.57
N VAL A 34 10.69 -2.75 -13.32
CA VAL A 34 11.79 -3.70 -13.09
C VAL A 34 13.13 -2.98 -13.07
N PRO A 35 13.45 -2.28 -14.17
CA PRO A 35 14.71 -1.54 -14.29
C PRO A 35 14.75 -0.31 -13.39
N ARG A 36 13.59 0.09 -12.90
CA ARG A 36 13.49 1.25 -12.02
C ARG A 36 13.69 0.85 -10.56
N LEU A 37 14.04 -0.42 -10.35
CA LEU A 37 14.27 -0.93 -8.99
C LEU A 37 13.12 -0.54 -8.07
N PHE A 38 11.90 -0.91 -8.46
CA PHE A 38 10.72 -0.60 -7.68
C PHE A 38 10.60 -1.55 -6.48
N ARG A 39 10.49 -0.97 -5.28
CA ARG A 39 10.37 -1.76 -4.06
C ARG A 39 9.44 -1.08 -3.07
N VAL A 40 8.89 -1.88 -2.15
CA VAL A 40 7.97 -1.36 -1.14
C VAL A 40 8.38 -1.81 0.25
N ALA A 41 8.32 -0.90 1.22
CA ALA A 41 8.68 -1.20 2.59
C ALA A 41 7.82 -0.40 3.58
N SER A 42 8.07 -0.61 4.87
CA SER A 42 7.32 0.09 5.90
C SER A 42 8.06 0.04 7.23
N LYS A 43 7.75 0.98 8.12
CA LYS A 43 8.39 1.05 9.42
C LYS A 43 7.68 0.15 10.43
N ASP A 44 6.69 -0.59 9.94
CA ASP A 44 5.93 -1.50 10.79
C ASP A 44 6.49 -2.92 10.70
N ARG A 45 6.17 -3.61 9.61
CA ARG A 45 6.64 -4.98 9.40
C ARG A 45 7.54 -5.07 8.17
N GLY A 46 7.44 -4.07 7.30
CA GLY A 46 8.23 -4.06 6.09
C GLY A 46 7.54 -4.76 4.93
N ASP A 47 6.48 -5.51 5.24
CA ASP A 47 5.74 -6.23 4.23
C ASP A 47 4.24 -6.09 4.44
N LEU A 48 3.73 -4.87 4.26
CA LEU A 48 2.32 -4.60 4.44
C LEU A 48 1.52 -4.98 3.19
N LEU A 49 2.05 -4.60 2.03
CA LEU A 49 1.39 -4.90 0.77
C LEU A 49 2.40 -4.94 -0.37
N GLU A 50 1.94 -5.32 -1.56
CA GLU A 50 2.81 -5.40 -2.73
C GLU A 50 2.08 -4.90 -3.98
N VAL A 51 2.85 -4.43 -4.96
CA VAL A 51 2.29 -3.92 -6.19
C VAL A 51 2.52 -4.89 -7.34
N ASN A 52 1.55 -4.99 -8.24
CA ASN A 52 1.64 -5.87 -9.39
C ASN A 52 2.04 -5.11 -10.64
N LEU A 53 3.19 -5.48 -11.22
CA LEU A 53 3.68 -4.83 -12.43
C LEU A 53 2.79 -5.14 -13.62
N GLN A 54 1.87 -6.09 -13.44
CA GLN A 54 0.95 -6.47 -14.50
C GLN A 54 0.12 -5.28 -14.98
N ASN A 55 -0.68 -4.72 -14.07
CA ASN A 55 -1.52 -3.57 -14.40
C ASN A 55 -1.18 -2.38 -13.51
N GLY A 56 -0.47 -2.65 -12.42
CA GLY A 56 -0.09 -1.59 -11.50
C GLY A 56 -0.87 -1.65 -10.20
N ILE A 57 -1.96 -2.40 -10.19
CA ILE A 57 -2.80 -2.54 -9.00
C ILE A 57 -2.06 -3.31 -7.91
N LEU A 58 -2.12 -2.79 -6.69
CA LEU A 58 -1.46 -3.43 -5.56
C LEU A 58 -2.48 -4.18 -4.69
N PHE A 59 -2.08 -5.35 -4.21
CA PHE A 59 -2.95 -6.18 -3.38
C PHE A 59 -2.40 -6.28 -1.95
N VAL A 60 -3.16 -6.93 -1.08
CA VAL A 60 -2.75 -7.09 0.31
C VAL A 60 -1.65 -8.12 0.44
N ASN A 61 -0.70 -7.87 1.34
CA ASN A 61 0.42 -8.78 1.55
C ASN A 61 0.84 -8.78 3.03
N SER A 62 -0.15 -8.77 3.91
CA SER A 62 0.11 -8.76 5.35
C SER A 62 -1.19 -8.90 6.14
N ARG A 63 -1.10 -8.68 7.45
CA ARG A 63 -2.26 -8.77 8.31
C ARG A 63 -3.11 -7.50 8.23
N ILE A 64 -4.32 -7.64 7.74
CA ILE A 64 -5.23 -6.50 7.61
C ILE A 64 -6.37 -6.58 8.63
N ASP A 65 -6.55 -7.76 9.21
CA ASP A 65 -7.60 -7.96 10.21
C ASP A 65 -7.41 -7.01 11.39
N ARG A 66 -8.52 -6.62 12.00
CA ARG A 66 -8.48 -5.72 13.14
C ARG A 66 -7.45 -6.17 14.16
N GLU A 67 -7.23 -7.48 14.24
CA GLU A 67 -6.27 -8.04 15.18
C GLU A 67 -4.92 -7.34 15.06
N GLU A 68 -4.27 -7.49 13.91
CA GLU A 68 -2.99 -6.86 13.67
C GLU A 68 -3.15 -5.41 13.22
N LEU A 69 -4.14 -5.17 12.37
CA LEU A 69 -4.41 -3.83 11.87
C LEU A 69 -4.40 -2.81 13.00
N CYS A 70 -5.41 -2.88 13.87
CA CYS A 70 -5.52 -1.97 15.00
C CYS A 70 -6.39 -2.56 16.10
N GLY A 71 -7.61 -2.93 15.72
CA GLY A 71 -8.54 -3.51 16.68
C GLY A 71 -9.66 -2.56 17.05
N ARG A 72 -9.48 -1.84 18.16
CA ARG A 72 -10.49 -0.89 18.62
C ARG A 72 -10.32 0.46 17.93
N SER A 73 -10.56 0.48 16.62
CA SER A 73 -10.43 1.71 15.84
C SER A 73 -11.28 1.64 14.57
N ALA A 74 -12.45 2.27 14.61
CA ALA A 74 -13.35 2.28 13.47
C ALA A 74 -12.62 2.73 12.20
N GLU A 75 -11.60 3.57 12.38
CA GLU A 75 -10.83 4.08 11.25
C GLU A 75 -9.37 4.30 11.64
N CYS A 76 -8.50 3.42 11.17
CA CYS A 76 -7.08 3.52 11.48
C CYS A 76 -6.28 3.88 10.23
N SER A 77 -5.32 4.77 10.38
CA SER A 77 -4.48 5.20 9.27
C SER A 77 -3.20 4.37 9.21
N ILE A 78 -2.64 4.24 8.01
CA ILE A 78 -1.41 3.48 7.81
C ILE A 78 -0.45 4.22 6.88
N HIS A 79 0.84 4.14 7.20
CA HIS A 79 1.86 4.81 6.38
C HIS A 79 2.78 3.78 5.72
N LEU A 80 3.16 4.04 4.48
CA LEU A 80 4.03 3.15 3.73
C LEU A 80 5.09 3.92 2.96
N GLU A 81 6.23 3.29 2.73
CA GLU A 81 7.32 3.92 2.00
C GLU A 81 7.75 3.07 0.81
N VAL A 82 7.62 3.62 -0.39
CA VAL A 82 7.99 2.91 -1.61
C VAL A 82 9.39 3.32 -2.08
N ILE A 83 10.34 2.40 -1.92
CA ILE A 83 11.72 2.66 -2.32
C ILE A 83 11.91 2.39 -3.82
N VAL A 84 12.18 3.44 -4.58
CA VAL A 84 12.39 3.31 -6.02
C VAL A 84 13.72 3.93 -6.43
N ASP A 85 14.48 3.21 -7.24
CA ASP A 85 15.78 3.69 -7.72
C ASP A 85 15.66 4.29 -9.11
N ARG A 86 16.12 5.52 -9.27
CA ARG A 86 16.07 6.19 -10.57
C ARG A 86 14.62 6.47 -10.97
N PRO A 87 14.06 7.58 -10.46
CA PRO A 87 14.78 8.49 -9.57
C PRO A 87 15.05 7.88 -8.20
N LEU A 88 16.05 8.39 -7.51
CA LEU A 88 16.40 7.90 -6.19
C LEU A 88 15.63 8.64 -5.09
N GLN A 89 14.58 8.01 -4.59
CA GLN A 89 13.76 8.61 -3.55
C GLN A 89 12.65 7.66 -3.10
N VAL A 90 11.85 8.11 -2.14
CA VAL A 90 10.75 7.29 -1.63
C VAL A 90 9.40 7.99 -1.84
N PHE A 91 8.34 7.20 -1.92
CA PHE A 91 7.01 7.74 -2.12
C PHE A 91 6.13 7.50 -0.89
N HIS A 92 5.56 8.58 -0.36
CA HIS A 92 4.70 8.49 0.82
C HIS A 92 3.33 7.95 0.45
N VAL A 93 3.09 6.69 0.77
CA VAL A 93 1.80 6.06 0.48
C VAL A 93 0.99 5.84 1.74
N GLU A 94 -0.21 6.42 1.77
CA GLU A 94 -1.09 6.29 2.93
C GLU A 94 -2.32 5.46 2.58
N VAL A 95 -2.75 4.62 3.53
CA VAL A 95 -3.92 3.77 3.32
C VAL A 95 -4.74 3.65 4.60
N GLU A 96 -6.05 3.84 4.48
CA GLU A 96 -6.94 3.75 5.63
C GLU A 96 -7.81 2.50 5.55
N VAL A 97 -8.23 2.00 6.70
CA VAL A 97 -9.07 0.81 6.76
C VAL A 97 -10.52 1.17 7.02
N ARG A 98 -11.43 0.38 6.45
CA ARG A 98 -12.87 0.62 6.61
C ARG A 98 -13.53 -0.55 7.34
N ASP A 99 -14.09 -0.26 8.51
CA ASP A 99 -14.76 -1.28 9.31
C ASP A 99 -15.33 -0.68 10.59
N ILE A 100 -15.77 -1.55 11.49
CA ILE A 100 -16.32 -1.11 12.77
C ILE A 100 -15.55 -1.69 13.95
N ASN A 101 -15.63 -1.03 15.09
CA ASN A 101 -14.94 -1.48 16.29
C ASN A 101 -15.68 -2.64 16.95
N ASP A 102 -17.00 -2.58 16.91
CA ASP A 102 -17.84 -3.63 17.50
C ASP A 102 -17.57 -4.98 16.82
N ASN A 103 -17.16 -4.93 15.55
CA ASN A 103 -16.88 -6.13 14.80
C ASN A 103 -16.14 -5.80 13.50
N GLY A 1 -0.92 13.40 -6.40
CA GLY A 1 -0.01 14.46 -6.83
C GLY A 1 1.31 13.91 -7.32
N ASN A 2 2.04 13.25 -6.41
CA ASN A 2 3.34 12.69 -6.76
C ASN A 2 3.95 11.97 -5.56
N SER A 3 3.81 12.57 -4.39
CA SER A 3 4.35 11.98 -3.16
C SER A 3 3.23 11.64 -2.18
N GLN A 4 2.15 12.41 -2.23
CA GLN A 4 1.01 12.19 -1.35
C GLN A 4 0.00 11.25 -2.00
N ILE A 5 -0.12 10.05 -1.46
CA ILE A 5 -1.06 9.05 -1.98
C ILE A 5 -1.65 8.21 -0.86
N HIS A 6 -2.92 7.86 -1.00
CA HIS A 6 -3.61 7.05 0.00
C HIS A 6 -4.55 6.05 -0.67
N TYR A 7 -4.66 4.86 -0.07
CA TYR A 7 -5.52 3.82 -0.61
C TYR A 7 -6.65 3.49 0.36
N SER A 8 -7.67 2.80 -0.14
CA SER A 8 -8.81 2.42 0.68
C SER A 8 -9.06 0.92 0.61
N ILE A 9 -8.89 0.25 1.76
CA ILE A 9 -9.10 -1.19 1.83
C ILE A 9 -9.81 -1.57 3.13
N PRO A 10 -11.01 -2.16 2.98
CA PRO A 10 -11.82 -2.60 4.12
C PRO A 10 -11.21 -3.79 4.85
N GLU A 11 -11.33 -3.79 6.18
CA GLU A 11 -10.78 -4.88 6.98
C GLU A 11 -11.19 -6.24 6.42
N GLU A 12 -10.49 -7.28 6.85
CA GLU A 12 -10.78 -8.63 6.39
C GLU A 12 -10.47 -8.77 4.90
N ALA A 13 -9.40 -8.13 4.46
CA ALA A 13 -8.99 -8.18 3.06
C ALA A 13 -7.96 -9.28 2.83
N LYS A 14 -8.43 -10.46 2.45
CA LYS A 14 -7.55 -11.60 2.19
C LYS A 14 -6.43 -11.20 1.23
N HIS A 15 -5.29 -11.87 1.34
CA HIS A 15 -4.15 -11.60 0.48
C HIS A 15 -4.55 -11.60 -0.99
N GLY A 16 -4.27 -10.50 -1.68
CA GLY A 16 -4.63 -10.40 -3.09
C GLY A 16 -5.80 -9.48 -3.32
N THR A 17 -6.25 -8.82 -2.26
CA THR A 17 -7.38 -7.89 -2.37
C THR A 17 -6.93 -6.52 -2.83
N PHE A 18 -7.71 -5.92 -3.73
CA PHE A 18 -7.39 -4.60 -4.26
C PHE A 18 -7.32 -3.56 -3.14
N VAL A 19 -6.43 -2.59 -3.30
CA VAL A 19 -6.26 -1.54 -2.30
C VAL A 19 -6.28 -0.16 -2.96
N GLY A 20 -5.49 0.01 -4.01
CA GLY A 20 -5.43 1.27 -4.70
C GLY A 20 -4.25 1.37 -5.66
N ARG A 21 -4.54 1.63 -6.93
CA ARG A 21 -3.49 1.73 -7.94
C ARG A 21 -2.35 2.62 -7.45
N ILE A 22 -1.25 2.00 -7.03
CA ILE A 22 -0.09 2.74 -6.54
C ILE A 22 0.62 3.46 -7.67
N ALA A 23 0.69 2.81 -8.83
CA ALA A 23 1.35 3.40 -10.00
C ALA A 23 0.52 4.55 -10.56
N GLN A 24 -0.79 4.39 -10.55
CA GLN A 24 -1.70 5.42 -11.06
C GLN A 24 -1.59 6.70 -10.23
N ASP A 25 -1.55 6.54 -8.92
CA ASP A 25 -1.45 7.68 -8.01
C ASP A 25 -0.04 8.25 -8.00
N LEU A 26 0.89 7.52 -8.62
CA LEU A 26 2.28 7.95 -8.68
C LEU A 26 2.56 8.67 -9.99
N GLY A 27 1.98 8.17 -11.08
CA GLY A 27 2.18 8.79 -12.38
C GLY A 27 3.40 8.23 -13.10
N LEU A 28 3.52 6.90 -13.11
CA LEU A 28 4.64 6.25 -13.76
C LEU A 28 4.15 5.15 -14.71
N GLU A 29 4.99 4.80 -15.68
CA GLU A 29 4.63 3.76 -16.64
C GLU A 29 4.73 2.37 -16.01
N LEU A 30 3.88 1.46 -16.47
CA LEU A 30 3.87 0.10 -15.94
C LEU A 30 5.13 -0.66 -16.35
N THR A 31 5.71 -0.28 -17.50
CA THR A 31 6.91 -0.91 -18.00
C THR A 31 8.16 -0.14 -17.58
N GLU A 32 7.95 0.92 -16.80
CA GLU A 32 9.06 1.75 -16.34
C GLU A 32 9.42 1.41 -14.89
N LEU A 33 8.55 0.66 -14.22
CA LEU A 33 8.77 0.27 -12.84
C LEU A 33 9.95 -0.70 -12.74
N VAL A 34 10.04 -1.62 -13.70
CA VAL A 34 11.12 -2.59 -13.71
C VAL A 34 12.47 -1.93 -13.60
N PRO A 35 12.77 -1.04 -14.57
CA PRO A 35 14.05 -0.31 -14.60
C PRO A 35 14.16 0.72 -13.47
N ARG A 36 13.03 1.03 -12.86
CA ARG A 36 13.00 2.01 -11.77
C ARG A 36 13.22 1.32 -10.43
N LEU A 37 13.51 0.02 -10.47
CA LEU A 37 13.75 -0.76 -9.26
C LEU A 37 12.68 -0.46 -8.20
N PHE A 38 11.42 -0.64 -8.58
CA PHE A 38 10.31 -0.41 -7.66
C PHE A 38 10.33 -1.39 -6.50
N ARG A 39 10.19 -0.87 -5.29
CA ARG A 39 10.20 -1.70 -4.10
C ARG A 39 9.32 -1.10 -3.00
N VAL A 40 8.52 -1.95 -2.36
CA VAL A 40 7.62 -1.50 -1.30
C VAL A 40 8.17 -1.88 0.07
N ALA A 41 8.08 -0.95 1.02
CA ALA A 41 8.57 -1.18 2.37
C ALA A 41 7.83 -0.31 3.37
N SER A 42 8.19 -0.44 4.65
CA SER A 42 7.56 0.33 5.70
C SER A 42 8.43 0.35 6.96
N LYS A 43 8.22 1.35 7.81
CA LYS A 43 8.98 1.49 9.04
C LYS A 43 8.40 0.60 10.14
N ASP A 44 7.13 0.24 10.00
CA ASP A 44 6.46 -0.61 10.98
C ASP A 44 6.98 -2.04 10.90
N ARG A 45 6.49 -2.80 9.92
CA ARG A 45 6.91 -4.18 9.75
C ARG A 45 7.44 -4.41 8.34
N GLY A 46 7.10 -3.50 7.42
CA GLY A 46 7.56 -3.63 6.05
C GLY A 46 6.93 -4.81 5.33
N ASP A 47 5.94 -5.42 5.97
CA ASP A 47 5.25 -6.58 5.39
C ASP A 47 3.74 -6.46 5.56
N LEU A 48 3.15 -5.49 4.88
CA LEU A 48 1.71 -5.26 4.96
C LEU A 48 1.05 -5.46 3.59
N LEU A 49 1.67 -4.90 2.56
CA LEU A 49 1.15 -5.01 1.20
C LEU A 49 2.27 -4.95 0.18
N GLU A 50 1.94 -5.22 -1.09
CA GLU A 50 2.93 -5.19 -2.16
C GLU A 50 2.26 -4.88 -3.50
N VAL A 51 3.00 -4.20 -4.37
CA VAL A 51 2.50 -3.84 -5.68
C VAL A 51 2.85 -4.90 -6.73
N ASN A 52 1.92 -5.16 -7.63
CA ASN A 52 2.14 -6.15 -8.69
C ASN A 52 2.46 -5.47 -10.01
N LEU A 53 3.68 -5.69 -10.50
CA LEU A 53 4.12 -5.10 -11.76
C LEU A 53 3.26 -5.60 -12.91
N GLN A 54 2.52 -6.67 -12.68
CA GLN A 54 1.66 -7.25 -13.71
C GLN A 54 0.76 -6.18 -14.32
N ASN A 55 0.13 -5.38 -13.48
CA ASN A 55 -0.76 -4.33 -13.93
C ASN A 55 -0.64 -3.09 -13.05
N GLY A 56 0.47 -3.00 -12.30
CA GLY A 56 0.68 -1.87 -11.42
C GLY A 56 -0.44 -1.70 -10.42
N ILE A 57 -1.02 -2.81 -9.98
CA ILE A 57 -2.10 -2.78 -9.01
C ILE A 57 -1.61 -3.15 -7.62
N LEU A 58 -2.26 -2.60 -6.59
CA LEU A 58 -1.88 -2.88 -5.21
C LEU A 58 -2.75 -3.99 -4.62
N PHE A 59 -2.11 -5.03 -4.11
CA PHE A 59 -2.83 -6.15 -3.52
C PHE A 59 -2.33 -6.43 -2.10
N VAL A 60 -3.20 -7.01 -1.28
CA VAL A 60 -2.85 -7.33 0.10
C VAL A 60 -1.70 -8.32 0.16
N ASN A 61 -0.81 -8.14 1.14
CA ASN A 61 0.34 -9.02 1.30
C ASN A 61 0.58 -9.31 2.78
N SER A 62 -0.46 -9.22 3.58
CA SER A 62 -0.36 -9.47 5.02
C SER A 62 -1.72 -9.33 5.69
N ARG A 63 -1.72 -9.34 7.02
CA ARG A 63 -2.96 -9.22 7.78
C ARG A 63 -3.37 -7.75 7.91
N ILE A 64 -4.54 -7.43 7.36
CA ILE A 64 -5.05 -6.06 7.41
C ILE A 64 -6.24 -5.96 8.38
N ASP A 65 -6.82 -7.10 8.71
CA ASP A 65 -7.96 -7.14 9.61
C ASP A 65 -7.67 -6.36 10.90
N ARG A 66 -8.70 -5.74 11.46
CA ARG A 66 -8.55 -4.96 12.68
C ARG A 66 -7.80 -5.76 13.74
N GLU A 67 -7.98 -7.08 13.72
CA GLU A 67 -7.32 -7.95 14.69
C GLU A 67 -5.81 -7.78 14.64
N GLU A 68 -5.24 -7.93 13.45
CA GLU A 68 -3.79 -7.79 13.27
C GLU A 68 -3.41 -6.32 13.13
N LEU A 69 -4.10 -5.61 12.25
CA LEU A 69 -3.83 -4.19 12.03
C LEU A 69 -3.69 -3.44 13.35
N CYS A 70 -4.80 -3.27 14.05
CA CYS A 70 -4.80 -2.57 15.33
C CYS A 70 -6.08 -2.88 16.12
N GLY A 71 -7.22 -2.63 15.49
CA GLY A 71 -8.50 -2.89 16.14
C GLY A 71 -8.71 -2.00 17.34
N ARG A 72 -7.90 -0.95 17.46
CA ARG A 72 -8.01 -0.02 18.57
C ARG A 72 -9.20 0.91 18.39
N SER A 73 -9.56 1.17 17.14
CA SER A 73 -10.68 2.05 16.82
C SER A 73 -11.24 1.75 15.44
N ALA A 74 -12.50 2.10 15.23
CA ALA A 74 -13.16 1.87 13.95
C ALA A 74 -12.33 2.43 12.79
N GLU A 75 -11.79 3.62 12.98
CA GLU A 75 -10.98 4.27 11.95
C GLU A 75 -9.49 4.16 12.30
N CYS A 76 -8.79 3.26 11.61
CA CYS A 76 -7.37 3.06 11.84
C CYS A 76 -6.55 3.46 10.61
N SER A 77 -5.59 4.35 10.81
CA SER A 77 -4.75 4.81 9.71
C SER A 77 -3.43 4.03 9.67
N ILE A 78 -2.85 3.94 8.48
CA ILE A 78 -1.59 3.22 8.31
C ILE A 78 -0.63 4.00 7.40
N HIS A 79 0.65 3.98 7.75
CA HIS A 79 1.66 4.67 6.97
C HIS A 79 2.58 3.69 6.27
N LEU A 80 2.97 4.03 5.04
CA LEU A 80 3.85 3.16 4.26
C LEU A 80 4.85 4.00 3.45
N GLU A 81 5.98 3.38 3.10
CA GLU A 81 7.01 4.07 2.33
C GLU A 81 7.50 3.19 1.19
N VAL A 82 7.23 3.63 -0.05
CA VAL A 82 7.64 2.89 -1.23
C VAL A 82 9.01 3.36 -1.72
N ILE A 83 10.01 2.52 -1.53
CA ILE A 83 11.37 2.86 -1.96
C ILE A 83 11.57 2.55 -3.44
N VAL A 84 12.13 3.51 -4.16
CA VAL A 84 12.38 3.35 -5.59
C VAL A 84 13.82 3.72 -5.95
N ASP A 85 14.42 2.94 -6.84
CA ASP A 85 15.80 3.18 -7.26
C ASP A 85 15.84 3.67 -8.70
N ARG A 86 16.28 4.91 -8.89
CA ARG A 86 16.36 5.51 -10.21
C ARG A 86 14.97 5.73 -10.80
N PRO A 87 14.36 6.87 -10.45
CA PRO A 87 14.98 7.86 -9.57
C PRO A 87 15.08 7.37 -8.13
N LEU A 88 15.99 7.97 -7.37
CA LEU A 88 16.18 7.59 -5.98
C LEU A 88 15.32 8.44 -5.05
N GLN A 89 14.30 7.82 -4.46
CA GLN A 89 13.40 8.52 -3.55
C GLN A 89 12.34 7.58 -2.99
N VAL A 90 11.43 8.11 -2.21
CA VAL A 90 10.36 7.32 -1.61
C VAL A 90 8.99 7.96 -1.86
N PHE A 91 7.95 7.14 -1.81
CA PHE A 91 6.59 7.63 -2.03
C PHE A 91 5.74 7.46 -0.78
N HIS A 92 5.09 8.55 -0.36
CA HIS A 92 4.25 8.52 0.83
C HIS A 92 2.92 7.83 0.54
N VAL A 93 2.68 6.73 1.24
CA VAL A 93 1.44 5.98 1.05
C VAL A 93 0.70 5.80 2.38
N GLU A 94 -0.59 6.13 2.37
CA GLU A 94 -1.41 6.01 3.57
C GLU A 94 -2.68 5.21 3.30
N VAL A 95 -2.76 4.03 3.88
CA VAL A 95 -3.93 3.16 3.69
C VAL A 95 -4.79 3.13 4.96
N GLU A 96 -6.10 3.20 4.77
CA GLU A 96 -7.04 3.17 5.89
C GLU A 96 -7.89 1.91 5.85
N VAL A 97 -8.32 1.45 7.03
CA VAL A 97 -9.14 0.26 7.13
C VAL A 97 -10.63 0.61 7.21
N ARG A 98 -11.38 0.22 6.19
CA ARG A 98 -12.81 0.50 6.14
C ARG A 98 -13.60 -0.59 6.86
N ASP A 99 -14.21 -0.24 7.98
CA ASP A 99 -14.99 -1.18 8.75
C ASP A 99 -15.60 -0.51 9.98
N ILE A 100 -16.16 -1.32 10.88
CA ILE A 100 -16.76 -0.80 12.10
C ILE A 100 -16.04 -1.32 13.33
N ASN A 101 -16.17 -0.59 14.44
CA ASN A 101 -15.53 -0.98 15.69
C ASN A 101 -16.20 -2.21 16.28
N ASP A 102 -17.48 -2.41 15.95
CA ASP A 102 -18.23 -3.55 16.45
C ASP A 102 -18.22 -4.68 15.44
N ASN A 103 -17.16 -4.76 14.65
CA ASN A 103 -17.03 -5.81 13.63
C ASN A 103 -18.24 -5.81 12.70
N GLY A 1 6.41 14.82 -10.09
CA GLY A 1 5.71 13.64 -9.63
C GLY A 1 5.02 13.86 -8.29
N ASN A 2 4.05 13.01 -7.97
CA ASN A 2 3.32 13.11 -6.72
C ASN A 2 4.07 12.42 -5.59
N SER A 3 3.76 12.79 -4.36
CA SER A 3 4.41 12.20 -3.19
C SER A 3 3.38 11.66 -2.21
N GLN A 4 2.37 12.46 -1.92
CA GLN A 4 1.31 12.07 -0.99
C GLN A 4 0.27 11.21 -1.69
N ILE A 5 0.25 9.92 -1.38
CA ILE A 5 -0.70 8.99 -1.98
C ILE A 5 -1.32 8.08 -0.93
N HIS A 6 -2.60 7.77 -1.10
CA HIS A 6 -3.31 6.90 -0.16
C HIS A 6 -4.22 5.93 -0.91
N TYR A 7 -4.48 4.78 -0.30
CA TYR A 7 -5.33 3.77 -0.91
C TYR A 7 -6.46 3.37 0.04
N SER A 8 -7.49 2.73 -0.52
CA SER A 8 -8.63 2.30 0.28
C SER A 8 -8.78 0.78 0.24
N ILE A 9 -8.73 0.16 1.42
CA ILE A 9 -8.85 -1.29 1.51
C ILE A 9 -9.76 -1.69 2.68
N PRO A 10 -10.77 -2.51 2.39
CA PRO A 10 -11.72 -2.99 3.40
C PRO A 10 -11.09 -3.95 4.40
N GLU A 11 -11.39 -3.76 5.67
CA GLU A 11 -10.84 -4.61 6.72
C GLU A 11 -11.01 -6.08 6.37
N GLU A 12 -10.12 -6.92 6.89
CA GLU A 12 -10.17 -8.35 6.63
C GLU A 12 -9.96 -8.64 5.14
N ALA A 13 -8.99 -7.96 4.54
CA ALA A 13 -8.68 -8.14 3.13
C ALA A 13 -7.65 -9.26 2.94
N LYS A 14 -8.10 -10.38 2.38
CA LYS A 14 -7.22 -11.51 2.13
C LYS A 14 -6.05 -11.11 1.24
N HIS A 15 -4.93 -11.81 1.38
CA HIS A 15 -3.74 -11.53 0.58
C HIS A 15 -4.09 -11.52 -0.90
N GLY A 16 -3.82 -10.38 -1.54
CA GLY A 16 -4.11 -10.26 -2.96
C GLY A 16 -5.32 -9.39 -3.24
N THR A 17 -5.83 -8.75 -2.20
CA THR A 17 -6.99 -7.88 -2.33
C THR A 17 -6.62 -6.52 -2.90
N PHE A 18 -7.47 -5.98 -3.75
CA PHE A 18 -7.21 -4.68 -4.38
C PHE A 18 -7.21 -3.57 -3.33
N VAL A 19 -6.23 -2.68 -3.43
CA VAL A 19 -6.11 -1.56 -2.49
C VAL A 19 -6.14 -0.22 -3.22
N GLY A 20 -5.40 -0.13 -4.32
CA GLY A 20 -5.37 1.10 -5.09
C GLY A 20 -4.34 1.05 -6.20
N ARG A 21 -4.32 2.09 -7.03
CA ARG A 21 -3.38 2.17 -8.14
C ARG A 21 -2.14 2.97 -7.76
N ILE A 22 -1.23 2.32 -7.03
CA ILE A 22 0.00 2.98 -6.61
C ILE A 22 0.71 3.64 -7.78
N ALA A 23 0.78 2.94 -8.90
CA ALA A 23 1.43 3.47 -10.10
C ALA A 23 0.62 4.60 -10.70
N GLN A 24 -0.66 4.37 -10.93
CA GLN A 24 -1.54 5.38 -11.51
C GLN A 24 -1.49 6.67 -10.69
N ASP A 25 -1.45 6.52 -9.37
CA ASP A 25 -1.39 7.69 -8.48
C ASP A 25 0.00 8.31 -8.49
N LEU A 26 1.02 7.49 -8.70
CA LEU A 26 2.39 7.96 -8.73
C LEU A 26 2.66 8.77 -9.99
N GLY A 27 2.10 8.31 -11.12
CA GLY A 27 2.29 9.01 -12.38
C GLY A 27 3.47 8.47 -13.15
N LEU A 28 3.61 7.15 -13.21
CA LEU A 28 4.71 6.52 -13.92
C LEU A 28 4.20 5.42 -14.84
N GLU A 29 5.04 5.02 -15.79
CA GLU A 29 4.68 3.97 -16.74
C GLU A 29 4.77 2.59 -16.09
N LEU A 30 3.84 1.72 -16.45
CA LEU A 30 3.82 0.36 -15.91
C LEU A 30 5.09 -0.39 -16.25
N THR A 31 5.56 -0.22 -17.49
CA THR A 31 6.78 -0.89 -17.95
C THR A 31 8.02 -0.08 -17.55
N GLU A 32 7.80 1.01 -16.83
CA GLU A 32 8.90 1.87 -16.41
C GLU A 32 9.34 1.51 -14.99
N LEU A 33 8.55 0.68 -14.32
CA LEU A 33 8.86 0.25 -12.95
C LEU A 33 10.11 -0.63 -12.93
N VAL A 34 10.25 -1.48 -13.94
CA VAL A 34 11.40 -2.37 -14.04
C VAL A 34 12.71 -1.60 -13.92
N PRO A 35 12.91 -0.64 -14.84
CA PRO A 35 14.12 0.19 -14.86
C PRO A 35 14.18 1.15 -13.69
N ARG A 36 13.04 1.35 -13.02
CA ARG A 36 12.97 2.25 -11.88
C ARG A 36 13.26 1.51 -10.58
N LEU A 37 13.55 0.22 -10.70
CA LEU A 37 13.84 -0.60 -9.53
C LEU A 37 12.83 -0.38 -8.43
N PHE A 38 11.55 -0.56 -8.74
CA PHE A 38 10.48 -0.37 -7.78
C PHE A 38 10.61 -1.35 -6.63
N ARG A 39 10.42 -0.84 -5.41
CA ARG A 39 10.53 -1.67 -4.21
C ARG A 39 9.66 -1.12 -3.09
N VAL A 40 9.03 -2.03 -2.34
CA VAL A 40 8.17 -1.63 -1.22
C VAL A 40 8.87 -1.83 0.11
N ALA A 41 8.64 -0.91 1.04
CA ALA A 41 9.24 -0.99 2.37
C ALA A 41 8.30 -0.41 3.42
N SER A 42 8.40 -0.95 4.64
CA SER A 42 7.57 -0.50 5.75
C SER A 42 8.36 -0.48 7.06
N LYS A 43 7.88 0.32 8.00
CA LYS A 43 8.54 0.43 9.31
C LYS A 43 7.90 -0.51 10.32
N ASP A 44 6.57 -0.56 10.31
CA ASP A 44 5.84 -1.43 11.23
C ASP A 44 6.37 -2.85 11.18
N ARG A 45 6.04 -3.58 10.13
CA ARG A 45 6.49 -4.96 9.96
C ARG A 45 7.38 -5.09 8.74
N GLY A 46 7.31 -4.11 7.83
CA GLY A 46 8.12 -4.15 6.64
C GLY A 46 7.43 -4.86 5.50
N ASP A 47 6.35 -5.58 5.81
CA ASP A 47 5.61 -6.32 4.80
C ASP A 47 4.10 -6.13 4.99
N LEU A 48 3.64 -4.91 4.77
CA LEU A 48 2.23 -4.58 4.92
C LEU A 48 1.49 -4.75 3.60
N LEU A 49 2.09 -4.26 2.52
CA LEU A 49 1.48 -4.37 1.20
C LEU A 49 2.56 -4.37 0.11
N GLU A 50 2.26 -5.02 -1.01
CA GLU A 50 3.20 -5.10 -2.12
C GLU A 50 2.50 -4.78 -3.44
N VAL A 51 3.23 -4.11 -4.33
CA VAL A 51 2.68 -3.74 -5.63
C VAL A 51 3.03 -4.78 -6.68
N ASN A 52 2.10 -5.01 -7.61
CA ASN A 52 2.31 -5.99 -8.67
C ASN A 52 2.69 -5.30 -9.97
N LEU A 53 3.92 -5.55 -10.43
CA LEU A 53 4.41 -4.96 -11.67
C LEU A 53 3.55 -5.38 -12.86
N GLN A 54 2.76 -6.43 -12.67
CA GLN A 54 1.89 -6.94 -13.72
C GLN A 54 1.05 -5.81 -14.32
N ASN A 55 0.41 -5.03 -13.45
CA ASN A 55 -0.43 -3.92 -13.89
C ASN A 55 -0.30 -2.74 -12.94
N GLY A 56 0.81 -2.68 -12.22
CA GLY A 56 1.03 -1.59 -11.28
C GLY A 56 -0.08 -1.46 -10.27
N ILE A 57 -0.71 -2.59 -9.92
CA ILE A 57 -1.80 -2.59 -8.96
C ILE A 57 -1.29 -2.91 -7.56
N LEU A 58 -1.95 -2.34 -6.55
CA LEU A 58 -1.56 -2.56 -5.16
C LEU A 58 -2.41 -3.66 -4.53
N PHE A 59 -1.74 -4.72 -4.07
CA PHE A 59 -2.44 -5.84 -3.44
C PHE A 59 -2.03 -5.97 -1.97
N VAL A 60 -2.99 -6.34 -1.12
CA VAL A 60 -2.74 -6.50 0.30
C VAL A 60 -1.71 -7.59 0.55
N ASN A 61 -0.89 -7.41 1.58
CA ASN A 61 0.15 -8.37 1.92
C ASN A 61 0.41 -8.37 3.43
N SER A 62 -0.66 -8.46 4.21
CA SER A 62 -0.54 -8.46 5.66
C SER A 62 -1.91 -8.61 6.32
N ARG A 63 -1.91 -8.95 7.61
CA ARG A 63 -3.15 -9.13 8.35
C ARG A 63 -3.88 -7.80 8.53
N ILE A 64 -5.14 -7.77 8.10
CA ILE A 64 -5.95 -6.56 8.22
C ILE A 64 -7.01 -6.71 9.29
N ASP A 65 -7.30 -7.95 9.66
CA ASP A 65 -8.31 -8.23 10.68
C ASP A 65 -8.10 -7.35 11.91
N ARG A 66 -9.18 -6.81 12.44
CA ARG A 66 -9.12 -5.95 13.61
C ARG A 66 -8.37 -6.63 14.76
N GLU A 67 -8.33 -7.96 14.71
CA GLU A 67 -7.65 -8.73 15.74
C GLU A 67 -6.14 -8.52 15.68
N GLU A 68 -5.56 -8.81 14.52
CA GLU A 68 -4.11 -8.64 14.32
C GLU A 68 -3.78 -7.19 13.99
N LEU A 69 -4.48 -6.63 13.02
CA LEU A 69 -4.26 -5.25 12.61
C LEU A 69 -4.17 -4.32 13.81
N CYS A 70 -5.30 -4.08 14.46
CA CYS A 70 -5.34 -3.21 15.63
C CYS A 70 -6.63 -3.42 16.42
N GLY A 71 -7.77 -3.27 15.73
CA GLY A 71 -9.04 -3.44 16.38
C GLY A 71 -9.30 -2.42 17.47
N ARG A 72 -8.48 -1.38 17.49
CA ARG A 72 -8.61 -0.32 18.49
C ARG A 72 -9.80 0.58 18.17
N SER A 73 -9.64 1.44 17.17
CA SER A 73 -10.70 2.36 16.77
C SER A 73 -11.37 1.89 15.49
N ALA A 74 -12.59 2.35 15.27
CA ALA A 74 -13.35 1.98 14.08
C ALA A 74 -12.57 2.32 12.81
N GLU A 75 -11.67 3.29 12.92
CA GLU A 75 -10.86 3.72 11.78
C GLU A 75 -9.37 3.57 12.08
N CYS A 76 -8.71 2.68 11.36
CA CYS A 76 -7.28 2.45 11.56
C CYS A 76 -6.48 2.91 10.35
N SER A 77 -5.50 3.78 10.59
CA SER A 77 -4.67 4.31 9.53
C SER A 77 -3.34 3.56 9.45
N ILE A 78 -2.81 3.42 8.24
CA ILE A 78 -1.54 2.73 8.03
C ILE A 78 -0.60 3.56 7.18
N HIS A 79 0.68 3.55 7.54
CA HIS A 79 1.69 4.30 6.80
C HIS A 79 2.69 3.36 6.13
N LEU A 80 3.11 3.71 4.92
CA LEU A 80 4.05 2.89 4.18
C LEU A 80 5.00 3.76 3.34
N GLU A 81 6.17 3.23 3.02
CA GLU A 81 7.15 3.96 2.22
C GLU A 81 7.67 3.10 1.08
N VAL A 82 7.35 3.51 -0.16
CA VAL A 82 7.79 2.78 -1.33
C VAL A 82 9.13 3.30 -1.84
N ILE A 83 10.18 2.51 -1.65
CA ILE A 83 11.51 2.88 -2.09
C ILE A 83 11.74 2.56 -3.56
N VAL A 84 12.23 3.53 -4.31
CA VAL A 84 12.49 3.35 -5.74
C VAL A 84 13.91 3.75 -6.10
N ASP A 85 14.51 3.00 -7.02
CA ASP A 85 15.87 3.29 -7.46
C ASP A 85 15.89 3.83 -8.88
N ARG A 86 16.34 5.07 -9.03
CA ARG A 86 16.41 5.71 -10.33
C ARG A 86 15.00 5.96 -10.89
N PRO A 87 14.39 7.08 -10.47
CA PRO A 87 15.02 8.03 -9.56
C PRO A 87 15.15 7.47 -8.15
N LEU A 88 16.06 8.04 -7.36
CA LEU A 88 16.29 7.60 -6.00
C LEU A 88 15.45 8.41 -5.01
N GLN A 89 14.42 7.78 -4.46
CA GLN A 89 13.54 8.45 -3.50
C GLN A 89 12.47 7.50 -2.98
N VAL A 90 11.53 8.03 -2.21
CA VAL A 90 10.46 7.23 -1.65
C VAL A 90 9.09 7.85 -1.94
N PHE A 91 8.06 7.01 -1.93
CA PHE A 91 6.70 7.48 -2.19
C PHE A 91 5.81 7.31 -0.96
N HIS A 92 5.17 8.39 -0.54
CA HIS A 92 4.30 8.36 0.63
C HIS A 92 3.03 7.54 0.33
N VAL A 93 2.82 6.50 1.13
CA VAL A 93 1.64 5.65 0.96
C VAL A 93 0.87 5.50 2.27
N GLU A 94 -0.44 5.73 2.19
CA GLU A 94 -1.30 5.63 3.37
C GLU A 94 -2.57 4.86 3.04
N VAL A 95 -2.72 3.69 3.64
CA VAL A 95 -3.90 2.86 3.42
C VAL A 95 -4.77 2.79 4.68
N GLU A 96 -6.07 3.05 4.51
CA GLU A 96 -7.01 3.02 5.62
C GLU A 96 -7.91 1.79 5.53
N VAL A 97 -8.41 1.36 6.69
CA VAL A 97 -9.29 0.20 6.75
C VAL A 97 -10.76 0.62 6.85
N ARG A 98 -11.58 0.11 5.94
CA ARG A 98 -13.01 0.44 5.93
C ARG A 98 -13.80 -0.61 6.70
N ASP A 99 -14.38 -0.20 7.82
CA ASP A 99 -15.17 -1.11 8.64
C ASP A 99 -15.72 -0.38 9.87
N ILE A 100 -16.38 -1.14 10.75
CA ILE A 100 -16.95 -0.57 11.97
C ILE A 100 -16.27 -1.13 13.22
N ASN A 101 -16.33 -0.38 14.31
CA ASN A 101 -15.72 -0.80 15.56
C ASN A 101 -16.59 -1.84 16.26
N ASP A 102 -17.87 -1.51 16.45
CA ASP A 102 -18.79 -2.42 17.11
C ASP A 102 -19.61 -3.20 16.08
N ASN A 103 -19.01 -3.42 14.91
CA ASN A 103 -19.68 -4.16 13.85
C ASN A 103 -21.01 -3.51 13.47
N GLY A 1 8.84 17.59 -6.09
CA GLY A 1 7.70 16.82 -6.55
C GLY A 1 6.84 16.33 -5.40
N ASN A 2 5.57 16.09 -5.68
CA ASN A 2 4.63 15.62 -4.66
C ASN A 2 4.66 14.10 -4.56
N SER A 3 4.52 13.59 -3.34
CA SER A 3 4.54 12.15 -3.10
C SER A 3 3.37 11.74 -2.20
N GLN A 4 2.30 12.52 -2.24
CA GLN A 4 1.12 12.23 -1.44
C GLN A 4 0.19 11.26 -2.16
N ILE A 5 0.06 10.06 -1.60
CA ILE A 5 -0.80 9.03 -2.19
C ILE A 5 -1.41 8.15 -1.11
N HIS A 6 -2.68 7.78 -1.31
CA HIS A 6 -3.39 6.94 -0.35
C HIS A 6 -4.27 5.93 -1.07
N TYR A 7 -4.45 4.76 -0.46
CA TYR A 7 -5.26 3.71 -1.05
C TYR A 7 -6.44 3.36 -0.15
N SER A 8 -7.38 2.59 -0.67
CA SER A 8 -8.56 2.19 0.09
C SER A 8 -8.71 0.67 0.10
N ILE A 9 -8.77 0.10 1.29
CA ILE A 9 -8.91 -1.34 1.45
C ILE A 9 -9.83 -1.69 2.62
N PRO A 10 -10.82 -2.54 2.36
CA PRO A 10 -11.79 -2.97 3.38
C PRO A 10 -11.15 -3.88 4.43
N GLU A 11 -11.46 -3.63 5.69
CA GLU A 11 -10.93 -4.42 6.79
C GLU A 11 -11.10 -5.92 6.51
N GLU A 12 -10.27 -6.73 7.15
CA GLU A 12 -10.32 -8.17 6.97
C GLU A 12 -10.05 -8.56 5.51
N ALA A 13 -9.22 -7.76 4.85
CA ALA A 13 -8.86 -8.01 3.46
C ALA A 13 -7.86 -9.16 3.35
N LYS A 14 -8.38 -10.36 3.14
CA LYS A 14 -7.54 -11.55 3.01
C LYS A 14 -6.44 -11.33 1.97
N HIS A 15 -5.34 -12.06 2.11
CA HIS A 15 -4.23 -11.94 1.18
C HIS A 15 -4.70 -12.06 -0.26
N GLY A 16 -4.31 -11.09 -1.09
CA GLY A 16 -4.71 -11.10 -2.48
C GLY A 16 -5.77 -10.07 -2.79
N THR A 17 -6.12 -9.26 -1.79
CA THR A 17 -7.13 -8.22 -1.96
C THR A 17 -6.51 -6.92 -2.45
N PHE A 18 -7.07 -6.39 -3.53
CA PHE A 18 -6.56 -5.13 -4.10
C PHE A 18 -6.65 -4.00 -3.09
N VAL A 19 -5.83 -2.99 -3.28
CA VAL A 19 -5.81 -1.84 -2.38
C VAL A 19 -5.98 -0.53 -3.16
N GLY A 20 -5.14 -0.34 -4.16
CA GLY A 20 -5.23 0.87 -4.97
C GLY A 20 -4.03 1.04 -5.89
N ARG A 21 -4.29 1.45 -7.13
CA ARG A 21 -3.23 1.64 -8.11
C ARG A 21 -2.12 2.53 -7.54
N ILE A 22 -1.01 1.91 -7.15
CA ILE A 22 0.12 2.65 -6.60
C ILE A 22 0.84 3.44 -7.68
N ALA A 23 0.95 2.87 -8.86
CA ALA A 23 1.61 3.53 -9.98
C ALA A 23 0.79 4.71 -10.49
N GLN A 24 -0.50 4.46 -10.76
CA GLN A 24 -1.38 5.50 -11.25
C GLN A 24 -1.38 6.71 -10.32
N ASP A 25 -1.37 6.45 -9.02
CA ASP A 25 -1.37 7.51 -8.02
C ASP A 25 0.02 8.14 -7.92
N LEU A 26 1.04 7.41 -8.33
CA LEU A 26 2.41 7.90 -8.29
C LEU A 26 2.71 8.80 -9.49
N GLY A 27 2.19 8.40 -10.65
CA GLY A 27 2.41 9.19 -11.86
C GLY A 27 3.60 8.69 -12.66
N LEU A 28 3.75 7.38 -12.73
CA LEU A 28 4.86 6.78 -13.46
C LEU A 28 4.37 5.63 -14.33
N GLU A 29 5.01 5.44 -15.49
CA GLU A 29 4.65 4.38 -16.40
C GLU A 29 4.99 3.00 -15.82
N LEU A 30 3.99 2.13 -15.73
CA LEU A 30 4.17 0.80 -15.19
C LEU A 30 5.17 0.00 -16.04
N THR A 31 5.40 0.47 -17.26
CA THR A 31 6.33 -0.20 -18.16
C THR A 31 7.76 0.23 -17.89
N GLU A 32 7.95 1.07 -16.87
CA GLU A 32 9.27 1.55 -16.51
C GLU A 32 9.60 1.22 -15.05
N LEU A 33 8.73 0.44 -14.43
CA LEU A 33 8.92 0.04 -13.04
C LEU A 33 10.13 -0.87 -12.89
N VAL A 34 10.26 -1.82 -13.81
CA VAL A 34 11.37 -2.76 -13.78
C VAL A 34 12.71 -2.02 -13.72
N PRO A 35 12.96 -1.16 -14.72
CA PRO A 35 14.19 -0.37 -14.80
C PRO A 35 14.27 0.68 -13.71
N ARG A 36 13.13 0.98 -13.09
CA ARG A 36 13.08 1.99 -12.03
C ARG A 36 13.29 1.34 -10.66
N LEU A 37 13.58 0.04 -10.65
CA LEU A 37 13.80 -0.68 -9.42
C LEU A 37 12.72 -0.37 -8.39
N PHE A 38 11.47 -0.60 -8.76
CA PHE A 38 10.34 -0.33 -7.87
C PHE A 38 10.25 -1.39 -6.78
N ARG A 39 10.14 -0.95 -5.53
CA ARG A 39 10.04 -1.86 -4.40
C ARG A 39 9.25 -1.23 -3.26
N VAL A 40 8.62 -2.07 -2.44
CA VAL A 40 7.82 -1.60 -1.32
C VAL A 40 8.55 -1.82 0.00
N ALA A 41 8.46 -0.85 0.89
CA ALA A 41 9.11 -0.94 2.19
C ALA A 41 8.23 -0.34 3.29
N SER A 42 8.66 -0.50 4.54
CA SER A 42 7.92 0.03 5.68
C SER A 42 8.83 0.20 6.89
N LYS A 43 8.40 1.06 7.81
CA LYS A 43 9.17 1.32 9.02
C LYS A 43 8.76 0.37 10.15
N ASP A 44 8.02 -0.68 9.79
CA ASP A 44 7.56 -1.66 10.76
C ASP A 44 8.14 -3.03 10.47
N ARG A 45 7.58 -3.71 9.48
CA ARG A 45 8.04 -5.04 9.10
C ARG A 45 8.48 -5.07 7.64
N GLY A 46 8.04 -4.07 6.88
CA GLY A 46 8.40 -3.99 5.48
C GLY A 46 7.73 -5.07 4.64
N ASP A 47 6.81 -5.80 5.27
CA ASP A 47 6.09 -6.87 4.58
C ASP A 47 4.61 -6.82 4.90
N LEU A 48 3.94 -5.78 4.43
CA LEU A 48 2.51 -5.62 4.67
C LEU A 48 1.71 -5.83 3.39
N LEU A 49 2.23 -5.30 2.28
CA LEU A 49 1.56 -5.44 0.99
C LEU A 49 2.58 -5.45 -0.15
N GLU A 50 2.14 -5.87 -1.33
CA GLU A 50 3.00 -5.93 -2.49
C GLU A 50 2.28 -5.46 -3.75
N VAL A 51 3.01 -4.82 -4.65
CA VAL A 51 2.43 -4.31 -5.89
C VAL A 51 2.79 -5.22 -7.06
N ASN A 52 1.85 -5.39 -7.99
CA ASN A 52 2.07 -6.24 -9.16
C ASN A 52 2.26 -5.38 -10.41
N LEU A 53 3.44 -5.48 -11.01
CA LEU A 53 3.75 -4.72 -12.22
C LEU A 53 2.83 -5.12 -13.37
N GLN A 54 2.16 -6.26 -13.20
CA GLN A 54 1.26 -6.76 -14.23
C GLN A 54 0.26 -5.69 -14.66
N ASN A 55 -0.54 -5.22 -13.70
CA ASN A 55 -1.53 -4.18 -13.97
C ASN A 55 -1.23 -2.92 -13.18
N GLY A 56 -0.45 -3.06 -12.12
CA GLY A 56 -0.10 -1.92 -11.29
C GLY A 56 -0.80 -1.94 -9.94
N ILE A 57 -1.84 -2.76 -9.84
CA ILE A 57 -2.59 -2.87 -8.59
C ILE A 57 -1.86 -3.76 -7.59
N LEU A 58 -1.90 -3.36 -6.32
CA LEU A 58 -1.25 -4.13 -5.26
C LEU A 58 -2.26 -4.92 -4.44
N PHE A 59 -1.85 -6.10 -3.99
CA PHE A 59 -2.74 -6.96 -3.20
C PHE A 59 -2.23 -7.07 -1.76
N VAL A 60 -3.07 -7.62 -0.88
CA VAL A 60 -2.71 -7.79 0.52
C VAL A 60 -1.59 -8.82 0.68
N ASN A 61 -0.69 -8.56 1.61
CA ASN A 61 0.42 -9.47 1.87
C ASN A 61 0.65 -9.64 3.37
N SER A 62 -0.36 -9.32 4.16
CA SER A 62 -0.27 -9.42 5.61
C SER A 62 -1.65 -9.50 6.24
N ARG A 63 -1.69 -9.55 7.57
CA ARG A 63 -2.95 -9.63 8.30
C ARG A 63 -3.67 -8.29 8.28
N ILE A 64 -4.92 -8.30 7.80
CA ILE A 64 -5.71 -7.08 7.73
C ILE A 64 -6.83 -7.09 8.76
N ASP A 65 -7.14 -8.28 9.27
CA ASP A 65 -8.19 -8.43 10.27
C ASP A 65 -8.00 -7.44 11.42
N ARG A 66 -9.11 -6.88 11.90
CA ARG A 66 -9.06 -5.91 12.98
C ARG A 66 -8.24 -6.45 14.15
N GLU A 67 -8.31 -7.76 14.37
CA GLU A 67 -7.58 -8.39 15.45
C GLU A 67 -6.08 -8.20 15.29
N GLU A 68 -5.59 -8.39 14.07
CA GLU A 68 -4.17 -8.23 13.78
C GLU A 68 -3.83 -6.76 13.53
N LEU A 69 -4.51 -6.15 12.57
CA LEU A 69 -4.28 -4.75 12.25
C LEU A 69 -4.25 -3.89 13.50
N CYS A 70 -5.42 -3.65 14.07
CA CYS A 70 -5.53 -2.84 15.28
C CYS A 70 -6.85 -3.14 16.01
N GLY A 71 -7.96 -3.04 15.29
CA GLY A 71 -9.25 -3.30 15.90
C GLY A 71 -9.60 -2.30 16.98
N ARG A 72 -8.85 -1.21 17.04
CA ARG A 72 -9.07 -0.18 18.05
C ARG A 72 -10.28 0.69 17.68
N SER A 73 -10.08 1.57 16.70
CA SER A 73 -11.14 2.46 16.25
C SER A 73 -11.65 2.04 14.87
N ALA A 74 -12.92 2.35 14.60
CA ALA A 74 -13.51 2.02 13.32
C ALA A 74 -12.66 2.52 12.16
N GLU A 75 -11.95 3.62 12.39
CA GLU A 75 -11.09 4.20 11.37
C GLU A 75 -9.61 4.04 11.74
N CYS A 76 -8.93 3.12 11.06
CA CYS A 76 -7.51 2.88 11.32
C CYS A 76 -6.66 3.33 10.14
N SER A 77 -5.69 4.18 10.42
CA SER A 77 -4.79 4.69 9.38
C SER A 77 -3.48 3.90 9.35
N ILE A 78 -2.91 3.75 8.17
CA ILE A 78 -1.65 3.03 8.01
C ILE A 78 -0.68 3.80 7.14
N HIS A 79 0.60 3.75 7.50
CA HIS A 79 1.64 4.45 6.73
C HIS A 79 2.60 3.46 6.10
N LEU A 80 3.03 3.77 4.88
CA LEU A 80 3.96 2.90 4.16
C LEU A 80 4.97 3.73 3.36
N GLU A 81 6.13 3.14 3.10
CA GLU A 81 7.18 3.82 2.35
C GLU A 81 7.57 3.01 1.11
N VAL A 82 7.29 3.56 -0.07
CA VAL A 82 7.61 2.89 -1.32
C VAL A 82 8.98 3.31 -1.83
N ILE A 83 9.94 2.38 -1.76
CA ILE A 83 11.30 2.65 -2.22
C ILE A 83 11.42 2.49 -3.73
N VAL A 84 12.11 3.43 -4.36
CA VAL A 84 12.31 3.39 -5.81
C VAL A 84 13.69 3.90 -6.19
N ASP A 85 14.36 3.16 -7.07
CA ASP A 85 15.69 3.54 -7.52
C ASP A 85 15.64 4.20 -8.90
N ARG A 86 16.09 5.44 -8.97
CA ARG A 86 16.09 6.19 -10.23
C ARG A 86 14.66 6.49 -10.67
N PRO A 87 14.09 7.58 -10.14
CA PRO A 87 14.78 8.45 -9.17
C PRO A 87 14.97 7.76 -7.83
N LEU A 88 15.95 8.25 -7.06
CA LEU A 88 16.25 7.68 -5.75
C LEU A 88 15.49 8.43 -4.65
N GLN A 89 14.43 7.81 -4.14
CA GLN A 89 13.63 8.42 -3.08
C GLN A 89 12.50 7.49 -2.67
N VAL A 90 11.63 7.99 -1.78
CA VAL A 90 10.51 7.20 -1.29
C VAL A 90 9.18 7.92 -1.57
N PHE A 91 8.10 7.15 -1.64
CA PHE A 91 6.78 7.71 -1.89
C PHE A 91 5.88 7.56 -0.67
N HIS A 92 5.19 8.65 -0.31
CA HIS A 92 4.30 8.63 0.84
C HIS A 92 3.01 7.89 0.51
N VAL A 93 2.83 6.72 1.13
CA VAL A 93 1.64 5.91 0.90
C VAL A 93 0.87 5.69 2.20
N GLU A 94 -0.42 6.02 2.18
CA GLU A 94 -1.27 5.87 3.36
C GLU A 94 -2.54 5.11 3.01
N VAL A 95 -2.69 3.91 3.58
CA VAL A 95 -3.87 3.09 3.33
C VAL A 95 -4.78 3.07 4.55
N GLU A 96 -6.07 3.30 4.32
CA GLU A 96 -7.05 3.30 5.39
C GLU A 96 -7.95 2.06 5.32
N VAL A 97 -8.49 1.66 6.46
CA VAL A 97 -9.36 0.50 6.53
C VAL A 97 -10.82 0.91 6.65
N ARG A 98 -11.66 0.37 5.76
CA ARG A 98 -13.08 0.69 5.76
C ARG A 98 -13.87 -0.36 6.55
N ASP A 99 -14.45 0.07 7.66
CA ASP A 99 -15.23 -0.81 8.51
C ASP A 99 -15.79 -0.07 9.73
N ILE A 100 -16.39 -0.81 10.65
CA ILE A 100 -16.95 -0.22 11.85
C ILE A 100 -16.38 -0.85 13.11
N ASN A 101 -16.42 -0.12 14.22
CA ASN A 101 -15.89 -0.62 15.49
C ASN A 101 -16.94 -1.48 16.19
N ASP A 102 -18.17 -0.98 16.27
CA ASP A 102 -19.25 -1.70 16.93
C ASP A 102 -19.41 -3.09 16.34
N ASN A 103 -19.04 -3.24 15.06
CA ASN A 103 -19.14 -4.52 14.38
C ASN A 103 -20.55 -5.10 14.50
N GLY A 1 5.79 16.31 -9.02
CA GLY A 1 4.91 15.29 -9.57
C GLY A 1 3.89 14.81 -8.56
N ASN A 2 4.23 13.76 -7.82
CA ASN A 2 3.33 13.20 -6.82
C ASN A 2 4.12 12.65 -5.63
N SER A 3 3.67 12.97 -4.42
CA SER A 3 4.32 12.52 -3.21
C SER A 3 3.31 11.94 -2.22
N GLN A 4 2.25 12.71 -1.96
CA GLN A 4 1.21 12.27 -1.04
C GLN A 4 0.19 11.39 -1.74
N ILE A 5 0.20 10.10 -1.41
CA ILE A 5 -0.74 9.15 -2.01
C ILE A 5 -1.36 8.25 -0.94
N HIS A 6 -2.64 7.94 -1.13
CA HIS A 6 -3.36 7.09 -0.18
C HIS A 6 -4.29 6.14 -0.93
N TYR A 7 -4.56 4.99 -0.31
CA TYR A 7 -5.44 3.98 -0.92
C TYR A 7 -6.54 3.56 0.06
N SER A 8 -7.51 2.81 -0.45
CA SER A 8 -8.62 2.35 0.38
C SER A 8 -8.71 0.83 0.36
N ILE A 9 -8.86 0.24 1.54
CA ILE A 9 -8.96 -1.21 1.65
C ILE A 9 -9.69 -1.61 2.93
N PRO A 10 -10.87 -2.24 2.78
CA PRO A 10 -11.69 -2.69 3.91
C PRO A 10 -11.05 -3.85 4.67
N GLU A 11 -11.21 -3.86 5.98
CA GLU A 11 -10.64 -4.91 6.82
C GLU A 11 -11.00 -6.29 6.26
N GLU A 12 -10.35 -7.32 6.80
CA GLU A 12 -10.60 -8.68 6.36
C GLU A 12 -10.12 -8.89 4.93
N ALA A 13 -9.20 -8.04 4.49
CA ALA A 13 -8.66 -8.12 3.14
C ALA A 13 -7.60 -9.22 3.04
N LYS A 14 -8.00 -10.37 2.50
CA LYS A 14 -7.09 -11.49 2.34
C LYS A 14 -5.94 -11.14 1.41
N HIS A 15 -4.89 -11.97 1.41
CA HIS A 15 -3.73 -11.75 0.57
C HIS A 15 -4.13 -11.68 -0.91
N GLY A 16 -3.91 -10.53 -1.52
CA GLY A 16 -4.25 -10.36 -2.92
C GLY A 16 -5.48 -9.50 -3.12
N THR A 17 -5.95 -8.88 -2.04
CA THR A 17 -7.13 -8.03 -2.10
C THR A 17 -6.78 -6.66 -2.66
N PHE A 18 -7.70 -6.09 -3.43
CA PHE A 18 -7.50 -4.78 -4.02
C PHE A 18 -7.29 -3.72 -2.96
N VAL A 19 -6.40 -2.77 -3.22
CA VAL A 19 -6.11 -1.70 -2.28
C VAL A 19 -6.16 -0.34 -2.97
N GLY A 20 -5.45 -0.22 -4.09
CA GLY A 20 -5.42 1.03 -4.83
C GLY A 20 -4.24 1.11 -5.78
N ARG A 21 -4.52 1.50 -7.02
CA ARG A 21 -3.47 1.62 -8.03
C ARG A 21 -2.30 2.43 -7.50
N ILE A 22 -1.23 1.74 -7.10
CA ILE A 22 -0.05 2.40 -6.58
C ILE A 22 0.74 3.09 -7.69
N ALA A 23 0.85 2.42 -8.83
CA ALA A 23 1.57 2.96 -9.98
C ALA A 23 0.81 4.12 -10.60
N GLN A 24 -0.46 3.90 -10.90
CA GLN A 24 -1.30 4.93 -11.51
C GLN A 24 -1.29 6.20 -10.67
N ASP A 25 -1.55 6.05 -9.38
CA ASP A 25 -1.56 7.20 -8.47
C ASP A 25 -0.19 7.86 -8.40
N LEU A 26 0.83 7.14 -8.85
CA LEU A 26 2.20 7.66 -8.84
C LEU A 26 2.50 8.38 -10.15
N GLY A 27 1.98 7.85 -11.25
CA GLY A 27 2.21 8.45 -12.55
C GLY A 27 3.43 7.88 -13.25
N LEU A 28 3.62 6.57 -13.12
CA LEU A 28 4.76 5.91 -13.75
C LEU A 28 4.30 4.84 -14.74
N GLU A 29 5.25 4.13 -15.33
CA GLU A 29 4.94 3.08 -16.28
C GLU A 29 5.23 1.71 -15.71
N LEU A 30 4.28 0.79 -15.87
CA LEU A 30 4.42 -0.57 -15.35
C LEU A 30 5.65 -1.25 -15.96
N THR A 31 6.04 -0.80 -17.14
CA THR A 31 7.20 -1.36 -17.84
C THR A 31 8.45 -0.54 -17.57
N GLU A 32 8.32 0.48 -16.72
CA GLU A 32 9.44 1.34 -16.39
C GLU A 32 9.88 1.12 -14.94
N LEU A 33 9.17 0.25 -14.24
CA LEU A 33 9.49 -0.05 -12.85
C LEU A 33 10.83 -0.76 -12.73
N VAL A 34 11.07 -1.71 -13.63
CA VAL A 34 12.32 -2.46 -13.63
C VAL A 34 13.53 -1.52 -13.71
N PRO A 35 13.56 -0.68 -14.75
CA PRO A 35 14.64 0.29 -14.95
C PRO A 35 14.63 1.41 -13.92
N ARG A 36 13.51 1.54 -13.20
CA ARG A 36 13.37 2.56 -12.18
C ARG A 36 13.67 2.00 -10.79
N LEU A 37 14.06 0.74 -10.75
CA LEU A 37 14.37 0.07 -9.49
C LEU A 37 13.27 0.31 -8.46
N PHE A 38 12.05 -0.08 -8.81
CA PHE A 38 10.90 0.10 -7.91
C PHE A 38 10.95 -0.92 -6.78
N ARG A 39 10.52 -0.50 -5.59
CA ARG A 39 10.51 -1.36 -4.43
C ARG A 39 9.53 -0.86 -3.38
N VAL A 40 8.97 -1.77 -2.60
CA VAL A 40 8.02 -1.42 -1.56
C VAL A 40 8.44 -1.98 -0.20
N ALA A 41 8.22 -1.20 0.85
CA ALA A 41 8.58 -1.62 2.19
C ALA A 41 8.00 -0.67 3.25
N SER A 42 8.39 -0.87 4.50
CA SER A 42 7.91 -0.03 5.59
C SER A 42 8.85 -0.12 6.79
N LYS A 43 8.81 0.91 7.65
CA LYS A 43 9.64 0.95 8.83
C LYS A 43 9.03 0.13 9.97
N ASP A 44 7.72 -0.04 9.91
CA ASP A 44 7.00 -0.79 10.94
C ASP A 44 7.40 -2.27 10.90
N ARG A 45 6.85 -3.00 9.94
CA ARG A 45 7.15 -4.42 9.79
C ARG A 45 7.75 -4.71 8.42
N GLY A 46 7.55 -3.78 7.48
CA GLY A 46 8.08 -3.96 6.14
C GLY A 46 7.31 -4.99 5.35
N ASP A 47 6.22 -5.49 5.92
CA ASP A 47 5.39 -6.49 5.27
C ASP A 47 3.90 -6.17 5.44
N LEU A 48 3.47 -5.07 4.82
CA LEU A 48 2.08 -4.66 4.90
C LEU A 48 1.35 -4.91 3.58
N LEU A 49 2.00 -4.56 2.48
CA LEU A 49 1.42 -4.75 1.15
C LEU A 49 2.51 -4.92 0.10
N GLU A 50 2.09 -5.08 -1.15
CA GLU A 50 3.03 -5.26 -2.25
C GLU A 50 2.40 -4.84 -3.58
N VAL A 51 3.23 -4.38 -4.50
CA VAL A 51 2.76 -3.95 -5.81
C VAL A 51 3.04 -5.00 -6.88
N ASN A 52 2.12 -5.15 -7.83
CA ASN A 52 2.27 -6.12 -8.90
C ASN A 52 2.75 -5.45 -10.18
N LEU A 53 3.87 -5.91 -10.70
CA LEU A 53 4.45 -5.36 -11.92
C LEU A 53 3.61 -5.75 -13.14
N GLN A 54 2.65 -6.66 -12.93
CA GLN A 54 1.78 -7.11 -14.00
C GLN A 54 0.95 -5.96 -14.56
N ASN A 55 0.11 -5.39 -13.71
CA ASN A 55 -0.74 -4.27 -14.11
C ASN A 55 -0.43 -3.02 -13.31
N GLY A 56 0.17 -3.22 -12.14
CA GLY A 56 0.51 -2.09 -11.28
C GLY A 56 -0.39 -2.00 -10.06
N ILE A 57 -1.52 -2.67 -10.11
CA ILE A 57 -2.47 -2.66 -9.00
C ILE A 57 -1.80 -3.05 -7.69
N LEU A 58 -2.23 -2.43 -6.60
CA LEU A 58 -1.67 -2.72 -5.28
C LEU A 58 -2.54 -3.70 -4.52
N PHE A 59 -1.97 -4.87 -4.21
CA PHE A 59 -2.69 -5.91 -3.48
C PHE A 59 -2.21 -5.99 -2.03
N VAL A 60 -3.03 -6.57 -1.17
CA VAL A 60 -2.70 -6.72 0.24
C VAL A 60 -1.63 -7.79 0.43
N ASN A 61 -0.76 -7.57 1.42
CA ASN A 61 0.31 -8.53 1.71
C ASN A 61 0.57 -8.60 3.21
N SER A 62 -0.50 -8.63 4.00
CA SER A 62 -0.39 -8.70 5.44
C SER A 62 -1.76 -8.87 6.10
N ARG A 63 -1.78 -8.98 7.41
CA ARG A 63 -3.02 -9.15 8.15
C ARG A 63 -3.72 -7.81 8.36
N ILE A 64 -4.98 -7.73 7.94
CA ILE A 64 -5.75 -6.51 8.08
C ILE A 64 -6.82 -6.65 9.15
N ASP A 65 -7.13 -7.90 9.51
CA ASP A 65 -8.14 -8.18 10.52
C ASP A 65 -7.90 -7.34 11.78
N ARG A 66 -8.97 -6.80 12.34
CA ARG A 66 -8.87 -5.98 13.55
C ARG A 66 -8.10 -6.71 14.64
N GLU A 67 -8.08 -8.04 14.56
CA GLU A 67 -7.39 -8.85 15.55
C GLU A 67 -5.88 -8.63 15.48
N GLU A 68 -5.31 -8.90 14.31
CA GLU A 68 -3.87 -8.73 14.11
C GLU A 68 -3.53 -7.27 13.81
N LEU A 69 -4.25 -6.69 12.86
CA LEU A 69 -4.04 -5.30 12.47
C LEU A 69 -3.91 -4.41 13.70
N CYS A 70 -5.02 -4.17 14.39
CA CYS A 70 -5.03 -3.34 15.58
C CYS A 70 -6.31 -3.56 16.40
N GLY A 71 -7.45 -3.38 15.74
CA GLY A 71 -8.72 -3.58 16.42
C GLY A 71 -8.93 -2.58 17.54
N ARG A 72 -8.11 -1.53 17.56
CA ARG A 72 -8.21 -0.51 18.60
C ARG A 72 -9.41 0.41 18.35
N SER A 73 -9.26 1.29 17.37
CA SER A 73 -10.33 2.23 17.03
C SER A 73 -11.05 1.79 15.76
N ALA A 74 -12.27 2.31 15.57
CA ALA A 74 -13.06 1.97 14.39
C ALA A 74 -12.33 2.35 13.11
N GLU A 75 -11.37 3.26 13.22
CA GLU A 75 -10.60 3.71 12.08
C GLU A 75 -9.11 3.56 12.32
N CYS A 76 -8.47 2.68 11.56
CA CYS A 76 -7.03 2.44 11.70
C CYS A 76 -6.27 2.94 10.48
N SER A 77 -5.23 3.74 10.71
CA SER A 77 -4.42 4.29 9.63
C SER A 77 -3.13 3.51 9.47
N ILE A 78 -2.68 3.36 8.22
CA ILE A 78 -1.45 2.63 7.93
C ILE A 78 -0.51 3.48 7.09
N HIS A 79 0.78 3.42 7.40
CA HIS A 79 1.79 4.18 6.67
C HIS A 79 2.74 3.24 5.93
N LEU A 80 3.13 3.63 4.73
CA LEU A 80 4.04 2.83 3.92
C LEU A 80 5.02 3.71 3.15
N GLU A 81 6.16 3.15 2.78
CA GLU A 81 7.17 3.88 2.04
C GLU A 81 7.65 3.08 0.82
N VAL A 82 7.51 3.67 -0.35
CA VAL A 82 7.92 3.02 -1.59
C VAL A 82 9.34 3.42 -1.97
N ILE A 83 10.27 2.48 -1.83
CA ILE A 83 11.67 2.73 -2.15
C ILE A 83 11.90 2.64 -3.66
N VAL A 84 12.30 3.76 -4.26
CA VAL A 84 12.56 3.82 -5.69
C VAL A 84 13.94 4.41 -5.97
N ASP A 85 14.60 3.89 -7.01
CA ASP A 85 15.92 4.37 -7.40
C ASP A 85 15.87 5.08 -8.74
N ARG A 86 14.74 5.71 -9.03
CA ARG A 86 14.56 6.44 -10.29
C ARG A 86 13.11 6.88 -10.45
N PRO A 87 12.79 8.07 -9.92
CA PRO A 87 13.75 8.91 -9.21
C PRO A 87 14.17 8.31 -7.87
N LEU A 88 15.37 8.64 -7.43
CA LEU A 88 15.88 8.13 -6.16
C LEU A 88 15.22 8.84 -4.98
N GLN A 89 14.23 8.17 -4.39
CA GLN A 89 13.51 8.74 -3.25
C GLN A 89 12.43 7.79 -2.75
N VAL A 90 11.56 8.28 -1.89
CA VAL A 90 10.48 7.47 -1.35
C VAL A 90 9.12 8.10 -1.63
N PHE A 91 8.11 7.26 -1.78
CA PHE A 91 6.75 7.73 -2.07
C PHE A 91 5.85 7.58 -0.85
N HIS A 92 5.16 8.66 -0.49
CA HIS A 92 4.26 8.64 0.66
C HIS A 92 3.01 7.83 0.36
N VAL A 93 2.83 6.73 1.09
CA VAL A 93 1.67 5.87 0.91
C VAL A 93 0.93 5.65 2.21
N GLU A 94 -0.37 5.93 2.20
CA GLU A 94 -1.20 5.76 3.40
C GLU A 94 -2.51 5.05 3.06
N VAL A 95 -2.69 3.86 3.61
CA VAL A 95 -3.90 3.08 3.36
C VAL A 95 -4.76 3.00 4.62
N GLU A 96 -6.05 3.29 4.47
CA GLU A 96 -6.97 3.25 5.60
C GLU A 96 -7.83 1.98 5.55
N VAL A 97 -8.24 1.51 6.73
CA VAL A 97 -9.06 0.31 6.83
C VAL A 97 -10.54 0.66 6.97
N ARG A 98 -11.35 0.20 6.01
CA ARG A 98 -12.78 0.47 6.03
C ARG A 98 -13.51 -0.55 6.89
N ASP A 99 -14.04 -0.09 8.01
CA ASP A 99 -14.77 -0.97 8.93
C ASP A 99 -15.28 -0.18 10.14
N ILE A 100 -15.88 -0.90 11.09
CA ILE A 100 -16.42 -0.27 12.29
C ILE A 100 -15.84 -0.92 13.54
N ASN A 101 -15.85 -0.18 14.64
CA ASN A 101 -15.33 -0.67 15.90
C ASN A 101 -16.27 -1.72 16.50
N ASP A 102 -17.55 -1.36 16.61
CA ASP A 102 -18.55 -2.27 17.16
C ASP A 102 -19.45 -2.82 16.05
N ASN A 103 -18.90 -2.92 14.85
CA ASN A 103 -19.65 -3.42 13.72
C ASN A 103 -20.97 -2.67 13.55
N GLY A 1 6.25 16.54 -9.87
CA GLY A 1 5.13 15.61 -9.93
C GLY A 1 4.44 15.44 -8.59
N ASN A 2 3.70 14.35 -8.45
CA ASN A 2 2.98 14.07 -7.21
C ASN A 2 3.89 13.36 -6.21
N SER A 3 3.50 13.38 -4.94
CA SER A 3 4.27 12.74 -3.89
C SER A 3 3.35 12.14 -2.82
N GLN A 4 2.33 12.91 -2.44
CA GLN A 4 1.38 12.45 -1.44
C GLN A 4 0.31 11.55 -2.05
N ILE A 5 0.40 10.26 -1.76
CA ILE A 5 -0.56 9.29 -2.28
C ILE A 5 -1.11 8.41 -1.17
N HIS A 6 -2.41 8.09 -1.26
CA HIS A 6 -3.05 7.26 -0.26
C HIS A 6 -4.01 6.27 -0.92
N TYR A 7 -4.20 5.12 -0.29
CA TYR A 7 -5.09 4.10 -0.83
C TYR A 7 -6.17 3.72 0.19
N SER A 8 -7.15 2.94 -0.24
CA SER A 8 -8.23 2.51 0.63
C SER A 8 -8.40 0.99 0.59
N ILE A 9 -8.54 0.39 1.76
CA ILE A 9 -8.72 -1.05 1.86
C ILE A 9 -9.50 -1.42 3.13
N PRO A 10 -10.61 -2.14 2.94
CA PRO A 10 -11.46 -2.58 4.05
C PRO A 10 -10.79 -3.66 4.90
N GLU A 11 -10.90 -3.52 6.21
CA GLU A 11 -10.31 -4.48 7.13
C GLU A 11 -10.65 -5.92 6.73
N GLU A 12 -9.91 -6.86 7.27
CA GLU A 12 -10.13 -8.27 6.97
C GLU A 12 -9.85 -8.56 5.49
N ALA A 13 -9.07 -7.69 4.86
CA ALA A 13 -8.73 -7.84 3.45
C ALA A 13 -7.78 -9.02 3.24
N LYS A 14 -8.30 -10.09 2.65
CA LYS A 14 -7.50 -11.29 2.40
C LYS A 14 -6.38 -10.99 1.43
N HIS A 15 -5.29 -11.74 1.54
CA HIS A 15 -4.14 -11.56 0.66
C HIS A 15 -4.56 -11.57 -0.81
N GLY A 16 -4.23 -10.51 -1.52
CA GLY A 16 -4.58 -10.40 -2.92
C GLY A 16 -5.73 -9.45 -3.17
N THR A 17 -6.14 -8.73 -2.12
CA THR A 17 -7.23 -7.77 -2.23
C THR A 17 -6.74 -6.45 -2.79
N PHE A 18 -7.58 -5.80 -3.59
CA PHE A 18 -7.23 -4.51 -4.19
C PHE A 18 -7.20 -3.41 -3.13
N VAL A 19 -6.13 -2.64 -3.13
CA VAL A 19 -5.98 -1.55 -2.17
C VAL A 19 -6.00 -0.19 -2.87
N GLY A 20 -5.12 -0.02 -3.86
CA GLY A 20 -5.06 1.22 -4.59
C GLY A 20 -4.12 1.16 -5.78
N ARG A 21 -4.11 2.21 -6.59
CA ARG A 21 -3.25 2.26 -7.77
C ARG A 21 -2.01 3.11 -7.49
N ILE A 22 -0.96 2.46 -6.98
CA ILE A 22 0.28 3.15 -6.67
C ILE A 22 0.94 3.69 -7.94
N ALA A 23 0.96 2.87 -8.99
CA ALA A 23 1.56 3.26 -10.26
C ALA A 23 0.72 4.34 -10.95
N GLN A 24 -0.61 4.18 -10.90
CA GLN A 24 -1.51 5.13 -11.52
C GLN A 24 -1.38 6.51 -10.87
N ASP A 25 -1.27 6.53 -9.55
CA ASP A 25 -1.14 7.79 -8.81
C ASP A 25 0.28 8.33 -8.94
N LEU A 26 1.20 7.49 -9.38
CA LEU A 26 2.60 7.89 -9.55
C LEU A 26 2.84 8.44 -10.95
N GLY A 27 2.24 7.81 -11.95
CA GLY A 27 2.39 8.25 -13.32
C GLY A 27 3.55 7.57 -14.02
N LEU A 28 3.69 6.26 -13.78
CA LEU A 28 4.76 5.49 -14.40
C LEU A 28 4.24 4.19 -14.98
N GLU A 29 4.77 3.79 -16.12
CA GLU A 29 4.36 2.55 -16.78
C GLU A 29 4.84 1.33 -15.99
N LEU A 30 3.99 0.31 -15.90
CA LEU A 30 4.33 -0.91 -15.18
C LEU A 30 5.58 -1.57 -15.77
N THR A 31 5.88 -1.22 -17.01
CA THR A 31 7.05 -1.77 -17.70
C THR A 31 8.29 -0.92 -17.43
N GLU A 32 8.14 0.10 -16.59
CA GLU A 32 9.25 0.99 -16.26
C GLU A 32 9.65 0.82 -14.80
N LEU A 33 8.76 0.24 -14.01
CA LEU A 33 9.04 0.02 -12.59
C LEU A 33 10.16 -0.99 -12.40
N VAL A 34 10.14 -2.06 -13.19
CA VAL A 34 11.17 -3.08 -13.10
C VAL A 34 12.56 -2.48 -13.22
N PRO A 35 12.82 -1.78 -14.33
CA PRO A 35 14.11 -1.15 -14.59
C PRO A 35 14.36 0.05 -13.67
N ARG A 36 13.30 0.53 -13.04
CA ARG A 36 13.41 1.67 -12.13
C ARG A 36 13.73 1.20 -10.71
N LEU A 37 14.09 -0.06 -10.57
CA LEU A 37 14.43 -0.63 -9.27
C LEU A 37 13.36 -0.30 -8.24
N PHE A 38 12.11 -0.67 -8.54
CA PHE A 38 10.99 -0.41 -7.65
C PHE A 38 11.09 -1.29 -6.39
N ARG A 39 10.75 -0.71 -5.24
CA ARG A 39 10.81 -1.43 -3.98
C ARG A 39 9.81 -0.85 -2.98
N VAL A 40 9.40 -1.67 -2.02
CA VAL A 40 8.45 -1.24 -1.00
C VAL A 40 8.97 -1.54 0.40
N ALA A 41 8.74 -0.61 1.33
CA ALA A 41 9.18 -0.78 2.70
C ALA A 41 8.32 0.04 3.66
N SER A 42 8.23 -0.42 4.90
CA SER A 42 7.44 0.28 5.91
C SER A 42 8.17 0.32 7.26
N LYS A 43 7.80 1.27 8.10
CA LYS A 43 8.42 1.41 9.41
C LYS A 43 7.85 0.40 10.40
N ASP A 44 6.87 -0.37 9.94
CA ASP A 44 6.24 -1.38 10.79
C ASP A 44 6.88 -2.76 10.57
N ARG A 45 6.49 -3.43 9.50
CA ARG A 45 7.02 -4.74 9.18
C ARG A 45 7.64 -4.77 7.79
N GLY A 46 7.26 -3.79 6.97
CA GLY A 46 7.79 -3.71 5.62
C GLY A 46 7.28 -4.84 4.74
N ASP A 47 6.31 -5.58 5.24
CA ASP A 47 5.74 -6.70 4.49
C ASP A 47 4.22 -6.71 4.60
N LEU A 48 3.65 -5.54 4.87
CA LEU A 48 2.20 -5.41 5.00
C LEU A 48 1.51 -5.66 3.66
N LEU A 49 2.04 -5.06 2.61
CA LEU A 49 1.47 -5.21 1.27
C LEU A 49 2.55 -5.03 0.20
N GLU A 50 2.21 -5.37 -1.04
CA GLU A 50 3.14 -5.23 -2.15
C GLU A 50 2.40 -4.88 -3.44
N VAL A 51 3.09 -4.16 -4.32
CA VAL A 51 2.50 -3.74 -5.60
C VAL A 51 2.83 -4.75 -6.69
N ASN A 52 1.86 -4.96 -7.59
CA ASN A 52 2.04 -5.89 -8.69
C ASN A 52 2.24 -5.15 -10.01
N LEU A 53 3.30 -5.49 -10.72
CA LEU A 53 3.60 -4.86 -12.00
C LEU A 53 2.62 -5.32 -13.08
N GLN A 54 1.79 -6.29 -12.74
CA GLN A 54 0.81 -6.83 -13.68
C GLN A 54 -0.23 -5.76 -14.04
N ASN A 55 -0.76 -5.09 -13.02
CA ASN A 55 -1.76 -4.06 -13.24
C ASN A 55 -1.44 -2.81 -12.41
N GLY A 56 -0.22 -2.75 -11.89
CA GLY A 56 0.19 -1.61 -11.09
C GLY A 56 -0.72 -1.36 -9.92
N ILE A 57 -1.27 -2.44 -9.35
CA ILE A 57 -2.18 -2.33 -8.22
C ILE A 57 -1.53 -2.86 -6.94
N LEU A 58 -2.10 -2.50 -5.81
CA LEU A 58 -1.58 -2.94 -4.51
C LEU A 58 -2.38 -4.13 -3.98
N PHE A 59 -1.72 -5.29 -3.92
CA PHE A 59 -2.36 -6.50 -3.42
C PHE A 59 -1.92 -6.81 -2.00
N VAL A 60 -2.89 -7.11 -1.14
CA VAL A 60 -2.60 -7.43 0.25
C VAL A 60 -1.53 -8.50 0.36
N ASN A 61 -0.65 -8.36 1.35
CA ASN A 61 0.43 -9.32 1.57
C ASN A 61 0.72 -9.49 3.05
N SER A 62 -0.33 -9.44 3.87
CA SER A 62 -0.19 -9.59 5.31
C SER A 62 -1.55 -9.62 6.00
N ARG A 63 -1.54 -9.53 7.32
CA ARG A 63 -2.78 -9.55 8.09
C ARG A 63 -3.49 -8.20 8.03
N ILE A 64 -4.70 -8.20 7.49
CA ILE A 64 -5.49 -6.98 7.37
C ILE A 64 -6.66 -6.98 8.35
N ASP A 65 -6.98 -8.15 8.87
CA ASP A 65 -8.08 -8.29 9.82
C ASP A 65 -7.83 -7.42 11.06
N ARG A 66 -8.92 -6.95 11.67
CA ARG A 66 -8.81 -6.11 12.86
C ARG A 66 -7.88 -6.75 13.88
N GLU A 67 -7.80 -8.07 13.87
CA GLU A 67 -6.94 -8.79 14.81
C GLU A 67 -5.53 -8.22 14.80
N GLU A 68 -4.84 -8.41 13.67
CA GLU A 68 -3.47 -7.92 13.54
C GLU A 68 -3.46 -6.45 13.13
N LEU A 69 -4.40 -6.08 12.26
CA LEU A 69 -4.49 -4.69 11.79
C LEU A 69 -4.41 -3.72 12.95
N CYS A 70 -5.46 -3.67 13.77
CA CYS A 70 -5.51 -2.78 14.91
C CYS A 70 -6.48 -3.31 15.98
N GLY A 71 -7.72 -3.55 15.55
CA GLY A 71 -8.72 -4.05 16.49
C GLY A 71 -9.56 -2.95 17.07
N ARG A 72 -9.18 -2.48 18.26
CA ARG A 72 -9.92 -1.42 18.94
C ARG A 72 -9.60 -0.06 18.33
N SER A 73 -9.96 0.11 17.06
CA SER A 73 -9.70 1.36 16.35
C SER A 73 -10.66 1.53 15.19
N ALA A 74 -11.68 2.38 15.39
CA ALA A 74 -12.67 2.63 14.36
C ALA A 74 -12.01 3.04 13.05
N GLU A 75 -10.84 3.66 13.15
CA GLU A 75 -10.11 4.10 11.97
C GLU A 75 -8.61 4.12 12.24
N CYS A 76 -7.88 3.22 11.59
CA CYS A 76 -6.43 3.13 11.75
C CYS A 76 -5.72 3.55 10.48
N SER A 77 -4.72 4.42 10.62
CA SER A 77 -3.95 4.90 9.48
C SER A 77 -2.62 4.16 9.38
N ILE A 78 -2.14 3.99 8.14
CA ILE A 78 -0.88 3.30 7.91
C ILE A 78 0.02 4.10 6.96
N HIS A 79 1.30 4.13 7.27
CA HIS A 79 2.27 4.86 6.46
C HIS A 79 3.26 3.91 5.79
N LEU A 80 3.62 4.21 4.56
CA LEU A 80 4.56 3.38 3.81
C LEU A 80 5.46 4.23 2.92
N GLU A 81 6.64 3.70 2.59
CA GLU A 81 7.58 4.41 1.75
C GLU A 81 8.05 3.53 0.59
N VAL A 82 7.81 4.01 -0.63
CA VAL A 82 8.21 3.27 -1.81
C VAL A 82 9.60 3.67 -2.28
N ILE A 83 10.56 2.76 -2.09
CA ILE A 83 11.95 3.02 -2.48
C ILE A 83 12.14 2.77 -3.97
N VAL A 84 12.42 3.83 -4.73
CA VAL A 84 12.64 3.72 -6.16
C VAL A 84 14.03 4.22 -6.55
N ASP A 85 14.76 3.40 -7.29
CA ASP A 85 16.10 3.76 -7.73
C ASP A 85 16.10 4.19 -9.19
N ARG A 86 16.48 5.45 -9.43
CA ARG A 86 16.52 5.99 -10.78
C ARG A 86 15.11 6.15 -11.34
N PRO A 87 14.48 7.29 -11.04
CA PRO A 87 15.09 8.34 -10.21
C PRO A 87 15.24 7.92 -8.75
N LEU A 88 16.14 8.58 -8.04
CA LEU A 88 16.37 8.27 -6.64
C LEU A 88 15.46 9.10 -5.73
N GLN A 89 14.43 8.47 -5.20
CA GLN A 89 13.49 9.15 -4.32
C GLN A 89 12.50 8.17 -3.71
N VAL A 90 11.54 8.69 -2.95
CA VAL A 90 10.53 7.86 -2.31
C VAL A 90 9.13 8.39 -2.59
N PHE A 91 8.14 7.50 -2.52
CA PHE A 91 6.75 7.88 -2.77
C PHE A 91 5.92 7.76 -1.49
N HIS A 92 5.26 8.85 -1.12
CA HIS A 92 4.43 8.86 0.08
C HIS A 92 3.19 7.99 -0.10
N VAL A 93 3.09 6.93 0.69
CA VAL A 93 1.95 6.02 0.61
C VAL A 93 1.24 5.92 1.96
N GLU A 94 -0.08 6.12 1.94
CA GLU A 94 -0.87 6.05 3.16
C GLU A 94 -2.16 5.27 2.92
N VAL A 95 -2.27 4.10 3.54
CA VAL A 95 -3.45 3.26 3.40
C VAL A 95 -4.27 3.23 4.69
N GLU A 96 -5.56 3.46 4.56
CA GLU A 96 -6.45 3.46 5.73
C GLU A 96 -7.37 2.24 5.71
N VAL A 97 -7.77 1.80 6.90
CA VAL A 97 -8.64 0.64 7.02
C VAL A 97 -10.09 1.06 7.21
N ARG A 98 -10.97 0.52 6.37
CA ARG A 98 -12.39 0.85 6.45
C ARG A 98 -13.17 -0.29 7.09
N ASP A 99 -13.76 -0.02 8.25
CA ASP A 99 -14.54 -1.02 8.97
C ASP A 99 -15.10 -0.45 10.26
N ILE A 100 -15.64 -1.31 11.11
CA ILE A 100 -16.22 -0.89 12.37
C ILE A 100 -15.53 -1.58 13.55
N ASN A 101 -15.61 -0.96 14.72
CA ASN A 101 -14.99 -1.51 15.92
C ASN A 101 -15.84 -2.64 16.50
N ASP A 102 -17.14 -2.40 16.60
CA ASP A 102 -18.07 -3.39 17.13
C ASP A 102 -18.76 -4.15 16.00
N ASN A 103 -18.09 -4.26 14.86
CA ASN A 103 -18.64 -4.96 13.70
C ASN A 103 -19.98 -4.36 13.30
N GLY A 1 6.03 14.04 -10.73
CA GLY A 1 4.60 14.00 -10.51
C GLY A 1 4.21 14.28 -9.08
N ASN A 2 3.65 13.27 -8.41
CA ASN A 2 3.23 13.42 -7.02
C ASN A 2 4.03 12.47 -6.11
N SER A 3 4.03 12.77 -4.82
CA SER A 3 4.74 11.95 -3.85
C SER A 3 3.80 11.43 -2.78
N GLN A 4 2.95 12.31 -2.25
CA GLN A 4 1.99 11.93 -1.22
C GLN A 4 0.74 11.32 -1.83
N ILE A 5 0.42 10.10 -1.40
CA ILE A 5 -0.75 9.39 -1.91
C ILE A 5 -1.47 8.64 -0.79
N HIS A 6 -2.77 8.41 -0.98
CA HIS A 6 -3.56 7.70 0.01
C HIS A 6 -4.54 6.73 -0.67
N TYR A 7 -4.64 5.52 -0.13
CA TYR A 7 -5.54 4.51 -0.67
C TYR A 7 -6.64 4.17 0.31
N SER A 8 -7.63 3.41 -0.16
CA SER A 8 -8.75 3.01 0.68
C SER A 8 -8.91 1.49 0.68
N ILE A 9 -8.44 0.85 1.75
CA ILE A 9 -8.53 -0.60 1.86
C ILE A 9 -9.50 -1.00 2.98
N PRO A 10 -10.42 -1.92 2.66
CA PRO A 10 -11.42 -2.41 3.61
C PRO A 10 -10.80 -3.26 4.71
N GLU A 11 -11.12 -2.94 5.96
CA GLU A 11 -10.60 -3.68 7.11
C GLU A 11 -10.76 -5.18 6.90
N GLU A 12 -9.78 -5.94 7.38
CA GLU A 12 -9.81 -7.39 7.25
C GLU A 12 -9.74 -7.81 5.78
N ALA A 13 -9.27 -6.90 4.93
CA ALA A 13 -9.15 -7.17 3.51
C ALA A 13 -8.35 -8.45 3.26
N LYS A 14 -8.99 -9.42 2.63
CA LYS A 14 -8.35 -10.70 2.33
C LYS A 14 -7.15 -10.50 1.40
N HIS A 15 -6.22 -11.45 1.44
CA HIS A 15 -5.03 -11.37 0.59
C HIS A 15 -5.40 -11.25 -0.88
N GLY A 16 -5.00 -10.13 -1.49
CA GLY A 16 -5.31 -9.91 -2.89
C GLY A 16 -6.38 -8.85 -3.09
N THR A 17 -6.77 -8.20 -2.00
CA THR A 17 -7.80 -7.17 -2.06
C THR A 17 -7.25 -5.88 -2.64
N PHE A 18 -8.08 -5.18 -3.41
CA PHE A 18 -7.68 -3.92 -4.02
C PHE A 18 -7.58 -2.81 -2.97
N VAL A 19 -6.49 -2.05 -3.04
CA VAL A 19 -6.27 -0.96 -2.10
C VAL A 19 -6.27 0.40 -2.81
N GLY A 20 -5.39 0.53 -3.80
CA GLY A 20 -5.31 1.77 -4.55
C GLY A 20 -4.18 1.77 -5.56
N ARG A 21 -4.51 2.00 -6.82
CA ARG A 21 -3.50 2.03 -7.88
C ARG A 21 -2.31 2.89 -7.48
N ILE A 22 -1.21 2.23 -7.10
CA ILE A 22 -0.01 2.93 -6.69
C ILE A 22 0.70 3.53 -7.90
N ALA A 23 0.80 2.76 -8.97
CA ALA A 23 1.46 3.21 -10.19
C ALA A 23 0.64 4.29 -10.88
N GLN A 24 -0.62 3.99 -11.16
CA GLN A 24 -1.51 4.94 -11.82
C GLN A 24 -1.55 6.27 -11.06
N ASP A 25 -1.54 6.19 -9.74
CA ASP A 25 -1.57 7.38 -8.90
C ASP A 25 -0.21 8.08 -8.90
N LEU A 26 0.84 7.30 -9.07
CA LEU A 26 2.21 7.84 -9.08
C LEU A 26 2.47 8.60 -10.38
N GLY A 27 1.97 8.07 -11.48
CA GLY A 27 2.17 8.70 -12.77
C GLY A 27 3.42 8.23 -13.47
N LEU A 28 3.63 6.91 -13.49
CA LEU A 28 4.80 6.33 -14.13
C LEU A 28 4.40 5.25 -15.12
N GLU A 29 5.38 4.71 -15.84
CA GLU A 29 5.12 3.65 -16.81
C GLU A 29 5.13 2.28 -16.14
N LEU A 30 4.11 1.48 -16.45
CA LEU A 30 3.99 0.14 -15.88
C LEU A 30 5.21 -0.71 -16.23
N THR A 31 5.83 -0.41 -17.37
CA THR A 31 7.01 -1.13 -17.82
C THR A 31 8.29 -0.43 -17.39
N GLU A 32 8.15 0.66 -16.66
CA GLU A 32 9.29 1.44 -16.19
C GLU A 32 9.62 1.10 -14.74
N LEU A 33 8.67 0.48 -14.05
CA LEU A 33 8.85 0.11 -12.66
C LEU A 33 9.93 -0.97 -12.53
N VAL A 34 9.89 -1.96 -13.41
CA VAL A 34 10.86 -3.04 -13.39
C VAL A 34 12.29 -2.50 -13.40
N PRO A 35 12.62 -1.70 -14.42
CA PRO A 35 13.95 -1.11 -14.57
C PRO A 35 14.21 -0.02 -13.52
N ARG A 36 13.15 0.45 -12.88
CA ARG A 36 13.27 1.48 -11.87
C ARG A 36 13.50 0.87 -10.49
N LEU A 37 13.75 -0.44 -10.47
CA LEU A 37 13.99 -1.15 -9.21
C LEU A 37 12.93 -0.79 -8.17
N PHE A 38 11.67 -0.97 -8.53
CA PHE A 38 10.57 -0.66 -7.63
C PHE A 38 10.60 -1.56 -6.39
N ARG A 39 10.30 -0.98 -5.24
CA ARG A 39 10.31 -1.74 -3.99
C ARG A 39 9.31 -1.14 -2.99
N VAL A 40 8.75 -1.99 -2.14
CA VAL A 40 7.78 -1.55 -1.15
C VAL A 40 8.22 -1.95 0.26
N ALA A 41 7.94 -1.08 1.23
CA ALA A 41 8.32 -1.34 2.61
C ALA A 41 7.53 -0.43 3.57
N SER A 42 7.65 -0.70 4.87
CA SER A 42 6.96 0.09 5.87
C SER A 42 7.66 -0.02 7.22
N LYS A 43 7.42 0.97 8.08
CA LYS A 43 8.03 0.99 9.40
C LYS A 43 7.28 0.09 10.37
N ASP A 44 6.22 -0.53 9.88
CA ASP A 44 5.41 -1.43 10.70
C ASP A 44 5.90 -2.87 10.56
N ARG A 45 5.51 -3.52 9.46
CA ARG A 45 5.90 -4.90 9.21
C ARG A 45 6.67 -5.01 7.89
N GLY A 46 6.51 -4.01 7.04
CA GLY A 46 7.19 -4.02 5.75
C GLY A 46 6.61 -5.03 4.80
N ASP A 47 5.50 -5.65 5.20
CA ASP A 47 4.84 -6.65 4.36
C ASP A 47 3.33 -6.45 4.37
N LEU A 48 2.90 -5.33 4.95
CA LEU A 48 1.47 -5.02 5.02
C LEU A 48 0.81 -5.14 3.65
N LEU A 49 1.47 -4.60 2.64
CA LEU A 49 0.95 -4.64 1.27
C LEU A 49 2.09 -4.68 0.26
N GLU A 50 1.75 -4.97 -0.99
CA GLU A 50 2.75 -5.04 -2.05
C GLU A 50 2.13 -4.73 -3.41
N VAL A 51 2.89 -4.07 -4.28
CA VAL A 51 2.41 -3.71 -5.60
C VAL A 51 2.79 -4.78 -6.63
N ASN A 52 1.87 -5.05 -7.55
CA ASN A 52 2.10 -6.06 -8.58
C ASN A 52 2.48 -5.39 -9.90
N LEU A 53 3.72 -5.64 -10.35
CA LEU A 53 4.20 -5.06 -11.59
C LEU A 53 3.41 -5.59 -12.78
N GLN A 54 2.66 -6.66 -12.56
CA GLN A 54 1.85 -7.26 -13.61
C GLN A 54 0.97 -6.21 -14.30
N ASN A 55 0.12 -5.56 -13.51
CA ASN A 55 -0.78 -4.54 -14.04
C ASN A 55 -0.50 -3.19 -13.37
N GLY A 56 0.00 -3.23 -12.14
CA GLY A 56 0.29 -2.01 -11.42
C GLY A 56 -0.71 -1.72 -10.33
N ILE A 57 -1.47 -2.74 -9.95
CA ILE A 57 -2.48 -2.60 -8.90
C ILE A 57 -1.93 -2.97 -7.54
N LEU A 58 -2.50 -2.40 -6.49
CA LEU A 58 -2.05 -2.66 -5.13
C LEU A 58 -2.88 -3.78 -4.50
N PHE A 59 -2.23 -4.88 -4.16
CA PHE A 59 -2.90 -6.01 -3.55
C PHE A 59 -2.46 -6.19 -2.10
N VAL A 60 -3.41 -6.59 -1.24
CA VAL A 60 -3.11 -6.80 0.17
C VAL A 60 -2.19 -8.00 0.37
N ASN A 61 -1.31 -7.90 1.36
CA ASN A 61 -0.38 -9.00 1.66
C ASN A 61 -0.59 -9.51 3.08
N SER A 62 -0.10 -8.75 4.06
CA SER A 62 -0.23 -9.14 5.45
C SER A 62 -1.69 -9.13 5.89
N ARG A 63 -1.92 -9.36 7.18
CA ARG A 63 -3.27 -9.38 7.73
C ARG A 63 -3.80 -7.96 7.92
N ILE A 64 -5.07 -7.75 7.59
CA ILE A 64 -5.69 -6.44 7.74
C ILE A 64 -6.69 -6.42 8.89
N ASP A 65 -7.08 -7.61 9.34
CA ASP A 65 -8.02 -7.73 10.44
C ASP A 65 -7.62 -6.84 11.61
N ARG A 66 -8.61 -6.39 12.38
CA ARG A 66 -8.35 -5.52 13.53
C ARG A 66 -7.27 -6.12 14.42
N GLU A 67 -7.20 -7.44 14.46
CA GLU A 67 -6.21 -8.13 15.28
C GLU A 67 -4.80 -7.79 14.83
N GLU A 68 -4.56 -7.86 13.53
CA GLU A 68 -3.25 -7.55 12.97
C GLU A 68 -3.06 -6.04 12.80
N LEU A 69 -3.99 -5.42 12.09
CA LEU A 69 -3.93 -3.98 11.84
C LEU A 69 -3.65 -3.23 13.14
N CYS A 70 -4.66 -3.15 14.00
CA CYS A 70 -4.54 -2.46 15.28
C CYS A 70 -5.64 -2.89 16.24
N GLY A 71 -6.89 -2.79 15.79
CA GLY A 71 -8.01 -3.17 16.62
C GLY A 71 -8.15 -2.28 17.84
N ARG A 72 -7.65 -1.06 17.74
CA ARG A 72 -7.73 -0.11 18.85
C ARG A 72 -8.97 0.77 18.73
N SER A 73 -9.39 1.03 17.49
CA SER A 73 -10.57 1.86 17.25
C SER A 73 -11.16 1.55 15.88
N ALA A 74 -12.39 2.02 15.66
CA ALA A 74 -13.09 1.79 14.40
C ALA A 74 -12.21 2.21 13.22
N GLU A 75 -11.66 3.42 13.30
CA GLU A 75 -10.80 3.95 12.24
C GLU A 75 -9.33 3.76 12.59
N CYS A 76 -8.53 3.47 11.58
CA CYS A 76 -7.10 3.27 11.77
C CYS A 76 -6.31 3.72 10.54
N SER A 77 -5.24 4.48 10.77
CA SER A 77 -4.41 4.97 9.68
C SER A 77 -3.14 4.14 9.54
N ILE A 78 -2.61 4.09 8.32
CA ILE A 78 -1.40 3.32 8.05
C ILE A 78 -0.45 4.09 7.13
N HIS A 79 0.84 4.00 7.42
CA HIS A 79 1.85 4.68 6.63
C HIS A 79 2.73 3.68 5.88
N LEU A 80 3.09 4.02 4.66
CA LEU A 80 3.93 3.15 3.83
C LEU A 80 4.96 3.96 3.04
N GLU A 81 6.07 3.32 2.70
CA GLU A 81 7.13 3.99 1.94
C GLU A 81 7.60 3.11 0.79
N VAL A 82 7.47 3.63 -0.43
CA VAL A 82 7.89 2.89 -1.62
C VAL A 82 9.31 3.27 -2.03
N ILE A 83 10.24 2.33 -1.82
CA ILE A 83 11.64 2.56 -2.17
C ILE A 83 11.90 2.25 -3.64
N VAL A 84 12.30 3.27 -4.39
CA VAL A 84 12.59 3.12 -5.81
C VAL A 84 14.04 3.44 -6.12
N ASP A 85 14.68 2.60 -6.94
CA ASP A 85 16.07 2.80 -7.31
C ASP A 85 16.19 3.19 -8.78
N ARG A 86 16.66 4.40 -9.03
CA ARG A 86 16.82 4.90 -10.40
C ARG A 86 15.47 5.07 -11.07
N PRO A 87 14.82 6.22 -10.81
CA PRO A 87 15.38 7.26 -9.94
C PRO A 87 15.40 6.82 -8.47
N LEU A 88 16.29 7.43 -7.70
CA LEU A 88 16.41 7.11 -6.28
C LEU A 88 15.57 8.06 -5.43
N GLN A 89 14.52 7.53 -4.83
CA GLN A 89 13.63 8.34 -3.99
C GLN A 89 12.57 7.47 -3.33
N VAL A 90 11.67 8.10 -2.58
CA VAL A 90 10.61 7.39 -1.89
C VAL A 90 9.24 8.01 -2.19
N PHE A 91 8.20 7.18 -2.12
CA PHE A 91 6.84 7.65 -2.39
C PHE A 91 5.98 7.56 -1.13
N HIS A 92 5.45 8.69 -0.71
CA HIS A 92 4.59 8.74 0.47
C HIS A 92 3.25 8.08 0.21
N VAL A 93 2.91 7.09 1.03
CA VAL A 93 1.65 6.38 0.90
C VAL A 93 0.96 6.21 2.24
N GLU A 94 -0.34 6.46 2.27
CA GLU A 94 -1.12 6.34 3.50
C GLU A 94 -2.45 5.65 3.24
N VAL A 95 -2.56 4.40 3.68
CA VAL A 95 -3.79 3.62 3.49
C VAL A 95 -4.61 3.58 4.77
N GLU A 96 -5.92 3.69 4.62
CA GLU A 96 -6.82 3.67 5.77
C GLU A 96 -7.76 2.46 5.70
N VAL A 97 -8.23 2.02 6.86
CA VAL A 97 -9.14 0.87 6.93
C VAL A 97 -10.58 1.29 6.71
N ARG A 98 -11.36 0.40 6.11
CA ARG A 98 -12.77 0.68 5.84
C ARG A 98 -13.64 -0.54 6.16
N ASP A 99 -14.10 -0.63 7.40
CA ASP A 99 -14.94 -1.74 7.83
C ASP A 99 -15.21 -1.67 9.33
N ILE A 100 -15.93 -2.66 9.84
CA ILE A 100 -16.27 -2.70 11.26
C ILE A 100 -15.27 -3.56 12.02
N ASN A 101 -15.16 -3.32 13.33
CA ASN A 101 -14.24 -4.07 14.18
C ASN A 101 -14.49 -5.57 14.04
N ASP A 102 -15.72 -5.99 14.32
CA ASP A 102 -16.08 -7.40 14.22
C ASP A 102 -17.18 -7.61 13.17
N ASN A 103 -18.01 -6.59 12.99
CA ASN A 103 -19.09 -6.67 12.02
C ASN A 103 -19.89 -5.37 11.98
N GLY A 1 5.01 15.73 -10.14
CA GLY A 1 4.10 14.74 -9.61
C GLY A 1 3.70 15.04 -8.17
N ASN A 2 3.22 14.01 -7.47
CA ASN A 2 2.80 14.16 -6.08
C ASN A 2 3.60 13.24 -5.17
N SER A 3 3.62 13.57 -3.88
CA SER A 3 4.35 12.76 -2.91
C SER A 3 3.39 12.14 -1.89
N GLN A 4 2.32 12.87 -1.57
CA GLN A 4 1.33 12.39 -0.62
C GLN A 4 0.25 11.57 -1.32
N ILE A 5 0.25 10.27 -1.06
CA ILE A 5 -0.72 9.36 -1.66
C ILE A 5 -1.37 8.47 -0.61
N HIS A 6 -2.64 8.15 -0.82
CA HIS A 6 -3.37 7.29 0.11
C HIS A 6 -4.28 6.33 -0.64
N TYR A 7 -4.56 5.18 -0.02
CA TYR A 7 -5.41 4.17 -0.64
C TYR A 7 -6.52 3.75 0.32
N SER A 8 -7.51 3.03 -0.21
CA SER A 8 -8.64 2.57 0.59
C SER A 8 -8.71 1.04 0.60
N ILE A 9 -8.68 0.46 1.79
CA ILE A 9 -8.74 -0.99 1.93
C ILE A 9 -9.58 -1.38 3.14
N PRO A 10 -10.70 -2.09 2.89
CA PRO A 10 -11.60 -2.54 3.94
C PRO A 10 -11.00 -3.65 4.79
N GLU A 11 -11.21 -3.56 6.10
CA GLU A 11 -10.68 -4.56 7.02
C GLU A 11 -10.99 -5.98 6.54
N GLU A 12 -10.23 -6.94 7.04
CA GLU A 12 -10.42 -8.34 6.65
C GLU A 12 -10.14 -8.53 5.17
N ALA A 13 -9.18 -7.78 4.65
CA ALA A 13 -8.80 -7.87 3.24
C ALA A 13 -7.84 -9.03 3.01
N LYS A 14 -8.38 -10.17 2.58
CA LYS A 14 -7.57 -11.35 2.32
C LYS A 14 -6.42 -11.03 1.37
N HIS A 15 -5.34 -11.80 1.47
CA HIS A 15 -4.18 -11.59 0.62
C HIS A 15 -4.58 -11.53 -0.85
N GLY A 16 -4.29 -10.39 -1.49
CA GLY A 16 -4.64 -10.23 -2.89
C GLY A 16 -5.82 -9.29 -3.09
N THR A 17 -6.25 -8.65 -2.02
CA THR A 17 -7.38 -7.73 -2.08
C THR A 17 -6.95 -6.37 -2.61
N PHE A 18 -7.83 -5.75 -3.39
CA PHE A 18 -7.55 -4.44 -3.98
C PHE A 18 -7.36 -3.39 -2.89
N VAL A 19 -6.42 -2.48 -3.12
CA VAL A 19 -6.14 -1.42 -2.16
C VAL A 19 -6.16 -0.05 -2.83
N GLY A 20 -5.43 0.06 -3.94
CA GLY A 20 -5.37 1.33 -4.66
C GLY A 20 -4.20 1.38 -5.63
N ARG A 21 -4.49 1.77 -6.87
CA ARG A 21 -3.45 1.86 -7.89
C ARG A 21 -2.24 2.64 -7.37
N ILE A 22 -1.20 1.90 -6.98
CA ILE A 22 0.01 2.51 -6.47
C ILE A 22 0.80 3.21 -7.58
N ALA A 23 0.89 2.54 -8.72
CA ALA A 23 1.61 3.10 -9.88
C ALA A 23 0.85 4.27 -10.48
N GLN A 24 -0.47 4.17 -10.48
CA GLN A 24 -1.32 5.23 -11.04
C GLN A 24 -1.17 6.51 -10.24
N ASP A 25 -1.19 6.38 -8.92
CA ASP A 25 -1.06 7.53 -8.04
C ASP A 25 0.38 8.04 -7.99
N LEU A 26 1.29 7.26 -8.57
CA LEU A 26 2.70 7.62 -8.61
C LEU A 26 3.06 8.30 -9.93
N GLY A 27 2.50 7.79 -11.02
CA GLY A 27 2.76 8.35 -12.34
C GLY A 27 4.00 7.76 -12.97
N LEU A 28 4.07 6.44 -13.02
CA LEU A 28 5.21 5.74 -13.61
C LEU A 28 4.75 4.65 -14.56
N GLU A 29 5.69 4.12 -15.33
CA GLU A 29 5.38 3.06 -16.29
C GLU A 29 5.50 1.68 -15.64
N LEU A 30 4.53 0.82 -15.90
CA LEU A 30 4.53 -0.53 -15.34
C LEU A 30 5.67 -1.36 -15.91
N THR A 31 5.90 -1.21 -17.21
CA THR A 31 6.96 -1.95 -17.88
C THR A 31 8.32 -1.26 -17.70
N GLU A 32 8.32 -0.17 -16.95
CA GLU A 32 9.54 0.58 -16.69
C GLU A 32 9.92 0.53 -15.22
N LEU A 33 9.18 -0.27 -14.45
CA LEU A 33 9.44 -0.41 -13.02
C LEU A 33 10.77 -1.12 -12.78
N VAL A 34 11.05 -2.14 -13.58
CA VAL A 34 12.28 -2.90 -13.45
C VAL A 34 13.50 -1.98 -13.50
N PRO A 35 13.63 -1.22 -14.60
CA PRO A 35 14.74 -0.29 -14.78
C PRO A 35 14.66 0.91 -13.84
N ARG A 36 13.50 1.11 -13.24
CA ARG A 36 13.28 2.21 -12.32
C ARG A 36 13.62 1.80 -10.89
N LEU A 37 14.05 0.57 -10.72
CA LEU A 37 14.41 0.05 -9.41
C LEU A 37 13.28 0.30 -8.41
N PHE A 38 12.09 -0.20 -8.74
CA PHE A 38 10.93 -0.03 -7.86
C PHE A 38 10.91 -1.09 -6.78
N ARG A 39 10.61 -0.67 -5.55
CA ARG A 39 10.57 -1.59 -4.41
C ARG A 39 9.70 -1.03 -3.29
N VAL A 40 9.00 -1.91 -2.58
CA VAL A 40 8.14 -1.50 -1.49
C VAL A 40 8.79 -1.77 -0.13
N ALA A 41 8.58 -0.87 0.81
CA ALA A 41 9.15 -1.02 2.15
C ALA A 41 8.23 -0.41 3.20
N SER A 42 8.33 -0.93 4.43
CA SER A 42 7.51 -0.44 5.53
C SER A 42 8.29 -0.45 6.84
N LYS A 43 7.85 0.37 7.79
CA LYS A 43 8.50 0.46 9.10
C LYS A 43 7.82 -0.45 10.11
N ASP A 44 6.48 -0.51 10.03
CA ASP A 44 5.70 -1.33 10.95
C ASP A 44 6.24 -2.76 10.98
N ARG A 45 5.93 -3.53 9.93
CA ARG A 45 6.38 -4.91 9.85
C ARG A 45 7.28 -5.11 8.63
N GLY A 46 7.22 -4.18 7.69
CA GLY A 46 8.03 -4.28 6.49
C GLY A 46 7.35 -5.07 5.39
N ASP A 47 6.29 -5.79 5.75
CA ASP A 47 5.56 -6.60 4.79
C ASP A 47 4.05 -6.42 4.97
N LEU A 48 3.56 -5.23 4.67
CA LEU A 48 2.14 -4.93 4.81
C LEU A 48 1.41 -5.18 3.49
N LEU A 49 2.00 -4.72 2.39
CA LEU A 49 1.41 -4.90 1.07
C LEU A 49 2.48 -5.05 0.00
N GLU A 50 2.05 -5.27 -1.23
CA GLU A 50 2.99 -5.44 -2.35
C GLU A 50 2.34 -5.01 -3.66
N VAL A 51 3.15 -4.43 -4.55
CA VAL A 51 2.66 -3.99 -5.84
C VAL A 51 2.95 -5.01 -6.93
N ASN A 52 2.03 -5.15 -7.88
CA ASN A 52 2.19 -6.10 -8.98
C ASN A 52 2.70 -5.39 -10.24
N LEU A 53 3.82 -5.86 -10.77
CA LEU A 53 4.41 -5.28 -11.97
C LEU A 53 3.56 -5.61 -13.19
N GLN A 54 2.59 -6.50 -13.01
CA GLN A 54 1.72 -6.91 -14.12
C GLN A 54 0.90 -5.73 -14.63
N ASN A 55 0.06 -5.17 -13.75
CA ASN A 55 -0.77 -4.03 -14.12
C ASN A 55 -0.43 -2.81 -13.28
N GLY A 56 0.17 -3.04 -12.11
CA GLY A 56 0.55 -1.96 -11.23
C GLY A 56 -0.36 -1.85 -10.03
N ILE A 57 -1.52 -2.49 -10.10
CA ILE A 57 -2.48 -2.46 -9.00
C ILE A 57 -1.83 -2.90 -7.70
N LEU A 58 -2.30 -2.33 -6.59
CA LEU A 58 -1.77 -2.67 -5.27
C LEU A 58 -2.64 -3.70 -4.58
N PHE A 59 -2.04 -4.84 -4.24
CA PHE A 59 -2.76 -5.91 -3.56
C PHE A 59 -2.28 -6.06 -2.11
N VAL A 60 -3.10 -6.71 -1.29
CA VAL A 60 -2.77 -6.92 0.10
C VAL A 60 -1.68 -8.00 0.26
N ASN A 61 -0.81 -7.81 1.23
CA ASN A 61 0.28 -8.76 1.48
C ASN A 61 0.59 -8.85 2.97
N SER A 62 -0.46 -8.93 3.78
CA SER A 62 -0.29 -9.02 5.23
C SER A 62 -1.64 -9.15 5.93
N ARG A 63 -1.63 -9.01 7.25
CA ARG A 63 -2.86 -9.11 8.03
C ARG A 63 -3.64 -7.80 8.00
N ILE A 64 -4.83 -7.84 7.42
CA ILE A 64 -5.68 -6.67 7.32
C ILE A 64 -6.88 -6.77 8.25
N ASP A 65 -7.17 -7.98 8.69
CA ASP A 65 -8.29 -8.23 9.60
C ASP A 65 -8.40 -7.12 10.65
N ARG A 66 -9.61 -6.86 11.12
CA ARG A 66 -9.84 -5.83 12.12
C ARG A 66 -9.19 -6.21 13.44
N GLU A 67 -9.23 -7.50 13.77
CA GLU A 67 -8.64 -7.99 15.02
C GLU A 67 -7.13 -8.15 14.88
N GLU A 68 -6.67 -8.35 13.64
CA GLU A 68 -5.25 -8.52 13.38
C GLU A 68 -4.55 -7.16 13.28
N LEU A 69 -5.04 -6.32 12.38
CA LEU A 69 -4.46 -4.99 12.19
C LEU A 69 -4.25 -4.29 13.53
N CYS A 70 -5.35 -3.96 14.20
CA CYS A 70 -5.30 -3.28 15.48
C CYS A 70 -6.55 -3.58 16.31
N GLY A 71 -7.72 -3.34 15.71
CA GLY A 71 -8.97 -3.58 16.41
C GLY A 71 -9.15 -2.68 17.61
N ARG A 72 -8.31 -1.64 17.70
CA ARG A 72 -8.39 -0.70 18.81
C ARG A 72 -9.59 0.23 18.66
N SER A 73 -9.48 1.18 17.74
CA SER A 73 -10.56 2.14 17.50
C SER A 73 -11.38 1.74 16.28
N ALA A 74 -12.50 2.42 16.08
CA ALA A 74 -13.38 2.13 14.94
C ALA A 74 -12.61 2.19 13.63
N GLU A 75 -11.52 2.97 13.61
CA GLU A 75 -10.71 3.11 12.41
C GLU A 75 -9.24 2.87 12.74
N CYS A 76 -8.40 2.91 11.70
CA CYS A 76 -6.96 2.71 11.87
C CYS A 76 -6.20 3.23 10.67
N SER A 77 -5.13 3.98 10.93
CA SER A 77 -4.31 4.54 9.86
C SER A 77 -3.01 3.77 9.71
N ILE A 78 -2.57 3.59 8.47
CA ILE A 78 -1.33 2.87 8.19
C ILE A 78 -0.39 3.71 7.33
N HIS A 79 0.90 3.64 7.65
CA HIS A 79 1.91 4.39 6.89
C HIS A 79 2.85 3.44 6.15
N LEU A 80 3.22 3.82 4.94
CA LEU A 80 4.12 3.01 4.13
C LEU A 80 5.09 3.88 3.33
N GLU A 81 6.23 3.32 2.96
CA GLU A 81 7.23 4.05 2.20
C GLU A 81 7.69 3.24 0.99
N VAL A 82 7.42 3.76 -0.20
CA VAL A 82 7.79 3.09 -1.44
C VAL A 82 9.16 3.55 -1.92
N ILE A 83 10.16 2.67 -1.79
CA ILE A 83 11.51 2.99 -2.21
C ILE A 83 11.69 2.81 -3.72
N VAL A 84 12.34 3.78 -4.35
CA VAL A 84 12.57 3.74 -5.79
C VAL A 84 13.87 4.43 -6.16
N ASP A 85 14.48 3.99 -7.26
CA ASP A 85 15.74 4.56 -7.73
C ASP A 85 15.56 5.23 -9.09
N ARG A 86 14.38 5.78 -9.32
CA ARG A 86 14.08 6.45 -10.59
C ARG A 86 12.62 6.87 -10.64
N PRO A 87 12.32 8.06 -10.09
CA PRO A 87 13.34 8.91 -9.45
C PRO A 87 13.85 8.32 -8.15
N LEU A 88 15.07 8.71 -7.78
CA LEU A 88 15.68 8.21 -6.55
C LEU A 88 15.08 8.90 -5.32
N GLN A 89 14.13 8.22 -4.68
CA GLN A 89 13.48 8.77 -3.50
C GLN A 89 12.38 7.84 -3.00
N VAL A 90 11.61 8.31 -2.03
CA VAL A 90 10.52 7.52 -1.47
C VAL A 90 9.17 8.18 -1.72
N PHE A 91 8.11 7.38 -1.75
CA PHE A 91 6.77 7.88 -1.98
C PHE A 91 5.90 7.71 -0.75
N HIS A 92 5.25 8.78 -0.33
CA HIS A 92 4.38 8.74 0.85
C HIS A 92 3.10 7.98 0.55
N VAL A 93 2.87 6.89 1.28
CA VAL A 93 1.67 6.08 1.09
C VAL A 93 0.97 5.82 2.41
N GLU A 94 -0.32 6.16 2.46
CA GLU A 94 -1.11 5.97 3.67
C GLU A 94 -2.42 5.26 3.35
N VAL A 95 -2.57 4.04 3.86
CA VAL A 95 -3.79 3.26 3.63
C VAL A 95 -4.64 3.19 4.90
N GLU A 96 -5.93 3.50 4.75
CA GLU A 96 -6.84 3.47 5.88
C GLU A 96 -7.75 2.24 5.82
N VAL A 97 -8.23 1.82 6.98
CA VAL A 97 -9.11 0.65 7.05
C VAL A 97 -10.57 1.05 6.95
N ARG A 98 -11.34 0.28 6.18
CA ARG A 98 -12.76 0.56 6.00
C ARG A 98 -13.61 -0.56 6.59
N ASP A 99 -14.26 -0.28 7.72
CA ASP A 99 -15.11 -1.27 8.38
C ASP A 99 -15.72 -0.68 9.64
N ILE A 100 -16.40 -1.54 10.41
CA ILE A 100 -17.03 -1.12 11.65
C ILE A 100 -16.32 -1.70 12.87
N ASN A 101 -16.46 -1.05 14.01
CA ASN A 101 -15.83 -1.50 15.24
C ASN A 101 -16.54 -2.75 15.79
N ASP A 102 -17.87 -2.74 15.73
CA ASP A 102 -18.66 -3.85 16.22
C ASP A 102 -18.25 -5.16 15.53
N ASN A 103 -17.72 -5.03 14.32
CA ASN A 103 -17.28 -6.19 13.56
C ASN A 103 -15.79 -6.10 13.23
N GLY A 1 8.35 17.97 -5.39
CA GLY A 1 8.21 16.64 -4.82
C GLY A 1 6.86 16.02 -5.12
N ASN A 2 5.85 16.37 -4.31
CA ASN A 2 4.51 15.86 -4.49
C ASN A 2 4.52 14.33 -4.56
N SER A 3 4.43 13.70 -3.39
CA SER A 3 4.43 12.24 -3.30
C SER A 3 3.43 11.76 -2.25
N GLN A 4 2.38 12.54 -2.04
CA GLN A 4 1.34 12.19 -1.08
C GLN A 4 0.26 11.35 -1.73
N ILE A 5 0.30 10.04 -1.48
CA ILE A 5 -0.68 9.12 -2.04
C ILE A 5 -1.27 8.22 -0.96
N HIS A 6 -2.56 7.91 -1.09
CA HIS A 6 -3.24 7.05 -0.13
C HIS A 6 -4.17 6.08 -0.83
N TYR A 7 -4.36 4.91 -0.24
CA TYR A 7 -5.24 3.88 -0.80
C TYR A 7 -6.34 3.50 0.18
N SER A 8 -7.36 2.80 -0.33
CA SER A 8 -8.47 2.37 0.50
C SER A 8 -8.59 0.85 0.51
N ILE A 9 -8.52 0.26 1.70
CA ILE A 9 -8.62 -1.18 1.85
C ILE A 9 -9.58 -1.56 2.97
N PRO A 10 -10.55 -2.44 2.65
CA PRO A 10 -11.55 -2.90 3.61
C PRO A 10 -10.94 -3.80 4.69
N GLU A 11 -11.28 -3.53 5.94
CA GLU A 11 -10.77 -4.32 7.06
C GLU A 11 -10.93 -5.81 6.78
N GLU A 12 -10.08 -6.62 7.42
CA GLU A 12 -10.12 -8.06 7.25
C GLU A 12 -9.77 -8.44 5.81
N ALA A 13 -8.89 -7.66 5.20
CA ALA A 13 -8.47 -7.92 3.83
C ALA A 13 -7.41 -9.01 3.78
N LYS A 14 -7.75 -10.14 3.16
CA LYS A 14 -6.83 -11.26 3.04
C LYS A 14 -5.67 -10.91 2.12
N HIS A 15 -4.53 -11.59 2.31
CA HIS A 15 -3.35 -11.35 1.49
C HIS A 15 -3.70 -11.42 0.01
N GLY A 16 -3.48 -10.32 -0.70
CA GLY A 16 -3.76 -10.27 -2.12
C GLY A 16 -5.00 -9.46 -2.43
N THR A 17 -5.54 -8.78 -1.42
CA THR A 17 -6.73 -7.96 -1.59
C THR A 17 -6.38 -6.61 -2.22
N PHE A 18 -7.27 -6.13 -3.09
CA PHE A 18 -7.06 -4.85 -3.77
C PHE A 18 -7.03 -3.70 -2.76
N VAL A 19 -6.08 -2.79 -2.95
CA VAL A 19 -5.94 -1.65 -2.06
C VAL A 19 -6.03 -0.34 -2.83
N GLY A 20 -5.34 -0.29 -3.97
CA GLY A 20 -5.36 0.92 -4.79
C GLY A 20 -4.35 0.86 -5.92
N ARG A 21 -4.41 1.84 -6.82
CA ARG A 21 -3.49 1.90 -7.95
C ARG A 21 -2.27 2.74 -7.62
N ILE A 22 -1.33 2.14 -6.89
CA ILE A 22 -0.10 2.84 -6.52
C ILE A 22 0.56 3.50 -7.72
N ALA A 23 0.64 2.75 -8.82
CA ALA A 23 1.25 3.26 -10.05
C ALA A 23 0.40 4.38 -10.65
N GLN A 24 -0.89 4.10 -10.83
CA GLN A 24 -1.80 5.09 -11.41
C GLN A 24 -1.74 6.40 -10.64
N ASP A 25 -1.65 6.30 -9.31
CA ASP A 25 -1.59 7.48 -8.46
C ASP A 25 -0.21 8.11 -8.51
N LEU A 26 0.79 7.31 -8.83
CA LEU A 26 2.17 7.79 -8.92
C LEU A 26 2.41 8.53 -10.22
N GLY A 27 1.84 8.01 -11.31
CA GLY A 27 2.00 8.64 -12.61
C GLY A 27 3.19 8.10 -13.37
N LEU A 28 3.30 6.77 -13.42
CA LEU A 28 4.40 6.13 -14.12
C LEU A 28 3.89 4.99 -15.00
N GLU A 29 4.72 4.57 -15.96
CA GLU A 29 4.35 3.49 -16.86
C GLU A 29 4.48 2.14 -16.17
N LEU A 30 3.61 1.20 -16.53
CA LEU A 30 3.62 -0.14 -15.94
C LEU A 30 4.84 -0.92 -16.41
N THR A 31 5.34 -0.58 -17.60
CA THR A 31 6.51 -1.25 -18.15
C THR A 31 7.78 -0.48 -17.85
N GLU A 32 7.65 0.61 -17.09
CA GLU A 32 8.79 1.43 -16.72
C GLU A 32 9.24 1.14 -15.30
N LEU A 33 8.40 0.43 -14.55
CA LEU A 33 8.70 0.09 -13.17
C LEU A 33 9.88 -0.88 -13.09
N VAL A 34 9.88 -1.88 -13.97
CA VAL A 34 10.94 -2.87 -14.00
C VAL A 34 12.31 -2.20 -14.07
N PRO A 35 12.51 -1.38 -15.12
CA PRO A 35 13.78 -0.65 -15.32
C PRO A 35 13.99 0.44 -14.30
N ARG A 36 12.92 0.82 -13.60
CA ARG A 36 12.99 1.86 -12.59
C ARG A 36 13.30 1.27 -11.22
N LEU A 37 13.65 -0.01 -11.20
CA LEU A 37 13.97 -0.71 -9.96
C LEU A 37 12.93 -0.40 -8.88
N PHE A 38 11.67 -0.68 -9.19
CA PHE A 38 10.58 -0.45 -8.26
C PHE A 38 10.61 -1.47 -7.12
N ARG A 39 10.49 -0.98 -5.89
CA ARG A 39 10.51 -1.85 -4.72
C ARG A 39 9.67 -1.26 -3.59
N VAL A 40 9.03 -2.12 -2.82
CA VAL A 40 8.20 -1.68 -1.70
C VAL A 40 8.89 -1.92 -0.37
N ALA A 41 8.70 -1.02 0.57
CA ALA A 41 9.30 -1.14 1.89
C ALA A 41 8.56 -0.30 2.93
N SER A 42 9.00 -0.36 4.18
CA SER A 42 8.37 0.39 5.25
C SER A 42 9.37 0.66 6.37
N LYS A 43 9.09 1.69 7.17
CA LYS A 43 9.96 2.07 8.28
C LYS A 43 9.51 1.38 9.56
N ASP A 44 8.64 0.38 9.43
CA ASP A 44 8.14 -0.37 10.57
C ASP A 44 8.55 -1.83 10.50
N ARG A 45 7.86 -2.59 9.65
CA ARG A 45 8.15 -4.00 9.48
C ARG A 45 8.56 -4.31 8.03
N GLY A 46 8.25 -3.39 7.14
CA GLY A 46 8.60 -3.57 5.74
C GLY A 46 7.81 -4.69 5.08
N ASP A 47 6.80 -5.18 5.79
CA ASP A 47 5.96 -6.25 5.27
C ASP A 47 4.48 -5.96 5.53
N LEU A 48 4.03 -4.81 5.07
CA LEU A 48 2.64 -4.41 5.24
C LEU A 48 1.86 -4.53 3.93
N LEU A 49 2.48 -4.07 2.84
CA LEU A 49 1.84 -4.14 1.53
C LEU A 49 2.89 -4.18 0.42
N GLU A 50 2.53 -4.77 -0.71
CA GLU A 50 3.43 -4.87 -1.85
C GLU A 50 2.70 -4.61 -3.16
N VAL A 51 3.40 -4.00 -4.12
CA VAL A 51 2.80 -3.70 -5.42
C VAL A 51 3.13 -4.79 -6.43
N ASN A 52 2.18 -5.08 -7.30
CA ASN A 52 2.36 -6.10 -8.33
C ASN A 52 2.67 -5.47 -9.69
N LEU A 53 3.87 -5.72 -10.18
CA LEU A 53 4.30 -5.18 -11.47
C LEU A 53 3.41 -5.68 -12.59
N GLN A 54 2.65 -6.73 -12.31
CA GLN A 54 1.74 -7.31 -13.30
C GLN A 54 0.85 -6.23 -13.91
N ASN A 55 0.23 -5.43 -13.06
CA ASN A 55 -0.65 -4.35 -13.52
C ASN A 55 -0.52 -3.13 -12.62
N GLY A 56 0.62 -3.01 -11.94
CA GLY A 56 0.84 -1.89 -11.07
C GLY A 56 -0.25 -1.73 -10.02
N ILE A 57 -0.79 -2.85 -9.57
CA ILE A 57 -1.84 -2.85 -8.56
C ILE A 57 -1.27 -3.09 -7.17
N LEU A 58 -1.90 -2.48 -6.16
CA LEU A 58 -1.46 -2.64 -4.78
C LEU A 58 -2.27 -3.71 -4.07
N PHE A 59 -1.59 -4.74 -3.58
CA PHE A 59 -2.24 -5.84 -2.87
C PHE A 59 -1.82 -5.86 -1.41
N VAL A 60 -2.74 -6.28 -0.54
CA VAL A 60 -2.47 -6.35 0.89
C VAL A 60 -1.37 -7.37 1.18
N ASN A 61 -0.56 -7.08 2.20
CA ASN A 61 0.53 -7.96 2.59
C ASN A 61 0.80 -7.89 4.09
N SER A 62 -0.26 -8.11 4.88
CA SER A 62 -0.14 -8.07 6.33
C SER A 62 -1.47 -8.40 6.99
N ARG A 63 -1.52 -8.28 8.32
CA ARG A 63 -2.73 -8.58 9.07
C ARG A 63 -3.64 -7.35 9.14
N ILE A 64 -4.80 -7.44 8.50
CA ILE A 64 -5.76 -6.34 8.50
C ILE A 64 -6.96 -6.66 9.37
N ASP A 65 -7.16 -7.94 9.66
CA ASP A 65 -8.28 -8.37 10.48
C ASP A 65 -8.41 -7.51 11.72
N ARG A 66 -9.63 -7.06 12.00
CA ARG A 66 -9.89 -6.22 13.16
C ARG A 66 -9.32 -6.85 14.43
N GLU A 67 -9.15 -8.17 14.41
CA GLU A 67 -8.62 -8.88 15.56
C GLU A 67 -7.12 -8.58 15.74
N GLU A 68 -6.35 -8.79 14.69
CA GLU A 68 -4.91 -8.54 14.73
C GLU A 68 -4.61 -7.06 14.52
N LEU A 69 -5.11 -6.51 13.41
CA LEU A 69 -4.90 -5.11 13.09
C LEU A 69 -5.15 -4.23 14.31
N CYS A 70 -6.41 -4.05 14.66
CA CYS A 70 -6.79 -3.23 15.80
C CYS A 70 -8.22 -3.53 16.23
N GLY A 71 -9.15 -3.42 15.28
CA GLY A 71 -10.55 -3.67 15.59
C GLY A 71 -11.17 -2.56 16.42
N ARG A 72 -10.87 -2.56 17.71
CA ARG A 72 -11.41 -1.55 18.62
C ARG A 72 -10.72 -0.20 18.41
N SER A 73 -11.02 0.44 17.29
CA SER A 73 -10.43 1.74 16.97
C SER A 73 -11.31 2.51 16.00
N ALA A 74 -11.61 3.76 16.35
CA ALA A 74 -12.45 4.60 15.52
C ALA A 74 -11.92 4.65 14.08
N GLU A 75 -10.60 4.49 13.94
CA GLU A 75 -9.97 4.52 12.63
C GLU A 75 -8.51 4.09 12.71
N CYS A 76 -8.11 3.19 11.83
CA CYS A 76 -6.73 2.70 11.81
C CYS A 76 -6.01 3.18 10.56
N SER A 77 -4.86 3.84 10.75
CA SER A 77 -4.07 4.35 9.65
C SER A 77 -2.78 3.56 9.49
N ILE A 78 -2.26 3.53 8.27
CA ILE A 78 -1.02 2.81 7.98
C ILE A 78 -0.10 3.63 7.09
N HIS A 79 1.19 3.58 7.37
CA HIS A 79 2.17 4.32 6.59
C HIS A 79 3.12 3.37 5.86
N LEU A 80 3.48 3.72 4.64
CA LEU A 80 4.38 2.89 3.84
C LEU A 80 5.33 3.76 3.00
N GLU A 81 6.47 3.20 2.64
CA GLU A 81 7.45 3.91 1.84
C GLU A 81 7.87 3.09 0.62
N VAL A 82 7.55 3.60 -0.57
CA VAL A 82 7.89 2.92 -1.81
C VAL A 82 9.25 3.38 -2.33
N ILE A 83 10.24 2.49 -2.24
CA ILE A 83 11.58 2.80 -2.70
C ILE A 83 11.72 2.52 -4.19
N VAL A 84 12.37 3.45 -4.90
CA VAL A 84 12.58 3.31 -6.34
C VAL A 84 13.98 3.75 -6.74
N ASP A 85 14.59 3.03 -7.66
CA ASP A 85 15.93 3.36 -8.14
C ASP A 85 15.90 3.80 -9.60
N ARG A 86 16.25 5.06 -9.84
CA ARG A 86 16.26 5.61 -11.18
C ARG A 86 14.85 5.72 -11.74
N PRO A 87 14.14 6.80 -11.38
CA PRO A 87 14.69 7.83 -10.49
C PRO A 87 14.86 7.33 -9.05
N LEU A 88 15.77 7.97 -8.32
CA LEU A 88 16.03 7.59 -6.94
C LEU A 88 15.24 8.47 -5.97
N GLN A 89 14.28 7.86 -5.29
CA GLN A 89 13.45 8.59 -4.33
C GLN A 89 12.42 7.66 -3.68
N VAL A 90 11.54 8.23 -2.87
CA VAL A 90 10.51 7.46 -2.19
C VAL A 90 9.14 8.07 -2.39
N PHE A 91 8.10 7.25 -2.27
CA PHE A 91 6.73 7.71 -2.43
C PHE A 91 5.93 7.52 -1.15
N HIS A 92 5.37 8.61 -0.64
CA HIS A 92 4.59 8.58 0.59
C HIS A 92 3.27 7.84 0.36
N VAL A 93 3.12 6.69 0.99
CA VAL A 93 1.92 5.88 0.86
C VAL A 93 1.22 5.74 2.20
N GLU A 94 -0.10 5.98 2.20
CA GLU A 94 -0.89 5.87 3.41
C GLU A 94 -2.22 5.16 3.14
N VAL A 95 -2.34 3.94 3.66
CA VAL A 95 -3.55 3.15 3.47
C VAL A 95 -4.37 3.09 4.76
N GLU A 96 -5.66 3.34 4.64
CA GLU A 96 -6.56 3.32 5.80
C GLU A 96 -7.56 2.17 5.68
N VAL A 97 -8.06 1.71 6.83
CA VAL A 97 -9.02 0.62 6.86
C VAL A 97 -10.46 1.15 6.90
N ARG A 98 -11.33 0.50 6.15
CA ARG A 98 -12.74 0.90 6.09
C ARG A 98 -13.63 -0.17 6.68
N ASP A 99 -14.35 0.17 7.75
CA ASP A 99 -15.25 -0.77 8.40
C ASP A 99 -15.95 -0.11 9.58
N ILE A 100 -16.73 -0.90 10.32
CA ILE A 100 -17.46 -0.39 11.47
C ILE A 100 -17.17 -1.22 12.72
N ASN A 101 -17.35 -0.60 13.88
CA ASN A 101 -17.11 -1.28 15.15
C ASN A 101 -18.24 -2.25 15.47
N ASP A 102 -19.47 -1.84 15.19
CA ASP A 102 -20.64 -2.66 15.45
C ASP A 102 -20.52 -4.02 14.74
N ASN A 103 -19.82 -4.02 13.61
CA ASN A 103 -19.64 -5.24 12.83
C ASN A 103 -18.23 -5.29 12.24
N GLY A 1 6.93 16.16 -8.29
CA GLY A 1 5.83 15.39 -8.84
C GLY A 1 4.80 15.02 -7.78
N ASN A 2 4.43 13.75 -7.74
CA ASN A 2 3.45 13.26 -6.78
C ASN A 2 4.12 12.39 -5.71
N SER A 3 4.15 12.90 -4.48
CA SER A 3 4.76 12.17 -3.38
C SER A 3 3.70 11.73 -2.36
N GLN A 4 2.64 12.53 -2.24
CA GLN A 4 1.56 12.23 -1.30
C GLN A 4 0.52 11.35 -1.96
N ILE A 5 0.53 10.06 -1.60
CA ILE A 5 -0.42 9.11 -2.16
C ILE A 5 -1.06 8.27 -1.06
N HIS A 6 -2.35 7.98 -1.21
CA HIS A 6 -3.07 7.18 -0.23
C HIS A 6 -4.02 6.19 -0.92
N TYR A 7 -4.27 5.07 -0.28
CA TYR A 7 -5.16 4.04 -0.82
C TYR A 7 -6.22 3.65 0.19
N SER A 8 -7.19 2.87 -0.27
CA SER A 8 -8.29 2.41 0.59
C SER A 8 -8.43 0.89 0.54
N ILE A 9 -8.58 0.28 1.70
CA ILE A 9 -8.73 -1.17 1.78
C ILE A 9 -9.56 -1.57 3.00
N PRO A 10 -10.65 -2.31 2.75
CA PRO A 10 -11.56 -2.77 3.82
C PRO A 10 -10.91 -3.84 4.69
N GLU A 11 -11.12 -3.72 6.00
CA GLU A 11 -10.56 -4.68 6.95
C GLU A 11 -10.84 -6.12 6.50
N GLU A 12 -10.12 -7.06 7.10
CA GLU A 12 -10.29 -8.47 6.76
C GLU A 12 -9.87 -8.74 5.32
N ALA A 13 -8.99 -7.89 4.80
CA ALA A 13 -8.51 -8.05 3.43
C ALA A 13 -7.42 -9.12 3.36
N LYS A 14 -7.77 -10.27 2.79
CA LYS A 14 -6.83 -11.37 2.65
C LYS A 14 -5.72 -11.02 1.67
N HIS A 15 -4.58 -11.69 1.80
CA HIS A 15 -3.44 -11.45 0.92
C HIS A 15 -3.87 -11.52 -0.55
N GLY A 16 -3.65 -10.43 -1.28
CA GLY A 16 -4.02 -10.39 -2.68
C GLY A 16 -5.25 -9.54 -2.94
N THR A 17 -5.70 -8.84 -1.91
CA THR A 17 -6.88 -7.98 -2.02
C THR A 17 -6.52 -6.62 -2.59
N PHE A 18 -7.41 -6.07 -3.40
CA PHE A 18 -7.19 -4.76 -4.01
C PHE A 18 -7.05 -3.68 -2.94
N VAL A 19 -6.08 -2.79 -3.13
CA VAL A 19 -5.84 -1.71 -2.19
C VAL A 19 -5.94 -0.36 -2.88
N GLY A 20 -5.37 -0.26 -4.08
CA GLY A 20 -5.41 0.99 -4.82
C GLY A 20 -4.34 1.06 -5.88
N ARG A 21 -4.54 1.92 -6.87
CA ARG A 21 -3.59 2.07 -7.96
C ARG A 21 -2.39 2.90 -7.51
N ILE A 22 -1.30 2.22 -7.15
CA ILE A 22 -0.09 2.89 -6.70
C ILE A 22 0.66 3.52 -7.88
N ALA A 23 0.70 2.80 -8.99
CA ALA A 23 1.38 3.30 -10.19
C ALA A 23 0.60 4.43 -10.83
N GLN A 24 -0.71 4.26 -10.94
CA GLN A 24 -1.57 5.28 -11.53
C GLN A 24 -1.47 6.60 -10.77
N ASP A 25 -1.45 6.51 -9.45
CA ASP A 25 -1.36 7.69 -8.60
C ASP A 25 0.06 8.25 -8.61
N LEU A 26 1.02 7.40 -8.96
CA LEU A 26 2.43 7.81 -9.01
C LEU A 26 2.75 8.52 -10.32
N GLY A 27 2.19 8.01 -11.41
CA GLY A 27 2.43 8.60 -12.72
C GLY A 27 3.57 7.94 -13.46
N LEU A 28 3.68 6.63 -13.32
CA LEU A 28 4.75 5.88 -13.98
C LEU A 28 4.20 4.63 -14.66
N GLU A 29 4.75 4.30 -15.82
CA GLU A 29 4.32 3.13 -16.57
C GLU A 29 4.80 1.85 -15.90
N LEU A 30 3.93 0.83 -15.90
CA LEU A 30 4.27 -0.45 -15.28
C LEU A 30 5.51 -1.05 -15.92
N THR A 31 5.76 -0.69 -17.18
CA THR A 31 6.91 -1.20 -17.91
C THR A 31 8.17 -0.37 -17.60
N GLU A 32 8.03 0.59 -16.70
CA GLU A 32 9.14 1.44 -16.31
C GLU A 32 9.56 1.17 -14.87
N LEU A 33 8.67 0.54 -14.11
CA LEU A 33 8.93 0.22 -12.71
C LEU A 33 10.06 -0.80 -12.59
N VAL A 34 10.02 -1.82 -13.44
CA VAL A 34 11.03 -2.86 -13.44
C VAL A 34 12.44 -2.26 -13.52
N PRO A 35 12.70 -1.50 -14.59
CA PRO A 35 13.99 -0.86 -14.80
C PRO A 35 14.26 0.27 -13.81
N ARG A 36 13.21 0.72 -13.14
CA ARG A 36 13.33 1.79 -12.15
C ARG A 36 13.64 1.23 -10.77
N LEU A 37 13.98 -0.05 -10.73
CA LEU A 37 14.30 -0.70 -9.46
C LEU A 37 13.23 -0.40 -8.41
N PHE A 38 11.99 -0.71 -8.73
CA PHE A 38 10.88 -0.47 -7.81
C PHE A 38 10.99 -1.38 -6.58
N ARG A 39 10.90 -0.78 -5.40
CA ARG A 39 10.98 -1.53 -4.15
C ARG A 39 10.00 -1.00 -3.13
N VAL A 40 9.52 -1.88 -2.25
CA VAL A 40 8.57 -1.49 -1.21
C VAL A 40 9.05 -1.91 0.16
N ALA A 41 8.84 -1.04 1.15
CA ALA A 41 9.26 -1.31 2.51
C ALA A 41 8.42 -0.54 3.52
N SER A 42 8.68 -0.75 4.81
CA SER A 42 7.94 -0.07 5.86
C SER A 42 8.69 -0.16 7.18
N LYS A 43 8.39 0.76 8.10
CA LYS A 43 9.02 0.80 9.40
C LYS A 43 8.35 -0.18 10.36
N ASP A 44 7.12 -0.57 10.03
CA ASP A 44 6.37 -1.51 10.86
C ASP A 44 6.97 -2.91 10.79
N ARG A 45 6.68 -3.61 9.70
CA ARG A 45 7.20 -4.96 9.50
C ARG A 45 8.04 -5.05 8.24
N GLY A 46 7.86 -4.07 7.35
CA GLY A 46 8.62 -4.06 6.11
C GLY A 46 7.93 -4.84 5.00
N ASP A 47 6.93 -5.64 5.37
CA ASP A 47 6.19 -6.44 4.41
C ASP A 47 4.69 -6.37 4.69
N LEU A 48 4.10 -5.19 4.49
CA LEU A 48 2.68 -4.99 4.72
C LEU A 48 1.90 -5.11 3.42
N LEU A 49 2.42 -4.48 2.37
CA LEU A 49 1.77 -4.52 1.06
C LEU A 49 2.79 -4.40 -0.06
N GLU A 50 2.49 -5.01 -1.20
CA GLU A 50 3.39 -4.97 -2.34
C GLU A 50 2.66 -4.47 -3.59
N VAL A 51 3.41 -3.99 -4.57
CA VAL A 51 2.84 -3.48 -5.80
C VAL A 51 2.99 -4.51 -6.93
N ASN A 52 1.94 -4.64 -7.74
CA ASN A 52 1.96 -5.59 -8.86
C ASN A 52 2.08 -4.85 -10.19
N LEU A 53 3.19 -5.08 -10.88
CA LEU A 53 3.43 -4.45 -12.18
C LEU A 53 2.35 -4.83 -13.18
N GLN A 54 1.60 -5.90 -12.87
CA GLN A 54 0.54 -6.37 -13.75
C GLN A 54 -0.38 -5.23 -14.14
N ASN A 55 -0.83 -4.46 -13.16
CA ASN A 55 -1.72 -3.34 -13.40
C ASN A 55 -1.40 -2.16 -12.48
N GLY A 56 -0.18 -2.16 -11.95
CA GLY A 56 0.23 -1.09 -11.06
C GLY A 56 -0.69 -0.95 -9.86
N ILE A 57 -1.23 -2.07 -9.39
CA ILE A 57 -2.14 -2.05 -8.25
C ILE A 57 -1.48 -2.67 -7.02
N LEU A 58 -1.95 -2.28 -5.85
CA LEU A 58 -1.40 -2.80 -4.60
C LEU A 58 -2.20 -4.01 -4.12
N PHE A 59 -1.50 -5.02 -3.62
CA PHE A 59 -2.14 -6.22 -3.12
C PHE A 59 -1.68 -6.54 -1.70
N VAL A 60 -2.64 -6.91 -0.86
CA VAL A 60 -2.34 -7.24 0.54
C VAL A 60 -1.19 -8.24 0.63
N ASN A 61 -0.35 -8.06 1.64
CA ASN A 61 0.79 -8.95 1.85
C ASN A 61 1.08 -9.13 3.33
N SER A 62 0.07 -8.88 4.17
CA SER A 62 0.21 -9.01 5.61
C SER A 62 -1.14 -9.18 6.27
N ARG A 63 -1.14 -9.15 7.61
CA ARG A 63 -2.38 -9.30 8.37
C ARG A 63 -3.23 -8.03 8.27
N ILE A 64 -4.40 -8.16 7.66
CA ILE A 64 -5.31 -7.03 7.50
C ILE A 64 -6.53 -7.18 8.41
N ASP A 65 -6.77 -8.40 8.87
CA ASP A 65 -7.91 -8.68 9.74
C ASP A 65 -7.94 -7.70 10.92
N ARG A 66 -9.13 -7.20 11.23
CA ARG A 66 -9.29 -6.26 12.32
C ARG A 66 -8.53 -6.72 13.56
N GLU A 67 -8.53 -8.03 13.79
CA GLU A 67 -7.84 -8.60 14.94
C GLU A 67 -6.38 -8.13 14.98
N GLU A 68 -5.67 -8.32 13.88
CA GLU A 68 -4.27 -7.91 13.81
C GLU A 68 -4.15 -6.43 13.48
N LEU A 69 -4.83 -6.01 12.41
CA LEU A 69 -4.80 -4.62 11.98
C LEU A 69 -5.00 -3.68 13.17
N CYS A 70 -6.22 -3.67 13.71
CA CYS A 70 -6.54 -2.82 14.85
C CYS A 70 -7.80 -3.32 15.55
N GLY A 71 -8.89 -3.44 14.79
CA GLY A 71 -10.13 -3.91 15.36
C GLY A 71 -10.81 -2.85 16.21
N ARG A 72 -10.27 -2.62 17.42
CA ARG A 72 -10.83 -1.64 18.34
C ARG A 72 -11.02 -0.30 17.64
N SER A 73 -9.91 0.34 17.26
CA SER A 73 -9.95 1.62 16.59
C SER A 73 -10.89 1.58 15.39
N ALA A 74 -11.96 2.35 15.45
CA ALA A 74 -12.93 2.39 14.36
C ALA A 74 -12.24 2.67 13.03
N GLU A 75 -11.13 3.39 13.08
CA GLU A 75 -10.38 3.72 11.88
C GLU A 75 -8.88 3.85 12.18
N CYS A 76 -8.09 2.95 11.59
CA CYS A 76 -6.65 2.96 11.80
C CYS A 76 -5.91 3.36 10.52
N SER A 77 -4.84 4.12 10.67
CA SER A 77 -4.06 4.58 9.53
C SER A 77 -2.75 3.79 9.43
N ILE A 78 -2.23 3.68 8.21
CA ILE A 78 -0.98 2.96 7.97
C ILE A 78 -0.03 3.78 7.11
N HIS A 79 1.25 3.70 7.43
CA HIS A 79 2.27 4.43 6.68
C HIS A 79 3.21 3.46 5.95
N LEU A 80 3.61 3.84 4.74
CA LEU A 80 4.50 3.01 3.95
C LEU A 80 5.47 3.88 3.14
N GLU A 81 6.61 3.29 2.78
CA GLU A 81 7.62 4.01 2.01
C GLU A 81 8.09 3.18 0.82
N VAL A 82 7.85 3.68 -0.39
CA VAL A 82 8.25 2.97 -1.61
C VAL A 82 9.62 3.43 -2.08
N ILE A 83 10.62 2.57 -1.93
CA ILE A 83 11.98 2.89 -2.34
C ILE A 83 12.17 2.61 -3.83
N VAL A 84 12.46 3.67 -4.59
CA VAL A 84 12.67 3.54 -6.03
C VAL A 84 14.07 4.00 -6.41
N ASP A 85 14.75 3.21 -7.23
CA ASP A 85 16.09 3.53 -7.68
C ASP A 85 16.09 4.02 -9.12
N ARG A 86 16.50 5.28 -9.30
CA ARG A 86 16.53 5.88 -10.63
C ARG A 86 15.12 6.10 -11.17
N PRO A 87 14.52 7.24 -10.80
CA PRO A 87 15.17 8.22 -9.93
C PRO A 87 15.32 7.73 -8.50
N LEU A 88 16.25 8.33 -7.77
CA LEU A 88 16.50 7.94 -6.38
C LEU A 88 15.65 8.77 -5.42
N GLN A 89 14.63 8.13 -4.83
CA GLN A 89 13.75 8.81 -3.90
C GLN A 89 12.70 7.84 -3.36
N VAL A 90 11.85 8.34 -2.47
CA VAL A 90 10.79 7.53 -1.87
C VAL A 90 9.41 8.12 -2.14
N PHE A 91 8.39 7.27 -2.10
CA PHE A 91 7.02 7.72 -2.33
C PHE A 91 6.16 7.53 -1.09
N HIS A 92 5.58 8.63 -0.61
CA HIS A 92 4.72 8.58 0.57
C HIS A 92 3.43 7.82 0.30
N VAL A 93 3.23 6.72 1.01
CA VAL A 93 2.03 5.91 0.83
C VAL A 93 1.30 5.71 2.17
N GLU A 94 0.02 6.07 2.20
CA GLU A 94 -0.78 5.92 3.40
C GLU A 94 -2.10 5.21 3.10
N VAL A 95 -2.26 4.01 3.67
CA VAL A 95 -3.47 3.23 3.46
C VAL A 95 -4.31 3.16 4.73
N GLU A 96 -5.60 3.40 4.59
CA GLU A 96 -6.51 3.37 5.73
C GLU A 96 -7.44 2.16 5.66
N VAL A 97 -7.91 1.70 6.81
CA VAL A 97 -8.80 0.55 6.88
C VAL A 97 -10.25 1.00 7.05
N ARG A 98 -11.13 0.44 6.21
CA ARG A 98 -12.55 0.78 6.27
C ARG A 98 -13.37 -0.41 6.77
N ASP A 99 -14.04 -0.22 7.90
CA ASP A 99 -14.86 -1.27 8.48
C ASP A 99 -15.56 -0.78 9.74
N ILE A 100 -16.34 -1.66 10.37
CA ILE A 100 -17.07 -1.32 11.58
C ILE A 100 -16.80 -2.33 12.69
N ASN A 101 -16.99 -1.90 13.93
CA ASN A 101 -16.76 -2.78 15.08
C ASN A 101 -18.00 -3.62 15.36
N ASP A 102 -19.16 -2.97 15.44
CA ASP A 102 -20.42 -3.65 15.70
C ASP A 102 -20.64 -4.77 14.68
N ASN A 103 -20.10 -4.59 13.49
CA ASN A 103 -20.25 -5.57 12.42
C ASN A 103 -18.89 -6.04 11.92
#